data_6TBI
#
_entry.id   6TBI
#
_cell.length_a   99.120
_cell.length_b   115.910
_cell.length_c   116.103
_cell.angle_alpha   90.200
_cell.angle_beta   89.960
_cell.angle_gamma   90.080
#
_symmetry.space_group_name_H-M   'P 1'
#
loop_
_entity.id
_entity.type
_entity.pdbx_description
1 polymer 'Beta-galactosidase, putative, bgl35A'
2 non-polymer 'SODIUM ION'
3 non-polymer 'ACETATE ION'
4 non-polymer (1S,2S,3S,6R)-4-(hydroxymethyl)-6-(octylamino)cyclohex-4-ene-1,2,3-triol
5 water water
#
_entity_poly.entity_id   1
_entity_poly.type   'polypeptide(L)'
_entity_poly.pdbx_seq_one_letter_code
;MGSSHHHHHHAAPLPELLSNNGKHALMVDGAPYIILGSQTNNSSNYPDALKDVWPSMEKMGANTLSIPVAWEQIEPVEGQ
FDFSFVDVLLKEARQRKVRLVLLWFATWKNNAPHYAPAWVKLDNARFPRVVKEDGDTLNSLSPLGQNTLAADKKAFVELM
KYLAKRDKDHTVIMVQVQNEVGTYGAVRDYSPMAQAVFNAAVPDDLIQKLQLKPGTWSQVFGRDADEFFHAYQIARYCDE
VTVAGKAIKNLPMYVNVALRNPFNPGLPGQYSSGGGTDNVLHIWKAAAPNIDLIAPDIYFRDYKTVSKVLELYTRPDNAL
FVAEIGNDQPFARYLFPTLGKGGIGFSPFGMDDTDYTNYPLGAKVYNDETIEQFAQVYRLVNPMMREWARLSYQGQVWGV
AEPLDSTTETQKIWNAEATPEEKEQHKKDRASALTQQLDLGLWDAEVTYGRPMFWVTPPEGNTPAAGGALIAQLDDNEYL
VTAYKARVEFKPSQELAGKKFMIERVEEGRFEKGKWVMERVWNGDQTDWGLNFTDRPHLLRVKMASYSVQ
;
_entity_poly.pdbx_strand_id   A,B,C,D,E,F,G,H
#
# COMPACT_ATOMS: atom_id res chain seq x y z
N ALA A 11 -20.09 66.78 -0.23
CA ALA A 11 -20.39 68.19 0.16
C ALA A 11 -19.19 68.82 0.86
N ALA A 12 -18.34 68.01 1.47
CA ALA A 12 -17.31 68.44 2.45
C ALA A 12 -16.31 69.45 1.85
N PRO A 13 -15.98 70.49 2.65
CA PRO A 13 -14.95 71.46 2.27
C PRO A 13 -13.60 70.76 2.18
N LEU A 14 -12.79 71.16 1.19
CA LEU A 14 -11.40 70.63 1.07
C LEU A 14 -10.66 70.88 2.37
N PRO A 15 -9.80 69.92 2.76
CA PRO A 15 -8.75 70.19 3.73
C PRO A 15 -7.92 71.40 3.23
N GLU A 16 -7.36 72.17 4.18
CA GLU A 16 -6.58 73.37 3.84
C GLU A 16 -5.63 73.64 5.01
N LEU A 17 -4.39 74.05 4.73
CA LEU A 17 -3.49 74.59 5.76
C LEU A 17 -3.73 76.09 5.83
N LEU A 18 -4.20 76.56 6.98
CA LEU A 18 -4.35 78.02 7.29
C LEU A 18 -3.15 78.52 8.05
N SER A 19 -2.69 79.71 7.71
CA SER A 19 -1.58 80.40 8.38
C SER A 19 -2.04 81.84 8.67
N ASN A 20 -2.10 82.23 9.94
CA ASN A 20 -2.58 83.57 10.38
C ASN A 20 -1.85 83.97 11.66
N ASN A 21 -1.36 85.22 11.80
CA ASN A 21 -0.83 85.72 13.11
C ASN A 21 0.33 84.79 13.56
N GLY A 22 1.15 84.30 12.61
CA GLY A 22 2.26 83.35 12.80
C GLY A 22 1.85 81.98 13.35
N LYS A 23 0.57 81.60 13.32
CA LYS A 23 0.05 80.35 13.84
C LYS A 23 -0.53 79.61 12.63
N HIS A 24 -0.73 78.33 12.82
CA HIS A 24 -1.15 77.45 11.72
C HIS A 24 -2.24 76.48 12.17
N ALA A 25 -3.11 76.08 11.23
CA ALA A 25 -4.10 75.02 11.48
C ALA A 25 -4.19 74.17 10.21
N LEU A 26 -4.31 72.86 10.41
CA LEU A 26 -4.76 71.99 9.31
C LEU A 26 -6.27 71.82 9.49
N MET A 27 -6.98 72.43 8.56
CA MET A 27 -8.43 72.35 8.53
C MET A 27 -8.83 71.04 7.86
N VAL A 28 -9.66 70.26 8.55
CA VAL A 28 -10.25 69.01 8.03
C VAL A 28 -11.74 69.04 8.38
N ASP A 29 -12.56 68.99 7.35
CA ASP A 29 -14.04 69.06 7.50
C ASP A 29 -14.41 70.39 8.19
N GLY A 30 -13.68 71.44 7.83
CA GLY A 30 -14.04 72.81 8.21
C GLY A 30 -13.61 73.23 9.59
N ALA A 31 -12.72 72.50 10.26
CA ALA A 31 -12.23 72.88 11.59
C ALA A 31 -10.81 72.41 11.74
N PRO A 32 -10.02 72.98 12.65
CA PRO A 32 -8.67 72.48 12.90
C PRO A 32 -8.65 71.01 13.36
N TYR A 33 -7.61 70.32 12.91
CA TYR A 33 -7.41 68.87 13.12
C TYR A 33 -5.96 68.62 13.53
N ILE A 34 -5.76 67.63 14.39
CA ILE A 34 -4.40 67.16 14.70
C ILE A 34 -4.21 65.76 14.12
N ILE A 35 -3.19 65.60 13.31
CA ILE A 35 -2.79 64.22 12.86
C ILE A 35 -2.11 63.52 14.05
N LEU A 36 -2.83 62.57 14.66
CA LEU A 36 -2.24 61.62 15.61
C LEU A 36 -1.94 60.39 14.76
N GLY A 37 -0.76 60.39 14.18
CA GLY A 37 -0.55 59.54 12.98
C GLY A 37 0.20 58.27 13.25
N SER A 38 0.16 57.37 12.29
N SER A 38 0.30 57.53 12.17
CA SER A 38 1.12 56.26 12.19
CA SER A 38 0.99 56.25 12.05
C SER A 38 1.51 56.17 10.70
C SER A 38 1.51 56.18 10.63
N GLN A 39 2.77 55.78 10.44
CA GLN A 39 3.26 55.53 9.07
C GLN A 39 3.67 54.04 9.00
N THR A 40 3.28 53.44 7.89
CA THR A 40 3.69 52.07 7.57
C THR A 40 5.19 51.97 7.36
N ASN A 41 5.66 50.71 7.38
CA ASN A 41 6.97 50.40 6.77
C ASN A 41 6.88 50.64 5.25
N ASN A 42 8.03 50.71 4.58
CA ASN A 42 8.22 51.14 3.18
C ASN A 42 7.66 50.13 2.14
N SER A 43 7.33 48.89 2.55
CA SER A 43 6.89 47.84 1.60
C SER A 43 5.50 47.37 1.94
N SER A 44 4.67 48.19 2.60
CA SER A 44 3.31 47.86 3.04
C SER A 44 2.24 48.42 2.12
N ASN A 45 2.65 49.04 1.02
CA ASN A 45 1.78 49.73 0.06
C ASN A 45 1.13 48.75 -0.94
N TYR A 46 0.62 47.63 -0.45
CA TYR A 46 -0.06 46.68 -1.32
C TYR A 46 -1.27 46.12 -0.59
N PRO A 47 -2.34 45.71 -1.31
CA PRO A 47 -3.54 45.19 -0.67
C PRO A 47 -3.25 44.12 0.37
N ASP A 48 -2.43 43.14 -0.01
CA ASP A 48 -2.20 41.99 0.90
C ASP A 48 -1.53 42.44 2.22
N ALA A 49 -0.82 43.55 2.23
CA ALA A 49 -0.08 44.02 3.45
C ALA A 49 -0.99 44.74 4.43
N LEU A 50 -2.13 45.23 3.96
CA LEU A 50 -2.94 46.11 4.85
C LEU A 50 -3.44 45.35 6.09
N LYS A 51 -3.65 44.02 6.02
CA LYS A 51 -4.10 43.26 7.20
C LYS A 51 -3.06 43.35 8.33
N ASP A 52 -1.80 43.64 7.97
CA ASP A 52 -0.71 43.76 8.96
C ASP A 52 -0.54 45.23 9.40
N VAL A 53 -1.34 46.12 8.88
CA VAL A 53 -1.29 47.57 9.23
C VAL A 53 -2.44 47.95 10.16
N TRP A 54 -3.68 47.60 9.82
CA TRP A 54 -4.84 48.10 10.59
C TRP A 54 -4.80 47.74 12.06
N PRO A 55 -4.45 46.49 12.46
CA PRO A 55 -4.49 46.17 13.88
C PRO A 55 -3.57 47.13 14.66
N SER A 56 -2.39 47.42 14.14
CA SER A 56 -1.50 48.34 14.88
C SER A 56 -2.12 49.72 15.01
N MET A 57 -2.75 50.18 13.93
CA MET A 57 -3.36 51.52 13.94
C MET A 57 -4.45 51.57 14.99
N GLU A 58 -5.27 50.54 15.12
CA GLU A 58 -6.35 50.43 16.16
C GLU A 58 -5.73 50.43 17.57
N LYS A 59 -4.70 49.62 17.78
CA LYS A 59 -4.02 49.55 19.09
C LYS A 59 -3.40 50.92 19.45
N MET A 60 -2.92 51.63 18.45
CA MET A 60 -2.21 52.90 18.69
C MET A 60 -3.25 53.98 18.97
N GLY A 61 -4.46 53.88 18.48
CA GLY A 61 -5.48 54.94 18.57
C GLY A 61 -5.13 56.07 17.61
N ALA A 62 -4.46 55.81 16.51
CA ALA A 62 -4.09 56.84 15.50
C ALA A 62 -5.35 57.21 14.72
N ASN A 63 -5.44 58.46 14.33
CA ASN A 63 -6.60 58.93 13.54
C ASN A 63 -6.25 59.06 12.05
N THR A 64 -4.98 58.94 11.65
CA THR A 64 -4.53 59.19 10.26
C THR A 64 -3.38 58.22 9.98
N LEU A 65 -3.43 57.57 8.83
CA LEU A 65 -2.38 56.66 8.30
C LEU A 65 -1.61 57.34 7.16
N SER A 66 -0.29 57.37 7.29
CA SER A 66 0.64 57.78 6.24
C SER A 66 1.13 56.47 5.57
N ILE A 67 0.97 56.40 4.28
CA ILE A 67 1.32 55.14 3.55
C ILE A 67 1.75 55.52 2.16
N PRO A 68 2.79 54.84 1.59
CA PRO A 68 3.25 55.16 0.24
C PRO A 68 2.24 54.84 -0.85
N VAL A 69 2.20 55.67 -1.86
CA VAL A 69 1.72 55.31 -3.22
C VAL A 69 2.90 55.53 -4.18
N ALA A 70 3.36 54.44 -4.82
CA ALA A 70 4.62 54.39 -5.57
C ALA A 70 4.32 54.59 -7.05
N TRP A 71 5.09 55.42 -7.70
CA TRP A 71 5.02 55.59 -9.17
C TRP A 71 5.13 54.21 -9.84
N GLU A 72 6.01 53.33 -9.38
CA GLU A 72 6.16 52.00 -10.05
C GLU A 72 4.82 51.23 -9.99
N GLN A 73 3.99 51.42 -8.97
CA GLN A 73 2.76 50.60 -8.81
C GLN A 73 1.63 51.23 -9.63
N ILE A 74 1.57 52.56 -9.74
CA ILE A 74 0.43 53.16 -10.48
C ILE A 74 0.74 53.26 -11.97
N GLU A 75 2.01 53.25 -12.40
CA GLU A 75 2.33 53.35 -13.83
C GLU A 75 3.42 52.35 -14.16
N PRO A 76 3.13 51.04 -14.06
CA PRO A 76 4.19 50.04 -14.20
C PRO A 76 4.72 49.94 -15.64
N VAL A 77 3.86 50.26 -16.57
CA VAL A 77 4.11 50.37 -18.03
C VAL A 77 3.64 51.76 -18.41
N GLU A 78 4.40 52.46 -19.21
CA GLU A 78 4.13 53.90 -19.47
C GLU A 78 2.75 54.07 -20.10
N GLY A 79 1.89 54.90 -19.47
CA GLY A 79 0.53 55.18 -19.93
C GLY A 79 -0.49 54.17 -19.51
N GLN A 80 -0.07 53.15 -18.75
N GLN A 80 -0.07 53.14 -18.77
CA GLN A 80 -0.96 52.04 -18.33
CA GLN A 80 -0.96 52.02 -18.34
C GLN A 80 -1.12 52.14 -16.81
C GLN A 80 -1.12 52.14 -16.83
N PHE A 81 -2.08 52.95 -16.39
CA PHE A 81 -2.27 53.26 -14.95
C PHE A 81 -3.05 52.17 -14.24
N ASP A 82 -2.69 51.98 -12.97
CA ASP A 82 -3.25 50.95 -12.06
C ASP A 82 -3.47 51.60 -10.70
N PHE A 83 -4.75 51.85 -10.36
CA PHE A 83 -5.08 52.44 -9.05
C PHE A 83 -5.72 51.40 -8.15
N SER A 84 -5.54 50.12 -8.47
CA SER A 84 -6.10 49.03 -7.64
C SER A 84 -5.73 49.14 -6.17
N PHE A 85 -4.49 49.52 -5.84
CA PHE A 85 -4.10 49.64 -4.43
C PHE A 85 -4.88 50.77 -3.76
N VAL A 86 -4.96 51.92 -4.46
CA VAL A 86 -5.62 53.10 -3.88
C VAL A 86 -7.08 52.79 -3.62
N ASP A 87 -7.74 52.07 -4.55
CA ASP A 87 -9.15 51.66 -4.35
C ASP A 87 -9.34 50.88 -3.04
N VAL A 88 -8.52 49.85 -2.83
CA VAL A 88 -8.61 49.01 -1.60
C VAL A 88 -8.29 49.88 -0.38
N LEU A 89 -7.25 50.68 -0.44
CA LEU A 89 -6.83 51.49 0.70
C LEU A 89 -7.95 52.46 1.11
N LEU A 90 -8.53 53.14 0.12
CA LEU A 90 -9.62 54.09 0.44
C LEU A 90 -10.77 53.34 1.16
N LYS A 91 -11.21 52.23 0.60
CA LYS A 91 -12.35 51.50 1.15
C LYS A 91 -12.04 51.01 2.57
N GLU A 92 -10.84 50.49 2.82
CA GLU A 92 -10.50 49.92 4.12
C GLU A 92 -10.30 51.05 5.15
N ALA A 93 -9.72 52.20 4.73
CA ALA A 93 -9.57 53.34 5.66
C ALA A 93 -10.96 53.82 6.06
N ARG A 94 -11.86 53.97 5.10
CA ARG A 94 -13.23 54.45 5.38
C ARG A 94 -13.92 53.48 6.34
N GLN A 95 -13.80 52.15 6.11
CA GLN A 95 -14.43 51.15 7.03
C GLN A 95 -13.97 51.43 8.49
N ARG A 96 -12.74 51.87 8.67
CA ARG A 96 -12.19 52.11 10.03
C ARG A 96 -12.36 53.56 10.47
N LYS A 97 -12.89 54.42 9.62
CA LYS A 97 -13.17 55.83 10.03
C LYS A 97 -11.86 56.50 10.40
N VAL A 98 -10.85 56.24 9.59
CA VAL A 98 -9.57 56.97 9.68
C VAL A 98 -9.30 57.75 8.41
N ARG A 99 -8.38 58.68 8.50
CA ARG A 99 -7.96 59.51 7.35
C ARG A 99 -6.58 59.06 6.86
N LEU A 100 -6.18 59.57 5.71
CA LEU A 100 -4.95 59.14 4.99
C LEU A 100 -4.09 60.32 4.62
N VAL A 101 -2.78 60.12 4.73
CA VAL A 101 -1.78 60.96 4.05
C VAL A 101 -1.05 60.05 3.05
N LEU A 102 -1.23 60.33 1.78
CA LEU A 102 -0.52 59.49 0.76
C LEU A 102 0.88 60.02 0.57
N LEU A 103 1.83 59.16 0.47
CA LEU A 103 3.26 59.53 0.25
C LEU A 103 3.64 59.17 -1.20
N TRP A 104 3.79 60.16 -2.03
CA TRP A 104 4.13 59.98 -3.44
C TRP A 104 5.61 59.64 -3.56
N PHE A 105 5.91 58.36 -3.75
CA PHE A 105 7.31 57.88 -3.89
C PHE A 105 7.60 57.82 -5.38
N ALA A 106 8.42 58.67 -5.90
CA ALA A 106 8.50 58.91 -7.33
C ALA A 106 9.93 59.23 -7.74
N THR A 107 10.18 60.46 -8.21
CA THR A 107 11.54 60.83 -8.64
C THR A 107 12.57 60.59 -7.52
N TRP A 108 12.25 60.98 -6.29
CA TRP A 108 13.09 60.72 -5.10
C TRP A 108 12.35 59.98 -4.00
N LYS A 109 13.02 58.94 -3.50
CA LYS A 109 12.68 58.30 -2.23
C LYS A 109 14.05 58.12 -1.59
N ASN A 110 14.34 58.83 -0.52
CA ASN A 110 15.63 58.79 0.15
C ASN A 110 16.73 59.01 -0.90
N ASN A 111 16.59 60.03 -1.74
CA ASN A 111 17.60 60.52 -2.72
C ASN A 111 17.56 59.73 -4.03
N ALA A 112 16.85 58.61 -4.07
CA ALA A 112 17.03 57.60 -5.13
C ALA A 112 15.72 57.35 -5.89
N PRO A 113 15.83 56.76 -7.11
CA PRO A 113 14.65 56.46 -7.94
C PRO A 113 14.17 55.02 -7.84
N HIS A 114 14.34 54.36 -6.68
CA HIS A 114 13.99 52.93 -6.59
C HIS A 114 12.49 52.73 -6.81
N TYR A 115 11.63 53.70 -6.46
CA TYR A 115 10.18 53.49 -6.55
C TYR A 115 9.68 54.06 -7.88
N ALA A 116 10.55 54.60 -8.71
CA ALA A 116 10.13 54.97 -10.08
C ALA A 116 10.00 53.69 -10.90
N PRO A 117 9.11 53.68 -11.91
CA PRO A 117 8.93 52.46 -12.70
C PRO A 117 10.24 52.07 -13.39
N ALA A 118 10.32 50.79 -13.79
CA ALA A 118 11.52 50.23 -14.43
C ALA A 118 11.85 51.06 -15.69
N TRP A 119 10.82 51.42 -16.47
CA TRP A 119 10.98 52.19 -17.74
C TRP A 119 11.46 53.61 -17.43
N VAL A 120 11.44 54.01 -16.15
CA VAL A 120 12.11 55.27 -15.74
C VAL A 120 13.51 55.01 -15.20
N LYS A 121 13.64 54.19 -14.15
CA LYS A 121 14.89 54.12 -13.38
C LYS A 121 15.97 53.35 -14.18
N LEU A 122 15.60 52.63 -15.23
CA LEU A 122 16.63 51.90 -16.05
C LEU A 122 16.93 52.63 -17.36
N ASP A 123 16.38 53.82 -17.52
CA ASP A 123 16.61 54.58 -18.77
C ASP A 123 17.28 55.89 -18.45
N ASN A 124 18.57 55.84 -18.20
CA ASN A 124 19.32 57.01 -17.73
C ASN A 124 19.39 58.05 -18.83
N ALA A 125 19.38 57.68 -20.11
CA ALA A 125 19.53 58.71 -21.17
C ALA A 125 18.28 59.60 -21.15
N ARG A 126 17.09 59.02 -21.02
CA ARG A 126 15.83 59.78 -21.00
C ARG A 126 15.68 60.49 -19.66
N PHE A 127 16.09 59.84 -18.57
CA PHE A 127 15.80 60.23 -17.17
C PHE A 127 17.11 60.28 -16.42
N PRO A 128 17.92 61.36 -16.60
CA PRO A 128 19.32 61.30 -16.22
C PRO A 128 19.64 61.48 -14.74
N ARG A 129 20.72 60.83 -14.32
CA ARG A 129 21.25 60.87 -12.96
C ARG A 129 22.22 62.04 -12.74
N VAL A 130 22.25 62.47 -11.49
CA VAL A 130 23.38 63.27 -10.98
C VAL A 130 24.73 62.68 -11.38
N VAL A 131 25.59 63.56 -11.87
CA VAL A 131 26.99 63.30 -12.31
C VAL A 131 27.92 64.05 -11.36
N LYS A 132 28.78 63.34 -10.66
CA LYS A 132 29.73 63.97 -9.71
C LYS A 132 30.77 64.77 -10.50
N GLU A 133 31.43 65.68 -9.82
CA GLU A 133 32.51 66.47 -10.40
C GLU A 133 33.53 65.58 -11.09
N ASP A 134 33.73 64.35 -10.56
CA ASP A 134 34.83 63.49 -11.05
C ASP A 134 34.33 62.74 -12.28
N GLY A 135 33.04 62.92 -12.63
CA GLY A 135 32.41 62.26 -13.81
C GLY A 135 31.75 60.92 -13.48
N ASP A 136 31.91 60.40 -12.25
CA ASP A 136 31.16 59.18 -11.82
C ASP A 136 29.68 59.56 -11.67
N THR A 137 28.79 58.62 -11.84
CA THR A 137 27.33 58.83 -11.75
C THR A 137 26.80 58.33 -10.40
N LEU A 138 25.87 59.05 -9.82
CA LEU A 138 25.19 58.61 -8.57
C LEU A 138 23.76 58.17 -8.89
N ASN A 139 23.18 57.25 -8.11
CA ASN A 139 21.80 56.79 -8.31
C ASN A 139 20.81 57.76 -7.65
N SER A 140 20.74 58.98 -8.21
CA SER A 140 19.91 60.09 -7.75
C SER A 140 19.54 60.88 -9.02
N LEU A 141 18.24 60.96 -9.36
CA LEU A 141 17.86 61.62 -10.60
C LEU A 141 18.09 63.15 -10.53
N SER A 142 18.64 63.70 -11.60
CA SER A 142 18.94 65.14 -11.66
C SER A 142 17.64 65.91 -11.71
N PRO A 143 17.50 66.98 -10.93
CA PRO A 143 16.28 67.83 -11.01
C PRO A 143 16.28 68.69 -12.28
N LEU A 144 17.34 68.65 -13.07
CA LEU A 144 17.33 69.38 -14.36
C LEU A 144 16.90 68.43 -15.50
N GLY A 145 16.50 67.20 -15.19
CA GLY A 145 15.97 66.28 -16.23
C GLY A 145 14.56 66.68 -16.60
N GLN A 146 14.35 67.35 -17.74
CA GLN A 146 13.00 67.81 -18.16
C GLN A 146 12.08 66.62 -18.44
N ASN A 147 12.58 65.54 -19.04
CA ASN A 147 11.67 64.38 -19.26
C ASN A 147 11.19 63.74 -17.95
N THR A 148 12.05 63.74 -16.95
CA THR A 148 11.76 63.14 -15.62
C THR A 148 10.67 64.00 -14.94
N LEU A 149 10.81 65.30 -15.03
CA LEU A 149 9.79 66.20 -14.42
C LEU A 149 8.47 65.98 -15.15
N ALA A 150 8.49 65.97 -16.49
CA ALA A 150 7.20 65.81 -17.22
C ALA A 150 6.56 64.48 -16.82
N ALA A 151 7.36 63.41 -16.77
CA ALA A 151 6.81 62.06 -16.48
C ALA A 151 6.23 61.96 -15.06
N ASP A 152 6.96 62.51 -14.09
CA ASP A 152 6.55 62.47 -12.66
C ASP A 152 5.24 63.26 -12.54
N LYS A 153 5.25 64.48 -13.10
CA LYS A 153 4.09 65.36 -13.08
C LYS A 153 2.90 64.64 -13.71
N LYS A 154 3.07 63.95 -14.84
CA LYS A 154 1.93 63.33 -15.55
C LYS A 154 1.28 62.28 -14.63
N ALA A 155 2.09 61.44 -14.02
CA ALA A 155 1.62 60.34 -13.18
C ALA A 155 0.99 60.93 -11.92
N PHE A 156 1.60 61.95 -11.34
CA PHE A 156 1.02 62.59 -10.10
C PHE A 156 -0.36 63.14 -10.43
N VAL A 157 -0.48 63.79 -11.59
CA VAL A 157 -1.80 64.28 -12.08
C VAL A 157 -2.80 63.13 -12.14
N GLU A 158 -2.39 61.98 -12.70
CA GLU A 158 -3.33 60.84 -12.79
C GLU A 158 -3.77 60.44 -11.37
N LEU A 159 -2.86 60.40 -10.43
CA LEU A 159 -3.22 60.09 -9.00
C LEU A 159 -4.20 61.13 -8.47
N MET A 160 -3.96 62.40 -8.73
CA MET A 160 -4.88 63.44 -8.22
C MET A 160 -6.24 63.36 -8.92
N LYS A 161 -6.29 62.99 -10.21
CA LYS A 161 -7.59 62.78 -10.89
C LYS A 161 -8.30 61.62 -10.22
N TYR A 162 -7.58 60.53 -9.87
CA TYR A 162 -8.23 59.40 -9.18
C TYR A 162 -8.89 59.94 -7.90
N LEU A 163 -8.16 60.79 -7.15
CA LEU A 163 -8.73 61.28 -5.87
C LEU A 163 -9.86 62.28 -6.12
N ALA A 164 -9.75 63.09 -7.15
CA ALA A 164 -10.84 64.03 -7.52
C ALA A 164 -12.14 63.23 -7.77
N LYS A 165 -12.05 62.11 -8.51
CA LYS A 165 -13.22 61.34 -8.96
C LYS A 165 -13.72 60.40 -7.87
N ARG A 166 -12.81 59.87 -7.04
N ARG A 166 -12.80 59.86 -7.06
CA ARG A 166 -13.14 58.71 -6.16
CA ARG A 166 -13.11 58.69 -6.18
C ARG A 166 -13.05 59.03 -4.67
C ARG A 166 -12.92 59.00 -4.69
N ASP A 167 -12.66 60.26 -4.31
CA ASP A 167 -12.49 60.59 -2.88
C ASP A 167 -13.15 61.95 -2.57
N LYS A 168 -14.45 62.03 -2.80
CA LYS A 168 -15.25 63.27 -2.72
C LYS A 168 -15.30 63.79 -1.28
N ASP A 169 -15.21 62.90 -0.28
CA ASP A 169 -15.31 63.27 1.17
C ASP A 169 -13.89 63.47 1.76
N HIS A 170 -12.85 63.36 0.94
CA HIS A 170 -11.45 63.68 1.30
C HIS A 170 -11.03 62.74 2.44
N THR A 171 -11.17 61.42 2.23
CA THR A 171 -10.53 60.45 3.13
C THR A 171 -9.02 60.73 3.17
N VAL A 172 -8.45 61.03 2.02
CA VAL A 172 -7.08 61.54 1.86
C VAL A 172 -7.13 63.05 2.17
N ILE A 173 -6.40 63.49 3.20
CA ILE A 173 -6.42 64.90 3.64
C ILE A 173 -5.16 65.65 3.21
N MET A 174 -4.09 64.96 2.84
CA MET A 174 -2.80 65.61 2.53
C MET A 174 -1.96 64.64 1.70
N VAL A 175 -1.08 65.17 0.88
CA VAL A 175 -0.19 64.35 0.04
C VAL A 175 1.22 64.86 0.22
N GLN A 176 2.14 63.95 0.49
CA GLN A 176 3.58 64.23 0.56
C GLN A 176 4.10 64.06 -0.87
N VAL A 177 4.84 65.02 -1.38
CA VAL A 177 5.32 65.04 -2.76
C VAL A 177 6.78 64.65 -2.73
N GLN A 178 7.08 63.42 -3.25
CA GLN A 178 8.38 62.77 -3.11
C GLN A 178 8.58 62.30 -1.65
N ASN A 179 9.76 61.68 -1.39
CA ASN A 179 10.12 61.29 -0.04
C ASN A 179 11.59 61.57 0.12
N GLU A 180 11.91 62.53 1.00
CA GLU A 180 13.33 62.86 1.32
C GLU A 180 14.11 63.06 0.01
N VAL A 181 13.87 64.15 -0.67
CA VAL A 181 14.58 64.56 -1.90
C VAL A 181 16.04 64.92 -1.52
N GLY A 182 16.85 64.97 -2.55
CA GLY A 182 18.25 65.39 -2.46
C GLY A 182 19.20 64.34 -3.00
N THR A 183 20.47 64.49 -2.65
CA THR A 183 21.53 63.63 -3.16
C THR A 183 22.50 63.33 -2.03
N TYR A 184 22.79 62.03 -1.85
CA TYR A 184 23.94 61.58 -1.05
C TYR A 184 25.14 61.36 -1.99
N GLY A 185 26.30 61.83 -1.57
CA GLY A 185 27.56 61.53 -2.25
C GLY A 185 28.02 62.64 -3.21
N ALA A 186 27.23 63.70 -3.37
CA ALA A 186 27.62 64.91 -4.12
C ALA A 186 26.75 66.08 -3.62
N VAL A 187 27.17 67.31 -3.94
CA VAL A 187 26.40 68.49 -3.52
C VAL A 187 25.30 68.81 -4.53
N ARG A 188 25.57 68.50 -5.79
CA ARG A 188 24.66 68.86 -6.89
C ARG A 188 24.97 68.01 -8.11
N ASP A 189 24.20 68.25 -9.16
CA ASP A 189 24.51 67.70 -10.50
C ASP A 189 25.63 68.56 -11.13
N TYR A 190 26.66 67.90 -11.64
CA TYR A 190 27.76 68.52 -12.39
C TYR A 190 27.84 67.97 -13.82
N SER A 191 26.72 67.37 -14.30
CA SER A 191 26.54 67.01 -15.73
C SER A 191 26.75 68.28 -16.54
N PRO A 192 27.15 68.09 -17.83
CA PRO A 192 27.20 69.19 -18.79
C PRO A 192 25.87 69.97 -18.77
N MET A 193 24.72 69.28 -18.71
CA MET A 193 23.39 69.92 -18.70
C MET A 193 23.27 70.83 -17.47
N ALA A 194 23.71 70.35 -16.32
CA ALA A 194 23.59 71.14 -15.07
C ALA A 194 24.60 72.28 -15.13
N GLN A 195 25.81 72.00 -15.64
CA GLN A 195 26.89 73.03 -15.62
C GLN A 195 26.46 74.20 -16.47
N ALA A 196 25.68 73.96 -17.53
CA ALA A 196 25.26 75.08 -18.41
C ALA A 196 24.29 75.99 -17.65
N VAL A 197 23.57 75.46 -16.66
CA VAL A 197 22.52 76.23 -15.90
C VAL A 197 23.17 76.89 -14.68
N PHE A 198 24.14 76.23 -14.07
CA PHE A 198 24.93 76.77 -12.93
C PHE A 198 25.81 77.91 -13.41
N ASN A 199 26.48 77.77 -14.55
CA ASN A 199 27.48 78.76 -15.04
C ASN A 199 26.66 79.75 -15.86
N ALA A 200 25.67 80.42 -15.20
CA ALA A 200 24.63 81.24 -15.83
C ALA A 200 23.95 82.08 -14.74
N ALA A 201 23.19 83.11 -15.13
CA ALA A 201 22.46 83.98 -14.18
C ALA A 201 21.57 83.15 -13.23
N VAL A 202 21.62 83.48 -11.95
CA VAL A 202 20.57 83.11 -10.96
C VAL A 202 19.25 83.69 -11.48
N PRO A 203 18.14 82.94 -11.50
CA PRO A 203 16.83 83.48 -11.88
C PRO A 203 16.40 84.75 -11.13
N ASP A 204 15.70 85.64 -11.85
CA ASP A 204 15.26 86.98 -11.38
C ASP A 204 14.39 86.80 -10.15
N ASP A 205 13.45 85.84 -10.20
CA ASP A 205 12.51 85.57 -9.07
C ASP A 205 13.30 85.32 -7.77
N LEU A 206 14.37 84.53 -7.84
CA LEU A 206 15.07 84.14 -6.60
C LEU A 206 15.83 85.37 -6.12
N ILE A 207 16.47 86.08 -7.06
CA ILE A 207 17.20 87.35 -6.71
C ILE A 207 16.22 88.31 -6.04
N GLN A 208 15.02 88.49 -6.61
CA GLN A 208 14.00 89.43 -6.03
C GLN A 208 13.52 88.97 -4.65
N LYS A 209 13.18 87.70 -4.48
CA LYS A 209 12.61 87.22 -3.19
C LYS A 209 13.68 87.21 -2.08
N LEU A 210 14.97 87.08 -2.40
CA LEU A 210 16.05 87.14 -1.36
C LEU A 210 16.67 88.54 -1.33
N GLN A 211 16.18 89.47 -2.16
CA GLN A 211 16.73 90.85 -2.27
C GLN A 211 18.26 90.83 -2.49
N LEU A 212 18.77 90.06 -3.46
CA LEU A 212 20.24 89.95 -3.74
C LEU A 212 20.56 90.79 -4.97
N LYS A 213 21.85 90.92 -5.32
CA LYS A 213 22.32 91.61 -6.56
C LYS A 213 22.40 90.54 -7.65
N PRO A 214 21.99 90.82 -8.90
CA PRO A 214 22.01 89.78 -9.93
C PRO A 214 23.45 89.26 -10.20
N GLY A 215 23.55 88.03 -10.71
CA GLY A 215 24.83 87.44 -11.12
C GLY A 215 24.62 85.99 -11.34
N THR A 216 25.74 85.28 -11.48
CA THR A 216 25.78 83.81 -11.63
C THR A 216 25.62 83.20 -10.23
N TRP A 217 25.33 81.91 -10.20
CA TRP A 217 25.23 81.17 -8.93
C TRP A 217 26.49 81.38 -8.08
N SER A 218 27.68 81.24 -8.68
N SER A 218 27.67 81.29 -8.71
CA SER A 218 28.95 81.38 -7.92
CA SER A 218 28.98 81.38 -8.02
C SER A 218 29.13 82.82 -7.45
C SER A 218 29.21 82.81 -7.52
N GLN A 219 28.73 83.80 -8.27
CA GLN A 219 28.94 85.25 -7.95
C GLN A 219 28.03 85.64 -6.77
N VAL A 220 26.76 85.25 -6.88
CA VAL A 220 25.67 85.55 -5.91
C VAL A 220 25.86 84.79 -4.60
N PHE A 221 26.17 83.50 -4.61
CA PHE A 221 26.10 82.66 -3.38
C PHE A 221 27.49 82.19 -2.92
N GLY A 222 28.53 82.41 -3.72
CA GLY A 222 29.90 82.03 -3.31
C GLY A 222 29.96 80.58 -2.82
N ARG A 223 30.46 80.31 -1.61
CA ARG A 223 30.75 78.92 -1.17
C ARG A 223 29.47 78.05 -1.07
N ASP A 224 28.31 78.68 -0.93
CA ASP A 224 26.98 78.02 -0.92
C ASP A 224 26.40 77.78 -2.31
N ALA A 225 27.07 78.14 -3.39
CA ALA A 225 26.46 78.09 -4.73
C ALA A 225 26.01 76.65 -5.02
N ASP A 226 26.87 75.67 -4.79
CA ASP A 226 26.59 74.31 -5.28
C ASP A 226 25.32 73.80 -4.60
N GLU A 227 25.28 73.95 -3.30
CA GLU A 227 24.18 73.37 -2.48
C GLU A 227 22.89 74.16 -2.77
N PHE A 228 22.98 75.49 -2.82
CA PHE A 228 21.78 76.34 -2.99
C PHE A 228 21.23 76.12 -4.39
N PHE A 229 22.14 75.84 -5.34
CA PHE A 229 21.73 75.48 -6.73
C PHE A 229 20.91 74.20 -6.65
N HIS A 230 21.43 73.17 -5.99
CA HIS A 230 20.71 71.85 -5.94
C HIS A 230 19.33 72.02 -5.26
N ALA A 231 19.30 72.70 -4.13
CA ALA A 231 18.05 73.00 -3.38
C ALA A 231 17.08 73.73 -4.27
N TYR A 232 17.54 74.78 -4.96
CA TYR A 232 16.64 75.56 -5.84
C TYR A 232 16.04 74.67 -6.94
N GLN A 233 16.88 73.88 -7.60
CA GLN A 233 16.39 73.13 -8.78
C GLN A 233 15.44 72.03 -8.28
N ILE A 234 15.77 71.38 -7.17
CA ILE A 234 14.84 70.35 -6.58
C ILE A 234 13.56 71.04 -6.12
N ALA A 235 13.66 72.20 -5.46
CA ALA A 235 12.44 72.91 -5.02
C ALA A 235 11.56 73.24 -6.23
N ARG A 236 12.15 73.77 -7.31
CA ARG A 236 11.36 74.12 -8.51
C ARG A 236 10.70 72.86 -9.03
N TYR A 237 11.43 71.75 -9.11
CA TYR A 237 10.85 70.49 -9.63
C TYR A 237 9.62 70.13 -8.80
N CYS A 238 9.81 70.08 -7.48
CA CYS A 238 8.72 69.68 -6.54
C CYS A 238 7.55 70.68 -6.58
N ASP A 239 7.83 71.95 -6.82
CA ASP A 239 6.72 72.94 -6.89
C ASP A 239 5.90 72.72 -8.15
N GLU A 240 6.57 72.40 -9.28
CA GLU A 240 5.85 72.14 -10.56
C GLU A 240 4.95 70.91 -10.41
N VAL A 241 5.47 69.83 -9.78
CA VAL A 241 4.65 68.61 -9.55
C VAL A 241 3.45 68.96 -8.65
N THR A 242 3.69 69.75 -7.60
CA THR A 242 2.68 70.20 -6.62
C THR A 242 1.65 71.01 -7.36
N VAL A 243 2.05 72.01 -8.14
CA VAL A 243 1.06 72.88 -8.81
C VAL A 243 0.17 72.05 -9.71
N ALA A 244 0.80 71.14 -10.47
CA ALA A 244 0.06 70.34 -11.47
C ALA A 244 -0.98 69.50 -10.73
N GLY A 245 -0.61 68.93 -9.61
CA GLY A 245 -1.56 68.08 -8.87
C GLY A 245 -2.65 68.91 -8.23
N LYS A 246 -2.29 70.05 -7.63
CA LYS A 246 -3.28 70.93 -7.00
C LYS A 246 -4.30 71.43 -8.01
N ALA A 247 -3.91 71.58 -9.30
CA ALA A 247 -4.86 72.11 -10.29
C ALA A 247 -5.97 71.09 -10.48
N ILE A 248 -5.69 69.79 -10.19
CA ILE A 248 -6.73 68.74 -10.26
C ILE A 248 -7.54 68.73 -8.97
N LYS A 249 -6.86 68.67 -7.84
CA LYS A 249 -7.54 68.66 -6.54
C LYS A 249 -6.62 69.35 -5.54
N ASN A 250 -7.10 70.48 -4.99
CA ASN A 250 -6.22 71.41 -4.21
C ASN A 250 -6.09 70.94 -2.78
N LEU A 251 -5.54 69.76 -2.59
CA LEU A 251 -5.25 69.24 -1.24
C LEU A 251 -4.01 69.91 -0.73
N PRO A 252 -3.80 69.97 0.60
CA PRO A 252 -2.53 70.35 1.16
C PRO A 252 -1.45 69.38 0.66
N MET A 253 -0.23 69.90 0.42
CA MET A 253 0.89 69.05 -0.02
C MET A 253 2.17 69.53 0.59
N TYR A 254 3.01 68.61 0.97
CA TYR A 254 4.20 68.94 1.76
C TYR A 254 5.37 68.07 1.32
N VAL A 255 6.56 68.49 1.74
CA VAL A 255 7.80 67.71 1.52
C VAL A 255 8.41 67.37 2.85
N ASN A 256 9.07 66.23 2.94
CA ASN A 256 9.66 65.75 4.22
C ASN A 256 11.19 65.72 4.13
N VAL A 257 11.85 66.06 5.21
CA VAL A 257 13.30 66.32 5.10
C VAL A 257 14.13 65.26 5.84
N ALA A 258 15.08 64.70 5.09
CA ALA A 258 16.23 63.97 5.64
C ALA A 258 17.09 65.03 6.35
N LEU A 259 16.85 65.12 7.67
CA LEU A 259 17.46 66.25 8.41
C LEU A 259 18.99 66.13 8.42
N ARG A 260 19.66 67.28 8.40
CA ARG A 260 21.06 67.34 8.84
C ARG A 260 21.06 67.61 10.34
N ASN A 261 22.10 67.18 11.00
CA ASN A 261 22.19 67.45 12.45
C ASN A 261 22.28 68.98 12.58
N PRO A 262 21.43 69.63 13.39
CA PRO A 262 21.35 71.11 13.43
C PRO A 262 22.55 71.78 14.11
N PHE A 263 23.26 71.04 14.95
CA PHE A 263 24.47 71.54 15.63
C PHE A 263 25.74 71.29 14.81
N ASN A 264 25.88 70.09 14.28
CA ASN A 264 27.13 69.62 13.64
C ASN A 264 26.76 68.85 12.40
N PRO A 265 26.38 69.59 11.35
CA PRO A 265 25.74 68.94 10.21
C PRO A 265 26.69 68.12 9.35
N GLY A 266 28.00 68.39 9.39
CA GLY A 266 28.92 68.02 8.29
C GLY A 266 28.59 68.68 6.95
N LEU A 267 29.03 68.08 5.84
CA LEU A 267 28.97 68.68 4.50
C LEU A 267 27.74 68.19 3.78
N PRO A 268 27.20 69.02 2.88
CA PRO A 268 26.18 68.54 1.98
C PRO A 268 26.77 67.42 1.11
N GLY A 269 25.95 66.38 0.92
CA GLY A 269 26.32 65.11 0.28
C GLY A 269 26.64 64.05 1.29
N GLN A 270 27.15 64.44 2.44
CA GLN A 270 27.16 63.57 3.66
C GLN A 270 25.73 63.47 4.21
N TYR A 271 25.11 64.61 4.49
CA TYR A 271 23.66 64.72 4.60
C TYR A 271 23.11 64.80 3.20
N SER A 272 21.79 64.66 3.09
CA SER A 272 21.13 64.70 1.77
C SER A 272 21.07 66.15 1.25
N SER A 273 21.94 66.48 0.36
CA SER A 273 22.08 67.83 -0.23
C SER A 273 20.85 68.17 -1.05
N GLY A 274 20.29 69.36 -0.84
CA GLY A 274 19.24 69.91 -1.72
C GLY A 274 17.86 69.75 -1.10
N GLY A 275 17.70 68.85 -0.13
CA GLY A 275 16.46 68.75 0.66
C GLY A 275 16.28 70.02 1.47
N GLY A 276 15.15 70.10 2.14
CA GLY A 276 14.76 71.26 2.98
C GLY A 276 15.52 71.30 4.30
N THR A 277 16.86 71.21 4.28
CA THR A 277 17.65 71.29 5.52
C THR A 277 17.54 72.73 6.04
N ASP A 278 17.94 72.89 7.27
CA ASP A 278 17.68 74.17 8.00
C ASP A 278 18.38 75.33 7.28
N ASN A 279 19.53 75.13 6.65
CA ASN A 279 20.32 76.19 5.94
C ASN A 279 19.67 76.60 4.62
N VAL A 280 18.70 75.87 4.10
CA VAL A 280 18.21 76.18 2.73
C VAL A 280 16.71 76.34 2.82
N LEU A 281 16.16 76.53 4.02
CA LEU A 281 14.70 76.78 4.12
C LEU A 281 14.34 78.07 3.34
N HIS A 282 15.19 79.10 3.38
CA HIS A 282 14.96 80.34 2.62
C HIS A 282 14.91 80.03 1.14
N ILE A 283 15.75 79.10 0.64
CA ILE A 283 15.77 78.81 -0.82
C ILE A 283 14.42 78.16 -1.09
N TRP A 284 14.14 77.12 -0.33
CA TRP A 284 12.89 76.34 -0.52
C TRP A 284 11.66 77.23 -0.47
N LYS A 285 11.54 78.12 0.53
CA LYS A 285 10.33 78.98 0.61
C LYS A 285 10.25 79.94 -0.60
N ALA A 286 11.35 80.48 -1.08
CA ALA A 286 11.36 81.36 -2.27
C ALA A 286 11.05 80.56 -3.52
N ALA A 287 11.58 79.33 -3.65
CA ALA A 287 11.50 78.59 -4.94
C ALA A 287 10.18 77.84 -5.05
N ALA A 288 9.57 77.47 -3.91
CA ALA A 288 8.43 76.53 -3.94
C ALA A 288 7.24 77.05 -3.16
N PRO A 289 6.71 78.18 -3.62
CA PRO A 289 5.63 78.79 -2.87
C PRO A 289 4.31 78.02 -2.89
N ASN A 290 4.19 76.94 -3.68
CA ASN A 290 2.91 76.16 -3.76
C ASN A 290 2.92 74.98 -2.79
N ILE A 291 4.11 74.69 -2.22
CA ILE A 291 4.30 73.60 -1.24
C ILE A 291 3.89 74.15 0.14
N ASP A 292 2.91 73.54 0.78
CA ASP A 292 2.28 74.12 2.01
C ASP A 292 3.28 74.16 3.17
N LEU A 293 4.03 73.11 3.44
CA LEU A 293 4.94 73.12 4.59
C LEU A 293 6.13 72.19 4.28
N ILE A 294 7.21 72.32 5.05
CA ILE A 294 8.44 71.53 4.96
C ILE A 294 8.57 70.83 6.31
N ALA A 295 8.48 69.50 6.30
CA ALA A 295 8.25 68.68 7.53
C ALA A 295 9.53 67.97 7.89
N PRO A 296 9.93 67.99 9.16
CA PRO A 296 11.11 67.25 9.62
C PRO A 296 10.81 65.77 9.84
N ASP A 297 11.81 64.95 9.50
CA ASP A 297 11.75 63.49 9.77
C ASP A 297 12.77 63.22 10.90
N ILE A 298 12.27 62.93 12.10
CA ILE A 298 13.10 63.04 13.30
C ILE A 298 13.53 61.64 13.79
N TYR A 299 14.84 61.40 13.74
CA TYR A 299 15.39 60.14 14.27
C TYR A 299 16.53 60.39 15.25
N PHE A 300 16.80 61.67 15.56
CA PHE A 300 17.74 62.00 16.64
C PHE A 300 17.07 61.61 17.96
N ARG A 301 17.74 60.92 18.85
CA ARG A 301 17.03 60.40 20.06
C ARG A 301 17.04 61.41 21.23
N ASP A 302 18.01 62.33 21.20
CA ASP A 302 18.36 63.15 22.39
C ASP A 302 17.53 64.42 22.40
N TYR A 303 17.07 64.74 23.59
CA TYR A 303 16.16 65.87 23.82
C TYR A 303 16.69 67.16 23.19
N LYS A 304 17.91 67.57 23.48
CA LYS A 304 18.38 68.89 23.00
C LYS A 304 18.34 68.94 21.48
N THR A 305 18.68 67.84 20.77
CA THR A 305 18.75 67.96 19.30
C THR A 305 17.33 68.00 18.76
N VAL A 306 16.50 67.08 19.24
CA VAL A 306 15.06 67.09 18.85
C VAL A 306 14.45 68.47 19.12
N SER A 307 14.66 69.01 20.31
CA SER A 307 14.08 70.33 20.67
C SER A 307 14.53 71.34 19.61
N LYS A 308 15.80 71.34 19.25
CA LYS A 308 16.39 72.31 18.27
C LYS A 308 15.69 72.13 16.93
N VAL A 309 15.51 70.88 16.48
CA VAL A 309 14.75 70.63 15.23
C VAL A 309 13.34 71.25 15.28
N LEU A 310 12.63 71.02 16.35
CA LEU A 310 11.25 71.54 16.51
C LEU A 310 11.30 73.07 16.44
N GLU A 311 12.34 73.68 16.98
CA GLU A 311 12.48 75.17 16.98
C GLU A 311 12.71 75.64 15.55
N LEU A 312 13.62 74.97 14.81
CA LEU A 312 14.00 75.45 13.45
C LEU A 312 12.83 75.28 12.48
N TYR A 313 12.01 74.25 12.63
CA TYR A 313 10.96 73.96 11.63
C TYR A 313 9.64 74.63 11.98
N THR A 314 9.49 75.21 13.15
CA THR A 314 8.27 75.96 13.53
C THR A 314 8.56 77.46 13.29
N ARG A 315 7.95 77.99 12.25
CA ARG A 315 8.22 79.37 11.77
C ARG A 315 6.90 80.00 11.39
N PRO A 316 6.82 81.34 11.39
CA PRO A 316 5.62 82.00 10.89
C PRO A 316 5.25 81.52 9.49
N ASP A 317 6.26 81.16 8.65
CA ASP A 317 6.04 80.68 7.26
C ASP A 317 6.03 79.13 7.18
N ASN A 318 6.01 78.41 8.31
CA ASN A 318 6.12 76.93 8.29
C ASN A 318 5.39 76.28 9.43
N ALA A 319 4.22 75.71 9.15
CA ALA A 319 3.50 74.84 10.09
C ALA A 319 4.42 73.68 10.40
N LEU A 320 4.41 73.32 11.67
CA LEU A 320 5.16 72.14 12.16
C LEU A 320 4.33 70.87 12.00
N PHE A 321 4.85 69.94 11.19
CA PHE A 321 4.32 68.61 11.06
C PHE A 321 5.48 67.63 11.20
N VAL A 322 5.41 66.80 12.27
CA VAL A 322 6.49 65.80 12.44
C VAL A 322 6.08 64.59 11.59
N ALA A 323 6.49 64.65 10.34
CA ALA A 323 5.97 63.75 9.30
C ALA A 323 6.50 62.33 9.54
N GLU A 324 7.66 62.22 10.15
CA GLU A 324 8.21 60.95 10.63
C GLU A 324 8.91 61.15 11.96
N ILE A 325 8.78 60.17 12.86
CA ILE A 325 9.64 60.12 14.05
C ILE A 325 9.92 58.63 14.32
N GLY A 326 11.03 58.31 14.94
CA GLY A 326 11.33 56.95 15.34
C GLY A 326 10.22 56.39 16.20
N ASN A 327 10.10 55.03 16.17
CA ASN A 327 9.05 54.31 16.91
C ASN A 327 9.62 53.65 18.17
N ASP A 328 10.86 53.94 18.57
CA ASP A 328 11.35 53.45 19.85
C ASP A 328 10.72 54.28 20.97
N GLN A 329 10.74 53.73 22.17
CA GLN A 329 10.08 54.36 23.34
C GLN A 329 10.50 55.82 23.54
N PRO A 330 11.77 56.21 23.47
CA PRO A 330 12.12 57.59 23.83
C PRO A 330 11.39 58.64 23.00
N PHE A 331 10.93 58.33 21.82
CA PHE A 331 10.39 59.30 20.87
C PHE A 331 8.93 59.70 21.25
N ALA A 332 8.20 58.88 22.00
CA ALA A 332 6.73 59.09 22.22
C ALA A 332 6.54 60.48 22.90
N ARG A 333 7.40 60.83 23.86
CA ARG A 333 7.20 62.03 24.68
C ARG A 333 7.39 63.27 23.83
N TYR A 334 7.91 63.19 22.64
CA TYR A 334 8.07 64.39 21.78
C TYR A 334 6.71 64.84 21.25
N LEU A 335 5.66 64.03 21.40
CA LEU A 335 4.32 64.50 21.02
C LEU A 335 4.05 65.83 21.74
N PHE A 336 4.46 65.91 22.99
CA PHE A 336 4.03 67.02 23.88
C PHE A 336 4.63 68.33 23.41
N PRO A 337 5.94 68.47 23.20
CA PRO A 337 6.47 69.71 22.63
C PRO A 337 6.02 70.00 21.20
N THR A 338 5.80 68.94 20.43
CA THR A 338 5.34 69.12 19.06
C THR A 338 4.00 69.88 19.15
N LEU A 339 3.07 69.39 19.96
CA LEU A 339 1.74 70.05 20.07
C LEU A 339 1.87 71.41 20.72
N GLY A 340 2.77 71.52 21.69
CA GLY A 340 2.97 72.81 22.37
C GLY A 340 3.44 73.91 21.45
N LYS A 341 4.19 73.61 20.39
CA LYS A 341 4.66 74.53 19.34
C LYS A 341 3.55 74.87 18.36
N GLY A 342 2.34 74.33 18.56
CA GLY A 342 1.21 74.45 17.62
C GLY A 342 1.30 73.48 16.47
N GLY A 343 2.08 72.41 16.63
CA GLY A 343 2.20 71.39 15.58
C GLY A 343 0.83 70.89 15.14
N ILE A 344 0.72 70.58 13.83
CA ILE A 344 -0.53 70.02 13.26
C ILE A 344 -0.51 68.49 13.26
N GLY A 345 0.61 67.89 13.57
CA GLY A 345 0.60 66.42 13.59
C GLY A 345 1.94 65.81 13.95
N PHE A 346 1.89 64.48 14.07
CA PHE A 346 3.01 63.68 14.59
C PHE A 346 2.79 62.25 14.11
N SER A 347 3.80 61.68 13.47
CA SER A 347 3.59 60.35 12.77
C SER A 347 4.78 59.41 12.95
N PRO A 348 4.74 58.55 14.00
CA PRO A 348 5.78 57.57 14.20
C PRO A 348 5.85 56.58 13.04
N PHE A 349 7.07 56.27 12.63
CA PHE A 349 7.36 55.45 11.45
C PHE A 349 7.45 53.99 11.88
N GLY A 350 6.87 53.15 11.02
CA GLY A 350 7.07 51.71 11.11
C GLY A 350 6.04 51.03 12.00
N MET A 351 4.82 51.52 12.02
CA MET A 351 3.78 50.99 12.91
C MET A 351 2.95 49.96 12.18
N ASP A 352 3.63 48.88 11.81
CA ASP A 352 2.93 47.72 11.23
C ASP A 352 3.67 46.45 11.59
N ASP A 353 2.99 45.32 11.37
CA ASP A 353 3.53 44.00 11.76
C ASP A 353 3.99 43.24 10.49
N THR A 354 4.71 43.86 9.59
CA THR A 354 5.18 43.28 8.31
C THR A 354 6.59 42.67 8.48
N ASP A 355 6.97 42.32 9.72
CA ASP A 355 8.27 41.65 9.97
C ASP A 355 9.43 42.52 9.54
N TYR A 356 9.46 43.73 10.06
CA TYR A 356 10.63 44.60 9.83
C TYR A 356 10.82 45.48 11.05
N THR A 357 12.05 45.70 11.44
CA THR A 357 12.39 46.73 12.45
C THR A 357 13.52 47.57 11.86
N ASN A 358 13.43 48.88 12.05
CA ASN A 358 14.42 49.83 11.51
C ASN A 358 15.44 50.27 12.59
N TYR A 359 15.54 49.58 13.72
CA TYR A 359 16.68 49.74 14.63
C TYR A 359 17.91 49.65 13.77
N PRO A 360 18.92 50.53 13.90
CA PRO A 360 19.06 51.49 15.00
C PRO A 360 18.24 52.81 14.98
N LEU A 361 17.48 53.09 13.92
CA LEU A 361 16.63 54.31 13.88
C LEU A 361 15.49 54.21 14.90
N GLY A 362 14.78 53.10 14.91
CA GLY A 362 13.61 52.84 15.73
C GLY A 362 13.80 51.70 16.72
N ALA A 363 12.68 51.10 17.11
CA ALA A 363 12.62 50.04 18.11
C ALA A 363 13.31 48.76 17.61
N LYS A 364 14.01 48.11 18.52
CA LYS A 364 14.72 46.85 18.22
C LYS A 364 13.71 45.76 17.93
N VAL A 365 12.52 45.84 18.55
N VAL A 365 12.57 45.78 18.60
CA VAL A 365 11.44 44.82 18.59
CA VAL A 365 11.45 44.87 18.31
C VAL A 365 10.07 45.45 18.35
C VAL A 365 10.22 45.63 17.92
N TYR A 366 9.27 44.89 17.42
CA TYR A 366 7.93 45.39 17.15
C TYR A 366 6.93 44.46 17.84
N ASN A 367 6.27 44.96 18.88
CA ASN A 367 5.27 44.20 19.65
C ASN A 367 4.30 45.15 20.30
N ASP A 368 3.35 44.59 20.99
CA ASP A 368 2.25 45.39 21.57
C ASP A 368 2.85 46.46 22.49
N GLU A 369 3.95 46.17 23.17
CA GLU A 369 4.54 47.19 24.04
C GLU A 369 5.11 48.36 23.23
N THR A 370 5.69 48.11 22.07
CA THR A 370 6.16 49.16 21.18
C THR A 370 5.00 50.12 20.91
N ILE A 371 3.86 49.57 20.48
CA ILE A 371 2.69 50.38 20.14
C ILE A 371 2.20 51.11 21.40
N GLU A 372 2.13 50.42 22.53
CA GLU A 372 1.54 50.96 23.76
C GLU A 372 2.26 52.28 24.12
N GLN A 373 3.55 52.46 23.89
CA GLN A 373 4.20 53.70 24.35
C GLN A 373 3.55 54.88 23.65
N PHE A 374 3.13 54.74 22.40
CA PHE A 374 2.46 55.81 21.65
C PHE A 374 1.00 55.84 22.03
N ALA A 375 0.36 54.72 22.13
CA ALA A 375 -1.07 54.64 22.51
C ALA A 375 -1.30 55.48 23.79
N GLN A 376 -0.44 55.34 24.74
CA GLN A 376 -0.62 55.99 26.06
C GLN A 376 -0.61 57.51 25.86
N VAL A 377 0.23 58.05 25.03
CA VAL A 377 0.23 59.52 24.85
C VAL A 377 -0.92 59.93 23.96
N TYR A 378 -1.25 59.18 22.92
CA TYR A 378 -2.41 59.50 22.04
C TYR A 378 -3.70 59.57 22.89
N ARG A 379 -3.86 58.74 23.92
CA ARG A 379 -5.07 58.66 24.78
C ARG A 379 -5.28 59.99 25.50
N LEU A 380 -4.24 60.79 25.65
CA LEU A 380 -4.41 62.11 26.34
C LEU A 380 -4.97 63.14 25.37
N VAL A 381 -4.75 63.00 24.08
CA VAL A 381 -5.10 64.02 23.07
C VAL A 381 -6.39 63.63 22.35
N ASN A 382 -6.56 62.36 21.98
CA ASN A 382 -7.79 61.95 21.26
C ASN A 382 -9.06 62.55 21.90
N PRO A 383 -9.28 62.47 23.21
CA PRO A 383 -10.57 62.88 23.81
C PRO A 383 -10.84 64.39 23.64
N MET A 384 -9.81 65.16 23.33
CA MET A 384 -9.97 66.62 23.16
C MET A 384 -9.45 67.07 21.80
N MET A 385 -9.32 66.16 20.82
CA MET A 385 -8.51 66.51 19.63
C MET A 385 -8.98 67.80 18.97
N ARG A 386 -10.26 67.93 18.70
CA ARG A 386 -10.77 69.12 17.96
C ARG A 386 -10.68 70.38 18.86
N GLU A 387 -10.91 70.22 20.15
CA GLU A 387 -10.85 71.41 21.07
C GLU A 387 -9.39 71.85 21.18
N TRP A 388 -8.46 70.92 21.30
CA TRP A 388 -7.03 71.27 21.32
C TRP A 388 -6.62 71.96 20.02
N ALA A 389 -7.02 71.37 18.88
CA ALA A 389 -6.59 71.91 17.58
C ALA A 389 -7.08 73.37 17.47
N ARG A 390 -8.29 73.64 17.94
CA ARG A 390 -8.82 75.02 17.85
C ARG A 390 -8.02 75.94 18.77
N LEU A 391 -7.73 75.52 19.99
CA LEU A 391 -6.96 76.33 20.96
C LEU A 391 -5.55 76.60 20.46
N SER A 392 -4.92 75.59 19.87
N SER A 392 -4.97 75.60 19.74
CA SER A 392 -3.55 75.76 19.31
CA SER A 392 -3.56 75.56 19.21
C SER A 392 -3.52 76.90 18.27
C SER A 392 -3.42 76.28 17.85
N TYR A 393 -4.51 76.90 17.39
CA TYR A 393 -4.57 77.83 16.26
C TYR A 393 -4.95 79.25 16.73
N GLN A 394 -5.97 79.35 17.58
CA GLN A 394 -6.69 80.60 17.92
C GLN A 394 -6.22 81.12 19.24
N GLY A 395 -5.43 80.37 19.95
CA GLY A 395 -5.09 80.70 21.33
C GLY A 395 -3.65 80.40 21.70
N GLN A 396 -3.51 80.13 23.00
CA GLN A 396 -2.23 79.98 23.67
C GLN A 396 -2.21 78.54 24.18
N VAL A 397 -1.20 77.83 23.70
CA VAL A 397 -0.89 76.47 24.19
C VAL A 397 0.60 76.35 24.52
N TRP A 398 0.91 75.33 25.32
CA TRP A 398 2.27 75.00 25.76
C TRP A 398 2.35 73.47 25.80
N GLY A 399 3.58 72.98 25.67
CA GLY A 399 3.79 71.54 25.79
C GLY A 399 5.23 71.28 26.07
N VAL A 400 5.51 70.35 26.99
CA VAL A 400 6.91 70.06 27.39
C VAL A 400 7.04 68.52 27.46
N ALA A 401 8.28 68.09 27.28
CA ALA A 401 8.72 66.71 27.49
C ALA A 401 9.81 66.67 28.54
N GLU A 402 9.94 65.52 29.17
CA GLU A 402 11.00 65.26 30.17
C GLU A 402 12.36 65.47 29.52
N PRO A 403 13.15 66.42 30.05
CA PRO A 403 14.28 66.98 29.31
C PRO A 403 15.62 66.30 29.50
N LEU A 404 15.65 65.28 30.36
CA LEU A 404 16.86 64.43 30.43
C LEU A 404 16.49 63.14 29.73
N ASP A 405 17.41 62.71 28.90
CA ASP A 405 17.34 61.35 28.32
C ASP A 405 17.60 60.31 29.39
N SER A 406 17.22 59.07 29.14
CA SER A 406 17.53 57.94 30.04
C SER A 406 19.04 57.88 30.28
N THR A 407 19.40 57.59 31.53
CA THR A 407 20.81 57.44 31.96
C THR A 407 21.46 56.35 31.13
N THR A 408 22.69 56.59 30.64
CA THR A 408 23.51 55.68 29.78
C THR A 408 24.05 54.50 30.61
N GLU A 409 24.49 53.44 29.92
CA GLU A 409 25.42 52.43 30.48
C GLU A 409 26.63 53.21 31.03
N THR A 410 27.32 53.97 30.18
CA THR A 410 28.43 54.92 30.50
C THR A 410 28.10 55.80 31.72
N GLN A 411 26.97 56.50 31.70
CA GLN A 411 26.57 57.50 32.74
C GLN A 411 26.47 56.80 34.10
N LYS A 412 26.00 55.57 34.17
CA LYS A 412 25.84 54.86 35.47
C LYS A 412 27.23 54.53 36.03
N ILE A 413 28.20 54.26 35.13
CA ILE A 413 29.60 53.93 35.48
C ILE A 413 30.19 55.15 36.19
N TRP A 414 30.06 56.31 35.53
CA TRP A 414 30.50 57.65 36.02
C TRP A 414 29.76 57.99 37.31
N ASN A 415 28.50 57.56 37.43
CA ASN A 415 27.72 57.74 38.68
C ASN A 415 28.29 56.78 39.72
N ALA A 416 28.74 55.58 39.36
CA ALA A 416 29.11 54.53 40.35
C ALA A 416 30.45 54.91 40.98
N GLU A 417 31.29 55.64 40.24
CA GLU A 417 32.72 55.97 40.57
C GLU A 417 32.80 57.33 41.27
N ALA A 418 31.68 58.05 41.39
CA ALA A 418 31.64 59.41 41.98
C ALA A 418 31.73 59.34 43.51
N THR A 419 32.17 60.40 44.18
CA THR A 419 32.22 60.48 45.67
C THR A 419 30.83 60.84 46.21
N PRO A 420 30.55 60.68 47.53
CA PRO A 420 29.23 61.00 48.09
C PRO A 420 28.82 62.48 47.94
N GLU A 421 29.78 63.41 47.93
CA GLU A 421 29.52 64.84 47.63
C GLU A 421 29.23 64.99 46.13
N GLU A 422 29.98 64.31 45.26
CA GLU A 422 29.74 64.44 43.80
C GLU A 422 28.34 63.87 43.49
N LYS A 423 27.94 62.78 44.19
CA LYS A 423 26.63 62.09 44.10
C LYS A 423 25.46 63.00 44.49
N GLU A 424 25.42 63.52 45.73
CA GLU A 424 24.32 64.40 46.24
C GLU A 424 24.24 65.65 45.36
N GLN A 425 25.40 66.17 44.91
CA GLN A 425 25.46 67.27 43.90
C GLN A 425 24.78 66.85 42.58
N HIS A 426 25.12 65.68 42.05
CA HIS A 426 24.49 65.13 40.82
C HIS A 426 22.97 65.08 40.98
N LYS A 427 22.45 64.61 42.14
CA LYS A 427 21.00 64.46 42.46
C LYS A 427 20.33 65.85 42.48
N LYS A 428 20.96 66.86 43.09
CA LYS A 428 20.44 68.27 43.10
C LYS A 428 20.41 68.74 41.64
N ASP A 429 21.48 68.47 40.88
CA ASP A 429 21.62 68.95 39.47
C ASP A 429 20.54 68.29 38.61
N ARG A 430 20.31 66.99 38.79
CA ARG A 430 19.27 66.26 38.02
C ARG A 430 17.90 66.82 38.41
N ALA A 431 17.64 67.10 39.69
CA ALA A 431 16.31 67.56 40.12
C ALA A 431 16.05 68.92 39.48
N SER A 432 17.07 69.75 39.41
CA SER A 432 16.99 71.09 38.77
C SER A 432 16.69 70.95 37.27
N ALA A 433 17.40 70.05 36.58
CA ALA A 433 17.21 69.88 35.12
C ALA A 433 15.80 69.31 34.85
N LEU A 434 15.25 68.55 35.78
CA LEU A 434 13.94 67.89 35.59
C LEU A 434 12.81 68.78 36.11
N THR A 435 13.06 70.09 36.19
CA THR A 435 12.08 71.09 36.66
C THR A 435 11.98 72.17 35.58
N GLN A 436 10.79 72.29 34.94
CA GLN A 436 10.56 73.22 33.83
C GLN A 436 9.56 74.28 34.32
N GLN A 437 9.80 75.52 33.89
CA GLN A 437 8.89 76.66 34.14
C GLN A 437 8.20 77.07 32.85
N LEU A 438 6.89 77.32 32.93
CA LEU A 438 6.09 77.86 31.83
C LEU A 438 5.40 79.15 32.31
N ASP A 439 5.53 80.16 31.49
CA ASP A 439 4.89 81.47 31.75
C ASP A 439 3.52 81.44 31.09
N LEU A 440 2.45 81.35 31.88
CA LEU A 440 1.06 81.27 31.34
C LEU A 440 0.32 82.58 31.55
N GLY A 441 1.02 83.71 31.68
CA GLY A 441 0.34 85.02 31.73
C GLY A 441 0.31 85.52 33.17
N LEU A 442 -0.86 85.43 33.82
CA LEU A 442 -0.98 85.74 35.28
C LEU A 442 -0.47 84.60 36.12
N TRP A 443 -0.33 83.43 35.53
CA TRP A 443 0.05 82.23 36.32
C TRP A 443 1.22 81.57 35.63
N ASP A 444 2.07 80.88 36.41
CA ASP A 444 3.14 80.01 35.86
C ASP A 444 2.79 78.58 36.27
N ALA A 445 3.28 77.66 35.45
CA ALA A 445 3.32 76.24 35.81
C ALA A 445 4.78 75.80 35.98
N GLU A 446 4.99 74.91 36.95
CA GLU A 446 6.24 74.19 37.10
C GLU A 446 5.97 72.72 36.88
N VAL A 447 6.73 72.14 35.95
CA VAL A 447 6.50 70.72 35.59
C VAL A 447 7.73 69.97 36.05
N THR A 448 7.51 68.85 36.78
CA THR A 448 8.61 68.07 37.37
C THR A 448 8.36 66.62 36.98
N TYR A 449 9.43 65.82 36.98
CA TYR A 449 9.32 64.44 36.47
C TYR A 449 9.88 63.42 37.45
N GLY A 450 9.08 62.39 37.72
CA GLY A 450 9.57 61.22 38.48
C GLY A 450 9.64 61.52 39.97
N ARG A 451 8.46 61.61 40.57
CA ARG A 451 8.33 61.80 42.01
C ARG A 451 7.03 61.22 42.47
N PRO A 452 6.87 60.96 43.79
CA PRO A 452 5.59 60.51 44.30
C PRO A 452 4.45 61.51 44.00
N MET A 453 3.24 61.05 44.28
CA MET A 453 2.00 61.81 44.04
C MET A 453 1.60 62.55 45.32
N PHE A 454 2.42 62.43 46.37
CA PHE A 454 2.20 63.02 47.72
C PHE A 454 3.55 63.51 48.24
N TRP A 455 3.52 64.69 48.91
CA TRP A 455 4.69 65.32 49.58
C TRP A 455 5.62 65.88 48.50
N VAL A 456 6.85 66.21 48.86
CA VAL A 456 7.70 67.10 48.04
C VAL A 456 9.10 66.52 47.84
N THR A 457 9.26 65.21 47.92
CA THR A 457 10.58 64.60 47.60
C THR A 457 10.98 65.13 46.22
N PRO A 458 12.21 65.66 46.00
CA PRO A 458 12.59 66.18 44.68
C PRO A 458 12.47 65.15 43.54
N PRO A 459 12.25 65.61 42.31
CA PRO A 459 12.17 64.75 41.15
C PRO A 459 13.49 64.02 40.87
N GLU A 460 13.35 62.78 40.40
CA GLU A 460 14.51 61.95 40.03
C GLU A 460 14.38 61.43 38.59
N GLY A 461 13.28 61.76 37.93
CA GLY A 461 13.03 61.40 36.53
C GLY A 461 12.37 60.02 36.46
N ASN A 462 11.74 59.76 35.33
CA ASN A 462 11.15 58.43 35.03
C ASN A 462 12.24 57.56 34.41
N THR A 463 12.07 56.26 34.57
N THR A 463 12.14 56.24 34.60
CA THR A 463 12.96 55.20 34.03
CA THR A 463 13.06 55.22 34.01
C THR A 463 12.10 54.31 33.16
C THR A 463 12.20 54.29 33.17
N PRO A 464 12.16 54.40 31.81
CA PRO A 464 13.01 55.33 31.05
C PRO A 464 12.39 56.75 31.05
N ALA A 465 13.10 57.73 30.50
CA ALA A 465 12.53 59.09 30.34
C ALA A 465 11.25 58.99 29.49
N ALA A 466 10.16 59.68 29.86
CA ALA A 466 8.86 59.42 29.21
C ALA A 466 7.82 60.49 29.48
N GLY A 467 8.04 61.40 30.42
CA GLY A 467 6.95 62.28 30.84
C GLY A 467 6.74 63.48 29.95
N GLY A 468 5.57 64.12 30.13
CA GLY A 468 5.34 65.41 29.47
C GLY A 468 4.04 66.00 29.94
N ALA A 469 3.73 67.20 29.41
CA ALA A 469 2.53 67.96 29.79
C ALA A 469 2.10 68.82 28.59
N LEU A 470 0.77 69.01 28.56
CA LEU A 470 0.11 69.94 27.65
C LEU A 470 -0.76 70.89 28.48
N ILE A 471 -0.69 72.16 28.10
CA ILE A 471 -1.54 73.20 28.77
C ILE A 471 -2.13 74.07 27.68
N ALA A 472 -3.43 74.38 27.80
CA ALA A 472 -4.06 75.39 26.91
C ALA A 472 -4.73 76.42 27.78
N GLN A 473 -4.61 77.67 27.38
CA GLN A 473 -5.25 78.76 28.19
C GLN A 473 -6.72 78.87 27.74
N LEU A 474 -7.65 78.78 28.66
CA LEU A 474 -9.08 78.99 28.37
C LEU A 474 -9.50 80.44 28.67
N ASP A 475 -8.91 81.04 29.66
CA ASP A 475 -9.23 82.43 30.12
C ASP A 475 -8.08 82.90 31.01
N ASP A 476 -8.15 84.15 31.51
CA ASP A 476 -7.01 84.74 32.23
C ASP A 476 -6.59 83.85 33.39
N ASN A 477 -7.52 83.13 34.00
CA ASN A 477 -7.20 82.36 35.23
C ASN A 477 -7.55 80.89 35.03
N GLU A 478 -7.74 80.42 33.77
CA GLU A 478 -8.26 79.04 33.65
C GLU A 478 -7.51 78.34 32.53
N TYR A 479 -7.12 77.12 32.80
CA TYR A 479 -6.29 76.31 31.88
C TYR A 479 -6.88 74.90 31.73
N LEU A 480 -6.74 74.39 30.51
CA LEU A 480 -6.95 72.95 30.22
C LEU A 480 -5.58 72.27 30.39
N VAL A 481 -5.48 71.17 31.16
CA VAL A 481 -4.18 70.55 31.48
C VAL A 481 -4.36 69.02 31.33
N THR A 482 -3.37 68.43 30.69
CA THR A 482 -3.25 66.94 30.74
C THR A 482 -1.77 66.62 30.76
N ALA A 483 -1.38 65.61 31.52
CA ALA A 483 0.07 65.32 31.57
C ALA A 483 0.29 63.85 31.79
N TYR A 484 1.53 63.49 31.83
CA TYR A 484 1.90 62.04 31.77
C TYR A 484 3.18 61.87 32.58
N LYS A 485 3.14 61.04 33.60
CA LYS A 485 4.32 60.66 34.43
C LYS A 485 5.04 61.94 34.85
N ALA A 486 4.26 62.84 35.42
CA ALA A 486 4.74 64.19 35.72
C ALA A 486 3.85 64.85 36.79
N ARG A 487 4.41 65.85 37.43
CA ARG A 487 3.62 66.74 38.33
C ARG A 487 3.61 68.14 37.70
N VAL A 488 2.45 68.75 37.76
CA VAL A 488 2.23 70.16 37.30
C VAL A 488 1.74 70.98 38.48
N GLU A 489 2.48 72.06 38.75
CA GLU A 489 2.10 72.93 39.88
C GLU A 489 1.91 74.36 39.39
N PHE A 490 0.86 75.06 39.82
CA PHE A 490 0.60 76.44 39.40
C PHE A 490 0.97 77.41 40.53
N LYS A 491 1.38 78.58 40.13
CA LYS A 491 1.77 79.66 41.05
C LYS A 491 1.52 81.00 40.35
N PRO A 492 1.45 82.14 41.08
CA PRO A 492 1.37 83.41 40.39
C PRO A 492 2.62 83.68 39.56
N SER A 493 2.42 84.34 38.42
CA SER A 493 3.53 84.72 37.49
C SER A 493 4.24 85.98 37.97
N GLN A 494 3.53 86.87 38.68
CA GLN A 494 4.03 88.20 39.12
C GLN A 494 3.79 88.31 40.65
N GLU A 495 4.56 89.14 41.37
CA GLU A 495 4.37 89.35 42.84
C GLU A 495 2.92 89.86 43.03
N LEU A 496 2.21 89.44 44.08
CA LEU A 496 0.75 89.74 44.24
C LEU A 496 0.47 90.92 45.19
N ALA A 497 1.48 91.63 45.67
CA ALA A 497 1.23 92.85 46.47
C ALA A 497 0.17 92.61 47.56
N GLY A 498 0.48 91.73 48.50
CA GLY A 498 -0.35 91.62 49.70
C GLY A 498 -1.35 90.49 49.56
N LYS A 499 -1.79 90.13 48.35
CA LYS A 499 -2.85 89.08 48.12
C LYS A 499 -2.24 87.70 48.32
N LYS A 500 -3.10 86.72 48.54
CA LYS A 500 -2.68 85.32 48.60
C LYS A 500 -3.19 84.66 47.32
N PHE A 501 -2.85 83.37 47.09
CA PHE A 501 -3.41 82.68 45.92
C PHE A 501 -3.77 81.24 46.31
N MET A 502 -4.74 80.69 45.57
CA MET A 502 -5.02 79.25 45.65
C MET A 502 -5.48 78.75 44.31
N ILE A 503 -5.55 77.44 44.23
CA ILE A 503 -6.43 76.78 43.21
C ILE A 503 -7.86 77.12 43.62
N GLU A 504 -8.63 77.65 42.70
CA GLU A 504 -10.08 77.83 42.96
C GLU A 504 -10.81 76.49 42.76
N ARG A 505 -10.53 75.84 41.62
CA ARG A 505 -11.22 74.56 41.34
C ARG A 505 -10.44 73.83 40.26
N VAL A 506 -10.31 72.51 40.47
CA VAL A 506 -9.82 71.60 39.42
C VAL A 506 -10.93 70.60 39.11
N GLU A 507 -11.35 70.54 37.84
CA GLU A 507 -12.36 69.54 37.42
C GLU A 507 -11.68 68.58 36.41
N GLU A 508 -11.91 67.29 36.61
CA GLU A 508 -11.60 66.27 35.55
C GLU A 508 -12.88 66.04 34.74
N GLY A 509 -12.73 65.97 33.44
CA GLY A 509 -13.92 65.82 32.60
C GLY A 509 -13.57 65.51 31.17
N ARG A 510 -14.53 65.77 30.30
CA ARG A 510 -14.39 65.45 28.88
C ARG A 510 -15.24 66.40 28.08
N PHE A 511 -15.02 66.43 26.78
CA PHE A 511 -15.87 67.19 25.85
C PHE A 511 -16.85 66.24 25.16
N GLU A 512 -18.13 66.57 25.26
CA GLU A 512 -19.23 65.86 24.54
C GLU A 512 -19.90 66.90 23.64
N LYS A 513 -19.89 66.69 22.33
CA LYS A 513 -20.58 67.61 21.39
C LYS A 513 -20.01 69.01 21.63
N GLY A 514 -18.68 69.11 21.84
CA GLY A 514 -18.00 70.40 22.07
C GLY A 514 -18.28 71.06 23.42
N LYS A 515 -19.07 70.44 24.30
CA LYS A 515 -19.40 70.97 25.66
C LYS A 515 -18.61 70.23 26.73
N TRP A 516 -18.10 70.96 27.72
CA TRP A 516 -17.42 70.37 28.88
C TRP A 516 -18.40 69.62 29.77
N VAL A 517 -18.09 68.36 30.06
CA VAL A 517 -18.83 67.53 31.05
C VAL A 517 -17.88 67.22 32.21
N MET A 518 -18.24 67.69 33.42
N MET A 518 -18.27 67.63 33.44
CA MET A 518 -17.45 67.37 34.62
CA MET A 518 -17.45 67.40 34.67
C MET A 518 -17.73 65.93 34.98
C MET A 518 -17.75 65.99 35.18
N GLU A 519 -16.70 65.23 35.40
CA GLU A 519 -16.81 63.89 36.01
C GLU A 519 -16.59 64.05 37.52
N ARG A 520 -15.53 64.79 37.95
CA ARG A 520 -15.25 64.89 39.39
C ARG A 520 -14.42 66.16 39.63
N VAL A 521 -14.39 66.59 40.89
CA VAL A 521 -13.43 67.66 41.29
C VAL A 521 -12.18 67.04 41.93
N TRP A 522 -11.00 67.40 41.44
CA TRP A 522 -9.75 67.07 42.18
C TRP A 522 -9.68 68.03 43.38
N ASN A 523 -9.44 67.53 44.56
CA ASN A 523 -9.22 68.40 45.71
C ASN A 523 -8.42 67.64 46.73
N GLY A 524 -8.14 68.24 47.87
CA GLY A 524 -7.46 67.55 48.96
C GLY A 524 -6.07 67.07 48.52
N ASP A 525 -5.81 65.77 48.79
CA ASP A 525 -4.53 65.16 48.43
C ASP A 525 -4.25 65.34 46.93
N GLN A 526 -5.28 65.35 46.09
CA GLN A 526 -5.08 65.41 44.63
C GLN A 526 -4.63 66.79 44.14
N THR A 527 -4.77 67.82 44.99
CA THR A 527 -4.27 69.16 44.61
C THR A 527 -3.30 69.76 45.63
N ASP A 528 -3.00 69.10 46.73
CA ASP A 528 -2.10 69.69 47.74
C ASP A 528 -0.65 69.68 47.27
N TRP A 529 -0.28 68.73 46.41
CA TRP A 529 1.13 68.47 46.01
C TRP A 529 1.24 68.61 44.50
N GLY A 530 0.69 69.67 43.93
CA GLY A 530 0.58 69.74 42.48
C GLY A 530 -0.45 68.78 41.95
N LEU A 531 -0.46 68.72 40.62
CA LEU A 531 -1.39 67.84 39.90
C LEU A 531 -0.54 66.70 39.32
N ASN A 532 -0.71 65.52 39.90
CA ASN A 532 0.15 64.33 39.65
C ASN A 532 -0.52 63.37 38.68
N PHE A 533 0.23 63.08 37.64
CA PHE A 533 -0.22 62.21 36.56
C PHE A 533 0.68 61.00 36.44
N THR A 534 0.06 59.85 36.21
CA THR A 534 0.79 58.60 35.95
C THR A 534 0.71 58.29 34.45
N ASP A 535 0.42 57.04 34.11
CA ASP A 535 0.26 56.62 32.71
C ASP A 535 -1.18 56.70 32.26
N ARG A 536 -2.10 57.02 33.15
CA ARG A 536 -3.54 57.01 32.83
C ARG A 536 -3.96 58.40 32.38
N PRO A 537 -4.94 58.49 31.48
CA PRO A 537 -5.39 59.79 30.96
C PRO A 537 -6.34 60.50 31.91
N HIS A 538 -6.06 61.77 32.15
CA HIS A 538 -7.00 62.67 32.85
C HIS A 538 -6.90 64.05 32.18
N LEU A 539 -8.05 64.60 31.82
CA LEU A 539 -8.14 65.94 31.27
C LEU A 539 -8.76 66.86 32.35
N LEU A 540 -8.01 67.91 32.67
CA LEU A 540 -8.39 68.81 33.78
C LEU A 540 -8.69 70.21 33.28
N ARG A 541 -9.64 70.86 33.96
CA ARG A 541 -9.77 72.33 33.81
C ARG A 541 -9.36 72.93 35.19
N VAL A 542 -8.35 73.80 35.18
CA VAL A 542 -7.72 74.31 36.42
C VAL A 542 -8.04 75.81 36.45
N LYS A 543 -8.71 76.22 37.50
CA LYS A 543 -9.05 77.64 37.73
C LYS A 543 -8.24 78.11 38.93
N MET A 544 -7.44 79.17 38.74
CA MET A 544 -6.60 79.75 39.80
C MET A 544 -7.23 81.06 40.27
N ALA A 545 -6.93 81.43 41.51
CA ALA A 545 -7.44 82.71 42.05
C ALA A 545 -6.45 83.34 43.00
N SER A 546 -6.38 84.67 42.90
CA SER A 546 -5.72 85.46 43.92
C SER A 546 -6.83 86.11 44.72
N TYR A 547 -6.61 86.27 46.01
CA TYR A 547 -7.64 86.77 46.93
C TYR A 547 -6.97 87.66 47.96
N SER A 548 -7.74 88.66 48.35
CA SER A 548 -7.33 89.63 49.40
C SER A 548 -7.41 89.03 50.79
N VAL A 549 -6.41 89.35 51.62
CA VAL A 549 -6.49 89.06 53.07
C VAL A 549 -6.40 90.36 53.90
N GLN A 550 -6.51 91.51 53.25
CA GLN A 550 -6.27 92.85 53.81
C GLN A 550 -7.62 93.28 54.36
N ALA B 12 -36.58 51.06 62.14
CA ALA B 12 -35.21 50.71 62.61
C ALA B 12 -34.78 51.83 63.54
N PRO B 13 -34.21 51.44 64.68
CA PRO B 13 -33.71 52.39 65.65
C PRO B 13 -32.50 53.15 65.07
N LEU B 14 -32.32 54.40 65.51
CA LEU B 14 -31.14 55.17 65.15
C LEU B 14 -29.87 54.46 65.62
N PRO B 15 -28.78 54.55 64.84
CA PRO B 15 -27.43 54.26 65.34
C PRO B 15 -27.15 55.14 66.56
N GLU B 16 -26.42 54.61 67.53
CA GLU B 16 -26.02 55.39 68.75
C GLU B 16 -24.77 54.85 69.36
N LEU B 17 -23.95 55.74 69.88
CA LEU B 17 -22.78 55.34 70.63
C LEU B 17 -23.15 55.24 72.10
N LEU B 18 -23.01 54.05 72.69
CA LEU B 18 -23.25 53.79 74.13
C LEU B 18 -21.92 53.72 74.85
N SER B 19 -21.88 54.26 76.05
CA SER B 19 -20.67 54.24 76.91
C SER B 19 -21.08 53.83 78.33
N ASN B 20 -20.59 52.71 78.84
CA ASN B 20 -20.79 52.31 80.24
C ASN B 20 -19.78 51.26 80.69
N ASN B 21 -19.55 51.18 81.99
CA ASN B 21 -18.58 50.22 82.57
C ASN B 21 -17.18 50.50 81.99
N GLY B 22 -16.89 51.77 81.65
CA GLY B 22 -15.65 52.20 80.93
C GLY B 22 -15.51 51.55 79.56
N LYS B 23 -16.60 51.07 78.96
CA LYS B 23 -16.63 50.37 77.65
C LYS B 23 -17.59 51.09 76.69
N HIS B 24 -17.55 50.70 75.41
CA HIS B 24 -18.28 51.42 74.35
C HIS B 24 -18.85 50.45 73.34
N ALA B 25 -19.97 50.84 72.75
CA ALA B 25 -20.50 50.15 71.57
C ALA B 25 -21.09 51.16 70.59
N LEU B 26 -20.80 50.94 69.33
CA LEU B 26 -21.54 51.56 68.24
C LEU B 26 -22.79 50.71 67.96
N MET B 27 -23.97 51.12 68.39
CA MET B 27 -25.24 50.41 68.10
C MET B 27 -25.69 50.74 66.69
N VAL B 28 -25.89 49.71 65.85
CA VAL B 28 -26.47 49.80 64.50
C VAL B 28 -27.58 48.76 64.44
N ASP B 29 -28.78 49.20 64.13
CA ASP B 29 -29.98 48.33 64.04
C ASP B 29 -30.19 47.63 65.38
N GLY B 30 -29.86 48.31 66.50
CA GLY B 30 -30.24 47.87 67.86
C GLY B 30 -29.27 46.87 68.44
N ALA B 31 -28.03 46.77 67.89
CA ALA B 31 -27.04 45.85 68.47
C ALA B 31 -25.65 46.37 68.19
N PRO B 32 -24.65 46.01 69.00
CA PRO B 32 -23.30 46.46 68.72
C PRO B 32 -22.82 46.08 67.31
N TYR B 33 -21.98 46.89 66.76
CA TYR B 33 -21.52 46.79 65.36
C TYR B 33 -20.06 47.21 65.32
N ILE B 34 -19.27 46.55 64.44
CA ILE B 34 -17.89 46.88 64.15
C ILE B 34 -17.78 47.44 62.73
N ILE B 35 -17.27 48.63 62.58
CA ILE B 35 -16.93 49.16 61.26
C ILE B 35 -15.63 48.49 60.76
N LEU B 36 -15.81 47.55 59.81
CA LEU B 36 -14.69 46.98 59.02
C LEU B 36 -14.63 47.79 57.74
N GLY B 37 -13.96 48.90 57.86
CA GLY B 37 -14.20 49.99 56.93
C GLY B 37 -13.20 50.14 55.82
N SER B 38 -13.49 51.08 54.93
CA SER B 38 -12.58 51.57 53.91
C SER B 38 -12.92 53.00 53.62
N GLN B 39 -11.93 53.80 53.35
CA GLN B 39 -12.15 55.22 52.97
C GLN B 39 -11.67 55.41 51.54
N THR B 40 -12.41 56.15 50.77
CA THR B 40 -12.00 56.56 49.46
C THR B 40 -10.81 57.53 49.51
N ASN B 41 -10.19 57.74 48.38
CA ASN B 41 -9.27 58.88 48.04
C ASN B 41 -10.13 60.15 48.16
N ASN B 42 -9.44 61.25 48.25
CA ASN B 42 -10.08 62.56 48.57
C ASN B 42 -10.89 63.14 47.42
N SER B 43 -10.78 62.63 46.20
CA SER B 43 -11.47 63.20 45.02
C SER B 43 -12.40 62.15 44.40
N SER B 44 -12.96 61.26 45.24
CA SER B 44 -13.81 60.16 44.81
C SER B 44 -15.28 60.43 45.06
N ASN B 45 -15.58 61.62 45.59
CA ASN B 45 -16.93 61.99 46.09
C ASN B 45 -17.85 62.49 44.99
N TYR B 46 -17.89 61.81 43.84
CA TYR B 46 -18.73 62.20 42.70
C TYR B 46 -19.33 60.94 42.10
N PRO B 47 -20.52 61.03 41.48
CA PRO B 47 -21.15 59.82 40.93
C PRO B 47 -20.25 58.99 39.97
N ASP B 48 -19.53 59.66 39.12
CA ASP B 48 -18.66 59.02 38.09
C ASP B 48 -17.50 58.25 38.75
N ALA B 49 -17.06 58.60 39.96
CA ALA B 49 -15.92 57.94 40.61
C ALA B 49 -16.35 56.66 41.32
N LEU B 50 -17.65 56.48 41.59
CA LEU B 50 -18.07 55.35 42.47
C LEU B 50 -17.77 54.00 41.81
N LYS B 51 -17.81 53.93 40.48
CA LYS B 51 -17.46 52.65 39.82
C LYS B 51 -16.02 52.24 40.11
N ASP B 52 -15.15 53.16 40.55
CA ASP B 52 -13.73 52.91 40.91
C ASP B 52 -13.58 52.62 42.41
N VAL B 53 -14.67 52.65 43.14
CA VAL B 53 -14.70 52.47 44.62
C VAL B 53 -15.31 51.10 44.93
N TRP B 54 -16.48 50.78 44.39
CA TRP B 54 -17.20 49.54 44.87
C TRP B 54 -16.42 48.25 44.64
N PRO B 55 -15.69 48.07 43.52
CA PRO B 55 -14.97 46.80 43.34
C PRO B 55 -13.97 46.55 44.47
N SER B 56 -13.27 47.60 44.92
CA SER B 56 -12.29 47.46 45.99
C SER B 56 -13.02 47.09 47.28
N MET B 57 -14.20 47.67 47.53
N MET B 57 -14.19 47.69 47.54
CA MET B 57 -14.93 47.37 48.78
CA MET B 57 -14.96 47.39 48.77
C MET B 57 -15.30 45.89 48.79
C MET B 57 -15.33 45.91 48.80
N GLU B 58 -15.77 45.40 47.67
CA GLU B 58 -16.13 43.97 47.53
C GLU B 58 -14.89 43.09 47.77
N LYS B 59 -13.81 43.42 47.13
CA LYS B 59 -12.53 42.64 47.30
C LYS B 59 -12.09 42.67 48.78
N MET B 60 -12.27 43.80 49.44
CA MET B 60 -11.76 43.96 50.83
C MET B 60 -12.67 43.20 51.82
N GLY B 61 -13.97 43.09 51.50
CA GLY B 61 -14.98 42.55 52.42
C GLY B 61 -15.33 43.59 53.46
N ALA B 62 -15.14 44.87 53.12
CA ALA B 62 -15.58 45.94 54.04
C ALA B 62 -17.09 45.95 54.21
N ASN B 63 -17.56 46.38 55.39
CA ASN B 63 -18.98 46.50 55.65
C ASN B 63 -19.41 47.96 55.64
N THR B 64 -18.45 48.88 55.59
CA THR B 64 -18.77 50.33 55.77
C THR B 64 -17.79 51.14 54.91
N LEU B 65 -18.31 52.11 54.18
CA LEU B 65 -17.51 53.03 53.35
C LEU B 65 -17.56 54.41 54.00
N SER B 66 -16.37 54.95 54.21
CA SER B 66 -16.20 56.37 54.59
C SER B 66 -15.86 57.17 53.31
N ILE B 67 -16.64 58.22 53.03
CA ILE B 67 -16.47 58.98 51.80
C ILE B 67 -16.82 60.43 52.09
N PRO B 68 -16.13 61.38 51.43
CA PRO B 68 -16.47 62.79 51.68
C PRO B 68 -17.83 63.16 51.13
N VAL B 69 -18.49 64.09 51.81
CA VAL B 69 -19.49 65.00 51.24
C VAL B 69 -18.98 66.43 51.44
N ALA B 70 -18.72 67.13 50.38
CA ALA B 70 -18.03 68.45 50.43
C ALA B 70 -19.02 69.59 50.42
N TRP B 71 -18.75 70.58 51.28
CA TRP B 71 -19.59 71.80 51.29
C TRP B 71 -19.65 72.37 49.86
N GLU B 72 -18.53 72.37 49.16
CA GLU B 72 -18.45 72.98 47.81
C GLU B 72 -19.47 72.27 46.90
N GLN B 73 -19.69 70.97 47.09
CA GLN B 73 -20.57 70.26 46.12
C GLN B 73 -22.05 70.39 46.51
N ILE B 74 -22.36 70.49 47.82
CA ILE B 74 -23.80 70.61 48.21
C ILE B 74 -24.27 72.05 48.15
N GLU B 75 -23.39 73.07 48.23
CA GLU B 75 -23.84 74.52 48.22
C GLU B 75 -22.93 75.32 47.32
N PRO B 76 -22.87 74.98 46.00
CA PRO B 76 -21.86 75.58 45.13
C PRO B 76 -22.09 77.09 44.94
N VAL B 77 -23.32 77.49 45.13
CA VAL B 77 -23.78 78.90 45.12
C VAL B 77 -24.63 79.04 46.37
N GLU B 78 -24.48 80.16 47.05
CA GLU B 78 -25.06 80.28 48.40
C GLU B 78 -26.59 80.09 48.28
N GLY B 79 -27.15 79.19 49.08
CA GLY B 79 -28.59 78.94 49.12
C GLY B 79 -29.03 77.99 48.04
N GLN B 80 -28.14 77.54 47.14
CA GLN B 80 -28.58 76.66 46.04
C GLN B 80 -28.04 75.25 46.31
N PHE B 81 -28.82 74.42 46.97
CA PHE B 81 -28.33 73.12 47.46
C PHE B 81 -28.45 72.04 46.38
N ASP B 82 -27.51 71.14 46.40
CA ASP B 82 -27.39 70.05 45.37
C ASP B 82 -27.03 68.76 46.10
N PHE B 83 -27.99 67.84 46.26
CA PHE B 83 -27.75 66.54 46.94
C PHE B 83 -27.70 65.43 45.91
N SER B 84 -27.45 65.75 44.68
CA SER B 84 -27.36 64.72 43.60
C SER B 84 -26.32 63.64 43.89
N PHE B 85 -25.19 63.96 44.50
CA PHE B 85 -24.14 62.97 44.79
C PHE B 85 -24.66 62.06 45.89
N VAL B 86 -25.28 62.61 46.92
CA VAL B 86 -25.74 61.85 48.10
C VAL B 86 -26.82 60.86 47.67
N ASP B 87 -27.70 61.29 46.76
CA ASP B 87 -28.78 60.43 46.24
C ASP B 87 -28.14 59.20 45.59
N VAL B 88 -27.18 59.37 44.68
CA VAL B 88 -26.57 58.19 43.96
C VAL B 88 -25.86 57.32 45.00
N LEU B 89 -25.10 57.95 45.89
CA LEU B 89 -24.27 57.24 46.85
C LEU B 89 -25.17 56.36 47.74
N LEU B 90 -26.24 56.89 48.31
CA LEU B 90 -27.16 56.09 49.15
C LEU B 90 -27.70 54.88 48.36
N LYS B 91 -28.12 55.10 47.14
CA LYS B 91 -28.77 54.03 46.35
C LYS B 91 -27.73 52.96 46.04
N GLU B 92 -26.51 53.34 45.68
CA GLU B 92 -25.48 52.35 45.25
C GLU B 92 -24.98 51.64 46.50
N ALA B 93 -24.85 52.32 47.65
CA ALA B 93 -24.45 51.66 48.91
C ALA B 93 -25.46 50.56 49.29
N ARG B 94 -26.74 50.87 49.19
CA ARG B 94 -27.82 49.95 49.57
C ARG B 94 -27.80 48.75 48.62
N GLN B 95 -27.56 48.97 47.34
CA GLN B 95 -27.48 47.84 46.39
C GLN B 95 -26.40 46.87 46.82
N ARG B 96 -25.29 47.37 47.34
CA ARG B 96 -24.11 46.54 47.71
C ARG B 96 -24.13 46.11 49.18
N LYS B 97 -25.19 46.45 49.87
CA LYS B 97 -25.49 46.05 51.26
C LYS B 97 -24.32 46.48 52.14
N VAL B 98 -23.89 47.75 52.01
CA VAL B 98 -22.89 48.32 52.90
C VAL B 98 -23.45 49.59 53.53
N ARG B 99 -22.81 49.96 54.62
CA ARG B 99 -23.21 51.18 55.35
C ARG B 99 -22.20 52.28 55.04
N LEU B 100 -22.59 53.51 55.43
CA LEU B 100 -21.78 54.70 55.09
C LEU B 100 -21.42 55.51 56.34
N VAL B 101 -20.24 56.06 56.26
CA VAL B 101 -19.87 57.19 57.14
C VAL B 101 -19.57 58.37 56.22
N LEU B 102 -20.34 59.43 56.37
CA LEU B 102 -20.10 60.61 55.53
C LEU B 102 -19.12 61.53 56.22
N LEU B 103 -18.19 62.08 55.44
CA LEU B 103 -17.16 62.96 55.99
C LEU B 103 -17.48 64.38 55.52
N TRP B 104 -17.91 65.21 56.46
CA TRP B 104 -18.28 66.63 56.14
C TRP B 104 -17.02 67.47 55.96
N PHE B 105 -16.60 67.70 54.71
CA PHE B 105 -15.39 68.48 54.32
C PHE B 105 -15.87 69.92 54.11
N ALA B 106 -15.59 70.78 55.09
CA ALA B 106 -16.25 72.12 55.20
C ALA B 106 -15.24 73.19 55.66
N THR B 107 -15.45 73.77 56.84
CA THR B 107 -14.53 74.80 57.27
C THR B 107 -13.07 74.34 57.31
N TRP B 108 -12.87 73.10 57.76
CA TRP B 108 -11.51 72.55 57.76
C TRP B 108 -11.49 71.20 57.03
N LYS B 109 -10.47 71.08 56.20
CA LYS B 109 -10.02 69.81 55.63
C LYS B 109 -8.50 69.88 55.66
N ASN B 110 -7.89 69.14 56.59
CA ASN B 110 -6.41 69.21 56.76
C ASN B 110 -6.00 70.65 57.00
N ASN B 111 -6.73 71.26 57.96
CA ASN B 111 -6.46 72.67 58.42
C ASN B 111 -7.01 73.75 57.49
N ALA B 112 -7.41 73.47 56.28
CA ALA B 112 -7.59 74.42 55.18
C ALA B 112 -9.03 74.40 54.70
N PRO B 113 -9.47 75.48 54.00
CA PRO B 113 -10.83 75.60 53.48
C PRO B 113 -11.02 75.21 52.03
N HIS B 114 -10.19 74.30 51.51
CA HIS B 114 -10.20 74.04 50.06
C HIS B 114 -11.55 73.44 49.62
N TYR B 115 -12.27 72.71 50.49
CA TYR B 115 -13.55 72.07 50.14
C TYR B 115 -14.74 72.97 50.47
N ALA B 116 -14.46 74.16 51.00
CA ALA B 116 -15.55 75.14 51.17
C ALA B 116 -15.88 75.68 49.79
N PRO B 117 -17.13 76.13 49.57
CA PRO B 117 -17.47 76.73 48.29
C PRO B 117 -16.57 77.94 47.95
N ALA B 118 -16.53 78.32 46.71
CA ALA B 118 -15.66 79.43 46.26
C ALA B 118 -16.15 80.70 46.98
N TRP B 119 -17.47 80.88 47.11
CA TRP B 119 -18.03 82.09 47.77
C TRP B 119 -17.63 82.15 49.25
N VAL B 120 -17.17 81.05 49.83
CA VAL B 120 -16.60 81.03 51.18
C VAL B 120 -15.08 81.27 51.11
N LYS B 121 -14.35 80.39 50.45
CA LYS B 121 -12.89 80.37 50.60
C LYS B 121 -12.24 81.56 49.89
N LEU B 122 -12.92 82.26 49.00
CA LEU B 122 -12.27 83.43 48.33
C LEU B 122 -12.79 84.73 48.95
N ASP B 123 -13.50 84.65 50.06
CA ASP B 123 -14.03 85.94 50.69
C ASP B 123 -13.53 86.05 52.13
N ASN B 124 -12.25 86.45 52.29
CA ASN B 124 -11.61 86.55 53.61
C ASN B 124 -12.33 87.59 54.49
N ALA B 125 -12.91 88.63 53.93
CA ALA B 125 -13.48 89.71 54.77
C ALA B 125 -14.67 89.14 55.53
N ARG B 126 -15.42 88.28 54.83
CA ARG B 126 -16.62 87.68 55.42
C ARG B 126 -16.25 86.44 56.24
N PHE B 127 -15.24 85.71 55.79
CA PHE B 127 -14.88 84.40 56.36
C PHE B 127 -13.38 84.40 56.64
N PRO B 128 -12.97 84.96 57.80
CA PRO B 128 -11.58 85.31 57.98
C PRO B 128 -10.64 84.15 58.36
N ARG B 129 -9.43 84.30 57.87
CA ARG B 129 -8.30 83.41 58.19
C ARG B 129 -7.60 83.76 59.48
N VAL B 130 -6.97 82.77 60.06
CA VAL B 130 -5.92 82.86 61.08
C VAL B 130 -4.86 83.86 60.63
N VAL B 131 -4.55 84.79 61.54
CA VAL B 131 -3.42 85.72 61.38
C VAL B 131 -2.33 85.32 62.37
N LYS B 132 -1.11 85.21 61.85
CA LYS B 132 0.07 84.90 62.70
C LYS B 132 0.38 86.09 63.60
N GLU B 133 1.23 85.83 64.59
CA GLU B 133 1.72 86.85 65.52
C GLU B 133 2.44 87.95 64.71
N ASP B 134 3.08 87.63 63.58
CA ASP B 134 3.85 88.59 62.77
C ASP B 134 2.98 89.30 61.71
N GLY B 135 1.68 89.00 61.69
CA GLY B 135 0.65 89.72 60.89
C GLY B 135 0.41 89.10 59.52
N ASP B 136 1.22 88.10 59.12
CA ASP B 136 0.94 87.37 57.88
C ASP B 136 -0.24 86.41 58.08
N THR B 137 -0.90 86.06 56.99
CA THR B 137 -2.16 85.29 57.05
C THR B 137 -1.88 83.84 56.60
N LEU B 138 -2.52 82.88 57.25
CA LEU B 138 -2.43 81.44 56.87
C LEU B 138 -3.74 81.04 56.22
N ASN B 139 -3.69 80.07 55.30
CA ASN B 139 -4.91 79.55 54.68
C ASN B 139 -5.56 78.52 55.59
N SER B 140 -6.11 79.00 56.71
CA SER B 140 -6.76 78.22 57.76
C SER B 140 -7.83 79.12 58.34
N LEU B 141 -9.09 78.76 58.26
CA LEU B 141 -10.16 79.71 58.65
C LEU B 141 -10.19 79.82 60.17
N SER B 142 -10.32 81.04 60.68
CA SER B 142 -10.37 81.20 62.16
C SER B 142 -11.63 80.65 62.78
N PRO B 143 -11.54 79.94 63.91
CA PRO B 143 -12.75 79.44 64.54
C PRO B 143 -13.57 80.53 65.23
N LEU B 144 -13.07 81.76 65.27
N LEU B 144 -13.03 81.75 65.26
CA LEU B 144 -13.87 82.88 65.81
CA LEU B 144 -13.74 82.93 65.81
C LEU B 144 -14.61 83.62 64.72
C LEU B 144 -14.50 83.68 64.72
N GLY B 145 -14.49 83.22 63.47
CA GLY B 145 -15.29 83.83 62.40
C GLY B 145 -16.75 83.43 62.56
N GLN B 146 -17.60 84.32 63.03
CA GLN B 146 -19.01 84.01 63.37
C GLN B 146 -19.79 83.76 62.07
N ASN B 147 -19.44 84.40 60.98
CA ASN B 147 -20.18 84.24 59.71
C ASN B 147 -19.86 82.82 59.20
N THR B 148 -18.62 82.38 59.41
CA THR B 148 -18.14 81.06 58.88
C THR B 148 -18.91 79.98 59.62
N LEU B 149 -19.03 80.10 60.94
CA LEU B 149 -19.74 79.10 61.73
C LEU B 149 -21.19 79.06 61.27
N ALA B 150 -21.84 80.20 61.13
CA ALA B 150 -23.24 80.24 60.74
C ALA B 150 -23.40 79.59 59.37
N ALA B 151 -22.51 79.84 58.44
CA ALA B 151 -22.66 79.30 57.06
C ALA B 151 -22.44 77.77 57.03
N ASP B 152 -21.44 77.29 57.76
CA ASP B 152 -21.11 75.86 57.80
C ASP B 152 -22.31 75.18 58.44
N LYS B 153 -22.72 75.62 59.64
CA LYS B 153 -23.91 75.08 60.34
C LYS B 153 -25.14 75.03 59.38
N LYS B 154 -25.41 76.07 58.61
CA LYS B 154 -26.59 76.10 57.75
C LYS B 154 -26.52 75.01 56.69
N ALA B 155 -25.34 74.80 56.12
CA ALA B 155 -25.16 73.80 55.04
C ALA B 155 -25.26 72.42 55.70
N PHE B 156 -24.65 72.22 56.85
CA PHE B 156 -24.62 70.92 57.52
C PHE B 156 -26.04 70.55 57.87
N VAL B 157 -26.82 71.52 58.35
CA VAL B 157 -28.26 71.29 58.64
C VAL B 157 -28.98 70.76 57.38
N GLU B 158 -28.70 71.34 56.21
CA GLU B 158 -29.38 70.91 54.96
C GLU B 158 -28.99 69.45 54.68
N LEU B 159 -27.74 69.09 54.89
CA LEU B 159 -27.29 67.71 54.63
C LEU B 159 -28.06 66.79 55.56
N MET B 160 -28.17 67.13 56.84
CA MET B 160 -28.84 66.27 57.79
C MET B 160 -30.34 66.20 57.49
N LYS B 161 -30.91 67.28 56.93
CA LYS B 161 -32.33 67.25 56.54
C LYS B 161 -32.52 66.30 55.36
N TYR B 162 -31.56 66.21 54.49
CA TYR B 162 -31.62 65.32 53.31
C TYR B 162 -31.62 63.89 53.87
N LEU B 163 -30.75 63.58 54.83
CA LEU B 163 -30.70 62.23 55.41
C LEU B 163 -31.98 61.93 56.19
N ALA B 164 -32.53 62.90 56.91
CA ALA B 164 -33.81 62.67 57.61
C ALA B 164 -34.89 62.26 56.62
N LYS B 165 -34.89 62.90 55.45
CA LYS B 165 -35.95 62.72 54.45
C LYS B 165 -35.72 61.45 53.65
N ARG B 166 -34.47 61.11 53.37
CA ARG B 166 -34.14 60.11 52.32
C ARG B 166 -33.40 58.91 52.81
N ASP B 167 -33.11 58.81 54.11
CA ASP B 167 -32.33 57.69 54.67
C ASP B 167 -32.96 57.15 55.95
N LYS B 168 -34.22 56.71 55.86
CA LYS B 168 -35.02 56.30 57.03
C LYS B 168 -34.44 55.00 57.64
N ASP B 169 -33.74 54.16 56.87
CA ASP B 169 -33.18 52.92 57.42
C ASP B 169 -31.73 53.11 57.85
N HIS B 170 -31.24 54.35 57.86
CA HIS B 170 -29.90 54.70 58.37
C HIS B 170 -28.83 53.89 57.62
N THR B 171 -28.80 54.01 56.30
CA THR B 171 -27.64 53.55 55.52
C THR B 171 -26.38 54.29 56.04
N VAL B 172 -26.53 55.64 56.27
CA VAL B 172 -25.49 56.43 56.93
C VAL B 172 -25.63 56.21 58.44
N ILE B 173 -24.56 55.65 59.05
CA ILE B 173 -24.61 55.31 60.49
C ILE B 173 -23.88 56.35 61.36
N MET B 174 -23.00 57.17 60.76
CA MET B 174 -22.19 58.13 61.51
C MET B 174 -21.70 59.21 60.53
N VAL B 175 -21.49 60.43 61.06
CA VAL B 175 -20.99 61.60 60.27
C VAL B 175 -19.74 62.16 60.96
N GLN B 176 -18.70 62.36 60.17
CA GLN B 176 -17.49 63.02 60.62
C GLN B 176 -17.74 64.51 60.39
N VAL B 177 -17.57 65.32 61.46
CA VAL B 177 -17.75 66.80 61.35
C VAL B 177 -16.40 67.46 61.09
N GLN B 178 -16.16 67.97 59.88
CA GLN B 178 -14.88 68.51 59.40
C GLN B 178 -13.91 67.37 59.14
N ASN B 179 -12.72 67.70 58.70
CA ASN B 179 -11.67 66.68 58.55
C ASN B 179 -10.33 67.26 59.00
N GLU B 180 -9.84 66.73 60.12
CA GLU B 180 -8.53 67.18 60.69
C GLU B 180 -8.53 68.71 60.80
N VAL B 181 -9.28 69.15 61.77
CA VAL B 181 -9.28 70.59 62.11
C VAL B 181 -7.92 71.02 62.62
N GLY B 182 -7.71 72.34 62.67
CA GLY B 182 -6.49 72.87 63.27
C GLY B 182 -5.78 73.84 62.35
N THR B 183 -4.55 74.22 62.74
CA THR B 183 -3.73 75.11 61.91
C THR B 183 -2.28 74.64 61.91
N TYR B 184 -1.72 74.54 60.70
CA TYR B 184 -0.28 74.45 60.51
C TYR B 184 0.30 75.85 60.37
N GLY B 185 1.45 76.07 60.99
CA GLY B 185 2.24 77.33 60.79
C GLY B 185 2.04 78.39 61.85
N ALA B 186 1.12 78.17 62.77
CA ALA B 186 0.84 79.06 63.92
C ALA B 186 0.08 78.28 64.97
N VAL B 187 0.15 78.72 66.21
CA VAL B 187 -0.52 77.99 67.31
C VAL B 187 -2.00 78.36 67.39
N ARG B 188 -2.33 79.60 67.06
CA ARG B 188 -3.73 80.04 67.10
C ARG B 188 -3.92 81.25 66.17
N ASP B 189 -5.15 81.78 66.13
CA ASP B 189 -5.39 83.10 65.51
C ASP B 189 -4.90 84.19 66.48
N TYR B 190 -4.08 85.10 65.96
CA TYR B 190 -3.63 86.33 66.66
C TYR B 190 -4.22 87.62 66.07
N SER B 191 -5.24 87.52 65.22
CA SER B 191 -6.04 88.66 64.73
C SER B 191 -6.54 89.47 65.93
N PRO B 192 -6.82 90.77 65.73
CA PRO B 192 -7.45 91.60 66.75
C PRO B 192 -8.71 90.93 67.32
N MET B 193 -9.50 90.31 66.42
CA MET B 193 -10.78 89.66 66.80
C MET B 193 -10.47 88.53 67.77
N ALA B 194 -9.43 87.75 67.51
CA ALA B 194 -9.07 86.64 68.40
C ALA B 194 -8.43 87.15 69.70
N GLN B 195 -7.61 88.21 69.59
CA GLN B 195 -6.82 88.73 70.75
C GLN B 195 -7.88 89.24 71.77
N ALA B 196 -8.97 89.90 71.30
CA ALA B 196 -10.05 90.39 72.18
C ALA B 196 -10.59 89.26 73.06
N VAL B 197 -10.79 88.07 72.50
CA VAL B 197 -11.30 86.89 73.25
C VAL B 197 -10.19 86.33 74.13
N PHE B 198 -8.99 86.23 73.59
CA PHE B 198 -7.82 85.68 74.32
C PHE B 198 -7.52 86.51 75.58
N ASN B 199 -7.64 87.84 75.47
CA ASN B 199 -7.36 88.79 76.57
C ASN B 199 -8.47 88.84 77.61
N ALA B 200 -9.61 88.25 77.32
CA ALA B 200 -10.80 88.24 78.16
C ALA B 200 -10.78 87.02 79.07
N ALA B 201 -11.73 86.95 80.01
CA ALA B 201 -11.85 85.80 80.95
C ALA B 201 -12.03 84.50 80.19
N VAL B 202 -11.41 83.44 80.67
CA VAL B 202 -11.75 82.05 80.24
C VAL B 202 -13.22 81.86 80.60
N PRO B 203 -14.06 81.35 79.69
CA PRO B 203 -15.45 81.06 80.05
C PRO B 203 -15.62 80.17 81.31
N ASP B 204 -16.63 80.50 82.11
CA ASP B 204 -16.91 79.86 83.42
C ASP B 204 -17.04 78.37 83.13
N ASP B 205 -17.67 77.99 82.03
CA ASP B 205 -17.98 76.56 81.85
C ASP B 205 -16.65 75.77 81.80
N LEU B 206 -15.64 76.32 81.14
CA LEU B 206 -14.36 75.59 81.00
C LEU B 206 -13.65 75.55 82.36
N ILE B 207 -13.59 76.68 83.08
CA ILE B 207 -12.99 76.75 84.44
C ILE B 207 -13.67 75.71 85.31
N GLN B 208 -15.00 75.63 85.29
CA GLN B 208 -15.78 74.69 86.14
C GLN B 208 -15.39 73.24 85.78
N LYS B 209 -15.36 72.93 84.50
CA LYS B 209 -15.09 71.55 84.04
C LYS B 209 -13.65 71.17 84.29
N LEU B 210 -12.69 72.06 84.12
CA LEU B 210 -11.25 71.74 84.35
C LEU B 210 -10.87 71.95 85.83
N GLN B 211 -11.77 72.50 86.65
CA GLN B 211 -11.57 72.72 88.11
C GLN B 211 -10.34 73.61 88.32
N LEU B 212 -10.34 74.77 87.72
CA LEU B 212 -9.19 75.71 87.79
C LEU B 212 -9.71 76.98 88.45
N LYS B 213 -8.84 77.96 88.62
CA LYS B 213 -9.26 79.24 89.20
C LYS B 213 -9.52 80.17 88.02
N PRO B 214 -10.49 81.08 88.13
CA PRO B 214 -10.76 81.99 87.05
C PRO B 214 -9.59 82.92 86.70
N GLY B 215 -9.66 83.41 85.49
CA GLY B 215 -8.76 84.45 84.97
C GLY B 215 -8.80 84.49 83.46
N THR B 216 -7.86 85.20 82.88
CA THR B 216 -7.77 85.30 81.42
C THR B 216 -7.08 84.03 80.92
N TRP B 217 -7.06 83.84 79.59
CA TRP B 217 -6.35 82.67 79.01
C TRP B 217 -4.89 82.59 79.50
N SER B 218 -4.14 83.69 79.46
CA SER B 218 -2.70 83.68 79.82
C SER B 218 -2.58 83.30 81.30
N GLN B 219 -3.37 83.92 82.18
CA GLN B 219 -3.35 83.74 83.64
C GLN B 219 -3.63 82.29 83.95
N VAL B 220 -4.61 81.70 83.27
CA VAL B 220 -5.06 80.35 83.69
C VAL B 220 -4.10 79.29 83.12
N PHE B 221 -3.70 79.44 81.87
CA PHE B 221 -2.98 78.36 81.19
C PHE B 221 -1.50 78.58 80.96
N GLY B 222 -1.01 79.79 81.16
CA GLY B 222 0.42 80.07 81.01
C GLY B 222 0.93 79.68 79.60
N ARG B 223 1.98 78.88 79.56
CA ARG B 223 2.66 78.57 78.28
C ARG B 223 1.74 77.74 77.38
N ASP B 224 0.66 77.16 77.91
CA ASP B 224 -0.27 76.40 77.06
C ASP B 224 -1.45 77.28 76.61
N ALA B 225 -1.45 78.57 76.89
CA ALA B 225 -2.63 79.39 76.61
C ALA B 225 -2.94 79.41 75.12
N ASP B 226 -1.95 79.63 74.29
CA ASP B 226 -2.22 79.85 72.84
C ASP B 226 -2.84 78.56 72.23
N GLU B 227 -2.25 77.42 72.55
CA GLU B 227 -2.73 76.14 71.95
C GLU B 227 -4.06 75.74 72.57
N PHE B 228 -4.22 75.86 73.86
CA PHE B 228 -5.50 75.48 74.49
C PHE B 228 -6.59 76.40 73.99
N PHE B 229 -6.29 77.69 73.81
CA PHE B 229 -7.31 78.62 73.29
C PHE B 229 -7.76 78.22 71.88
N HIS B 230 -6.83 77.81 71.02
CA HIS B 230 -7.21 77.40 69.64
C HIS B 230 -8.04 76.10 69.76
N ALA B 231 -7.64 75.15 70.58
CA ALA B 231 -8.37 73.88 70.71
C ALA B 231 -9.77 74.19 71.19
N TYR B 232 -9.90 75.11 72.16
CA TYR B 232 -11.19 75.40 72.76
C TYR B 232 -12.06 75.99 71.66
N GLN B 233 -11.57 77.01 70.98
CA GLN B 233 -12.43 77.73 70.03
C GLN B 233 -12.84 76.79 68.88
N ILE B 234 -11.92 75.94 68.39
CA ILE B 234 -12.31 75.00 67.33
C ILE B 234 -13.33 74.00 67.91
N ALA B 235 -13.10 73.49 69.12
CA ALA B 235 -14.01 72.48 69.70
C ALA B 235 -15.41 73.10 69.81
N ARG B 236 -15.52 74.38 70.25
CA ARG B 236 -16.84 75.01 70.37
C ARG B 236 -17.51 75.11 69.00
N TYR B 237 -16.74 75.46 67.99
CA TYR B 237 -17.22 75.58 66.60
C TYR B 237 -17.76 74.23 66.16
N CYS B 238 -16.97 73.19 66.33
CA CYS B 238 -17.42 71.86 65.88
C CYS B 238 -18.63 71.38 66.69
N ASP B 239 -18.69 71.69 67.98
CA ASP B 239 -19.79 71.30 68.84
C ASP B 239 -21.07 71.97 68.35
N GLU B 240 -21.00 73.23 67.98
CA GLU B 240 -22.23 73.95 67.58
C GLU B 240 -22.71 73.41 66.20
N VAL B 241 -21.80 73.09 65.28
CA VAL B 241 -22.18 72.42 64.00
C VAL B 241 -22.86 71.08 64.29
N THR B 242 -22.25 70.29 65.16
CA THR B 242 -22.74 68.94 65.55
C THR B 242 -24.15 69.06 66.14
N VAL B 243 -24.36 69.99 67.13
CA VAL B 243 -25.66 70.09 67.81
C VAL B 243 -26.72 70.44 66.77
N ALA B 244 -26.44 71.38 65.88
CA ALA B 244 -27.39 71.82 64.85
C ALA B 244 -27.78 70.64 63.94
N GLY B 245 -26.81 69.85 63.49
CA GLY B 245 -27.15 68.67 62.65
C GLY B 245 -27.92 67.63 63.46
N LYS B 246 -27.50 67.35 64.69
N LYS B 246 -27.51 67.36 64.69
CA LYS B 246 -28.16 66.31 65.51
CA LYS B 246 -28.17 66.29 65.49
C LYS B 246 -29.63 66.66 65.75
C LYS B 246 -29.63 66.66 65.75
N ALA B 247 -29.92 67.95 65.91
CA ALA B 247 -31.30 68.41 66.13
C ALA B 247 -32.20 67.98 64.95
N ILE B 248 -31.61 67.83 63.75
CA ILE B 248 -32.37 67.34 62.57
C ILE B 248 -32.43 65.79 62.61
N LYS B 249 -31.30 65.12 62.77
CA LYS B 249 -31.25 63.64 62.86
C LYS B 249 -30.10 63.30 63.81
N ASN B 250 -30.41 62.65 64.92
CA ASN B 250 -29.47 62.37 66.04
C ASN B 250 -28.55 61.17 65.71
N LEU B 251 -27.78 61.29 64.63
CA LEU B 251 -26.72 60.28 64.30
C LEU B 251 -25.52 60.53 65.20
N PRO B 252 -24.76 59.48 65.51
CA PRO B 252 -23.43 59.61 66.10
C PRO B 252 -22.57 60.50 65.21
N MET B 253 -21.78 61.39 65.83
CA MET B 253 -20.88 62.31 65.06
C MET B 253 -19.52 62.36 65.77
N TYR B 254 -18.46 62.52 65.00
CA TYR B 254 -17.08 62.45 65.56
C TYR B 254 -16.20 63.40 64.81
N VAL B 255 -15.07 63.69 65.43
CA VAL B 255 -13.96 64.40 64.75
C VAL B 255 -12.74 63.48 64.63
N ASN B 256 -11.95 63.72 63.61
CA ASN B 256 -10.72 62.95 63.34
C ASN B 256 -9.46 63.79 63.43
N VAL B 257 -8.45 63.23 64.02
CA VAL B 257 -7.30 64.02 64.47
C VAL B 257 -6.09 63.79 63.53
N ALA B 258 -5.50 64.87 63.07
CA ALA B 258 -4.12 64.93 62.58
C ALA B 258 -3.18 64.76 63.73
N LEU B 259 -2.76 63.53 63.98
CA LEU B 259 -2.08 63.20 65.22
C LEU B 259 -0.72 63.88 65.29
N ARG B 260 -0.40 64.27 66.51
CA ARG B 260 0.98 64.58 66.83
C ARG B 260 1.68 63.28 67.25
N ASN B 261 2.97 63.21 67.06
CA ASN B 261 3.70 62.03 67.53
C ASN B 261 3.61 62.00 69.04
N PRO B 262 3.16 60.92 69.67
CA PRO B 262 2.91 60.94 71.11
C PRO B 262 4.16 60.91 71.97
N PHE B 263 5.25 60.50 71.37
CA PHE B 263 6.52 60.41 72.12
C PHE B 263 7.37 61.69 71.97
N ASN B 264 7.26 62.33 70.82
CA ASN B 264 8.14 63.41 70.35
C ASN B 264 7.34 64.27 69.38
N PRO B 265 6.36 65.03 69.90
CA PRO B 265 5.42 65.70 69.01
C PRO B 265 5.94 66.91 68.23
N GLY B 266 7.00 67.54 68.74
CA GLY B 266 7.32 68.87 68.20
C GLY B 266 6.37 69.92 68.74
N LEU B 267 6.38 71.05 68.07
CA LEU B 267 5.62 72.20 68.60
C LEU B 267 4.27 72.34 67.92
N PRO B 268 3.26 72.93 68.58
CA PRO B 268 1.99 73.14 67.91
C PRO B 268 2.27 74.12 66.78
N GLY B 269 1.66 73.88 65.64
CA GLY B 269 1.88 74.56 64.36
C GLY B 269 2.79 73.74 63.49
N GLN B 270 3.78 73.04 64.10
CA GLN B 270 4.52 71.95 63.38
C GLN B 270 3.52 70.82 63.14
N TYR B 271 2.96 70.29 64.22
CA TYR B 271 1.72 69.49 64.11
C TYR B 271 0.54 70.43 63.98
N SER B 272 -0.63 69.91 63.70
CA SER B 272 -1.87 70.69 63.47
C SER B 272 -2.42 71.21 64.83
N SER B 273 -2.13 72.47 65.15
CA SER B 273 -2.51 73.03 66.47
C SER B 273 -4.05 73.14 66.57
N GLY B 274 -4.63 72.73 67.68
CA GLY B 274 -6.08 72.94 67.91
C GLY B 274 -6.94 71.75 67.65
N GLY B 275 -6.41 70.77 66.87
CA GLY B 275 -7.12 69.52 66.78
C GLY B 275 -7.09 68.75 68.07
N GLY B 276 -7.76 67.59 68.10
CA GLY B 276 -7.83 66.74 69.28
C GLY B 276 -6.56 65.94 69.52
N THR B 277 -5.42 66.61 69.60
CA THR B 277 -4.16 65.94 69.97
C THR B 277 -4.20 65.50 71.44
N ASP B 278 -3.24 64.64 71.81
CA ASP B 278 -3.34 63.91 73.10
C ASP B 278 -3.29 64.91 74.27
N ASN B 279 -2.65 66.05 74.07
CA ASN B 279 -2.46 67.01 75.17
C ASN B 279 -3.65 67.95 75.33
N VAL B 280 -4.59 67.95 74.40
CA VAL B 280 -5.82 68.78 74.51
C VAL B 280 -7.08 67.96 74.55
N LEU B 281 -7.00 66.64 74.78
CA LEU B 281 -8.25 65.88 74.88
C LEU B 281 -9.14 66.42 76.01
N HIS B 282 -8.55 66.87 77.14
CA HIS B 282 -9.34 67.45 78.24
C HIS B 282 -10.05 68.74 77.78
N ILE B 283 -9.43 69.54 76.94
CA ILE B 283 -10.10 70.77 76.45
C ILE B 283 -11.25 70.35 75.52
N TRP B 284 -11.00 69.41 74.59
CA TRP B 284 -12.03 68.99 73.64
C TRP B 284 -13.20 68.31 74.37
N LYS B 285 -12.95 67.48 75.39
CA LYS B 285 -14.08 66.83 76.10
C LYS B 285 -14.90 67.89 76.84
N ALA B 286 -14.24 68.90 77.43
CA ALA B 286 -14.96 69.94 78.18
C ALA B 286 -15.77 70.80 77.21
N ALA B 287 -15.15 71.15 76.09
CA ALA B 287 -15.71 72.16 75.16
C ALA B 287 -16.79 71.59 74.24
N ALA B 288 -16.73 70.28 73.91
CA ALA B 288 -17.55 69.72 72.83
C ALA B 288 -18.29 68.48 73.33
N PRO B 289 -19.20 68.65 74.32
CA PRO B 289 -19.87 67.51 74.92
C PRO B 289 -20.85 66.80 73.98
N ASN B 290 -21.16 67.40 72.83
CA ASN B 290 -22.13 66.83 71.87
C ASN B 290 -21.42 65.98 70.83
N ILE B 291 -20.10 66.03 70.77
CA ILE B 291 -19.30 65.21 69.82
C ILE B 291 -19.09 63.87 70.50
N ASP B 292 -19.46 62.81 69.80
CA ASP B 292 -19.46 61.47 70.44
C ASP B 292 -18.09 60.89 70.71
N LEU B 293 -17.10 61.11 69.84
CA LEU B 293 -15.74 60.58 70.07
C LEU B 293 -14.74 61.39 69.24
N ILE B 294 -13.47 61.27 69.63
CA ILE B 294 -12.30 61.89 68.99
C ILE B 294 -11.49 60.68 68.44
N ALA B 295 -11.33 60.65 67.14
CA ALA B 295 -10.80 59.49 66.42
C ALA B 295 -9.39 59.75 65.90
N PRO B 296 -8.41 58.84 66.13
CA PRO B 296 -7.08 59.02 65.61
C PRO B 296 -7.01 58.66 64.12
N ASP B 297 -6.19 59.38 63.36
CA ASP B 297 -5.81 59.09 61.94
C ASP B 297 -4.37 58.70 62.00
N ILE B 298 -4.16 57.37 61.79
CA ILE B 298 -2.85 56.73 62.12
C ILE B 298 -2.04 56.50 60.86
N TYR B 299 -0.92 57.16 60.72
CA TYR B 299 0.00 56.92 59.60
C TYR B 299 1.42 56.62 60.13
N PHE B 300 1.60 56.53 61.44
CA PHE B 300 2.88 56.06 62.01
C PHE B 300 2.97 54.53 61.69
N ARG B 301 4.08 54.03 61.16
CA ARG B 301 4.14 52.61 60.71
C ARG B 301 4.52 51.68 61.86
N ASP B 302 5.28 52.21 62.83
CA ASP B 302 5.97 51.36 63.81
C ASP B 302 5.09 50.98 64.99
N TYR B 303 5.19 49.72 65.38
CA TYR B 303 4.36 49.12 66.39
C TYR B 303 4.34 49.98 67.66
N LYS B 304 5.51 50.43 68.16
CA LYS B 304 5.49 51.08 69.49
C LYS B 304 4.67 52.38 69.43
N THR B 305 4.77 53.10 68.34
CA THR B 305 4.09 54.46 68.26
C THR B 305 2.60 54.24 68.00
N VAL B 306 2.26 53.24 67.17
CA VAL B 306 0.83 52.93 66.91
C VAL B 306 0.22 52.47 68.24
N SER B 307 0.90 51.60 68.98
CA SER B 307 0.39 51.10 70.27
C SER B 307 0.10 52.27 71.22
N LYS B 308 1.03 53.21 71.27
CA LYS B 308 0.86 54.39 72.14
C LYS B 308 -0.36 55.22 71.73
N VAL B 309 -0.58 55.43 70.45
CA VAL B 309 -1.79 56.16 70.01
C VAL B 309 -3.02 55.40 70.46
N LEU B 310 -3.10 54.07 70.19
CA LEU B 310 -4.31 53.34 70.62
C LEU B 310 -4.54 53.46 72.15
N GLU B 311 -3.47 53.41 72.96
CA GLU B 311 -3.62 53.60 74.42
C GLU B 311 -4.18 55.02 74.75
N LEU B 312 -3.67 56.05 74.07
CA LEU B 312 -4.05 57.41 74.43
C LEU B 312 -5.49 57.68 74.00
N TYR B 313 -5.95 57.12 72.88
CA TYR B 313 -7.31 57.44 72.42
C TYR B 313 -8.39 56.49 72.92
N THR B 314 -8.01 55.41 73.61
CA THR B 314 -8.99 54.51 74.22
C THR B 314 -9.13 54.92 75.70
N ARG B 315 -10.25 55.54 76.03
CA ARG B 315 -10.47 56.09 77.37
C ARG B 315 -11.89 55.76 77.81
N PRO B 316 -12.20 55.82 79.14
CA PRO B 316 -13.56 55.65 79.56
C PRO B 316 -14.50 56.66 78.90
N ASP B 317 -14.02 57.85 78.64
CA ASP B 317 -14.81 58.90 77.97
C ASP B 317 -14.60 58.97 76.46
N ASN B 318 -13.99 57.95 75.82
CA ASN B 318 -13.65 58.11 74.39
C ASN B 318 -13.59 56.71 73.78
N ALA B 319 -14.64 56.33 73.05
CA ALA B 319 -14.62 55.10 72.24
C ALA B 319 -13.46 55.20 71.28
N LEU B 320 -12.83 54.04 70.97
CA LEU B 320 -11.77 54.02 69.97
C LEU B 320 -12.33 53.74 68.58
N PHE B 321 -12.11 54.64 67.68
CA PHE B 321 -12.44 54.50 66.22
C PHE B 321 -11.21 54.88 65.42
N VAL B 322 -10.56 53.91 64.74
CA VAL B 322 -9.41 54.23 63.86
C VAL B 322 -10.00 54.72 62.54
N ALA B 323 -10.28 56.03 62.49
CA ALA B 323 -11.08 56.65 61.43
C ALA B 323 -10.29 56.65 60.13
N GLU B 324 -8.94 56.66 60.22
CA GLU B 324 -8.06 56.51 59.06
C GLU B 324 -6.83 55.75 59.49
N ILE B 325 -6.37 54.87 58.61
CA ILE B 325 -5.04 54.24 58.80
C ILE B 325 -4.41 54.10 57.43
N GLY B 326 -3.10 54.06 57.37
CA GLY B 326 -2.47 53.86 56.07
C GLY B 326 -2.86 52.49 55.49
N ASN B 327 -2.77 52.45 54.17
CA ASN B 327 -3.20 51.27 53.41
C ASN B 327 -2.01 50.38 53.00
N ASP B 328 -0.81 50.69 53.43
CA ASP B 328 0.34 49.83 53.17
C ASP B 328 0.23 48.59 54.07
N GLN B 329 0.91 47.54 53.60
CA GLN B 329 0.86 46.21 54.28
C GLN B 329 1.02 46.28 55.80
N PRO B 330 2.02 47.02 56.35
CA PRO B 330 2.29 46.91 57.79
C PRO B 330 1.12 47.32 58.66
N PHE B 331 0.16 48.03 58.07
CA PHE B 331 -0.93 48.60 58.88
C PHE B 331 -2.08 47.63 59.14
N ALA B 332 -2.14 46.55 58.33
CA ALA B 332 -3.32 45.68 58.41
C ALA B 332 -3.39 45.03 59.82
N ARG B 333 -2.24 44.65 60.37
CA ARG B 333 -2.26 43.90 61.66
C ARG B 333 -2.73 44.75 62.83
N TYR B 334 -2.76 46.07 62.62
CA TYR B 334 -3.28 46.90 63.74
C TYR B 334 -4.77 46.79 63.94
N LEU B 335 -5.49 46.07 63.06
CA LEU B 335 -6.88 45.72 63.35
C LEU B 335 -7.00 44.95 64.66
N PHE B 336 -6.05 44.07 64.94
CA PHE B 336 -6.16 43.17 66.10
C PHE B 336 -6.10 43.95 67.42
N PRO B 337 -5.08 44.78 67.68
CA PRO B 337 -5.09 45.58 68.93
C PRO B 337 -6.24 46.57 68.92
N THR B 338 -6.61 47.11 67.76
CA THR B 338 -7.75 48.04 67.73
C THR B 338 -9.01 47.38 68.31
N LEU B 339 -9.32 46.16 67.85
CA LEU B 339 -10.52 45.47 68.37
C LEU B 339 -10.26 44.99 69.80
N GLY B 340 -9.02 44.58 70.13
CA GLY B 340 -8.73 44.14 71.50
C GLY B 340 -8.94 45.23 72.55
N LYS B 341 -8.82 46.50 72.12
CA LYS B 341 -9.04 47.64 73.04
C LYS B 341 -10.53 47.93 73.17
N GLY B 342 -11.39 47.18 72.47
CA GLY B 342 -12.81 47.48 72.40
C GLY B 342 -13.15 48.48 71.32
N GLY B 343 -12.25 48.68 70.37
CA GLY B 343 -12.50 49.56 69.23
C GLY B 343 -13.79 49.25 68.50
N ILE B 344 -14.48 50.30 68.04
CA ILE B 344 -15.75 50.20 67.27
C ILE B 344 -15.49 50.15 65.79
N GLY B 345 -14.28 50.34 65.35
CA GLY B 345 -14.01 50.33 63.90
C GLY B 345 -12.61 50.71 63.49
N PHE B 346 -12.33 50.50 62.22
CA PHE B 346 -10.98 50.56 61.60
C PHE B 346 -11.23 50.82 60.12
N SER B 347 -10.60 51.81 59.59
CA SER B 347 -10.90 52.32 58.24
C SER B 347 -9.62 52.73 57.50
N PRO B 348 -9.00 51.78 56.73
CA PRO B 348 -7.88 52.10 55.90
C PRO B 348 -8.22 53.12 54.81
N PHE B 349 -7.29 54.06 54.63
CA PHE B 349 -7.47 55.13 53.68
C PHE B 349 -6.95 54.79 52.27
N GLY B 350 -7.71 55.20 51.27
CA GLY B 350 -7.33 55.20 49.86
C GLY B 350 -7.66 53.89 49.22
N MET B 351 -8.80 53.30 49.61
CA MET B 351 -9.17 51.96 49.04
C MET B 351 -10.04 52.12 47.78
N ASP B 352 -9.46 52.72 46.76
CA ASP B 352 -10.16 52.86 45.46
C ASP B 352 -9.11 52.93 44.34
N ASP B 353 -9.59 52.72 43.13
CA ASP B 353 -8.71 52.66 41.94
C ASP B 353 -8.87 53.91 41.10
N THR B 354 -8.80 55.06 41.72
CA THR B 354 -8.92 56.41 41.06
C THR B 354 -7.55 56.98 40.74
N ASP B 355 -6.54 56.12 40.51
CA ASP B 355 -5.20 56.53 40.01
C ASP B 355 -4.52 57.51 40.95
N TYR B 356 -4.46 57.10 42.21
CA TYR B 356 -3.71 57.88 43.21
C TYR B 356 -3.13 56.94 44.25
N THR B 357 -1.86 57.20 44.64
CA THR B 357 -1.19 56.57 45.79
C THR B 357 -0.67 57.69 46.69
N ASN B 358 -0.88 57.50 47.99
CA ASN B 358 -0.49 58.54 48.99
C ASN B 358 0.84 58.14 49.58
N TYR B 359 1.56 57.20 48.98
CA TYR B 359 2.94 56.94 49.39
C TYR B 359 3.66 58.28 49.41
N PRO B 360 4.45 58.63 50.43
CA PRO B 360 4.91 57.73 51.49
C PRO B 360 3.96 57.38 52.67
N LEU B 361 2.76 57.96 52.78
CA LEU B 361 1.84 57.64 53.92
C LEU B 361 1.35 56.21 53.82
N GLY B 362 0.93 55.84 52.63
CA GLY B 362 0.34 54.53 52.32
C GLY B 362 1.16 53.77 51.33
N ALA B 363 0.51 52.80 50.70
CA ALA B 363 1.14 51.89 49.72
C ALA B 363 1.71 52.64 48.51
N LYS B 364 2.83 52.16 48.00
CA LYS B 364 3.49 52.71 46.78
C LYS B 364 2.64 52.36 45.56
N VAL B 365 1.96 51.23 45.60
CA VAL B 365 1.12 50.73 44.47
C VAL B 365 -0.28 50.46 45.03
N TYR B 366 -1.28 50.60 44.20
CA TYR B 366 -2.63 50.13 44.54
C TYR B 366 -3.04 49.04 43.57
N ASN B 367 -3.09 47.81 44.08
CA ASN B 367 -3.46 46.66 43.24
C ASN B 367 -4.18 45.63 44.14
N ASP B 368 -4.50 44.48 43.57
CA ASP B 368 -5.29 43.46 44.30
C ASP B 368 -4.53 43.02 45.55
N GLU B 369 -3.21 42.99 45.46
CA GLU B 369 -2.35 42.58 46.60
C GLU B 369 -2.47 43.62 47.71
N THR B 370 -2.50 44.92 47.36
CA THR B 370 -2.72 45.91 48.44
C THR B 370 -4.02 45.62 49.21
N ILE B 371 -5.10 45.35 48.48
CA ILE B 371 -6.42 45.11 49.10
C ILE B 371 -6.38 43.79 49.90
N GLU B 372 -5.71 42.79 49.33
CA GLU B 372 -5.74 41.46 49.97
C GLU B 372 -5.14 41.50 51.37
N GLN B 373 -4.18 42.40 51.65
CA GLN B 373 -3.63 42.38 53.03
C GLN B 373 -4.72 42.72 54.06
N PHE B 374 -5.64 43.60 53.70
CA PHE B 374 -6.80 43.89 54.58
C PHE B 374 -7.91 42.85 54.45
N ALA B 375 -8.14 42.34 53.25
CA ALA B 375 -9.22 41.34 53.11
C ALA B 375 -8.93 40.13 54.00
N GLN B 376 -7.67 39.78 54.11
CA GLN B 376 -7.29 38.56 54.89
C GLN B 376 -7.62 38.71 56.38
N VAL B 377 -7.48 39.93 56.92
CA VAL B 377 -7.74 40.08 58.35
C VAL B 377 -9.23 40.37 58.53
N TYR B 378 -9.87 41.05 57.58
CA TYR B 378 -11.33 41.24 57.71
C TYR B 378 -12.08 39.91 57.70
N ARG B 379 -11.56 38.93 56.95
CA ARG B 379 -12.16 37.57 56.88
C ARG B 379 -12.20 36.87 58.23
N LEU B 380 -11.33 37.24 59.18
CA LEU B 380 -11.36 36.67 60.53
C LEU B 380 -12.52 37.24 61.34
N VAL B 381 -12.91 38.48 61.05
CA VAL B 381 -13.91 39.18 61.93
C VAL B 381 -15.31 39.16 61.34
N ASN B 382 -15.42 39.30 60.01
CA ASN B 382 -16.75 39.37 59.38
C ASN B 382 -17.62 38.22 59.87
N PRO B 383 -17.17 36.95 59.87
CA PRO B 383 -18.10 35.89 60.20
C PRO B 383 -18.64 35.87 61.64
N MET B 384 -18.02 36.66 62.54
CA MET B 384 -18.43 36.78 63.95
C MET B 384 -18.69 38.24 64.29
N MET B 385 -18.96 39.08 63.31
CA MET B 385 -18.90 40.54 63.58
C MET B 385 -19.85 40.92 64.73
N ARG B 386 -21.10 40.49 64.67
CA ARG B 386 -22.08 40.89 65.71
C ARG B 386 -21.71 40.24 67.02
N GLU B 387 -21.27 38.98 67.02
CA GLU B 387 -20.95 38.32 68.29
C GLU B 387 -19.74 39.02 68.92
N TRP B 388 -18.71 39.25 68.14
CA TRP B 388 -17.51 39.99 68.61
C TRP B 388 -17.95 41.35 69.20
N ALA B 389 -18.78 42.08 68.48
CA ALA B 389 -19.12 43.44 68.95
C ALA B 389 -19.75 43.35 70.33
N ARG B 390 -20.71 42.44 70.51
CA ARG B 390 -21.37 42.26 71.81
C ARG B 390 -20.34 41.92 72.88
N LEU B 391 -19.47 40.95 72.60
CA LEU B 391 -18.47 40.53 73.61
C LEU B 391 -17.53 41.70 73.94
N SER B 392 -17.24 42.53 72.95
N SER B 392 -17.17 42.55 72.95
CA SER B 392 -16.32 43.69 73.13
CA SER B 392 -16.28 43.72 73.21
C SER B 392 -16.96 44.76 74.01
C SER B 392 -16.98 44.69 74.14
N TYR B 393 -18.26 44.88 73.93
CA TYR B 393 -18.99 45.88 74.73
C TYR B 393 -19.26 45.41 76.17
N GLN B 394 -19.72 44.17 76.37
N GLN B 394 -19.73 44.18 76.32
CA GLN B 394 -20.26 43.75 77.69
CA GLN B 394 -20.32 43.69 77.60
C GLN B 394 -19.32 42.73 78.31
C GLN B 394 -19.44 42.59 78.18
N GLY B 395 -18.30 42.36 77.55
CA GLY B 395 -17.45 41.22 77.93
C GLY B 395 -16.02 41.60 78.00
N GLN B 396 -15.23 40.54 77.95
CA GLN B 396 -13.80 40.64 77.99
C GLN B 396 -13.29 40.17 76.62
N VAL B 397 -12.58 41.06 75.98
CA VAL B 397 -11.82 40.76 74.77
C VAL B 397 -10.36 41.19 74.93
N TRP B 398 -9.56 40.58 74.08
CA TRP B 398 -8.12 40.83 73.93
C TRP B 398 -7.73 40.80 72.45
N GLY B 399 -6.73 41.54 72.08
CA GLY B 399 -6.23 41.54 70.69
C GLY B 399 -4.80 42.02 70.67
N VAL B 400 -3.97 41.35 69.95
CA VAL B 400 -2.53 41.63 69.82
C VAL B 400 -2.10 41.58 68.37
N ALA B 401 -1.09 42.36 68.03
CA ALA B 401 -0.37 42.36 66.76
C ALA B 401 1.11 42.05 66.99
N GLU B 402 1.70 41.46 65.94
CA GLU B 402 3.13 41.14 65.91
C GLU B 402 3.93 42.38 66.27
N PRO B 403 4.71 42.31 67.39
CA PRO B 403 5.22 43.53 67.98
C PRO B 403 6.62 43.98 67.54
N LEU B 404 7.22 43.28 66.61
CA LEU B 404 8.44 43.75 65.92
C LEU B 404 8.04 44.09 64.50
N ASP B 405 8.46 45.24 64.05
CA ASP B 405 8.28 45.68 62.68
C ASP B 405 9.20 44.85 61.77
N SER B 406 8.99 44.92 60.47
CA SER B 406 9.83 44.20 59.50
C SER B 406 11.27 44.66 59.66
N THR B 407 12.20 43.71 59.52
CA THR B 407 13.64 43.95 59.54
C THR B 407 13.97 44.78 58.30
N THR B 408 14.65 45.89 58.58
CA THR B 408 15.18 46.86 57.59
C THR B 408 16.39 46.26 56.83
N GLU B 409 16.76 46.86 55.69
CA GLU B 409 17.99 46.48 54.92
C GLU B 409 19.23 46.80 55.77
N THR B 410 19.07 47.62 56.82
CA THR B 410 20.11 48.04 57.82
C THR B 410 20.38 46.90 58.83
N GLN B 411 19.31 46.33 59.39
CA GLN B 411 19.40 45.18 60.32
C GLN B 411 19.91 43.95 59.54
N LYS B 412 19.68 43.91 58.21
CA LYS B 412 20.14 42.84 57.28
C LYS B 412 21.67 42.93 57.22
N ILE B 413 22.20 44.16 57.11
CA ILE B 413 23.64 44.50 57.20
C ILE B 413 24.19 43.99 58.54
N TRP B 414 23.73 44.57 59.67
CA TRP B 414 24.22 44.21 61.04
C TRP B 414 24.06 42.70 61.25
N ASN B 415 23.00 42.07 60.75
CA ASN B 415 23.01 40.60 60.54
C ASN B 415 24.12 40.35 59.50
N GLU B 421 28.31 34.36 67.64
CA GLU B 421 27.56 34.27 68.92
C GLU B 421 26.60 35.46 69.06
N GLU B 422 26.88 36.59 68.39
CA GLU B 422 26.00 37.79 68.33
C GLU B 422 24.67 37.43 67.64
N LYS B 423 24.74 36.70 66.52
CA LYS B 423 23.54 36.21 65.75
C LYS B 423 22.67 35.32 66.66
N GLU B 424 23.24 34.40 67.45
CA GLU B 424 22.49 33.56 68.44
C GLU B 424 21.80 34.44 69.50
N GLN B 425 22.46 35.43 70.09
CA GLN B 425 21.81 36.24 71.17
C GLN B 425 20.67 37.06 70.55
N HIS B 426 20.86 37.61 69.34
CA HIS B 426 19.85 38.47 68.69
C HIS B 426 18.65 37.60 68.40
N LYS B 427 18.90 36.35 68.02
CA LYS B 427 17.83 35.38 67.72
C LYS B 427 17.01 35.16 69.00
N LYS B 428 17.66 35.02 70.16
CA LYS B 428 17.00 34.77 71.48
C LYS B 428 16.21 36.05 71.82
N ASP B 429 16.79 37.21 71.56
CA ASP B 429 16.15 38.48 71.95
C ASP B 429 14.88 38.68 71.10
N ARG B 430 14.94 38.37 69.81
CA ARG B 430 13.77 38.55 68.91
C ARG B 430 12.70 37.54 69.33
N ALA B 431 13.09 36.31 69.62
CA ALA B 431 12.11 35.27 70.02
C ALA B 431 11.37 35.74 71.27
N SER B 432 12.08 36.38 72.19
CA SER B 432 11.49 36.80 73.46
C SER B 432 10.52 37.98 73.14
N ALA B 433 10.94 38.92 72.29
CA ALA B 433 10.08 40.07 71.87
C ALA B 433 8.85 39.62 71.09
N LEU B 434 8.96 38.51 70.37
CA LEU B 434 7.84 37.95 69.54
C LEU B 434 7.04 36.96 70.37
N THR B 435 7.05 37.10 71.69
CA THR B 435 6.29 36.26 72.61
C THR B 435 5.45 37.21 73.47
N GLN B 436 4.14 37.15 73.38
CA GLN B 436 3.20 37.99 74.17
C GLN B 436 2.36 37.13 75.12
N GLN B 437 2.25 37.57 76.36
N GLN B 437 2.19 37.56 76.36
CA GLN B 437 1.36 37.01 77.39
CA GLN B 437 1.39 36.89 77.40
C GLN B 437 0.06 37.81 77.43
C GLN B 437 0.13 37.74 77.68
N LEU B 438 -1.02 37.09 77.66
CA LEU B 438 -2.34 37.65 77.93
C LEU B 438 -2.95 36.94 79.13
N ASP B 439 -3.38 37.69 80.11
CA ASP B 439 -4.00 37.15 81.33
C ASP B 439 -5.51 37.06 81.11
N LEU B 440 -5.99 35.83 80.96
CA LEU B 440 -7.42 35.67 80.59
C LEU B 440 -8.25 35.18 81.79
N GLY B 441 -7.78 35.44 83.01
CA GLY B 441 -8.48 35.07 84.26
C GLY B 441 -7.86 33.81 84.84
N LEU B 442 -8.55 32.67 84.71
CA LEU B 442 -8.03 31.35 85.20
C LEU B 442 -6.96 30.78 84.27
N TRP B 443 -6.91 31.28 83.03
CA TRP B 443 -6.01 30.83 81.96
C TRP B 443 -5.29 32.03 81.38
N ASP B 444 -4.08 31.82 80.93
CA ASP B 444 -3.27 32.75 80.15
C ASP B 444 -3.13 32.19 78.73
N ALA B 445 -2.92 33.07 77.78
CA ALA B 445 -2.54 32.75 76.41
C ALA B 445 -1.14 33.30 76.18
N GLU B 446 -0.35 32.58 75.43
CA GLU B 446 0.95 33.03 74.94
C GLU B 446 0.87 33.07 73.42
N VAL B 447 1.06 34.22 72.83
CA VAL B 447 1.00 34.40 71.36
C VAL B 447 2.44 34.57 70.85
N THR B 448 2.79 33.77 69.84
CA THR B 448 4.10 33.81 69.21
C THR B 448 3.94 33.92 67.70
N TYR B 449 4.94 34.42 67.03
CA TYR B 449 4.86 34.80 65.60
C TYR B 449 6.02 34.22 64.79
N GLY B 450 5.66 33.55 63.68
CA GLY B 450 6.69 33.11 62.71
C GLY B 450 7.39 31.86 63.12
N ARG B 451 6.66 30.76 63.11
CA ARG B 451 7.24 29.46 63.45
C ARG B 451 6.42 28.39 62.79
N PRO B 452 6.99 27.16 62.66
CA PRO B 452 6.22 26.07 62.09
C PRO B 452 4.98 25.72 62.90
N MET B 453 4.10 24.93 62.30
CA MET B 453 2.83 24.53 62.90
C MET B 453 2.97 23.28 63.79
N PHE B 454 4.19 22.77 63.84
CA PHE B 454 4.54 21.49 64.49
C PHE B 454 5.86 21.71 65.25
N TRP B 455 5.95 21.20 66.47
CA TRP B 455 7.15 21.23 67.32
C TRP B 455 7.35 22.63 67.88
N VAL B 456 8.52 22.88 68.47
CA VAL B 456 8.69 24.08 69.36
C VAL B 456 9.89 24.94 68.94
N THR B 457 10.34 24.90 67.69
CA THR B 457 11.37 25.86 67.23
C THR B 457 10.93 27.26 67.64
N PRO B 458 11.78 28.08 68.27
CA PRO B 458 11.39 29.42 68.68
C PRO B 458 10.90 30.31 67.55
N PRO B 459 10.02 31.27 67.85
CA PRO B 459 9.57 32.24 66.84
C PRO B 459 10.65 33.18 66.29
N GLU B 460 10.58 33.45 64.99
CA GLU B 460 11.54 34.29 64.23
C GLU B 460 10.80 35.43 63.50
N GLY B 461 9.50 35.50 63.64
CA GLY B 461 8.73 36.57 63.03
C GLY B 461 8.33 36.21 61.60
N ASN B 462 7.23 36.78 61.19
CA ASN B 462 6.79 36.76 59.79
C ASN B 462 7.55 37.82 59.00
N THR B 463 7.75 37.56 57.69
N THR B 463 7.77 37.56 57.70
CA THR B 463 8.41 38.50 56.76
CA THR B 463 8.43 38.54 56.80
C THR B 463 7.46 38.76 55.61
C THR B 463 7.48 38.77 55.62
N PRO B 464 6.82 39.94 55.52
CA PRO B 464 6.93 41.01 56.50
C PRO B 464 6.14 40.78 57.80
N ALA B 465 6.36 41.64 58.80
CA ALA B 465 5.59 41.52 60.05
C ALA B 465 4.11 41.61 59.70
N ALA B 466 3.26 40.76 60.23
CA ALA B 466 1.86 40.68 59.78
C ALA B 466 0.91 39.99 60.76
N GLY B 467 1.40 39.31 61.77
CA GLY B 467 0.53 38.41 62.55
C GLY B 467 -0.30 39.11 63.61
N GLY B 468 -1.29 38.44 64.15
CA GLY B 468 -2.03 38.92 65.32
C GLY B 468 -2.99 37.90 65.83
N ALA B 469 -3.74 38.22 66.87
CA ALA B 469 -4.71 37.32 67.48
C ALA B 469 -5.83 38.11 68.11
N LEU B 470 -6.99 37.52 68.10
CA LEU B 470 -8.17 37.94 68.87
C LEU B 470 -8.67 36.87 69.82
N ILE B 471 -9.01 37.24 71.04
CA ILE B 471 -9.59 36.31 72.04
C ILE B 471 -10.75 36.98 72.73
N ALA B 472 -11.85 36.29 72.86
CA ALA B 472 -12.99 36.75 73.65
C ALA B 472 -13.35 35.69 74.70
N GLN B 473 -13.64 36.09 75.91
CA GLN B 473 -13.97 35.14 76.99
C GLN B 473 -15.45 34.80 76.85
N LEU B 474 -15.77 33.52 76.77
CA LEU B 474 -17.17 33.09 76.72
C LEU B 474 -17.62 32.64 78.12
N ASP B 475 -16.72 32.12 78.94
CA ASP B 475 -17.03 31.60 80.29
C ASP B 475 -15.69 31.43 81.00
N ASP B 476 -15.69 31.00 82.27
CA ASP B 476 -14.46 30.93 83.07
C ASP B 476 -13.38 30.12 82.39
N ASN B 477 -13.78 29.09 81.62
CA ASN B 477 -12.80 28.15 81.03
C ASN B 477 -12.96 28.04 79.54
N GLU B 478 -13.62 29.02 78.92
CA GLU B 478 -13.95 28.92 77.50
C GLU B 478 -13.72 30.24 76.81
N TYR B 479 -13.16 30.18 75.63
CA TYR B 479 -12.67 31.35 74.85
C TYR B 479 -12.94 31.14 73.36
N LEU B 480 -13.31 32.22 72.70
CA LEU B 480 -13.41 32.33 71.24
C LEU B 480 -12.03 32.84 70.81
N VAL B 481 -11.44 32.22 69.82
CA VAL B 481 -10.05 32.49 69.39
C VAL B 481 -9.99 32.54 67.88
N THR B 482 -9.42 33.55 67.31
CA THR B 482 -9.04 33.55 65.88
C THR B 482 -7.73 34.31 65.71
N ALA B 483 -6.81 33.81 64.95
CA ALA B 483 -5.48 34.44 64.80
C ALA B 483 -4.97 34.31 63.39
N TYR B 484 -3.82 34.87 63.13
CA TYR B 484 -3.33 35.17 61.76
C TYR B 484 -1.81 35.15 61.82
N LYS B 485 -1.21 34.16 61.16
CA LYS B 485 0.24 34.05 61.08
C LYS B 485 0.83 34.04 62.49
N ALA B 486 0.34 33.18 63.33
CA ALA B 486 0.70 33.14 64.73
C ALA B 486 0.33 31.82 65.36
N ARG B 487 0.95 31.57 66.49
CA ARG B 487 0.59 30.45 67.39
C ARG B 487 -0.06 31.01 68.66
N VAL B 488 -1.13 30.38 69.14
CA VAL B 488 -1.77 30.74 70.43
C VAL B 488 -1.73 29.52 71.30
N GLU B 489 -1.10 29.62 72.47
CA GLU B 489 -1.04 28.51 73.44
C GLU B 489 -1.62 28.94 74.79
N PHE B 490 -2.45 28.08 75.37
CA PHE B 490 -3.13 28.25 76.67
C PHE B 490 -2.36 27.53 77.76
N LYS B 491 -2.34 28.15 78.95
CA LYS B 491 -1.80 27.53 80.17
C LYS B 491 -2.56 28.11 81.38
N PRO B 492 -2.43 27.47 82.55
CA PRO B 492 -3.11 27.99 83.74
C PRO B 492 -2.50 29.35 84.05
N SER B 493 -3.34 30.28 84.51
CA SER B 493 -2.90 31.65 84.94
C SER B 493 -2.28 31.60 86.34
N GLN B 494 -2.69 30.65 87.18
CA GLN B 494 -2.23 30.54 88.59
C GLN B 494 -1.79 29.09 88.82
N GLU B 495 -0.92 28.89 89.79
CA GLU B 495 -0.39 27.56 90.20
C GLU B 495 -1.61 26.70 90.53
N LEU B 496 -1.63 25.47 90.04
CA LEU B 496 -2.72 24.55 90.34
C LEU B 496 -2.22 23.78 91.55
N ALA B 497 -3.11 23.24 92.29
CA ALA B 497 -2.71 22.99 93.70
C ALA B 497 -2.44 21.50 93.74
N GLY B 498 -1.59 21.02 92.86
CA GLY B 498 -1.45 19.55 92.63
C GLY B 498 -2.24 19.04 91.44
N LYS B 499 -3.09 19.84 90.82
CA LYS B 499 -3.83 19.37 89.64
C LYS B 499 -2.99 19.44 88.36
N LYS B 500 -3.46 18.74 87.31
CA LYS B 500 -2.91 18.88 85.95
C LYS B 500 -3.87 19.74 85.11
N PHE B 501 -3.48 20.09 83.90
CA PHE B 501 -4.40 20.77 82.99
C PHE B 501 -4.27 20.22 81.59
N MET B 502 -5.33 20.43 80.84
CA MET B 502 -5.29 20.12 79.40
C MET B 502 -6.28 21.04 78.66
N ILE B 503 -6.17 21.05 77.33
CA ILE B 503 -7.31 21.41 76.48
C ILE B 503 -8.41 20.38 76.69
N GLU B 504 -9.60 20.80 76.99
CA GLU B 504 -10.74 19.86 77.07
C GLU B 504 -11.25 19.65 75.66
N ARG B 505 -11.48 20.72 74.90
N ARG B 505 -11.35 20.73 74.90
CA ARG B 505 -12.04 20.63 73.52
CA ARG B 505 -11.95 20.70 73.55
C ARG B 505 -11.83 21.92 72.75
C ARG B 505 -11.59 21.97 72.81
N VAL B 506 -11.31 21.84 71.53
CA VAL B 506 -11.21 22.96 70.54
C VAL B 506 -12.16 22.65 69.40
N GLU B 507 -13.15 23.49 69.16
CA GLU B 507 -14.05 23.34 68.01
C GLU B 507 -13.77 24.47 67.03
N GLU B 508 -13.71 24.14 65.75
CA GLU B 508 -13.80 25.10 64.66
C GLU B 508 -15.24 25.19 64.22
N GLY B 509 -15.73 26.40 64.02
CA GLY B 509 -17.09 26.58 63.56
C GLY B 509 -17.43 28.03 63.22
N ARG B 510 -18.72 28.29 63.29
CA ARG B 510 -19.25 29.57 62.84
C ARG B 510 -20.54 29.84 63.60
N PHE B 511 -20.95 31.07 63.50
CA PHE B 511 -22.23 31.51 64.07
C PHE B 511 -23.24 31.64 62.94
N GLU B 512 -24.39 31.02 63.13
CA GLU B 512 -25.53 31.15 62.20
C GLU B 512 -26.75 31.61 63.01
N LYS B 513 -27.39 32.72 62.64
CA LYS B 513 -28.57 33.22 63.41
C LYS B 513 -28.15 33.36 64.89
N GLY B 514 -26.88 33.74 65.16
CA GLY B 514 -26.30 33.87 66.53
C GLY B 514 -26.04 32.55 67.29
N LYS B 515 -26.22 31.40 66.66
CA LYS B 515 -26.03 30.01 67.22
C LYS B 515 -24.67 29.44 66.74
N TRP B 516 -23.87 28.88 67.63
CA TRP B 516 -22.60 28.21 67.27
C TRP B 516 -22.91 26.92 66.52
N VAL B 517 -22.25 26.77 65.38
CA VAL B 517 -22.35 25.55 64.55
C VAL B 517 -20.91 25.01 64.48
N MET B 518 -20.66 23.85 65.07
N MET B 518 -20.76 23.80 64.96
CA MET B 518 -19.34 23.17 64.98
CA MET B 518 -19.46 23.11 64.86
C MET B 518 -19.17 22.52 63.59
C MET B 518 -19.26 22.64 63.42
N GLU B 519 -18.02 22.80 62.98
CA GLU B 519 -17.54 22.17 61.72
C GLU B 519 -16.67 21.00 62.05
N ARG B 520 -15.68 21.16 62.93
CA ARG B 520 -14.79 20.03 63.24
C ARG B 520 -14.14 20.30 64.60
N VAL B 521 -13.58 19.29 65.17
CA VAL B 521 -12.76 19.34 66.40
C VAL B 521 -11.31 19.38 66.00
N TRP B 522 -10.58 20.37 66.47
CA TRP B 522 -9.11 20.37 66.38
C TRP B 522 -8.58 19.51 67.49
N ASN B 523 -7.71 18.57 67.13
CA ASN B 523 -7.12 17.69 68.14
C ASN B 523 -5.80 17.16 67.58
N GLY B 524 -5.09 16.35 68.35
CA GLY B 524 -3.85 15.72 67.89
C GLY B 524 -2.85 16.78 67.48
N ASP B 525 -2.28 16.66 66.31
CA ASP B 525 -1.27 17.59 65.77
C ASP B 525 -1.79 19.03 65.90
N GLN B 526 -3.08 19.23 65.71
CA GLN B 526 -3.59 20.63 65.58
C GLN B 526 -3.64 21.28 66.95
N THR B 527 -3.51 20.55 68.05
CA THR B 527 -3.53 21.19 69.42
C THR B 527 -2.31 20.81 70.28
N ASP B 528 -1.43 19.93 69.78
CA ASP B 528 -0.24 19.54 70.53
C ASP B 528 0.79 20.68 70.70
N TRP B 529 0.82 21.58 69.72
CA TRP B 529 1.88 22.59 69.57
C TRP B 529 1.22 23.98 69.56
N GLY B 530 0.29 24.19 70.48
CA GLY B 530 -0.56 25.36 70.44
C GLY B 530 -1.52 25.32 69.29
N LEU B 531 -2.15 26.45 69.04
CA LEU B 531 -3.15 26.64 67.99
C LEU B 531 -2.50 27.50 66.92
N ASN B 532 -2.23 26.90 65.75
CA ASN B 532 -1.41 27.49 64.70
C ASN B 532 -2.26 27.97 63.56
N PHE B 533 -2.07 29.23 63.19
CA PHE B 533 -2.87 29.93 62.17
C PHE B 533 -1.93 30.45 61.08
N THR B 534 -2.38 30.37 59.84
CA THR B 534 -1.70 30.88 58.67
C THR B 534 -2.43 32.14 58.24
N ASP B 535 -2.66 32.25 56.97
CA ASP B 535 -3.42 33.37 56.37
C ASP B 535 -4.91 33.05 56.23
N ARG B 536 -5.31 31.82 56.49
CA ARG B 536 -6.71 31.42 56.25
C ARG B 536 -7.51 31.59 57.54
N PRO B 537 -8.81 31.85 57.42
CA PRO B 537 -9.66 32.11 58.56
C PRO B 537 -10.12 30.82 59.24
N HIS B 538 -9.99 30.79 60.55
CA HIS B 538 -10.54 29.74 61.42
C HIS B 538 -11.00 30.38 62.73
N LEU B 539 -12.25 30.16 63.06
CA LEU B 539 -12.79 30.63 64.33
C LEU B 539 -12.96 29.45 65.25
N LEU B 540 -12.32 29.51 66.39
CA LEU B 540 -12.28 28.40 67.36
C LEU B 540 -13.02 28.73 68.65
N ARG B 541 -13.60 27.72 69.28
CA ARG B 541 -14.06 27.73 70.68
C ARG B 541 -13.14 26.80 71.46
N VAL B 542 -12.44 27.31 72.43
CA VAL B 542 -11.40 26.63 73.21
C VAL B 542 -11.93 26.50 74.63
N LYS B 543 -12.11 25.27 75.09
CA LYS B 543 -12.48 24.93 76.48
C LYS B 543 -11.24 24.29 77.13
N MET B 544 -10.77 24.87 78.22
CA MET B 544 -9.64 24.39 79.03
C MET B 544 -10.16 23.72 80.29
N ALA B 545 -9.36 22.79 80.84
CA ALA B 545 -9.76 22.10 82.09
C ALA B 545 -8.53 21.81 82.93
N SER B 546 -8.71 22.00 84.24
CA SER B 546 -7.84 21.43 85.27
C SER B 546 -8.48 20.18 85.81
N TYR B 547 -7.64 19.18 86.11
CA TYR B 547 -8.16 17.89 86.61
C TYR B 547 -7.21 17.35 87.69
N SER B 548 -7.82 16.56 88.54
CA SER B 548 -7.14 15.93 89.68
C SER B 548 -6.40 14.66 89.22
N VAL B 549 -5.22 14.42 89.77
CA VAL B 549 -4.52 13.10 89.61
C VAL B 549 -4.25 12.51 91.00
N GLN B 550 -4.89 13.01 92.05
CA GLN B 550 -4.73 12.53 93.44
C GLN B 550 -4.98 11.02 93.51
N HIS C 9 -8.01 2.61 -11.50
CA HIS C 9 -8.24 3.56 -10.35
C HIS C 9 -6.89 4.11 -9.88
N HIS C 10 -5.82 3.37 -10.05
CA HIS C 10 -4.53 3.69 -9.38
C HIS C 10 -3.49 3.91 -10.49
N ALA C 11 -3.46 5.15 -10.97
CA ALA C 11 -2.83 5.50 -12.24
C ALA C 11 -1.50 6.17 -11.93
N ALA C 12 -1.21 6.45 -10.66
CA ALA C 12 -0.02 7.24 -10.29
C ALA C 12 1.23 6.46 -10.66
N PRO C 13 2.19 7.10 -11.33
CA PRO C 13 3.49 6.46 -11.60
C PRO C 13 4.18 6.13 -10.30
N LEU C 14 5.01 5.13 -10.38
CA LEU C 14 5.82 4.68 -9.25
C LEU C 14 6.76 5.82 -8.94
N PRO C 15 7.05 6.09 -7.65
CA PRO C 15 8.23 6.89 -7.36
C PRO C 15 9.49 6.32 -8.00
N GLU C 16 10.44 7.18 -8.32
CA GLU C 16 11.74 6.78 -8.90
C GLU C 16 12.77 7.84 -8.60
N LEU C 17 13.99 7.42 -8.49
CA LEU C 17 15.17 8.29 -8.42
C LEU C 17 15.72 8.48 -9.80
N LEU C 18 15.72 9.71 -10.31
CA LEU C 18 16.33 10.09 -11.58
C LEU C 18 17.71 10.64 -11.29
N SER C 19 18.63 10.39 -12.17
CA SER C 19 20.02 10.93 -12.14
C SER C 19 20.42 11.27 -13.58
N ASN C 20 20.76 12.54 -13.85
N ASN C 20 20.71 12.53 -13.88
CA ASN C 20 21.06 13.05 -15.19
CA ASN C 20 21.07 13.01 -15.24
C ASN C 20 21.95 14.29 -15.04
C ASN C 20 21.92 14.28 -15.08
N ASN C 21 23.00 14.36 -15.86
CA ASN C 21 23.95 15.50 -15.89
C ASN C 21 24.52 15.77 -14.49
N GLY C 22 24.72 14.73 -13.69
CA GLY C 22 25.31 14.85 -12.35
C GLY C 22 24.34 15.44 -11.33
N LYS C 23 23.06 15.54 -11.70
CA LYS C 23 22.01 16.00 -10.79
C LYS C 23 21.03 14.85 -10.54
N HIS C 24 20.13 15.04 -9.59
CA HIS C 24 19.23 13.98 -9.10
C HIS C 24 17.87 14.55 -8.72
N ALA C 25 16.83 13.76 -8.87
CA ALA C 25 15.47 14.08 -8.39
C ALA C 25 14.79 12.83 -7.86
N LEU C 26 14.15 12.91 -6.73
CA LEU C 26 13.17 11.89 -6.31
C LEU C 26 11.82 12.23 -6.94
N MET C 27 11.42 11.44 -7.92
CA MET C 27 10.12 11.67 -8.55
C MET C 27 9.04 11.00 -7.72
N VAL C 28 7.98 11.75 -7.37
CA VAL C 28 6.81 11.26 -6.61
C VAL C 28 5.60 11.77 -7.36
N ASP C 29 4.74 10.86 -7.81
CA ASP C 29 3.51 11.22 -8.58
C ASP C 29 3.96 11.99 -9.84
N GLY C 30 5.13 11.62 -10.44
CA GLY C 30 5.51 12.05 -11.79
C GLY C 30 6.19 13.39 -11.79
N ALA C 31 6.64 13.87 -10.62
CA ALA C 31 7.40 15.15 -10.56
C ALA C 31 8.35 15.14 -9.39
N PRO C 32 9.43 15.94 -9.48
CA PRO C 32 10.37 16.04 -8.37
C PRO C 32 9.68 16.38 -7.03
N TYR C 33 10.24 15.81 -5.98
CA TYR C 33 9.68 15.90 -4.60
C TYR C 33 10.85 16.07 -3.65
N ILE C 34 10.61 16.85 -2.58
CA ILE C 34 11.57 16.98 -1.45
C ILE C 34 10.94 16.35 -0.21
N ILE C 35 11.62 15.38 0.41
CA ILE C 35 11.28 14.83 1.73
C ILE C 35 11.65 15.87 2.80
N LEU C 36 10.59 16.49 3.31
CA LEU C 36 10.74 17.33 4.51
C LEU C 36 10.28 16.42 5.63
N GLY C 37 11.25 15.66 6.12
CA GLY C 37 10.89 14.44 6.86
C GLY C 37 10.89 14.52 8.35
N SER C 38 10.39 13.49 8.98
N SER C 38 10.46 13.44 8.94
CA SER C 38 10.58 13.21 10.40
CA SER C 38 10.47 13.19 10.38
C SER C 38 10.72 11.71 10.58
C SER C 38 10.72 11.70 10.55
N GLN C 39 11.60 11.28 11.45
CA GLN C 39 11.73 9.87 11.78
C GLN C 39 11.33 9.64 13.22
N THR C 40 10.59 8.58 13.50
CA THR C 40 10.22 8.16 14.86
C THR C 40 11.41 7.68 15.66
N ASN C 41 11.22 7.63 16.98
CA ASN C 41 12.09 6.84 17.85
C ASN C 41 12.00 5.36 17.42
N ASN C 42 12.94 4.59 17.87
CA ASN C 42 13.17 3.19 17.41
C ASN C 42 12.08 2.24 17.84
N SER C 43 11.26 2.55 18.83
CA SER C 43 10.23 1.69 19.45
C SER C 43 8.83 2.22 19.24
N SER C 44 8.60 2.92 18.13
CA SER C 44 7.35 3.55 17.81
C SER C 44 6.62 2.84 16.67
N ASN C 45 7.17 1.69 16.26
CA ASN C 45 6.68 0.93 15.07
C ASN C 45 5.50 0.02 15.44
N TYR C 46 4.51 0.48 16.22
CA TYR C 46 3.35 -0.30 16.68
C TYR C 46 2.10 0.57 16.61
N PRO C 47 0.93 0.00 16.38
CA PRO C 47 -0.30 0.79 16.27
C PRO C 47 -0.51 1.73 17.45
N ASP C 48 -0.25 1.25 18.66
CA ASP C 48 -0.56 2.03 19.89
C ASP C 48 0.38 3.24 19.97
N ALA C 49 1.55 3.19 19.37
CA ALA C 49 2.55 4.29 19.46
C ALA C 49 2.18 5.45 18.53
N LEU C 50 1.40 5.20 17.48
CA LEU C 50 1.25 6.19 16.41
C LEU C 50 0.57 7.45 16.97
N LYS C 51 -0.26 7.36 18.01
CA LYS C 51 -0.92 8.59 18.55
C LYS C 51 0.14 9.53 19.09
N ASP C 52 1.30 9.02 19.44
CA ASP C 52 2.42 9.82 19.97
C ASP C 52 3.35 10.31 18.86
N VAL C 53 3.10 9.96 17.59
CA VAL C 53 3.92 10.36 16.42
C VAL C 53 3.18 11.44 15.65
N TRP C 54 1.91 11.26 15.33
CA TRP C 54 1.27 12.20 14.39
C TRP C 54 1.26 13.66 14.88
N PRO C 55 1.00 13.94 16.18
CA PRO C 55 0.88 15.35 16.59
C PRO C 55 2.20 16.08 16.29
N SER C 56 3.32 15.43 16.58
CA SER C 56 4.65 15.98 16.27
C SER C 56 4.81 16.23 14.78
N MET C 57 4.41 15.26 13.92
CA MET C 57 4.55 15.45 12.48
C MET C 57 3.76 16.70 12.06
N GLU C 58 2.54 16.84 12.59
CA GLU C 58 1.69 18.00 12.26
C GLU C 58 2.39 19.29 12.71
N LYS C 59 2.85 19.36 13.95
CA LYS C 59 3.52 20.58 14.47
C LYS C 59 4.77 20.88 13.62
N MET C 60 5.48 19.85 13.13
CA MET C 60 6.74 20.06 12.38
C MET C 60 6.42 20.53 10.94
N GLY C 61 5.25 20.19 10.40
CA GLY C 61 4.97 20.44 8.98
C GLY C 61 5.72 19.49 8.03
N ALA C 62 6.06 18.28 8.54
CA ALA C 62 6.70 17.28 7.69
C ALA C 62 5.73 16.69 6.69
N ASN C 63 6.30 16.38 5.54
CA ASN C 63 5.47 15.77 4.46
C ASN C 63 5.68 14.25 4.39
N THR C 64 6.66 13.72 5.08
CA THR C 64 7.05 12.28 4.94
C THR C 64 7.50 11.79 6.29
N LEU C 65 6.98 10.67 6.72
CA LEU C 65 7.37 10.01 7.97
C LEU C 65 8.27 8.80 7.67
N SER C 66 9.45 8.73 8.25
CA SER C 66 10.31 7.51 8.26
C SER C 66 10.02 6.73 9.52
N ILE C 67 9.71 5.46 9.41
CA ILE C 67 9.31 4.65 10.56
C ILE C 67 9.78 3.21 10.31
N PRO C 68 10.22 2.48 11.35
CA PRO C 68 10.64 1.08 11.15
C PRO C 68 9.47 0.16 10.85
N VAL C 69 9.82 -0.84 10.03
CA VAL C 69 9.07 -2.11 9.97
C VAL C 69 10.09 -3.20 10.24
N ALA C 70 9.88 -3.90 11.33
CA ALA C 70 10.87 -4.84 11.84
C ALA C 70 10.57 -6.24 11.32
N TRP C 71 11.64 -6.96 11.02
CA TRP C 71 11.48 -8.39 10.64
C TRP C 71 10.81 -9.17 11.79
N GLU C 72 11.16 -8.89 13.07
CA GLU C 72 10.54 -9.56 14.24
C GLU C 72 9.03 -9.40 14.23
N GLN C 73 8.52 -8.26 13.75
CA GLN C 73 7.07 -8.01 13.87
C GLN C 73 6.33 -8.55 12.66
N ILE C 74 6.97 -8.64 11.51
CA ILE C 74 6.22 -9.19 10.35
C ILE C 74 6.38 -10.71 10.24
N GLU C 75 7.38 -11.33 10.86
CA GLU C 75 7.57 -12.80 10.77
C GLU C 75 7.95 -13.34 12.16
N PRO C 76 7.09 -13.17 13.18
CA PRO C 76 7.48 -13.51 14.55
C PRO C 76 7.83 -14.97 14.74
N VAL C 77 7.15 -15.76 13.89
CA VAL C 77 7.34 -17.23 13.83
C VAL C 77 7.60 -17.52 12.38
N GLU C 78 8.52 -18.43 12.07
CA GLU C 78 8.96 -18.57 10.66
C GLU C 78 7.71 -18.92 9.84
N GLY C 79 7.54 -18.21 8.73
CA GLY C 79 6.45 -18.47 7.76
C GLY C 79 5.09 -17.90 8.15
N GLN C 80 4.99 -17.31 9.34
N GLN C 80 4.98 -17.28 9.33
CA GLN C 80 3.72 -16.75 9.82
CA GLN C 80 3.68 -16.81 9.89
C GLN C 80 3.84 -15.23 9.75
C GLN C 80 3.64 -15.26 9.81
N PHE C 81 3.37 -14.68 8.63
CA PHE C 81 3.49 -13.23 8.42
C PHE C 81 2.36 -12.46 9.07
N ASP C 82 2.71 -11.26 9.53
CA ASP C 82 1.73 -10.34 10.18
C ASP C 82 2.00 -8.90 9.75
N PHE C 83 1.11 -8.38 8.94
CA PHE C 83 1.21 -7.01 8.37
C PHE C 83 0.23 -6.05 9.09
N SER C 84 -0.27 -6.41 10.28
CA SER C 84 -1.29 -5.62 11.04
C SER C 84 -0.75 -4.21 11.29
N PHE C 85 0.52 -4.06 11.54
CA PHE C 85 1.08 -2.71 11.80
C PHE C 85 1.09 -1.91 10.49
N VAL C 86 1.56 -2.53 9.42
CA VAL C 86 1.64 -1.85 8.11
C VAL C 86 0.25 -1.34 7.70
N ASP C 87 -0.77 -2.16 7.85
CA ASP C 87 -2.18 -1.82 7.51
C ASP C 87 -2.60 -0.51 8.21
N VAL C 88 -2.42 -0.48 9.54
CA VAL C 88 -2.79 0.68 10.36
C VAL C 88 -1.98 1.89 9.89
N LEU C 89 -0.68 1.72 9.72
CA LEU C 89 0.20 2.81 9.34
C LEU C 89 -0.21 3.44 8.01
N LEU C 90 -0.46 2.60 7.00
CA LEU C 90 -0.87 3.10 5.67
C LEU C 90 -2.15 3.89 5.86
N LYS C 91 -3.13 3.33 6.55
CA LYS C 91 -4.43 4.03 6.69
C LYS C 91 -4.28 5.35 7.43
N GLU C 92 -3.49 5.37 8.47
CA GLU C 92 -3.42 6.62 9.24
C GLU C 92 -2.58 7.66 8.50
N ALA C 93 -1.54 7.29 7.76
CA ALA C 93 -0.77 8.22 6.89
C ALA C 93 -1.69 8.83 5.87
N ARG C 94 -2.50 8.03 5.20
CA ARG C 94 -3.37 8.59 4.14
C ARG C 94 -4.42 9.54 4.73
N GLN C 95 -4.91 9.25 5.94
CA GLN C 95 -5.88 10.16 6.60
C GLN C 95 -5.24 11.56 6.73
N ARG C 96 -3.95 11.59 6.99
CA ARG C 96 -3.20 12.83 7.25
C ARG C 96 -2.49 13.36 6.02
N LYS C 97 -2.68 12.73 4.89
CA LYS C 97 -2.18 13.18 3.58
C LYS C 97 -0.67 13.39 3.75
N VAL C 98 0.04 12.39 4.27
CA VAL C 98 1.52 12.36 4.28
C VAL C 98 1.99 11.06 3.61
N ARG C 99 3.25 11.07 3.27
CA ARG C 99 3.95 9.90 2.67
C ARG C 99 4.84 9.24 3.67
N LEU C 100 5.29 8.05 3.31
CA LEU C 100 6.03 7.15 4.21
C LEU C 100 7.33 6.67 3.59
N VAL C 101 8.34 6.56 4.44
CA VAL C 101 9.54 5.79 4.09
C VAL C 101 9.61 4.71 5.13
N LEU C 102 9.61 3.45 4.66
CA LEU C 102 9.66 2.35 5.64
C LEU C 102 11.13 1.96 5.84
N LEU C 103 11.49 1.63 7.09
CA LEU C 103 12.87 1.27 7.44
C LEU C 103 12.88 -0.19 7.79
N TRP C 104 13.42 -1.01 6.89
CA TRP C 104 13.44 -2.49 7.08
C TRP C 104 14.56 -2.81 8.08
N PHE C 105 14.18 -3.03 9.31
CA PHE C 105 15.11 -3.40 10.40
C PHE C 105 15.14 -4.94 10.43
N ALA C 106 16.30 -5.50 10.04
CA ALA C 106 16.33 -6.97 9.71
C ALA C 106 17.71 -7.53 10.08
N THR C 107 18.52 -8.00 9.11
CA THR C 107 19.82 -8.59 9.43
C THR C 107 20.69 -7.60 10.23
N TRP C 108 20.71 -6.32 9.87
CA TRP C 108 21.43 -5.31 10.67
C TRP C 108 20.47 -4.19 11.08
N LYS C 109 20.62 -3.81 12.36
CA LYS C 109 20.15 -2.53 12.87
C LYS C 109 21.30 -2.06 13.76
N ASN C 110 21.99 -0.99 13.33
CA ASN C 110 23.17 -0.51 14.10
C ASN C 110 24.11 -1.71 14.36
N ASN C 111 24.41 -2.45 13.31
CA ASN C 111 25.43 -3.54 13.28
C ASN C 111 24.86 -4.86 13.78
N ALA C 112 23.70 -4.87 14.42
CA ALA C 112 23.23 -5.97 15.28
C ALA C 112 21.94 -6.57 14.78
N PRO C 113 21.62 -7.81 15.20
CA PRO C 113 20.39 -8.44 14.74
C PRO C 113 19.21 -8.37 15.71
N HIS C 114 19.16 -7.33 16.54
CA HIS C 114 18.15 -7.25 17.61
C HIS C 114 16.74 -7.17 17.06
N TYR C 115 16.55 -6.70 15.83
CA TYR C 115 15.19 -6.63 15.26
C TYR C 115 14.88 -7.84 14.38
N ALA C 116 15.81 -8.76 14.28
CA ALA C 116 15.43 -10.03 13.59
C ALA C 116 14.59 -10.85 14.55
N PRO C 117 13.74 -11.77 14.06
CA PRO C 117 12.93 -12.60 14.94
C PRO C 117 13.80 -13.46 15.86
N ALA C 118 13.20 -13.90 16.94
CA ALA C 118 13.90 -14.77 17.92
C ALA C 118 14.47 -16.03 17.26
N TRP C 119 13.70 -16.58 16.33
CA TRP C 119 14.15 -17.80 15.60
C TRP C 119 15.34 -17.55 14.69
N VAL C 120 15.63 -16.30 14.37
CA VAL C 120 16.89 -15.90 13.71
C VAL C 120 17.96 -15.58 14.73
N LYS C 121 17.73 -14.58 15.60
CA LYS C 121 18.84 -14.01 16.35
C LYS C 121 19.34 -14.99 17.42
N LEU C 122 18.55 -15.98 17.81
CA LEU C 122 18.98 -16.94 18.83
C LEU C 122 19.48 -18.24 18.19
N ASP C 123 19.65 -18.31 16.85
CA ASP C 123 20.13 -19.56 16.19
C ASP C 123 21.41 -19.24 15.39
N ASN C 124 22.54 -19.18 16.10
CA ASN C 124 23.83 -18.83 15.51
C ASN C 124 24.28 -19.91 14.51
N ALA C 125 23.99 -21.19 14.76
CA ALA C 125 24.47 -22.21 13.82
C ALA C 125 23.83 -21.98 12.43
N ARG C 126 22.54 -21.66 12.42
CA ARG C 126 21.83 -21.42 11.15
C ARG C 126 22.20 -20.06 10.59
N PHE C 127 22.30 -19.07 11.48
CA PHE C 127 22.45 -17.64 11.12
C PHE C 127 23.69 -17.08 11.81
N PRO C 128 24.88 -17.28 11.23
CA PRO C 128 26.12 -17.08 11.98
C PRO C 128 26.56 -15.61 12.11
N ARG C 129 27.18 -15.35 13.25
CA ARG C 129 27.83 -14.06 13.59
C ARG C 129 29.25 -13.97 13.03
N VAL C 130 29.69 -12.75 12.88
CA VAL C 130 31.10 -12.33 12.69
C VAL C 130 31.95 -12.96 13.79
N VAL C 131 33.07 -13.57 13.39
CA VAL C 131 34.07 -14.13 14.33
C VAL C 131 35.30 -13.24 14.21
N LYS C 132 35.80 -12.81 15.35
CA LYS C 132 37.01 -11.96 15.42
C LYS C 132 38.25 -12.79 15.03
N GLU C 133 39.34 -12.12 14.71
CA GLU C 133 40.64 -12.76 14.44
C GLU C 133 41.00 -13.63 15.66
N ASP C 134 40.64 -13.21 16.89
CA ASP C 134 41.03 -14.01 18.10
C ASP C 134 40.04 -15.14 18.38
N GLY C 135 39.07 -15.37 17.52
CA GLY C 135 38.10 -16.47 17.62
C GLY C 135 36.90 -16.10 18.50
N ASP C 136 36.90 -14.95 19.21
CA ASP C 136 35.70 -14.47 19.94
C ASP C 136 34.63 -14.04 18.91
N THR C 137 33.37 -14.05 19.35
CA THR C 137 32.20 -13.81 18.48
C THR C 137 31.54 -12.45 18.81
N LEU C 138 31.20 -11.66 17.79
CA LEU C 138 30.48 -10.40 17.99
C LEU C 138 29.00 -10.59 17.67
N ASN C 139 28.13 -9.76 18.22
CA ASN C 139 26.69 -9.82 17.94
C ASN C 139 26.44 -8.97 16.69
N SER C 140 26.89 -9.46 15.53
CA SER C 140 26.76 -8.83 14.21
C SER C 140 26.69 -10.00 13.21
N LEU C 141 25.60 -10.13 12.50
CA LEU C 141 25.46 -11.31 11.61
C LEU C 141 26.43 -11.19 10.42
N SER C 142 27.14 -12.30 10.08
CA SER C 142 28.07 -12.29 8.95
C SER C 142 27.30 -12.14 7.62
N PRO C 143 27.77 -11.26 6.69
CA PRO C 143 27.18 -11.19 5.36
C PRO C 143 27.44 -12.41 4.48
N LEU C 144 28.29 -13.32 4.95
CA LEU C 144 28.50 -14.57 4.21
C LEU C 144 27.54 -15.67 4.64
N GLY C 145 26.69 -15.43 5.61
CA GLY C 145 25.69 -16.41 6.06
C GLY C 145 24.59 -16.59 5.01
N GLN C 146 24.66 -17.65 4.19
CA GLN C 146 23.70 -17.81 3.05
C GLN C 146 22.27 -18.03 3.55
N ASN C 147 22.09 -18.68 4.69
CA ASN C 147 20.72 -18.92 5.20
C ASN C 147 20.11 -17.58 5.67
N THR C 148 20.94 -16.72 6.22
CA THR C 148 20.50 -15.40 6.74
C THR C 148 19.99 -14.58 5.55
N LEU C 149 20.80 -14.52 4.51
CA LEU C 149 20.41 -13.76 3.30
C LEU C 149 19.09 -14.31 2.77
N ALA C 150 18.95 -15.66 2.59
CA ALA C 150 17.71 -16.21 2.02
C ALA C 150 16.49 -15.86 2.90
N ALA C 151 16.63 -15.89 4.23
CA ALA C 151 15.50 -15.65 5.16
C ALA C 151 15.16 -14.15 5.16
N ASP C 152 16.15 -13.26 5.15
CA ASP C 152 15.87 -11.79 5.13
C ASP C 152 15.13 -11.50 3.83
N LYS C 153 15.69 -11.98 2.70
CA LYS C 153 15.13 -11.75 1.35
C LYS C 153 13.66 -12.20 1.38
N LYS C 154 13.40 -13.41 1.90
CA LYS C 154 12.05 -13.97 1.83
C LYS C 154 11.08 -13.04 2.56
N ALA C 155 11.47 -12.58 3.74
CA ALA C 155 10.53 -11.73 4.52
C ALA C 155 10.38 -10.37 3.82
N PHE C 156 11.47 -9.82 3.31
CA PHE C 156 11.47 -8.52 2.58
C PHE C 156 10.54 -8.58 1.39
N VAL C 157 10.62 -9.68 0.64
CA VAL C 157 9.69 -9.95 -0.48
C VAL C 157 8.25 -9.93 0.03
N GLU C 158 7.95 -10.56 1.16
CA GLU C 158 6.56 -10.55 1.67
C GLU C 158 6.14 -9.10 1.99
N LEU C 159 7.03 -8.31 2.58
CA LEU C 159 6.67 -6.88 2.85
C LEU C 159 6.36 -6.16 1.52
N MET C 160 7.19 -6.34 0.52
CA MET C 160 7.00 -5.74 -0.81
C MET C 160 5.70 -6.23 -1.44
N LYS C 161 5.40 -7.52 -1.31
CA LYS C 161 4.12 -8.01 -1.82
C LYS C 161 2.93 -7.33 -1.14
N TYR C 162 3.05 -7.04 0.15
CA TYR C 162 1.98 -6.37 0.89
C TYR C 162 1.79 -5.00 0.22
N LEU C 163 2.89 -4.28 0.00
CA LEU C 163 2.78 -2.95 -0.62
C LEU C 163 2.21 -3.05 -2.03
N ALA C 164 2.63 -4.05 -2.81
CA ALA C 164 2.14 -4.21 -4.15
C ALA C 164 0.62 -4.36 -4.12
N LYS C 165 0.10 -5.17 -3.17
CA LYS C 165 -1.34 -5.50 -3.16
C LYS C 165 -2.13 -4.36 -2.46
N ARG C 166 -1.53 -3.63 -1.51
CA ARG C 166 -2.36 -2.79 -0.62
C ARG C 166 -1.92 -1.32 -0.64
N ASP C 167 -0.99 -0.92 -1.48
CA ASP C 167 -0.49 0.48 -1.53
C ASP C 167 -0.32 0.94 -2.97
N LYS C 168 -1.40 0.87 -3.75
N LYS C 168 -1.40 0.86 -3.75
CA LYS C 168 -1.35 1.14 -5.20
CA LYS C 168 -1.35 1.14 -5.20
C LYS C 168 -1.17 2.61 -5.54
C LYS C 168 -1.16 2.60 -5.54
N ASP C 169 -1.42 3.51 -4.58
CA ASP C 169 -1.18 4.96 -4.81
C ASP C 169 0.19 5.34 -4.24
N HIS C 170 0.96 4.40 -3.71
CA HIS C 170 2.35 4.65 -3.29
C HIS C 170 2.38 5.67 -2.13
N THR C 171 1.60 5.41 -1.11
CA THR C 171 1.73 6.13 0.19
C THR C 171 3.17 5.98 0.64
N VAL C 172 3.71 4.75 0.57
CA VAL C 172 5.14 4.46 0.76
C VAL C 172 5.90 4.77 -0.52
N ILE C 173 6.86 5.74 -0.46
CA ILE C 173 7.58 6.29 -1.61
C ILE C 173 8.98 5.71 -1.71
N MET C 174 9.50 5.12 -0.64
CA MET C 174 10.88 4.66 -0.63
C MET C 174 11.02 3.70 0.57
N VAL C 175 11.99 2.78 0.45
CA VAL C 175 12.27 1.79 1.51
C VAL C 175 13.78 1.79 1.77
N GLN C 176 14.08 1.84 3.06
CA GLN C 176 15.47 1.73 3.52
C GLN C 176 15.76 0.26 3.79
N VAL C 177 16.80 -0.29 3.17
CA VAL C 177 17.06 -1.74 3.34
C VAL C 177 18.12 -1.88 4.41
N GLN C 178 17.75 -2.51 5.52
CA GLN C 178 18.56 -2.61 6.76
C GLN C 178 18.68 -1.24 7.42
N ASN C 179 19.35 -1.17 8.54
CA ASN C 179 19.62 0.14 9.22
C ASN C 179 21.08 0.12 9.72
N GLU C 180 21.92 0.95 9.14
CA GLU C 180 23.34 1.10 9.54
C GLU C 180 24.00 -0.29 9.68
N VAL C 181 24.17 -0.88 8.52
CA VAL C 181 24.92 -2.16 8.43
C VAL C 181 26.34 -1.95 8.89
N GLY C 182 27.03 -3.06 9.11
CA GLY C 182 28.43 -3.09 9.48
C GLY C 182 28.66 -3.84 10.75
N THR C 183 29.90 -3.73 11.24
CA THR C 183 30.31 -4.33 12.52
C THR C 183 31.16 -3.36 13.35
N TYR C 184 30.80 -3.33 14.63
CA TYR C 184 31.63 -2.72 15.70
C TYR C 184 32.46 -3.83 16.29
N GLY C 185 33.74 -3.54 16.48
CA GLY C 185 34.62 -4.40 17.30
C GLY C 185 35.49 -5.33 16.47
N ALA C 186 35.39 -5.26 15.16
CA ALA C 186 36.22 -6.00 14.21
C ALA C 186 36.01 -5.40 12.82
N VAL C 187 36.98 -5.64 11.94
CA VAL C 187 36.98 -5.08 10.57
C VAL C 187 36.10 -5.91 9.64
N ARG C 188 36.12 -7.24 9.82
CA ARG C 188 35.31 -8.15 8.98
C ARG C 188 35.05 -9.43 9.74
N ASP C 189 34.36 -10.37 9.09
CA ASP C 189 34.27 -11.75 9.58
C ASP C 189 35.61 -12.45 9.28
N TYR C 190 36.16 -13.11 10.29
CA TYR C 190 37.39 -13.97 10.20
C TYR C 190 37.03 -15.44 10.48
N SER C 191 35.75 -15.79 10.34
CA SER C 191 35.28 -17.19 10.46
C SER C 191 35.95 -18.00 9.36
N PRO C 192 36.09 -19.31 9.56
CA PRO C 192 36.62 -20.14 8.48
C PRO C 192 35.92 -19.89 7.13
N MET C 193 34.58 -19.84 7.16
CA MET C 193 33.72 -19.58 5.98
C MET C 193 34.18 -18.27 5.35
N ALA C 194 34.35 -17.20 6.14
CA ALA C 194 34.74 -15.94 5.54
C ALA C 194 36.18 -15.99 5.02
N GLN C 195 37.06 -16.60 5.79
CA GLN C 195 38.51 -16.68 5.48
C GLN C 195 38.71 -17.36 4.11
N ALA C 196 37.92 -18.38 3.78
CA ALA C 196 38.01 -19.11 2.51
C ALA C 196 37.65 -18.17 1.35
N VAL C 197 36.69 -17.28 1.55
CA VAL C 197 36.30 -16.32 0.47
C VAL C 197 37.38 -15.21 0.41
N PHE C 198 37.89 -14.76 1.55
CA PHE C 198 38.90 -13.67 1.59
C PHE C 198 40.20 -14.14 0.91
N ASN C 199 40.58 -15.40 1.11
CA ASN C 199 41.80 -15.97 0.49
C ASN C 199 41.66 -16.23 -1.02
N ALA C 200 40.42 -16.29 -1.53
CA ALA C 200 40.11 -16.53 -2.96
C ALA C 200 40.26 -15.25 -3.79
N ALA C 201 40.11 -15.39 -5.08
CA ALA C 201 40.08 -14.31 -6.08
C ALA C 201 39.02 -13.28 -5.67
N VAL C 202 39.33 -12.00 -5.86
CA VAL C 202 38.25 -10.98 -5.86
C VAL C 202 37.36 -11.30 -7.04
N PRO C 203 36.03 -11.28 -6.87
CA PRO C 203 35.10 -11.54 -7.99
C PRO C 203 35.36 -10.62 -9.18
N ASP C 204 35.29 -11.21 -10.37
CA ASP C 204 35.54 -10.56 -11.69
C ASP C 204 34.76 -9.26 -11.81
N ASP C 205 33.49 -9.26 -11.45
CA ASP C 205 32.64 -8.05 -11.66
C ASP C 205 33.23 -6.87 -10.88
N LEU C 206 33.70 -7.10 -9.65
CA LEU C 206 34.27 -5.99 -8.85
C LEU C 206 35.56 -5.50 -9.52
N ILE C 207 36.38 -6.44 -9.90
CA ILE C 207 37.70 -6.12 -10.55
C ILE C 207 37.44 -5.36 -11.84
N GLN C 208 36.42 -5.76 -12.63
CA GLN C 208 36.17 -5.12 -13.95
C GLN C 208 35.65 -3.70 -13.72
N LYS C 209 34.77 -3.53 -12.75
CA LYS C 209 34.12 -2.22 -12.49
C LYS C 209 35.14 -1.23 -11.89
N LEU C 210 36.00 -1.67 -10.99
CA LEU C 210 37.08 -0.82 -10.44
C LEU C 210 38.27 -0.70 -11.39
N GLN C 211 38.30 -1.47 -12.49
CA GLN C 211 39.39 -1.38 -13.50
C GLN C 211 40.72 -1.74 -12.83
N LEU C 212 40.75 -2.80 -12.06
CA LEU C 212 41.97 -3.21 -11.32
C LEU C 212 42.50 -4.53 -11.93
N LYS C 213 43.75 -4.84 -11.62
CA LYS C 213 44.40 -6.12 -12.00
C LYS C 213 43.79 -7.21 -11.12
N PRO C 214 43.36 -8.36 -11.71
CA PRO C 214 42.83 -9.48 -10.94
C PRO C 214 43.85 -9.93 -9.89
N GLY C 215 43.35 -10.52 -8.82
CA GLY C 215 44.16 -11.08 -7.73
C GLY C 215 43.25 -11.51 -6.59
N THR C 216 43.82 -11.96 -5.50
CA THR C 216 43.06 -12.21 -4.26
C THR C 216 42.82 -10.86 -3.55
N TRP C 217 42.05 -10.91 -2.49
CA TRP C 217 41.68 -9.71 -1.70
C TRP C 217 42.94 -9.04 -1.19
N SER C 218 43.82 -9.82 -0.58
CA SER C 218 45.09 -9.25 -0.02
C SER C 218 45.91 -8.65 -1.16
N GLN C 219 46.03 -9.35 -2.30
CA GLN C 219 46.90 -8.88 -3.42
C GLN C 219 46.35 -7.57 -3.98
N VAL C 220 45.04 -7.51 -4.15
CA VAL C 220 44.38 -6.39 -4.85
C VAL C 220 44.34 -5.17 -3.94
N PHE C 221 44.01 -5.34 -2.67
CA PHE C 221 43.64 -4.16 -1.83
C PHE C 221 44.66 -3.92 -0.72
N GLY C 222 45.66 -4.79 -0.57
CA GLY C 222 46.63 -4.59 0.50
C GLY C 222 46.01 -4.30 1.86
N ARG C 223 46.48 -3.23 2.51
CA ARG C 223 46.11 -2.79 3.89
C ARG C 223 44.60 -2.55 3.97
N ASP C 224 43.95 -2.26 2.84
CA ASP C 224 42.48 -2.05 2.80
C ASP C 224 41.68 -3.35 2.64
N ALA C 225 42.35 -4.51 2.46
CA ALA C 225 41.64 -5.74 2.04
C ALA C 225 40.57 -6.14 3.09
N ASP C 226 40.87 -6.10 4.38
CA ASP C 226 39.88 -6.59 5.35
C ASP C 226 38.62 -5.70 5.28
N GLU C 227 38.75 -4.35 5.38
CA GLU C 227 37.57 -3.45 5.39
C GLU C 227 36.82 -3.51 4.07
N PHE C 228 37.55 -3.56 2.96
CA PHE C 228 36.89 -3.47 1.63
C PHE C 228 36.14 -4.79 1.45
N PHE C 229 36.73 -5.89 1.90
CA PHE C 229 36.01 -7.20 1.85
C PHE C 229 34.68 -7.15 2.59
N HIS C 230 34.68 -6.68 3.83
CA HIS C 230 33.43 -6.54 4.62
C HIS C 230 32.45 -5.67 3.85
N ALA C 231 32.89 -4.49 3.38
CA ALA C 231 32.02 -3.58 2.65
C ALA C 231 31.44 -4.29 1.42
N TYR C 232 32.25 -5.08 0.68
CA TYR C 232 31.78 -5.69 -0.55
C TYR C 232 30.72 -6.75 -0.17
N GLN C 233 31.02 -7.59 0.81
CA GLN C 233 30.09 -8.72 1.13
C GLN C 233 28.76 -8.20 1.65
N ILE C 234 28.81 -7.11 2.45
CA ILE C 234 27.54 -6.54 2.96
C ILE C 234 26.83 -5.85 1.79
N ALA C 235 27.54 -5.14 0.91
CA ALA C 235 26.87 -4.46 -0.21
C ALA C 235 26.19 -5.53 -1.08
N ARG C 236 26.85 -6.65 -1.31
CA ARG C 236 26.25 -7.75 -2.14
C ARG C 236 24.96 -8.24 -1.50
N TYR C 237 25.04 -8.50 -0.20
CA TYR C 237 23.87 -9.01 0.58
C TYR C 237 22.74 -8.01 0.41
N CYS C 238 23.02 -6.71 0.67
CA CYS C 238 21.96 -5.70 0.57
C CYS C 238 21.42 -5.54 -0.83
N ASP C 239 22.27 -5.66 -1.83
CA ASP C 239 21.85 -5.55 -3.24
C ASP C 239 20.89 -6.71 -3.56
N GLU C 240 21.21 -7.92 -3.10
CA GLU C 240 20.36 -9.11 -3.36
C GLU C 240 18.98 -8.98 -2.72
N VAL C 241 18.95 -8.44 -1.51
CA VAL C 241 17.67 -8.18 -0.82
C VAL C 241 16.88 -7.13 -1.62
N THR C 242 17.59 -6.09 -2.07
CA THR C 242 16.99 -4.98 -2.82
C THR C 242 16.36 -5.51 -4.10
N VAL C 243 17.13 -6.29 -4.88
CA VAL C 243 16.72 -6.77 -6.23
C VAL C 243 15.44 -7.59 -6.04
N ALA C 244 15.46 -8.44 -5.02
CA ALA C 244 14.34 -9.36 -4.78
C ALA C 244 13.07 -8.58 -4.45
N GLY C 245 13.19 -7.56 -3.58
CA GLY C 245 12.03 -6.71 -3.30
C GLY C 245 11.57 -5.87 -4.49
N LYS C 246 12.48 -5.22 -5.22
CA LYS C 246 12.15 -4.42 -6.43
C LYS C 246 11.44 -5.28 -7.49
N ALA C 247 11.73 -6.59 -7.55
CA ALA C 247 11.06 -7.49 -8.53
C ALA C 247 9.57 -7.54 -8.23
N ILE C 248 9.22 -7.32 -6.96
CA ILE C 248 7.82 -7.30 -6.50
C ILE C 248 7.19 -5.92 -6.76
N LYS C 249 7.87 -4.91 -6.26
CA LYS C 249 7.42 -3.54 -6.52
C LYS C 249 8.68 -2.65 -6.54
N ASN C 250 8.89 -2.01 -7.67
CA ASN C 250 10.14 -1.27 -7.99
C ASN C 250 10.14 0.13 -7.35
N LEU C 251 10.03 0.16 -6.03
CA LEU C 251 10.22 1.45 -5.31
C LEU C 251 11.71 1.75 -5.31
N PRO C 252 12.05 3.05 -5.16
CA PRO C 252 13.38 3.43 -4.74
C PRO C 252 13.79 2.83 -3.40
N MET C 253 15.07 2.40 -3.29
CA MET C 253 15.55 1.78 -2.07
C MET C 253 16.95 2.28 -1.76
N TYR C 254 17.28 2.39 -0.47
CA TYR C 254 18.56 3.03 -0.12
C TYR C 254 19.08 2.36 1.15
N VAL C 255 20.36 2.66 1.42
CA VAL C 255 21.00 2.30 2.68
C VAL C 255 21.48 3.57 3.42
N ASN C 256 21.46 3.47 4.74
CA ASN C 256 21.86 4.61 5.62
C ASN C 256 23.14 4.26 6.40
N VAL C 257 24.01 5.22 6.50
CA VAL C 257 25.38 5.02 6.96
C VAL C 257 25.57 5.52 8.39
N ALA C 258 26.10 4.64 9.23
CA ALA C 258 26.78 5.02 10.48
C ALA C 258 28.13 5.65 10.12
N LEU C 259 28.14 6.97 10.04
CA LEU C 259 29.27 7.69 9.45
C LEU C 259 30.51 7.56 10.31
N ARG C 260 31.65 7.43 9.63
CA ARG C 260 32.92 7.74 10.30
C ARG C 260 33.17 9.26 10.25
N ASN C 261 33.95 9.76 11.19
CA ASN C 261 34.35 11.18 11.14
C ASN C 261 35.32 11.37 9.99
N PRO C 262 34.94 12.13 8.93
CA PRO C 262 35.75 12.15 7.70
C PRO C 262 37.15 12.75 7.90
N PHE C 263 37.29 13.55 8.95
CA PHE C 263 38.54 14.24 9.31
C PHE C 263 39.40 13.47 10.30
N ASN C 264 38.86 12.45 10.93
CA ASN C 264 39.55 11.80 12.07
C ASN C 264 38.73 10.54 12.39
N PRO C 265 38.75 9.52 11.49
CA PRO C 265 37.80 8.42 11.55
C PRO C 265 38.07 7.44 12.67
N GLY C 266 39.35 7.35 13.07
CA GLY C 266 39.81 6.19 13.85
C GLY C 266 39.85 4.98 12.93
N LEU C 267 39.83 3.84 13.57
CA LEU C 267 40.02 2.54 12.89
C LEU C 267 38.70 1.89 12.58
N PRO C 268 38.59 1.20 11.41
CA PRO C 268 37.40 0.41 11.19
C PRO C 268 37.22 -0.59 12.33
N GLY C 269 35.98 -0.68 12.79
CA GLY C 269 35.60 -1.43 14.00
C GLY C 269 35.41 -0.51 15.21
N GLN C 270 36.16 0.61 15.25
CA GLN C 270 35.87 1.76 16.16
C GLN C 270 34.64 2.46 15.58
N TYR C 271 34.70 2.81 14.29
CA TYR C 271 33.48 3.09 13.50
C TYR C 271 32.94 1.79 12.92
N SER C 272 31.72 1.82 12.44
CA SER C 272 31.01 0.62 11.94
C SER C 272 31.62 0.15 10.63
N SER C 273 32.46 -0.87 10.68
CA SER C 273 33.21 -1.34 9.50
C SER C 273 32.23 -2.00 8.49
N GLY C 274 32.34 -1.62 7.22
CA GLY C 274 31.65 -2.30 6.12
C GLY C 274 30.37 -1.59 5.70
N GLY C 275 29.92 -0.58 6.46
CA GLY C 275 28.87 0.31 6.02
C GLY C 275 29.45 1.17 4.89
N GLY C 276 28.58 1.98 4.29
CA GLY C 276 28.94 2.89 3.18
C GLY C 276 29.70 4.14 3.67
N THR C 277 30.76 3.96 4.46
CA THR C 277 31.65 5.04 4.88
C THR C 277 32.40 5.65 3.68
N ASP C 278 32.95 6.85 3.84
CA ASP C 278 33.38 7.65 2.66
C ASP C 278 34.52 6.97 1.89
N ASN C 279 35.27 6.14 2.60
CA ASN C 279 36.42 5.44 1.99
C ASN C 279 36.02 4.19 1.19
N VAL C 280 34.80 3.71 1.30
CA VAL C 280 34.35 2.48 0.57
C VAL C 280 33.16 2.78 -0.32
N LEU C 281 32.82 4.05 -0.53
CA LEU C 281 31.70 4.37 -1.46
C LEU C 281 31.95 3.72 -2.82
N HIS C 282 33.17 3.65 -3.27
CA HIS C 282 33.50 3.10 -4.61
C HIS C 282 33.18 1.59 -4.57
N ILE C 283 33.43 0.95 -3.45
CA ILE C 283 33.16 -0.51 -3.33
C ILE C 283 31.62 -0.72 -3.33
N TRP C 284 30.88 0.04 -2.54
CA TRP C 284 29.43 -0.04 -2.51
C TRP C 284 28.82 0.23 -3.89
N LYS C 285 29.29 1.25 -4.61
CA LYS C 285 28.69 1.59 -5.91
C LYS C 285 28.95 0.47 -6.92
N ALA C 286 30.10 -0.14 -6.88
CA ALA C 286 30.42 -1.23 -7.85
C ALA C 286 29.60 -2.47 -7.46
N ALA C 287 29.53 -2.76 -6.16
CA ALA C 287 28.94 -4.02 -5.66
C ALA C 287 27.42 -4.00 -5.73
N ALA C 288 26.79 -2.85 -5.49
CA ALA C 288 25.33 -2.78 -5.28
C ALA C 288 24.72 -1.81 -6.26
N PRO C 289 24.65 -2.19 -7.54
CA PRO C 289 24.12 -1.31 -8.57
C PRO C 289 22.60 -1.14 -8.50
N ASN C 290 21.93 -1.99 -7.74
CA ASN C 290 20.46 -1.87 -7.61
C ASN C 290 20.05 -0.97 -6.45
N ILE C 291 20.99 -0.58 -5.61
CA ILE C 291 20.62 0.32 -4.47
C ILE C 291 20.69 1.76 -5.03
N ASP C 292 19.62 2.53 -4.80
CA ASP C 292 19.48 3.82 -5.48
C ASP C 292 20.50 4.82 -4.95
N LEU C 293 20.70 4.88 -3.66
CA LEU C 293 21.61 5.89 -3.05
C LEU C 293 22.05 5.40 -1.67
N ILE C 294 23.15 5.97 -1.26
CA ILE C 294 23.76 5.73 0.04
C ILE C 294 23.63 7.03 0.87
N ALA C 295 22.92 6.94 1.97
CA ALA C 295 22.49 8.16 2.70
C ALA C 295 23.26 8.32 3.99
N PRO C 296 23.77 9.53 4.28
CA PRO C 296 24.44 9.76 5.55
C PRO C 296 23.49 9.98 6.73
N ASP C 297 23.86 9.43 7.90
CA ASP C 297 23.16 9.64 9.18
C ASP C 297 23.98 10.62 10.01
N ILE C 298 23.53 11.90 10.10
CA ILE C 298 24.45 12.96 10.60
C ILE C 298 24.17 13.33 12.07
N TYR C 299 25.10 13.02 12.96
CA TYR C 299 25.02 13.46 14.36
C TYR C 299 26.26 14.27 14.77
N PHE C 300 27.15 14.61 13.85
CA PHE C 300 28.24 15.58 14.14
C PHE C 300 27.54 16.94 14.19
N ARG C 301 27.86 17.74 15.16
CA ARG C 301 27.09 19.02 15.43
C ARG C 301 27.73 20.19 14.70
N ASP C 302 29.04 20.04 14.49
CA ASP C 302 29.90 21.13 14.03
C ASP C 302 29.87 21.32 12.56
N TYR C 303 29.75 22.58 12.17
CA TYR C 303 29.56 22.99 10.78
C TYR C 303 30.61 22.32 9.88
N LYS C 304 31.88 22.39 10.23
CA LYS C 304 32.93 21.99 9.28
C LYS C 304 32.75 20.49 9.01
N THR C 305 32.44 19.68 10.01
CA THR C 305 32.32 18.24 9.79
C THR C 305 31.04 17.92 9.03
N VAL C 306 29.93 18.55 9.41
CA VAL C 306 28.67 18.35 8.68
C VAL C 306 28.89 18.73 7.22
N SER C 307 29.44 19.89 6.95
CA SER C 307 29.70 20.38 5.59
C SER C 307 30.52 19.32 4.82
N LYS C 308 31.58 18.80 5.40
CA LYS C 308 32.42 17.78 4.74
C LYS C 308 31.57 16.53 4.43
N VAL C 309 30.73 16.06 5.33
CA VAL C 309 29.82 14.91 5.06
C VAL C 309 28.94 15.27 3.86
N LEU C 310 28.31 16.42 3.80
CA LEU C 310 27.41 16.73 2.69
C LEU C 310 28.22 16.71 1.37
N GLU C 311 29.43 17.24 1.40
CA GLU C 311 30.27 17.26 0.21
C GLU C 311 30.56 15.81 -0.25
N LEU C 312 30.95 14.95 0.67
CA LEU C 312 31.41 13.57 0.30
C LEU C 312 30.24 12.73 -0.19
N TYR C 313 29.03 12.96 0.31
CA TYR C 313 27.89 12.08 -0.05
C TYR C 313 27.13 12.63 -1.25
N THR C 314 27.41 13.86 -1.71
CA THR C 314 26.77 14.44 -2.91
C THR C 314 27.72 14.18 -4.07
N ARG C 315 27.32 13.30 -5.00
CA ARG C 315 28.22 12.79 -6.05
C ARG C 315 27.42 12.69 -7.34
N PRO C 316 28.07 12.69 -8.53
CA PRO C 316 27.33 12.42 -9.77
C PRO C 316 26.57 11.09 -9.71
N ASP C 317 27.17 10.14 -8.99
CA ASP C 317 26.56 8.80 -8.81
C ASP C 317 25.78 8.63 -7.51
N ASN C 318 25.45 9.70 -6.78
CA ASN C 318 24.85 9.54 -5.46
C ASN C 318 24.03 10.78 -5.14
N ALA C 319 22.72 10.63 -5.18
CA ALA C 319 21.81 11.65 -4.69
C ALA C 319 22.05 11.81 -3.19
N LEU C 320 21.91 13.05 -2.72
CA LEU C 320 22.04 13.37 -1.29
C LEU C 320 20.67 13.23 -0.63
N PHE C 321 20.60 12.36 0.38
CA PHE C 321 19.41 12.22 1.25
C PHE C 321 19.92 12.16 2.66
N VAL C 322 19.63 13.18 3.45
CA VAL C 322 20.00 13.16 4.88
C VAL C 322 18.97 12.34 5.64
N ALA C 323 19.17 11.01 5.61
CA ALA C 323 18.19 10.06 6.08
C ALA C 323 17.94 10.18 7.58
N GLU C 324 18.95 10.65 8.30
CA GLU C 324 18.84 10.88 9.73
C GLU C 324 19.69 12.14 9.97
N ILE C 325 19.19 12.98 10.89
CA ILE C 325 20.05 14.01 11.50
C ILE C 325 19.54 14.22 12.93
N GLY C 326 20.43 14.69 13.79
CA GLY C 326 20.00 14.95 15.16
C GLY C 326 18.87 15.96 15.25
N ASN C 327 18.10 15.88 16.35
CA ASN C 327 16.90 16.73 16.52
C ASN C 327 17.17 17.88 17.51
N ASP C 328 18.43 18.08 17.90
CA ASP C 328 18.76 19.28 18.70
C ASP C 328 18.78 20.50 17.80
N GLN C 329 18.59 21.65 18.43
CA GLN C 329 18.52 22.94 17.69
C GLN C 329 19.60 23.14 16.65
N PRO C 330 20.91 22.90 16.91
CA PRO C 330 21.93 23.23 15.92
C PRO C 330 21.78 22.56 14.53
N PHE C 331 20.99 21.46 14.50
CA PHE C 331 20.89 20.65 13.26
C PHE C 331 19.93 21.23 12.26
N ALA C 332 19.01 22.11 12.67
CA ALA C 332 17.90 22.52 11.80
C ALA C 332 18.47 23.29 10.60
N ARG C 333 19.54 24.09 10.84
CA ARG C 333 20.05 24.96 9.76
C ARG C 333 20.72 24.17 8.60
N TYR C 334 21.00 22.88 8.86
CA TYR C 334 21.63 22.06 7.79
C TYR C 334 20.63 21.67 6.72
N LEU C 335 19.37 21.98 6.88
CA LEU C 335 18.42 21.81 5.78
C LEU C 335 18.93 22.64 4.61
N PHE C 336 19.38 23.87 4.90
CA PHE C 336 19.72 24.78 3.80
C PHE C 336 20.81 24.26 2.88
N PRO C 337 22.02 23.93 3.37
CA PRO C 337 23.05 23.37 2.47
C PRO C 337 22.62 22.01 1.94
N THR C 338 21.79 21.25 2.68
CA THR C 338 21.30 19.97 2.11
C THR C 338 20.54 20.21 0.82
N LEU C 339 19.61 21.18 0.83
CA LEU C 339 18.84 21.52 -0.36
C LEU C 339 19.73 22.16 -1.43
N GLY C 340 20.65 23.03 -1.00
CA GLY C 340 21.59 23.73 -1.88
C GLY C 340 22.41 22.79 -2.72
N LYS C 341 22.72 21.61 -2.17
CA LYS C 341 23.52 20.59 -2.90
C LYS C 341 22.62 19.80 -3.85
N GLY C 342 21.36 20.13 -3.93
CA GLY C 342 20.42 19.35 -4.75
C GLY C 342 19.85 18.19 -3.98
N GLY C 343 19.98 18.19 -2.66
CA GLY C 343 19.45 17.09 -1.85
C GLY C 343 18.00 16.81 -2.14
N ILE C 344 17.63 15.54 -2.02
CA ILE C 344 16.22 15.11 -2.15
C ILE C 344 15.44 15.08 -0.85
N GLY C 345 16.08 15.23 0.28
CA GLY C 345 15.37 15.20 1.55
C GLY C 345 16.25 15.26 2.78
N PHE C 346 15.56 15.35 3.91
CA PHE C 346 16.16 15.70 5.20
C PHE C 346 15.22 15.19 6.26
N SER C 347 15.68 14.40 7.19
CA SER C 347 14.80 13.65 8.11
C SER C 347 15.37 13.65 9.55
N PRO C 348 15.04 14.65 10.41
CA PRO C 348 15.43 14.64 11.80
C PRO C 348 14.91 13.38 12.52
N PHE C 349 15.78 12.83 13.37
CA PHE C 349 15.50 11.62 14.11
C PHE C 349 14.85 11.94 15.45
N GLY C 350 13.84 11.15 15.84
CA GLY C 350 13.27 11.15 17.18
C GLY C 350 12.16 12.16 17.35
N MET C 351 11.44 12.42 16.28
CA MET C 351 10.34 13.38 16.31
C MET C 351 9.04 12.70 16.76
N ASP C 352 8.99 12.23 18.03
CA ASP C 352 7.75 11.74 18.64
C ASP C 352 7.81 11.93 20.14
N ASP C 353 6.70 11.73 20.77
CA ASP C 353 6.52 11.95 22.21
C ASP C 353 6.41 10.61 22.94
N THR C 354 7.28 9.64 22.65
CA THR C 354 7.25 8.31 23.31
C THR C 354 8.25 8.25 24.46
N ASP C 355 8.54 9.37 25.09
CA ASP C 355 9.28 9.43 26.38
C ASP C 355 10.67 8.87 26.16
N TYR C 356 11.38 9.43 25.21
CA TYR C 356 12.80 9.09 24.97
C TYR C 356 13.52 10.30 24.41
N THR C 357 14.73 10.50 24.87
CA THR C 357 15.68 11.49 24.30
C THR C 357 17.02 10.80 24.09
N ASN C 358 17.58 11.01 22.94
CA ASN C 358 18.83 10.32 22.56
C ASN C 358 20.00 11.25 22.78
N TYR C 359 19.77 12.31 23.56
CA TYR C 359 20.92 13.07 24.09
C TYR C 359 21.88 12.06 24.72
N PRO C 360 23.16 12.14 24.42
CA PRO C 360 23.80 13.28 23.72
C PRO C 360 23.79 13.45 22.17
N LEU C 361 23.22 12.52 21.38
CA LEU C 361 23.17 12.68 19.89
C LEU C 361 22.18 13.80 19.51
N GLY C 362 21.03 13.83 20.14
CA GLY C 362 20.03 14.84 19.84
C GLY C 362 19.69 15.71 21.05
N ALA C 363 18.47 16.20 21.09
CA ALA C 363 18.01 17.21 22.10
C ALA C 363 17.93 16.58 23.48
N LYS C 364 18.24 17.35 24.53
CA LYS C 364 18.18 16.90 25.95
C LYS C 364 16.71 16.73 26.32
N VAL C 365 15.83 17.54 25.73
CA VAL C 365 14.38 17.57 26.08
C VAL C 365 13.62 17.44 24.78
N TYR C 366 12.45 16.85 24.84
CA TYR C 366 11.52 16.79 23.72
C TYR C 366 10.27 17.55 24.10
N ASN C 367 10.08 18.69 23.48
CA ASN C 367 8.90 19.57 23.74
C ASN C 367 8.60 20.40 22.48
N ASP C 368 7.58 21.26 22.58
CA ASP C 368 7.12 22.02 21.40
C ASP C 368 8.27 22.86 20.84
N GLU C 369 9.15 23.35 21.69
CA GLU C 369 10.29 24.17 21.24
C GLU C 369 11.24 23.30 20.41
N THR C 370 11.47 22.03 20.79
CA THR C 370 12.35 21.15 19.97
C THR C 370 11.82 21.09 18.54
N ILE C 371 10.52 20.86 18.47
CA ILE C 371 9.83 20.70 17.17
C ILE C 371 9.90 22.00 16.38
N GLU C 372 9.65 23.13 17.06
CA GLU C 372 9.53 24.40 16.36
C GLU C 372 10.84 24.77 15.65
N GLN C 373 12.02 24.31 16.12
CA GLN C 373 13.28 24.69 15.41
C GLN C 373 13.21 24.17 13.97
N PHE C 374 12.63 22.96 13.82
CA PHE C 374 12.51 22.42 12.46
C PHE C 374 11.27 22.97 11.73
N ALA C 375 10.17 23.19 12.48
CA ALA C 375 8.96 23.69 11.84
C ALA C 375 9.31 25.02 11.14
N GLN C 376 10.08 25.87 11.82
CA GLN C 376 10.40 27.21 11.27
C GLN C 376 11.19 27.13 9.95
N VAL C 377 12.05 26.13 9.73
CA VAL C 377 12.80 26.09 8.46
C VAL C 377 11.95 25.32 7.45
N TYR C 378 11.15 24.33 7.88
CA TYR C 378 10.23 23.65 6.91
C TYR C 378 9.23 24.64 6.30
N ARG C 379 8.79 25.65 7.09
CA ARG C 379 7.81 26.67 6.62
C ARG C 379 8.40 27.49 5.46
N LEU C 380 9.73 27.57 5.29
CA LEU C 380 10.35 28.24 4.16
C LEU C 380 10.19 27.44 2.86
N VAL C 381 10.16 26.12 2.99
CA VAL C 381 10.23 25.21 1.81
C VAL C 381 8.88 24.64 1.44
N ASN C 382 8.05 24.27 2.40
CA ASN C 382 6.72 23.72 2.13
C ASN C 382 5.96 24.56 1.10
N PRO C 383 5.93 25.91 1.15
CA PRO C 383 5.07 26.63 0.20
C PRO C 383 5.55 26.56 -1.25
N MET C 384 6.82 26.21 -1.45
CA MET C 384 7.39 26.10 -2.82
C MET C 384 7.91 24.67 -3.08
N MET C 385 7.44 23.65 -2.34
CA MET C 385 8.17 22.37 -2.38
C MET C 385 8.34 21.85 -3.81
N ARG C 386 7.26 21.79 -4.59
CA ARG C 386 7.37 21.17 -5.92
C ARG C 386 8.17 22.07 -6.88
N GLU C 387 8.05 23.41 -6.73
CA GLU C 387 8.79 24.34 -7.58
C GLU C 387 10.30 24.23 -7.29
N TRP C 388 10.64 24.21 -6.00
CA TRP C 388 12.02 24.02 -5.57
C TRP C 388 12.54 22.69 -6.10
N ALA C 389 11.78 21.63 -5.94
CA ALA C 389 12.29 20.29 -6.34
C ALA C 389 12.60 20.30 -7.83
N ARG C 390 11.76 20.94 -8.65
N ARG C 390 11.78 20.93 -8.66
CA ARG C 390 11.97 21.01 -10.11
CA ARG C 390 12.03 20.97 -10.13
C ARG C 390 13.25 21.83 -10.40
C ARG C 390 13.27 21.84 -10.41
N LEU C 391 13.39 22.98 -9.73
CA LEU C 391 14.56 23.85 -9.99
C LEU C 391 15.85 23.16 -9.54
N SER C 392 15.79 22.44 -8.44
N SER C 392 15.75 22.35 -8.48
CA SER C 392 16.99 21.71 -7.97
CA SER C 392 16.88 21.61 -7.84
C SER C 392 17.47 20.74 -9.07
C SER C 392 17.19 20.27 -8.55
N TYR C 393 16.54 20.00 -9.67
CA TYR C 393 16.92 18.93 -10.65
C TYR C 393 17.39 19.54 -12.00
N GLN C 394 16.57 20.39 -12.59
CA GLN C 394 16.81 20.83 -13.98
C GLN C 394 17.59 22.13 -13.96
N GLY C 395 17.83 22.74 -12.81
CA GLY C 395 18.48 24.07 -12.82
C GLY C 395 19.60 24.26 -11.81
N GLN C 396 19.79 25.49 -11.41
CA GLN C 396 20.87 25.94 -10.52
C GLN C 396 20.23 26.39 -9.20
N VAL C 397 20.66 25.75 -8.14
CA VAL C 397 20.32 26.15 -6.77
C VAL C 397 21.58 26.25 -5.92
N TRP C 398 21.37 26.96 -4.81
CA TRP C 398 22.39 27.18 -3.80
C TRP C 398 21.74 27.21 -2.41
N GLY C 399 22.50 26.84 -1.41
CA GLY C 399 22.04 26.89 -0.03
C GLY C 399 23.19 26.93 0.94
N VAL C 400 23.02 27.76 2.02
CA VAL C 400 24.11 27.97 2.99
C VAL C 400 23.51 28.05 4.39
N ALA C 401 24.27 27.56 5.35
CA ALA C 401 23.99 27.67 6.77
C ALA C 401 25.06 28.57 7.45
N GLU C 402 24.59 29.12 8.58
CA GLU C 402 25.46 29.94 9.45
C GLU C 402 26.70 29.14 9.82
N PRO C 403 27.91 29.61 9.45
CA PRO C 403 29.08 28.71 9.44
C PRO C 403 29.87 28.69 10.73
N LEU C 404 29.51 29.54 11.71
CA LEU C 404 30.13 29.37 13.07
C LEU C 404 29.11 28.72 14.00
N ASP C 405 29.56 27.71 14.71
CA ASP C 405 28.75 27.08 15.76
C ASP C 405 28.58 28.07 16.92
N SER C 406 27.56 27.83 17.75
CA SER C 406 27.38 28.59 19.01
C SER C 406 28.70 28.62 19.80
N THR C 407 29.02 29.80 20.29
CA THR C 407 30.24 30.08 21.10
C THR C 407 30.26 29.17 22.32
N THR C 408 31.37 28.44 22.55
CA THR C 408 31.51 27.42 23.63
C THR C 408 31.93 28.13 24.90
N GLU C 409 32.08 27.41 26.01
CA GLU C 409 32.40 28.05 27.32
C GLU C 409 33.89 28.42 27.31
N THR C 410 34.74 27.50 26.83
CA THR C 410 36.21 27.67 26.75
C THR C 410 36.56 29.09 26.25
N GLU C 417 38.42 37.80 29.22
CA GLU C 417 39.80 37.82 29.75
C GLU C 417 40.74 38.40 28.69
N ALA C 418 40.24 38.75 27.50
CA ALA C 418 41.09 39.21 26.38
C ALA C 418 41.27 40.74 26.43
N THR C 419 42.37 41.24 25.86
CA THR C 419 42.68 42.69 25.69
C THR C 419 41.57 43.34 24.86
N PRO C 420 41.31 44.66 25.02
CA PRO C 420 40.37 45.39 24.19
C PRO C 420 40.75 45.28 22.70
N GLU C 421 42.05 45.26 22.39
CA GLU C 421 42.52 45.04 20.99
C GLU C 421 42.17 43.61 20.54
N GLU C 422 42.26 42.63 21.44
CA GLU C 422 41.91 41.21 21.18
C GLU C 422 40.39 41.06 20.91
N LYS C 423 39.54 41.64 21.79
CA LYS C 423 38.04 41.68 21.66
C LYS C 423 37.68 42.24 20.27
N GLU C 424 38.18 43.44 19.92
CA GLU C 424 37.97 44.09 18.58
C GLU C 424 38.41 43.10 17.48
N GLN C 425 39.59 42.51 17.58
CA GLN C 425 40.11 41.68 16.48
C GLN C 425 39.23 40.44 16.34
N HIS C 426 38.84 39.84 17.46
CA HIS C 426 38.00 38.62 17.47
C HIS C 426 36.68 38.97 16.77
N LYS C 427 36.11 40.13 17.07
CA LYS C 427 34.82 40.57 16.49
C LYS C 427 34.94 40.69 14.97
N LYS C 428 36.06 41.21 14.48
CA LYS C 428 36.31 41.39 13.02
C LYS C 428 36.47 40.00 12.42
N ASP C 429 37.15 39.10 13.12
CA ASP C 429 37.41 37.72 12.62
C ASP C 429 36.06 37.02 12.46
N ARG C 430 35.19 37.15 13.47
N ARG C 430 35.21 37.06 13.50
CA ARG C 430 33.86 36.49 13.48
CA ARG C 430 33.85 36.49 13.44
C ARG C 430 32.99 37.10 12.38
C ARG C 430 33.16 37.09 12.21
N ALA C 431 33.08 38.43 12.13
CA ALA C 431 32.24 39.07 11.09
C ALA C 431 32.65 38.50 9.73
N SER C 432 33.96 38.39 9.51
CA SER C 432 34.51 37.89 8.23
C SER C 432 34.07 36.42 8.04
N ALA C 433 34.12 35.62 9.09
CA ALA C 433 33.76 34.18 9.04
C ALA C 433 32.24 34.00 8.84
N LEU C 434 31.46 35.02 9.24
CA LEU C 434 29.99 35.01 9.13
C LEU C 434 29.51 35.72 7.85
N THR C 435 30.38 35.84 6.86
CA THR C 435 30.09 36.43 5.55
C THR C 435 30.44 35.36 4.51
N GLN C 436 29.42 34.94 3.76
CA GLN C 436 29.57 33.91 2.72
C GLN C 436 29.32 34.55 1.34
N GLN C 437 30.05 34.12 0.31
N GLN C 437 30.06 34.11 0.33
CA GLN C 437 29.92 34.59 -1.09
CA GLN C 437 29.89 34.56 -1.06
C GLN C 437 29.48 33.43 -1.97
C GLN C 437 29.37 33.38 -1.87
N LEU C 438 28.45 33.66 -2.76
CA LEU C 438 27.91 32.69 -3.74
C LEU C 438 27.96 33.31 -5.12
N ASP C 439 28.47 32.52 -6.08
CA ASP C 439 28.59 32.93 -7.49
C ASP C 439 27.35 32.46 -8.24
N LEU C 440 26.47 33.37 -8.61
CA LEU C 440 25.17 33.02 -9.22
C LEU C 440 25.17 33.33 -10.72
N GLY C 441 26.35 33.44 -11.33
CA GLY C 441 26.50 33.68 -12.77
C GLY C 441 26.86 35.14 -13.01
N LEU C 442 25.90 35.90 -13.54
CA LEU C 442 26.11 37.35 -13.74
C LEU C 442 26.06 38.12 -12.41
N TRP C 443 25.61 37.50 -11.35
CA TRP C 443 25.30 38.15 -10.03
C TRP C 443 25.87 37.28 -8.94
N ASP C 444 26.41 37.90 -7.92
CA ASP C 444 26.81 37.19 -6.70
C ASP C 444 25.87 37.60 -5.58
N ALA C 445 25.73 36.71 -4.61
CA ALA C 445 25.08 36.97 -3.31
C ALA C 445 26.14 36.92 -2.21
N GLU C 446 25.96 37.80 -1.23
CA GLU C 446 26.74 37.81 0.02
C GLU C 446 25.74 37.56 1.15
N VAL C 447 25.94 36.50 1.86
CA VAL C 447 25.06 36.13 2.98
C VAL C 447 25.77 36.41 4.29
N THR C 448 25.07 37.12 5.18
CA THR C 448 25.61 37.41 6.51
C THR C 448 24.60 37.07 7.62
N TYR C 449 25.08 36.90 8.86
CA TYR C 449 24.26 36.38 9.95
C TYR C 449 24.39 37.22 11.22
N GLY C 450 23.23 37.58 11.78
CA GLY C 450 23.14 38.17 13.13
C GLY C 450 23.44 39.64 13.10
N ARG C 451 22.57 40.40 12.48
CA ARG C 451 22.73 41.86 12.37
C ARG C 451 21.37 42.48 12.25
N PRO C 452 21.26 43.80 12.51
CA PRO C 452 19.99 44.45 12.32
C PRO C 452 19.52 44.40 10.87
N MET C 453 18.28 44.85 10.67
CA MET C 453 17.58 44.85 9.38
C MET C 453 17.81 46.18 8.66
N PHE C 454 18.56 47.08 9.28
CA PHE C 454 18.81 48.45 8.77
C PHE C 454 20.29 48.78 9.10
N TRP C 455 20.91 49.48 8.16
CA TRP C 455 22.31 49.98 8.22
C TRP C 455 23.28 48.81 8.13
N VAL C 456 24.55 49.00 8.47
CA VAL C 456 25.64 48.07 8.06
C VAL C 456 26.52 47.63 9.23
N THR C 457 26.02 47.70 10.48
CA THR C 457 26.76 47.17 11.64
C THR C 457 27.21 45.77 11.24
N PRO C 458 28.50 45.38 11.41
CA PRO C 458 28.97 44.06 10.99
C PRO C 458 28.21 42.93 11.68
N PRO C 459 28.11 41.77 11.01
CA PRO C 459 27.45 40.61 11.60
C PRO C 459 28.19 40.02 12.83
N GLU C 460 27.40 39.58 13.81
CA GLU C 460 27.89 39.01 15.08
C GLU C 460 27.37 37.60 15.28
N GLY C 461 26.51 37.09 14.40
CA GLY C 461 26.02 35.74 14.56
C GLY C 461 24.72 35.74 15.32
N ASN C 462 23.91 34.72 15.07
CA ASN C 462 22.73 34.47 15.91
C ASN C 462 23.18 33.70 17.14
N THR C 463 22.43 33.81 18.19
CA THR C 463 22.62 33.05 19.48
C THR C 463 21.33 32.33 19.79
N PRO C 464 21.24 30.98 19.62
CA PRO C 464 22.28 30.15 19.05
C PRO C 464 22.44 30.31 17.53
N ALA C 465 23.48 29.66 16.97
CA ALA C 465 23.72 29.67 15.52
C ALA C 465 22.51 28.99 14.89
N ALA C 466 21.95 29.58 13.83
CA ALA C 466 20.63 29.11 13.33
C ALA C 466 20.35 29.52 11.88
N GLY C 467 21.07 30.47 11.31
CA GLY C 467 20.66 31.11 10.06
C GLY C 467 20.92 30.22 8.83
N GLY C 468 20.36 30.59 7.73
CA GLY C 468 20.71 30.06 6.38
C GLY C 468 19.91 30.70 5.28
N ALA C 469 20.18 30.31 4.05
CA ALA C 469 19.59 30.91 2.85
C ALA C 469 19.48 29.87 1.75
N LEU C 470 18.41 29.99 0.99
CA LEU C 470 18.21 29.23 -0.28
C LEU C 470 18.11 30.20 -1.44
N ILE C 471 18.71 29.86 -2.57
CA ILE C 471 18.62 30.65 -3.81
C ILE C 471 18.40 29.68 -4.97
N ALA C 472 17.45 29.94 -5.85
CA ALA C 472 17.34 29.19 -7.13
C ALA C 472 17.38 30.19 -8.28
N GLN C 473 18.06 29.85 -9.36
CA GLN C 473 18.11 30.73 -10.53
C GLN C 473 16.86 30.50 -11.38
N LEU C 474 16.17 31.57 -11.70
CA LEU C 474 14.98 31.51 -12.61
C LEU C 474 15.40 31.89 -14.04
N ASP C 475 16.28 32.86 -14.18
CA ASP C 475 16.71 33.42 -15.47
C ASP C 475 18.07 34.07 -15.20
N ASP C 476 18.70 34.61 -16.24
CA ASP C 476 20.07 35.18 -16.16
C ASP C 476 20.10 36.21 -15.01
N ASN C 477 19.03 37.00 -14.87
CA ASN C 477 19.01 38.13 -13.90
C ASN C 477 17.94 37.96 -12.83
N GLU C 478 17.36 36.79 -12.64
CA GLU C 478 16.23 36.61 -11.70
C GLU C 478 16.46 35.37 -10.85
N TYR C 479 16.23 35.52 -9.55
CA TYR C 479 16.41 34.48 -8.55
C TYR C 479 15.18 34.37 -7.65
N LEU C 480 14.95 33.16 -7.20
CA LEU C 480 14.05 32.80 -6.11
C LEU C 480 14.88 32.77 -4.84
N VAL C 481 14.45 33.51 -3.80
CA VAL C 481 15.24 33.63 -2.55
C VAL C 481 14.37 33.50 -1.32
N THR C 482 14.80 32.69 -0.38
CA THR C 482 14.18 32.59 0.94
C THR C 482 15.30 32.37 1.95
N ALA C 483 15.25 33.03 3.10
CA ALA C 483 16.34 32.90 4.08
C ALA C 483 15.79 33.03 5.49
N TYR C 484 16.67 32.90 6.47
CA TYR C 484 16.24 32.69 7.87
C TYR C 484 17.32 33.25 8.73
N LYS C 485 16.96 34.28 9.50
CA LYS C 485 17.93 34.86 10.47
C LYS C 485 19.24 35.30 9.79
N ALA C 486 19.11 36.04 8.67
CA ALA C 486 20.21 36.30 7.75
C ALA C 486 19.90 37.52 6.92
N ARG C 487 20.93 38.06 6.37
CA ARG C 487 20.84 39.05 5.29
C ARG C 487 21.40 38.44 4.02
N VAL C 488 20.76 38.72 2.91
CA VAL C 488 21.23 38.36 1.55
C VAL C 488 21.40 39.62 0.71
N GLU C 489 22.59 39.87 0.23
CA GLU C 489 22.83 41.06 -0.60
C GLU C 489 23.32 40.58 -1.99
N PHE C 490 22.83 41.19 -3.07
CA PHE C 490 23.26 40.91 -4.47
C PHE C 490 24.24 41.97 -4.96
N LYS C 491 25.13 41.57 -5.87
CA LYS C 491 26.09 42.45 -6.56
C LYS C 491 26.49 41.78 -7.86
N PRO C 492 27.02 42.56 -8.81
CA PRO C 492 27.53 42.02 -10.07
C PRO C 492 28.66 41.05 -9.80
N SER C 493 28.68 39.97 -10.56
CA SER C 493 29.71 38.91 -10.41
C SER C 493 31.02 39.35 -11.07
N GLN C 494 30.91 40.20 -12.11
CA GLN C 494 32.07 40.72 -12.91
C GLN C 494 32.04 42.25 -12.92
N GLU C 495 33.22 42.88 -13.05
CA GLU C 495 33.41 44.35 -13.25
C GLU C 495 32.54 44.78 -14.44
N LEU C 496 31.72 45.81 -14.31
CA LEU C 496 30.85 46.29 -15.42
C LEU C 496 31.64 47.41 -16.12
N ALA C 497 31.32 47.76 -17.35
CA ALA C 497 32.10 48.83 -18.02
C ALA C 497 31.13 49.93 -18.44
N GLY C 498 31.21 51.13 -17.83
CA GLY C 498 30.28 52.26 -18.07
C GLY C 498 28.85 51.94 -17.64
N LYS C 499 28.73 50.89 -16.79
CA LYS C 499 27.41 50.48 -16.29
C LYS C 499 27.32 50.57 -14.76
N LYS C 500 26.12 50.86 -14.28
CA LYS C 500 25.82 50.73 -12.84
C LYS C 500 24.90 49.53 -12.67
N PHE C 501 24.55 49.23 -11.44
CA PHE C 501 23.59 48.12 -11.17
C PHE C 501 22.62 48.50 -10.08
N MET C 502 21.49 47.84 -10.14
CA MET C 502 20.52 47.95 -9.06
C MET C 502 19.67 46.71 -8.98
N ILE C 503 18.97 46.58 -7.89
CA ILE C 503 17.76 45.70 -7.83
C ILE C 503 16.75 46.35 -8.80
N GLU C 504 16.26 45.64 -9.76
CA GLU C 504 15.10 46.10 -10.57
C GLU C 504 13.80 45.95 -9.75
N ARG C 505 13.55 44.75 -9.23
N ARG C 505 13.62 44.79 -9.15
CA ARG C 505 12.32 44.49 -8.47
CA ARG C 505 12.35 44.39 -8.54
C ARG C 505 12.44 43.25 -7.58
C ARG C 505 12.62 43.27 -7.52
N VAL C 506 12.04 43.42 -6.33
CA VAL C 506 11.85 42.29 -5.40
C VAL C 506 10.36 42.14 -5.18
N GLU C 507 9.81 40.95 -5.41
CA GLU C 507 8.41 40.61 -5.14
C GLU C 507 8.37 39.52 -4.07
N GLU C 508 7.55 39.71 -3.05
CA GLU C 508 7.20 38.67 -2.10
C GLU C 508 5.95 38.00 -2.65
N GLY C 509 5.89 36.65 -2.62
CA GLY C 509 4.66 36.04 -3.10
C GLY C 509 4.69 34.54 -2.87
N ARG C 510 3.86 33.83 -3.64
CA ARG C 510 3.73 32.40 -3.44
C ARG C 510 3.33 31.79 -4.77
N PHE C 511 3.42 30.48 -4.82
CA PHE C 511 2.92 29.72 -5.96
C PHE C 511 1.55 29.18 -5.66
N GLU C 512 0.61 29.37 -6.61
CA GLU C 512 -0.75 28.78 -6.59
C GLU C 512 -0.97 28.11 -7.93
N LYS C 513 -1.19 26.79 -7.87
CA LYS C 513 -1.39 25.95 -9.06
C LYS C 513 -0.15 26.19 -9.94
N GLY C 514 1.04 26.25 -9.36
CA GLY C 514 2.32 26.38 -10.07
C GLY C 514 2.57 27.76 -10.67
N LYS C 515 1.68 28.74 -10.49
CA LYS C 515 1.81 30.13 -11.01
C LYS C 515 2.22 31.05 -9.85
N TRP C 516 3.18 31.95 -10.11
CA TRP C 516 3.60 33.00 -9.14
C TRP C 516 2.47 34.02 -8.94
N VAL C 517 2.18 34.24 -7.67
CA VAL C 517 1.23 35.28 -7.24
C VAL C 517 2.00 36.27 -6.39
N MET C 518 2.09 37.53 -6.82
N MET C 518 1.92 37.53 -6.80
CA MET C 518 2.80 38.60 -6.07
CA MET C 518 2.57 38.62 -6.06
C MET C 518 1.89 39.16 -4.97
C MET C 518 1.72 38.97 -4.86
N GLU C 519 2.39 39.18 -3.73
CA GLU C 519 1.69 39.76 -2.56
C GLU C 519 2.09 41.23 -2.43
N ARG C 520 3.37 41.52 -2.47
CA ARG C 520 3.83 42.92 -2.33
C ARG C 520 5.22 43.05 -2.93
N VAL C 521 5.61 44.30 -3.19
CA VAL C 521 6.96 44.64 -3.65
C VAL C 521 7.81 45.01 -2.45
N TRP C 522 8.99 44.39 -2.26
CA TRP C 522 9.94 44.91 -1.24
C TRP C 522 10.73 46.03 -1.88
N ASN C 523 10.77 47.18 -1.23
CA ASN C 523 11.55 48.31 -1.75
C ASN C 523 11.94 49.20 -0.57
N GLY C 524 12.60 50.32 -0.87
CA GLY C 524 12.96 51.26 0.23
C GLY C 524 13.79 50.57 1.30
N ASP C 525 13.45 50.73 2.57
CA ASP C 525 14.19 50.17 3.70
C ASP C 525 14.40 48.64 3.50
N GLN C 526 13.41 47.98 2.91
CA GLN C 526 13.43 46.49 2.84
C GLN C 526 14.46 46.03 1.80
N THR C 527 14.95 46.87 0.90
CA THR C 527 15.99 46.49 -0.10
C THR C 527 17.23 47.36 -0.06
N ASP C 528 17.28 48.38 0.80
CA ASP C 528 18.47 49.27 0.90
C ASP C 528 19.66 48.57 1.54
N TRP C 529 19.41 47.64 2.46
CA TRP C 529 20.45 47.09 3.35
C TRP C 529 20.47 45.58 3.14
N GLY C 530 20.44 45.17 1.89
CA GLY C 530 20.23 43.75 1.60
C GLY C 530 18.77 43.32 1.84
N LEU C 531 18.55 42.00 1.81
CA LEU C 531 17.26 41.37 2.05
C LEU C 531 17.38 40.68 3.39
N ASN C 532 16.67 41.20 4.37
CA ASN C 532 16.80 40.78 5.79
C ASN C 532 15.62 39.90 6.18
N PHE C 533 15.97 38.74 6.73
CA PHE C 533 15.02 37.71 7.15
C PHE C 533 15.18 37.42 8.64
N THR C 534 14.08 37.23 9.33
CA THR C 534 14.04 36.86 10.74
C THR C 534 13.66 35.39 10.81
N ASP C 535 12.74 35.05 11.64
CA ASP C 535 12.27 33.65 11.75
C ASP C 535 11.02 33.40 10.95
N ARG C 536 10.42 34.41 10.35
CA ARG C 536 9.15 34.27 9.61
C ARG C 536 9.45 33.94 8.14
N PRO C 537 8.55 33.21 7.47
CA PRO C 537 8.78 32.86 6.09
C PRO C 537 8.41 33.99 5.12
N HIS C 538 9.29 34.21 4.17
CA HIS C 538 9.08 35.10 3.02
C HIS C 538 9.73 34.47 1.82
N LEU C 539 8.98 34.33 0.72
CA LEU C 539 9.58 33.85 -0.55
C LEU C 539 9.62 35.02 -1.52
N LEU C 540 10.81 35.30 -2.01
CA LEU C 540 11.11 36.43 -2.89
C LEU C 540 11.47 35.99 -4.32
N ARG C 541 11.03 36.75 -5.30
CA ARG C 541 11.63 36.76 -6.67
C ARG C 541 12.40 38.08 -6.80
N VAL C 542 13.70 37.96 -7.00
CA VAL C 542 14.69 39.05 -7.04
C VAL C 542 15.14 39.22 -8.48
N LYS C 543 14.82 40.37 -9.12
CA LYS C 543 15.26 40.73 -10.46
C LYS C 543 16.34 41.82 -10.37
N MET C 544 17.53 41.53 -10.83
CA MET C 544 18.70 42.41 -10.89
C MET C 544 18.84 43.01 -12.30
N ALA C 545 19.38 44.22 -12.38
CA ALA C 545 19.63 44.93 -13.65
C ALA C 545 20.97 45.68 -13.59
N SER C 546 21.74 45.56 -14.66
CA SER C 546 22.83 46.51 -15.01
C SER C 546 22.23 47.52 -15.99
N TYR C 547 22.67 48.75 -15.90
CA TYR C 547 22.10 49.82 -16.74
C TYR C 547 23.25 50.78 -17.10
N SER C 548 23.11 51.33 -18.28
CA SER C 548 24.07 52.30 -18.84
C SER C 548 23.88 53.65 -18.18
N VAL C 549 25.01 54.32 -17.92
CA VAL C 549 25.03 55.76 -17.53
C VAL C 549 25.82 56.60 -18.51
N GLN C 550 26.05 56.06 -19.73
CA GLN C 550 26.71 56.75 -20.87
C GLN C 550 25.67 57.61 -21.59
N ALA D 11 -52.28 -14.30 -14.63
CA ALA D 11 -52.53 -14.90 -13.26
C ALA D 11 -51.24 -14.83 -12.40
N ALA D 12 -50.05 -14.83 -12.98
CA ALA D 12 -48.77 -15.00 -12.28
C ALA D 12 -48.53 -13.86 -11.28
N PRO D 13 -48.17 -14.15 -10.03
CA PRO D 13 -47.85 -13.07 -9.10
C PRO D 13 -46.61 -12.32 -9.57
N LEU D 14 -46.58 -11.05 -9.25
CA LEU D 14 -45.39 -10.22 -9.56
C LEU D 14 -44.14 -10.81 -8.91
N PRO D 15 -42.97 -10.73 -9.59
CA PRO D 15 -41.73 -10.95 -8.88
C PRO D 15 -41.56 -9.95 -7.73
N GLU D 16 -40.93 -10.36 -6.66
CA GLU D 16 -40.70 -9.45 -5.49
C GLU D 16 -39.49 -9.90 -4.72
N LEU D 17 -38.77 -8.95 -4.20
CA LEU D 17 -37.69 -9.21 -3.25
C LEU D 17 -38.24 -9.21 -1.83
N LEU D 18 -38.15 -10.36 -1.13
CA LEU D 18 -38.51 -10.51 0.31
C LEU D 18 -37.27 -10.43 1.16
N SER D 19 -37.40 -9.75 2.30
CA SER D 19 -36.30 -9.64 3.28
C SER D 19 -36.90 -9.81 4.66
N ASN D 20 -36.51 -10.88 5.35
CA ASN D 20 -37.06 -11.20 6.69
C ASN D 20 -35.97 -11.87 7.51
N ASN D 21 -35.89 -11.54 8.79
CA ASN D 21 -34.97 -12.26 9.71
C ASN D 21 -33.53 -12.21 9.19
N GLY D 22 -33.14 -11.15 8.49
CA GLY D 22 -31.75 -10.99 8.03
C GLY D 22 -31.49 -11.80 6.77
N LYS D 23 -32.51 -12.39 6.18
CA LYS D 23 -32.38 -13.25 5.00
C LYS D 23 -33.19 -12.63 3.85
N HIS D 24 -32.98 -13.15 2.65
CA HIS D 24 -33.63 -12.59 1.46
C HIS D 24 -33.95 -13.66 0.43
N ALA D 25 -34.95 -13.34 -0.37
CA ALA D 25 -35.30 -14.20 -1.54
C ALA D 25 -35.82 -13.31 -2.67
N LEU D 26 -35.44 -13.64 -3.88
CA LEU D 26 -36.11 -13.15 -5.05
C LEU D 26 -37.24 -14.12 -5.36
N MET D 27 -38.46 -13.68 -5.22
CA MET D 27 -39.62 -14.50 -5.60
C MET D 27 -39.94 -14.28 -7.06
N VAL D 28 -40.05 -15.40 -7.80
CA VAL D 28 -40.44 -15.42 -9.23
C VAL D 28 -41.51 -16.48 -9.38
N ASP D 29 -42.67 -16.10 -9.83
CA ASP D 29 -43.81 -17.03 -9.96
C ASP D 29 -44.20 -17.63 -8.61
N GLY D 30 -44.06 -16.86 -7.52
CA GLY D 30 -44.54 -17.20 -6.17
C GLY D 30 -43.62 -18.08 -5.34
N ALA D 31 -42.34 -18.23 -5.72
CA ALA D 31 -41.39 -19.02 -4.93
C ALA D 31 -40.00 -18.44 -5.16
N PRO D 32 -39.07 -18.71 -4.22
CA PRO D 32 -37.72 -18.24 -4.38
C PRO D 32 -37.07 -18.73 -5.66
N TYR D 33 -36.20 -17.91 -6.21
CA TYR D 33 -35.57 -18.13 -7.52
C TYR D 33 -34.13 -17.69 -7.43
N ILE D 34 -33.25 -18.39 -8.16
CA ILE D 34 -31.82 -18.00 -8.28
C ILE D 34 -31.53 -17.59 -9.71
N ILE D 35 -31.11 -16.38 -9.94
CA ILE D 35 -30.65 -15.94 -11.25
C ILE D 35 -29.28 -16.58 -11.56
N LEU D 36 -29.28 -17.60 -12.41
CA LEU D 36 -28.06 -18.15 -13.01
C LEU D 36 -27.92 -17.51 -14.38
N GLY D 37 -27.33 -16.36 -14.29
CA GLY D 37 -27.45 -15.33 -15.34
C GLY D 37 -26.33 -15.26 -16.36
N SER D 38 -26.47 -14.25 -17.17
N SER D 38 -26.61 -14.59 -17.45
CA SER D 38 -25.65 -14.01 -18.37
CA SER D 38 -25.57 -14.00 -18.32
C SER D 38 -25.94 -12.58 -18.82
C SER D 38 -25.92 -12.54 -18.57
N GLN D 39 -24.93 -11.75 -18.93
CA GLN D 39 -25.16 -10.40 -19.46
C GLN D 39 -24.49 -10.28 -20.81
N THR D 40 -25.19 -9.59 -21.72
CA THR D 40 -24.63 -9.29 -23.03
C THR D 40 -23.49 -8.26 -22.93
N ASN D 41 -22.73 -8.13 -23.98
CA ASN D 41 -21.83 -6.99 -24.24
C ASN D 41 -22.76 -5.77 -24.36
N ASN D 42 -22.12 -4.60 -24.29
CA ASN D 42 -22.85 -3.32 -24.16
C ASN D 42 -23.54 -2.85 -25.46
N SER D 43 -23.27 -3.47 -26.64
CA SER D 43 -23.79 -3.05 -27.95
C SER D 43 -24.63 -4.18 -28.58
N SER D 44 -25.23 -4.99 -27.72
CA SER D 44 -26.04 -6.18 -28.15
C SER D 44 -27.53 -5.93 -28.05
N ASN D 45 -27.93 -4.70 -27.65
CA ASN D 45 -29.32 -4.32 -27.37
C ASN D 45 -30.09 -3.94 -28.62
N TYR D 46 -29.97 -4.74 -29.69
CA TYR D 46 -30.71 -4.53 -30.95
C TYR D 46 -31.19 -5.85 -31.51
N PRO D 47 -32.33 -5.87 -32.24
CA PRO D 47 -32.83 -7.14 -32.77
C PRO D 47 -31.80 -7.95 -33.54
N ASP D 48 -30.99 -7.33 -34.35
CA ASP D 48 -30.02 -8.06 -35.25
C ASP D 48 -28.96 -8.75 -34.41
N ALA D 49 -28.71 -8.31 -33.16
CA ALA D 49 -27.58 -8.82 -32.38
C ALA D 49 -28.01 -10.07 -31.60
N LEU D 50 -29.29 -10.28 -31.39
CA LEU D 50 -29.78 -11.32 -30.49
C LEU D 50 -29.33 -12.70 -31.00
N LYS D 51 -29.20 -12.89 -32.28
CA LYS D 51 -28.78 -14.21 -32.80
C LYS D 51 -27.37 -14.56 -32.31
N ASP D 52 -26.59 -13.57 -31.86
CA ASP D 52 -25.24 -13.74 -31.32
C ASP D 52 -25.30 -13.88 -29.78
N VAL D 53 -26.46 -13.80 -29.18
CA VAL D 53 -26.62 -13.89 -27.74
C VAL D 53 -27.20 -15.25 -27.37
N TRP D 54 -28.31 -15.65 -28.02
CA TRP D 54 -29.03 -16.84 -27.53
C TRP D 54 -28.16 -18.10 -27.55
N PRO D 55 -27.32 -18.35 -28.56
CA PRO D 55 -26.57 -19.63 -28.51
C PRO D 55 -25.70 -19.74 -27.25
N SER D 56 -25.08 -18.65 -26.85
CA SER D 56 -24.24 -18.65 -25.66
C SER D 56 -25.08 -18.93 -24.44
N MET D 57 -26.27 -18.33 -24.35
CA MET D 57 -27.12 -18.55 -23.19
C MET D 57 -27.43 -20.06 -23.05
N GLU D 58 -27.72 -20.70 -24.19
CA GLU D 58 -28.06 -22.14 -24.23
C GLU D 58 -26.85 -22.99 -23.82
N LYS D 59 -25.68 -22.70 -24.34
CA LYS D 59 -24.45 -23.40 -23.97
C LYS D 59 -24.14 -23.22 -22.48
N MET D 60 -24.43 -22.03 -21.94
CA MET D 60 -24.10 -21.75 -20.54
C MET D 60 -25.09 -22.43 -19.61
N GLY D 61 -26.34 -22.65 -20.05
CA GLY D 61 -27.41 -23.13 -19.19
C GLY D 61 -27.95 -22.01 -18.28
N ALA D 62 -27.81 -20.76 -18.72
CA ALA D 62 -28.34 -19.65 -17.93
C ALA D 62 -29.87 -19.64 -17.94
N ASN D 63 -30.48 -19.18 -16.88
CA ASN D 63 -31.95 -19.06 -16.76
C ASN D 63 -32.44 -17.63 -16.97
N THR D 64 -31.53 -16.67 -16.99
CA THR D 64 -31.91 -15.23 -17.03
C THR D 64 -30.84 -14.48 -17.81
N LEU D 65 -31.29 -13.60 -18.69
CA LEU D 65 -30.43 -12.73 -19.50
C LEU D 65 -30.60 -11.28 -19.00
N SER D 66 -29.48 -10.69 -18.69
CA SER D 66 -29.41 -9.24 -18.41
C SER D 66 -28.96 -8.55 -19.69
N ILE D 67 -29.71 -7.50 -20.12
CA ILE D 67 -29.42 -6.86 -21.40
C ILE D 67 -29.84 -5.39 -21.27
N PRO D 68 -29.13 -4.49 -21.97
CA PRO D 68 -29.50 -3.09 -21.88
C PRO D 68 -30.79 -2.81 -22.62
N VAL D 69 -31.52 -1.81 -22.12
CA VAL D 69 -32.52 -1.02 -22.83
C VAL D 69 -32.05 0.43 -22.67
N ALA D 70 -31.73 1.06 -23.77
CA ALA D 70 -31.09 2.37 -23.72
C ALA D 70 -32.12 3.50 -23.94
N TRP D 71 -32.01 4.53 -23.14
CA TRP D 71 -32.87 5.71 -23.36
C TRP D 71 -32.78 6.18 -24.83
N GLU D 72 -31.60 6.23 -25.42
CA GLU D 72 -31.41 6.69 -26.81
C GLU D 72 -32.28 5.89 -27.80
N GLN D 73 -32.44 4.57 -27.53
CA GLN D 73 -33.20 3.72 -28.50
C GLN D 73 -34.70 3.81 -28.25
N ILE D 74 -35.15 4.04 -27.04
CA ILE D 74 -36.61 4.10 -26.81
C ILE D 74 -37.16 5.53 -27.00
N GLU D 75 -36.31 6.56 -26.89
CA GLU D 75 -36.82 7.94 -27.09
C GLU D 75 -35.87 8.70 -27.97
N PRO D 76 -35.69 8.31 -29.24
CA PRO D 76 -34.61 8.89 -30.03
C PRO D 76 -34.84 10.37 -30.39
N VAL D 77 -36.11 10.72 -30.41
CA VAL D 77 -36.59 12.11 -30.57
C VAL D 77 -37.54 12.30 -29.40
N GLU D 78 -37.52 13.49 -28.77
CA GLU D 78 -38.29 13.68 -27.57
C GLU D 78 -39.78 13.44 -27.85
N GLY D 79 -40.37 12.61 -27.00
CA GLY D 79 -41.81 12.25 -27.04
C GLY D 79 -42.16 11.23 -28.10
N GLN D 80 -41.18 10.73 -28.84
CA GLN D 80 -41.44 9.77 -29.95
C GLN D 80 -40.87 8.39 -29.54
N PHE D 81 -41.68 7.59 -28.86
CA PHE D 81 -41.20 6.36 -28.20
C PHE D 81 -41.18 5.20 -29.21
N ASP D 82 -40.13 4.40 -29.08
CA ASP D 82 -39.86 3.22 -29.94
C ASP D 82 -39.53 2.01 -29.05
N PHE D 83 -40.48 1.09 -28.91
CA PHE D 83 -40.27 -0.17 -28.15
C PHE D 83 -40.02 -1.36 -29.09
N SER D 84 -39.64 -1.15 -30.32
CA SER D 84 -39.47 -2.26 -31.31
C SER D 84 -38.47 -3.28 -30.76
N PHE D 85 -37.36 -2.84 -30.11
CA PHE D 85 -36.36 -3.78 -29.59
C PHE D 85 -36.98 -4.61 -28.48
N VAL D 86 -37.65 -3.98 -27.53
CA VAL D 86 -38.22 -4.65 -26.36
C VAL D 86 -39.22 -5.69 -26.85
N ASP D 87 -40.02 -5.36 -27.85
CA ASP D 87 -41.01 -6.30 -28.42
C ASP D 87 -40.27 -7.59 -28.85
N VAL D 88 -39.28 -7.44 -29.69
CA VAL D 88 -38.49 -8.60 -30.24
C VAL D 88 -37.90 -9.36 -29.06
N LEU D 89 -37.26 -8.64 -28.14
CA LEU D 89 -36.56 -9.30 -27.01
C LEU D 89 -37.53 -10.16 -26.21
N LEU D 90 -38.69 -9.59 -25.83
CA LEU D 90 -39.65 -10.33 -25.02
C LEU D 90 -40.01 -11.62 -25.78
N LYS D 91 -40.35 -11.50 -27.05
CA LYS D 91 -40.87 -12.67 -27.84
C LYS D 91 -39.76 -13.70 -27.96
N GLU D 92 -38.54 -13.28 -28.20
CA GLU D 92 -37.45 -14.28 -28.39
C GLU D 92 -37.08 -14.91 -27.05
N ALA D 93 -37.11 -14.17 -25.94
CA ALA D 93 -36.86 -14.74 -24.61
C ALA D 93 -37.92 -15.79 -24.29
N ARG D 94 -39.17 -15.50 -24.55
CA ARG D 94 -40.29 -16.43 -24.27
C ARG D 94 -40.09 -17.69 -25.11
N GLN D 95 -39.72 -17.58 -26.34
CA GLN D 95 -39.52 -18.78 -27.21
C GLN D 95 -38.44 -19.65 -26.59
N ARG D 96 -37.44 -19.06 -25.95
CA ARG D 96 -36.35 -19.82 -25.31
C ARG D 96 -36.58 -20.16 -23.84
N LYS D 97 -37.73 -19.83 -23.30
CA LYS D 97 -38.12 -20.12 -21.92
C LYS D 97 -37.04 -19.62 -20.98
N VAL D 98 -36.69 -18.35 -21.14
CA VAL D 98 -35.73 -17.70 -20.23
C VAL D 98 -36.34 -16.38 -19.77
N ARG D 99 -35.81 -15.91 -18.65
CA ARG D 99 -36.28 -14.62 -18.08
C ARG D 99 -35.26 -13.53 -18.33
N LEU D 100 -35.72 -12.28 -18.07
CA LEU D 100 -34.91 -11.11 -18.43
C LEU D 100 -34.75 -10.15 -17.22
N VAL D 101 -33.56 -9.57 -17.15
CA VAL D 101 -33.37 -8.35 -16.31
C VAL D 101 -32.99 -7.26 -17.33
N LEU D 102 -33.80 -6.20 -17.38
CA LEU D 102 -33.49 -5.09 -18.28
C LEU D 102 -32.60 -4.05 -17.58
N LEU D 103 -31.61 -3.58 -18.29
CA LEU D 103 -30.66 -2.61 -17.69
C LEU D 103 -30.95 -1.23 -18.33
N TRP D 104 -31.57 -0.35 -17.52
CA TRP D 104 -31.94 1.00 -17.98
C TRP D 104 -30.70 1.88 -18.07
N PHE D 105 -30.16 2.06 -19.28
CA PHE D 105 -28.93 2.85 -19.60
C PHE D 105 -29.44 4.26 -19.97
N ALA D 106 -29.31 5.20 -19.04
CA ALA D 106 -30.01 6.50 -19.16
C ALA D 106 -29.08 7.66 -18.71
N THR D 107 -29.43 8.34 -17.61
CA THR D 107 -28.61 9.48 -17.15
C THR D 107 -27.16 9.07 -16.92
N TRP D 108 -26.96 7.87 -16.32
CA TRP D 108 -25.59 7.35 -16.13
C TRP D 108 -25.50 5.95 -16.77
N LYS D 109 -24.40 5.79 -17.43
CA LYS D 109 -23.85 4.46 -17.84
C LYS D 109 -22.33 4.63 -17.64
N ASN D 110 -21.81 4.01 -16.61
CA ASN D 110 -20.38 4.17 -16.25
C ASN D 110 -20.04 5.67 -16.12
N ASN D 111 -20.90 6.28 -15.30
CA ASN D 111 -20.70 7.74 -14.93
C ASN D 111 -21.18 8.73 -15.98
N ALA D 112 -21.43 8.32 -17.23
CA ALA D 112 -21.53 9.17 -18.44
C ALA D 112 -22.90 9.07 -19.10
N PRO D 113 -23.23 10.05 -19.94
CA PRO D 113 -24.53 10.05 -20.58
C PRO D 113 -24.57 9.55 -22.01
N HIS D 114 -23.67 8.61 -22.35
CA HIS D 114 -23.50 8.24 -23.78
C HIS D 114 -24.75 7.52 -24.30
N TYR D 115 -25.52 6.88 -23.45
CA TYR D 115 -26.77 6.18 -23.86
C TYR D 115 -28.02 7.01 -23.72
N ALA D 116 -27.85 8.27 -23.26
CA ALA D 116 -28.98 9.20 -23.30
C ALA D 116 -29.16 9.63 -24.77
N PRO D 117 -30.38 10.01 -25.18
CA PRO D 117 -30.59 10.50 -26.55
C PRO D 117 -29.70 11.71 -26.90
N ALA D 118 -29.51 11.97 -28.17
CA ALA D 118 -28.69 13.12 -28.65
C ALA D 118 -29.31 14.42 -28.08
N TRP D 119 -30.61 14.50 -28.04
CA TRP D 119 -31.29 15.76 -27.57
C TRP D 119 -31.08 15.96 -26.10
N VAL D 120 -30.60 14.95 -25.39
CA VAL D 120 -30.20 15.06 -23.98
C VAL D 120 -28.70 15.31 -23.91
N LYS D 121 -27.87 14.37 -24.37
CA LYS D 121 -26.42 14.44 -24.06
C LYS D 121 -25.77 15.64 -24.75
N LEU D 122 -26.36 16.20 -25.82
CA LEU D 122 -25.75 17.33 -26.55
C LEU D 122 -26.28 18.66 -26.03
N ASP D 123 -27.18 18.69 -25.08
CA ASP D 123 -27.84 19.96 -24.60
C ASP D 123 -27.50 20.16 -23.11
N ASN D 124 -26.28 20.68 -22.89
CA ASN D 124 -25.80 20.89 -21.50
C ASN D 124 -26.58 22.03 -20.81
N ALA D 125 -27.05 23.02 -21.57
CA ALA D 125 -27.85 24.05 -20.90
C ALA D 125 -29.11 23.46 -20.23
N ARG D 126 -29.80 22.55 -20.91
CA ARG D 126 -31.04 21.96 -20.34
C ARG D 126 -30.66 20.89 -19.33
N PHE D 127 -29.64 20.11 -19.64
CA PHE D 127 -29.30 18.87 -18.90
C PHE D 127 -27.84 19.00 -18.48
N PRO D 128 -27.57 19.63 -17.31
CA PRO D 128 -26.20 20.00 -17.00
C PRO D 128 -25.25 18.93 -16.46
N ARG D 129 -24.00 19.09 -16.82
CA ARG D 129 -22.87 18.31 -16.35
C ARG D 129 -22.32 18.77 -15.01
N VAL D 130 -21.74 17.85 -14.29
CA VAL D 130 -20.85 18.08 -13.13
C VAL D 130 -19.77 19.09 -13.52
N VAL D 131 -19.63 20.12 -12.67
CA VAL D 131 -18.53 21.09 -12.83
C VAL D 131 -17.52 20.83 -11.71
N LYS D 132 -16.25 20.80 -12.08
CA LYS D 132 -15.19 20.58 -11.08
C LYS D 132 -14.95 21.86 -10.26
N GLU D 133 -14.25 21.73 -9.14
CA GLU D 133 -13.92 22.88 -8.27
C GLU D 133 -13.19 23.93 -9.12
N ASP D 134 -12.37 23.53 -10.10
CA ASP D 134 -11.54 24.45 -10.92
C ASP D 134 -12.35 25.04 -12.07
N GLY D 135 -13.65 24.72 -12.15
CA GLY D 135 -14.59 25.24 -13.14
C GLY D 135 -14.55 24.46 -14.47
N ASP D 136 -13.71 23.45 -14.66
CA ASP D 136 -13.78 22.61 -15.88
C ASP D 136 -15.01 21.70 -15.75
N THR D 137 -15.51 21.22 -16.87
CA THR D 137 -16.71 20.35 -16.94
C THR D 137 -16.32 18.90 -17.20
N LEU D 138 -16.99 18.00 -16.49
CA LEU D 138 -16.84 16.56 -16.79
C LEU D 138 -18.05 16.07 -17.55
N ASN D 139 -17.85 14.94 -18.31
CA ASN D 139 -18.96 14.34 -19.07
C ASN D 139 -19.71 13.36 -18.15
N SER D 140 -20.36 13.88 -17.14
CA SER D 140 -21.11 13.18 -16.08
C SER D 140 -22.25 14.08 -15.69
N LEU D 141 -23.48 13.67 -15.91
CA LEU D 141 -24.61 14.56 -15.69
C LEU D 141 -24.79 14.77 -14.19
N SER D 142 -25.10 16.04 -13.84
CA SER D 142 -25.28 16.37 -12.41
C SER D 142 -26.59 15.79 -11.90
N PRO D 143 -26.60 15.17 -10.70
CA PRO D 143 -27.87 14.70 -10.14
C PRO D 143 -28.79 15.81 -9.65
N LEU D 144 -28.32 17.05 -9.71
N LEU D 144 -28.27 17.05 -9.66
CA LEU D 144 -29.17 18.19 -9.30
CA LEU D 144 -29.04 18.27 -9.29
C LEU D 144 -29.74 18.91 -10.52
C LEU D 144 -29.87 18.80 -10.49
N GLY D 145 -29.62 18.30 -11.72
CA GLY D 145 -30.29 18.74 -12.95
C GLY D 145 -31.75 18.35 -12.94
N GLN D 146 -32.66 19.21 -12.55
CA GLN D 146 -34.09 18.84 -12.37
C GLN D 146 -34.70 18.45 -13.72
N ASN D 147 -34.29 19.09 -14.80
CA ASN D 147 -34.84 18.76 -16.15
C ASN D 147 -34.39 17.32 -16.51
N THR D 148 -33.17 16.95 -16.15
CA THR D 148 -32.63 15.62 -16.50
C THR D 148 -33.47 14.58 -15.77
N LEU D 149 -33.68 14.76 -14.47
CA LEU D 149 -34.50 13.85 -13.65
C LEU D 149 -35.89 13.72 -14.24
N ALA D 150 -36.56 14.79 -14.61
CA ALA D 150 -37.92 14.74 -15.15
C ALA D 150 -37.91 13.92 -16.44
N ALA D 151 -36.92 14.13 -17.27
CA ALA D 151 -36.86 13.51 -18.61
C ALA D 151 -36.58 12.00 -18.48
N ASP D 152 -35.65 11.66 -17.65
CA ASP D 152 -35.26 10.23 -17.42
C ASP D 152 -36.51 9.53 -16.85
N LYS D 153 -37.10 10.06 -15.78
CA LYS D 153 -38.32 9.54 -15.18
C LYS D 153 -39.39 9.36 -16.26
N LYS D 154 -39.61 10.31 -17.14
CA LYS D 154 -40.73 10.23 -18.11
C LYS D 154 -40.45 9.05 -19.06
N ALA D 155 -39.24 8.88 -19.51
CA ALA D 155 -38.90 7.75 -20.43
C ALA D 155 -38.96 6.42 -19.67
N PHE D 156 -38.50 6.36 -18.46
CA PHE D 156 -38.54 5.14 -17.64
C PHE D 156 -39.99 4.69 -17.47
N VAL D 157 -40.85 5.63 -17.15
CA VAL D 157 -42.27 5.36 -16.95
C VAL D 157 -42.84 4.80 -18.24
N GLU D 158 -42.47 5.30 -19.39
CA GLU D 158 -43.01 4.73 -20.67
C GLU D 158 -42.48 3.30 -20.82
N LEU D 159 -41.27 3.02 -20.43
CA LEU D 159 -40.75 1.62 -20.53
C LEU D 159 -41.60 0.76 -19.63
N MET D 160 -41.84 1.18 -18.38
CA MET D 160 -42.58 0.36 -17.41
C MET D 160 -44.04 0.23 -17.88
N LYS D 161 -44.62 1.23 -18.52
CA LYS D 161 -45.98 1.10 -19.11
C LYS D 161 -45.96 0.04 -20.21
N TYR D 162 -44.88 -0.02 -20.99
CA TYR D 162 -44.75 -1.06 -22.06
C TYR D 162 -44.77 -2.44 -21.37
N LEU D 163 -44.00 -2.65 -20.33
CA LEU D 163 -44.04 -3.94 -19.62
C LEU D 163 -45.40 -4.18 -18.99
N ALA D 164 -46.07 -3.16 -18.36
CA ALA D 164 -47.37 -3.38 -17.74
C ALA D 164 -48.36 -3.92 -18.80
N LYS D 165 -48.32 -3.35 -20.02
CA LYS D 165 -49.31 -3.67 -21.08
C LYS D 165 -48.88 -4.96 -21.88
N ARG D 166 -47.60 -5.26 -21.96
CA ARG D 166 -47.10 -6.22 -22.94
C ARG D 166 -46.39 -7.37 -22.25
N ASP D 167 -46.24 -7.39 -20.93
CA ASP D 167 -45.50 -8.47 -20.25
C ASP D 167 -46.20 -8.97 -18.99
N LYS D 168 -47.44 -9.39 -19.16
CA LYS D 168 -48.33 -9.79 -18.07
C LYS D 168 -47.83 -11.05 -17.34
N ASP D 169 -47.04 -11.89 -18.02
CA ASP D 169 -46.47 -13.11 -17.41
C ASP D 169 -45.07 -12.86 -16.80
N HIS D 170 -44.63 -11.60 -16.82
CA HIS D 170 -43.37 -11.19 -16.17
C HIS D 170 -42.16 -11.96 -16.71
N THR D 171 -42.01 -11.96 -18.03
CA THR D 171 -40.77 -12.39 -18.68
C THR D 171 -39.61 -11.63 -18.04
N VAL D 172 -39.88 -10.31 -17.88
CA VAL D 172 -38.91 -9.43 -17.19
C VAL D 172 -39.20 -9.47 -15.70
N ILE D 173 -38.19 -9.91 -14.93
CA ILE D 173 -38.35 -10.17 -13.49
C ILE D 173 -37.75 -9.03 -12.65
N MET D 174 -36.86 -8.23 -13.19
CA MET D 174 -36.17 -7.17 -12.39
C MET D 174 -35.63 -6.14 -13.36
N VAL D 175 -35.53 -4.88 -12.93
CA VAL D 175 -34.95 -3.82 -13.76
C VAL D 175 -33.81 -3.16 -12.97
N GLN D 176 -32.71 -2.94 -13.63
CA GLN D 176 -31.57 -2.17 -13.11
C GLN D 176 -31.79 -0.72 -13.51
N VAL D 177 -31.80 0.16 -12.52
CA VAL D 177 -32.04 1.59 -12.81
C VAL D 177 -30.68 2.28 -12.94
N GLN D 178 -30.35 2.81 -14.13
CA GLN D 178 -29.01 3.31 -14.50
C GLN D 178 -28.01 2.20 -14.56
N ASN D 179 -26.77 2.52 -14.87
CA ASN D 179 -25.68 1.54 -14.84
C ASN D 179 -24.42 2.23 -14.28
N GLU D 180 -24.04 1.78 -13.10
CA GLU D 180 -22.81 2.37 -12.47
C GLU D 180 -22.84 3.91 -12.47
N VAL D 181 -23.71 4.39 -11.63
CA VAL D 181 -23.79 5.85 -11.41
C VAL D 181 -22.54 6.37 -10.73
N GLY D 182 -22.38 7.70 -10.78
CA GLY D 182 -21.27 8.35 -10.10
C GLY D 182 -20.51 9.26 -11.03
N THR D 183 -19.33 9.72 -10.57
CA THR D 183 -18.47 10.58 -11.38
C THR D 183 -17.02 10.21 -11.16
N TYR D 184 -16.33 10.06 -12.28
CA TYR D 184 -14.86 9.95 -12.29
C TYR D 184 -14.31 11.34 -12.45
N GLY D 185 -13.24 11.67 -11.73
CA GLY D 185 -12.51 12.92 -11.99
C GLY D 185 -12.89 14.06 -11.07
N ALA D 186 -13.90 13.91 -10.26
CA ALA D 186 -14.35 14.87 -9.22
C ALA D 186 -15.17 14.16 -8.16
N VAL D 187 -15.29 14.73 -6.97
CA VAL D 187 -16.03 14.06 -5.87
C VAL D 187 -17.54 14.35 -5.95
N ARG D 188 -17.90 15.55 -6.47
CA ARG D 188 -19.30 15.97 -6.59
C ARG D 188 -19.39 17.07 -7.67
N ASP D 189 -20.61 17.57 -7.88
CA ASP D 189 -20.86 18.77 -8.67
C ASP D 189 -20.52 19.98 -7.80
N TYR D 190 -19.68 20.85 -8.32
CA TYR D 190 -19.33 22.15 -7.67
C TYR D 190 -19.87 23.34 -8.45
N SER D 191 -20.84 23.12 -9.35
CA SER D 191 -21.57 24.19 -10.06
C SER D 191 -22.24 25.08 -9.01
N PRO D 192 -22.46 26.35 -9.35
CA PRO D 192 -23.20 27.23 -8.44
C PRO D 192 -24.54 26.60 -8.00
N MET D 193 -25.26 25.94 -8.93
CA MET D 193 -26.56 25.28 -8.60
C MET D 193 -26.25 24.26 -7.49
N ALA D 194 -25.22 23.45 -7.64
CA ALA D 194 -24.96 22.42 -6.64
C ALA D 194 -24.44 23.01 -5.34
N GLN D 195 -23.64 24.06 -5.45
CA GLN D 195 -23.03 24.67 -4.25
C GLN D 195 -24.16 25.25 -3.37
N ALA D 196 -25.21 25.82 -3.97
CA ALA D 196 -26.34 26.42 -3.24
C ALA D 196 -27.04 25.35 -2.38
N VAL D 197 -27.10 24.11 -2.90
CA VAL D 197 -27.74 23.02 -2.13
C VAL D 197 -26.73 22.49 -1.06
N PHE D 198 -25.44 22.41 -1.42
CA PHE D 198 -24.40 21.97 -0.49
C PHE D 198 -24.27 22.93 0.69
N ASN D 199 -24.31 24.24 0.46
CA ASN D 199 -24.23 25.30 1.52
C ASN D 199 -25.44 25.27 2.45
N ALA D 200 -26.55 24.68 2.00
CA ALA D 200 -27.83 24.62 2.75
C ALA D 200 -27.89 23.43 3.73
N ALA D 201 -28.95 23.42 4.52
CA ALA D 201 -29.30 22.38 5.51
C ALA D 201 -29.26 21.02 4.83
N VAL D 202 -28.66 20.04 5.51
CA VAL D 202 -28.89 18.62 5.12
C VAL D 202 -30.37 18.35 5.39
N PRO D 203 -31.06 17.70 4.43
CA PRO D 203 -32.46 17.38 4.63
C PRO D 203 -32.73 16.62 5.93
N ASP D 204 -33.75 17.07 6.69
CA ASP D 204 -34.15 16.47 7.99
C ASP D 204 -34.30 14.94 7.87
N ASP D 205 -34.84 14.35 6.78
CA ASP D 205 -35.08 12.90 6.72
C ASP D 205 -33.74 12.17 6.89
N LEU D 206 -32.70 12.66 6.25
CA LEU D 206 -31.36 11.99 6.33
C LEU D 206 -30.80 12.18 7.74
N ILE D 207 -30.86 13.42 8.27
CA ILE D 207 -30.38 13.68 9.64
C ILE D 207 -31.05 12.71 10.62
N GLN D 208 -32.39 12.54 10.54
CA GLN D 208 -33.14 11.67 11.50
C GLN D 208 -32.77 10.21 11.29
N LYS D 209 -32.69 9.76 10.05
CA LYS D 209 -32.38 8.34 9.80
C LYS D 209 -30.96 8.03 10.24
N LEU D 210 -30.00 8.94 10.13
CA LEU D 210 -28.62 8.63 10.60
C LEU D 210 -28.45 9.06 12.07
N GLN D 211 -29.47 9.61 12.71
CA GLN D 211 -29.43 10.10 14.14
C GLN D 211 -28.24 11.06 14.35
N LEU D 212 -28.15 12.09 13.51
CA LEU D 212 -27.10 13.13 13.57
C LEU D 212 -27.73 14.42 14.12
N LYS D 213 -26.91 15.43 14.35
CA LYS D 213 -27.38 16.79 14.72
C LYS D 213 -27.54 17.54 13.41
N PRO D 214 -28.61 18.34 13.29
CA PRO D 214 -28.84 19.11 12.10
C PRO D 214 -27.68 20.07 11.80
N GLY D 215 -27.54 20.45 10.54
CA GLY D 215 -26.57 21.44 10.07
C GLY D 215 -26.44 21.35 8.55
N THR D 216 -25.51 22.10 7.99
CA THR D 216 -25.16 22.10 6.56
C THR D 216 -24.38 20.82 6.28
N TRP D 217 -24.18 20.52 5.00
CA TRP D 217 -23.38 19.35 4.62
C TRP D 217 -22.02 19.39 5.29
N SER D 218 -21.31 20.52 5.21
CA SER D 218 -19.94 20.65 5.76
C SER D 218 -19.98 20.47 7.28
N GLN D 219 -21.01 21.03 7.95
CA GLN D 219 -21.10 21.00 9.41
C GLN D 219 -21.35 19.55 9.84
N VAL D 220 -22.22 18.85 9.14
CA VAL D 220 -22.66 17.51 9.60
C VAL D 220 -21.59 16.47 9.25
N PHE D 221 -21.01 16.51 8.05
CA PHE D 221 -20.21 15.37 7.53
C PHE D 221 -18.70 15.65 7.46
N GLY D 222 -18.27 16.88 7.62
CA GLY D 222 -16.85 17.26 7.64
C GLY D 222 -16.17 16.74 6.39
N ARG D 223 -15.13 15.94 6.61
CA ARG D 223 -14.21 15.41 5.55
C ARG D 223 -15.01 14.65 4.51
N ASP D 224 -16.16 14.11 4.87
CA ASP D 224 -16.93 13.20 3.99
C ASP D 224 -18.03 14.00 3.32
N ALA D 225 -18.12 15.32 3.53
CA ALA D 225 -19.30 16.05 3.04
C ALA D 225 -19.42 15.97 1.50
N ASP D 226 -18.36 16.21 0.77
CA ASP D 226 -18.45 16.25 -0.71
C ASP D 226 -18.97 14.89 -1.24
N GLU D 227 -18.35 13.82 -0.82
CA GLU D 227 -18.66 12.45 -1.35
C GLU D 227 -20.05 12.04 -0.88
N PHE D 228 -20.39 12.29 0.38
CA PHE D 228 -21.73 11.95 0.90
C PHE D 228 -22.78 12.74 0.15
N PHE D 229 -22.52 14.02 -0.13
CA PHE D 229 -23.47 14.87 -0.87
C PHE D 229 -23.76 14.27 -2.25
N HIS D 230 -22.73 13.87 -2.97
CA HIS D 230 -22.88 13.34 -4.34
C HIS D 230 -23.69 12.03 -4.23
N ALA D 231 -23.35 11.17 -3.28
CA ALA D 231 -24.07 9.88 -3.11
C ALA D 231 -25.52 10.15 -2.77
N TYR D 232 -25.77 11.10 -1.86
CA TYR D 232 -27.17 11.42 -1.47
C TYR D 232 -27.94 11.87 -2.72
N GLN D 233 -27.42 12.87 -3.44
CA GLN D 233 -28.14 13.46 -4.56
C GLN D 233 -28.38 12.41 -5.64
N ILE D 234 -27.39 11.58 -5.92
CA ILE D 234 -27.59 10.53 -6.94
C ILE D 234 -28.64 9.53 -6.44
N ALA D 235 -28.52 9.12 -5.20
CA ALA D 235 -29.46 8.14 -4.60
C ALA D 235 -30.89 8.69 -4.70
N ARG D 236 -31.12 9.97 -4.31
CA ARG D 236 -32.44 10.55 -4.45
C ARG D 236 -32.92 10.50 -5.90
N TYR D 237 -32.07 10.85 -6.84
CA TYR D 237 -32.43 10.87 -8.27
C TYR D 237 -32.90 9.46 -8.63
N CYS D 238 -32.08 8.48 -8.32
CA CYS D 238 -32.40 7.05 -8.70
C CYS D 238 -33.65 6.56 -7.99
N ASP D 239 -33.89 6.98 -6.75
CA ASP D 239 -35.08 6.56 -5.98
C ASP D 239 -36.32 7.16 -6.67
N GLU D 240 -36.23 8.42 -7.09
CA GLU D 240 -37.43 9.06 -7.68
C GLU D 240 -37.75 8.36 -9.01
N VAL D 241 -36.74 8.03 -9.79
CA VAL D 241 -37.00 7.30 -11.08
C VAL D 241 -37.65 5.93 -10.72
N THR D 242 -37.08 5.23 -9.79
CA THR D 242 -37.54 3.91 -9.33
C THR D 242 -38.98 3.99 -8.91
N VAL D 243 -39.33 4.95 -8.01
CA VAL D 243 -40.72 5.11 -7.49
C VAL D 243 -41.67 5.33 -8.66
N ALA D 244 -41.30 6.17 -9.60
CA ALA D 244 -42.21 6.51 -10.72
C ALA D 244 -42.47 5.22 -11.53
N GLY D 245 -41.42 4.48 -11.80
CA GLY D 245 -41.61 3.25 -12.63
C GLY D 245 -42.38 2.19 -11.84
N LYS D 246 -42.11 2.01 -10.55
CA LYS D 246 -42.84 1.04 -9.67
CA LYS D 246 -42.83 1.01 -9.73
C LYS D 246 -44.32 1.36 -9.62
N ALA D 247 -44.67 2.68 -9.63
CA ALA D 247 -46.09 3.04 -9.62
C ALA D 247 -46.82 2.49 -10.86
N ILE D 248 -46.07 2.21 -11.94
CA ILE D 248 -46.64 1.60 -13.17
C ILE D 248 -46.68 0.07 -13.04
N LYS D 249 -45.55 -0.52 -12.72
CA LYS D 249 -45.48 -1.97 -12.46
C LYS D 249 -44.43 -2.19 -11.39
N ASN D 250 -44.86 -2.78 -10.28
CA ASN D 250 -43.98 -2.85 -9.08
C ASN D 250 -42.98 -4.04 -9.18
N LEU D 251 -42.14 -4.07 -10.21
CA LEU D 251 -41.05 -5.05 -10.29
C LEU D 251 -39.97 -4.69 -9.29
N PRO D 252 -39.18 -5.66 -8.80
CA PRO D 252 -37.94 -5.40 -8.09
C PRO D 252 -37.04 -4.54 -8.96
N MET D 253 -36.35 -3.57 -8.36
CA MET D 253 -35.41 -2.71 -9.10
C MET D 253 -34.15 -2.53 -8.25
N TYR D 254 -33.02 -2.35 -8.90
CA TYR D 254 -31.73 -2.32 -8.17
C TYR D 254 -30.76 -1.41 -8.88
N VAL D 255 -29.69 -1.04 -8.18
CA VAL D 255 -28.58 -0.30 -8.78
C VAL D 255 -27.31 -1.17 -8.66
N ASN D 256 -26.42 -0.99 -9.62
CA ASN D 256 -25.17 -1.72 -9.67
C ASN D 256 -23.95 -0.83 -9.50
N VAL D 257 -22.99 -1.30 -8.76
CA VAL D 257 -21.89 -0.46 -8.27
C VAL D 257 -20.58 -0.68 -8.98
N ALA D 258 -19.98 0.38 -9.51
CA ALA D 258 -18.56 0.47 -9.90
C ALA D 258 -17.77 0.43 -8.61
N LEU D 259 -17.32 -0.74 -8.19
CA LEU D 259 -16.73 -0.95 -6.86
C LEU D 259 -15.43 -0.19 -6.73
N ARG D 260 -15.27 0.37 -5.53
CA ARG D 260 -13.92 0.70 -5.10
C ARG D 260 -13.25 -0.56 -4.51
N ASN D 261 -11.91 -0.59 -4.52
CA ASN D 261 -11.17 -1.69 -3.92
C ASN D 261 -11.37 -1.59 -2.43
N PRO D 262 -11.97 -2.58 -1.77
CA PRO D 262 -12.34 -2.44 -0.36
C PRO D 262 -11.13 -2.34 0.59
N PHE D 263 -10.00 -2.89 0.15
CA PHE D 263 -8.75 -2.92 0.94
C PHE D 263 -7.81 -1.75 0.60
N ASN D 264 -8.01 -1.05 -0.52
CA ASN D 264 -7.10 0.01 -1.00
C ASN D 264 -7.84 0.92 -1.98
N PRO D 265 -8.85 1.67 -1.52
CA PRO D 265 -9.81 2.27 -2.43
C PRO D 265 -9.26 3.42 -3.26
N GLY D 266 -8.23 4.08 -2.74
CA GLY D 266 -7.91 5.40 -3.26
C GLY D 266 -8.98 6.42 -2.88
N LEU D 267 -8.98 7.51 -3.63
CA LEU D 267 -9.84 8.68 -3.28
C LEU D 267 -11.08 8.70 -4.18
N PRO D 268 -12.23 9.23 -3.68
CA PRO D 268 -13.40 9.40 -4.52
C PRO D 268 -13.03 10.31 -5.70
N GLY D 269 -13.50 9.88 -6.89
CA GLY D 269 -13.16 10.47 -8.19
C GLY D 269 -12.06 9.67 -8.88
N GLN D 270 -11.18 9.02 -8.13
CA GLN D 270 -10.32 7.98 -8.75
C GLN D 270 -11.26 6.76 -8.96
N TYR D 271 -11.95 6.31 -7.92
CA TYR D 271 -13.12 5.43 -8.11
C TYR D 271 -14.32 6.30 -8.42
N SER D 272 -15.42 5.72 -8.79
CA SER D 272 -16.63 6.41 -9.22
C SER D 272 -17.33 6.99 -7.99
N SER D 273 -17.15 8.31 -7.75
CA SER D 273 -17.72 8.95 -6.53
C SER D 273 -19.23 8.98 -6.62
N GLY D 274 -19.91 8.65 -5.54
CA GLY D 274 -21.37 8.81 -5.44
C GLY D 274 -22.17 7.55 -5.71
N GLY D 275 -21.53 6.57 -6.40
CA GLY D 275 -22.19 5.26 -6.47
C GLY D 275 -22.20 4.57 -5.11
N GLY D 276 -22.87 3.42 -5.03
CA GLY D 276 -23.06 2.66 -3.78
C GLY D 276 -21.81 1.93 -3.31
N THR D 277 -20.69 2.64 -3.20
CA THR D 277 -19.45 2.09 -2.67
C THR D 277 -19.60 1.81 -1.18
N ASP D 278 -18.74 0.96 -0.65
CA ASP D 278 -18.96 0.35 0.70
C ASP D 278 -19.07 1.46 1.76
N ASN D 279 -18.37 2.58 1.54
CA ASN D 279 -18.34 3.65 2.57
C ASN D 279 -19.59 4.53 2.54
N VAL D 280 -20.46 4.42 1.54
CA VAL D 280 -21.70 5.22 1.44
C VAL D 280 -22.95 4.36 1.42
N LEU D 281 -22.84 3.05 1.72
CA LEU D 281 -24.08 2.25 1.73
C LEU D 281 -25.10 2.83 2.69
N HIS D 282 -24.68 3.35 3.85
CA HIS D 282 -25.64 3.94 4.83
C HIS D 282 -26.35 5.15 4.22
N ILE D 283 -25.65 5.94 3.41
CA ILE D 283 -26.29 7.11 2.73
C ILE D 283 -27.30 6.61 1.71
N TRP D 284 -26.91 5.63 0.87
CA TRP D 284 -27.82 5.11 -0.16
C TRP D 284 -29.03 4.47 0.49
N LYS D 285 -28.87 3.70 1.57
CA LYS D 285 -30.03 3.01 2.18
C LYS D 285 -30.97 4.06 2.83
N ALA D 286 -30.45 5.15 3.41
CA ALA D 286 -31.31 6.17 4.05
C ALA D 286 -32.00 6.97 2.92
N ALA D 287 -31.25 7.25 1.84
CA ALA D 287 -31.74 8.17 0.78
C ALA D 287 -32.75 7.49 -0.15
N ALA D 288 -32.57 6.20 -0.40
CA ALA D 288 -33.28 5.53 -1.53
C ALA D 288 -33.99 4.29 -0.99
N PRO D 289 -35.08 4.46 -0.20
CA PRO D 289 -35.77 3.35 0.48
C PRO D 289 -36.55 2.50 -0.54
N ASN D 290 -36.73 3.01 -1.75
CA ASN D 290 -37.56 2.31 -2.76
C ASN D 290 -36.70 1.41 -3.65
N ILE D 291 -35.39 1.57 -3.64
CA ILE D 291 -34.50 0.70 -4.44
C ILE D 291 -34.31 -0.61 -3.64
N ASP D 292 -34.54 -1.75 -4.30
CA ASP D 292 -34.61 -3.00 -3.51
C ASP D 292 -33.24 -3.46 -2.99
N LEU D 293 -32.20 -3.34 -3.76
CA LEU D 293 -30.86 -3.76 -3.40
C LEU D 293 -29.80 -2.96 -4.17
N ILE D 294 -28.56 -3.00 -3.63
CA ILE D 294 -27.35 -2.39 -4.22
C ILE D 294 -26.41 -3.58 -4.53
N ALA D 295 -26.13 -3.74 -5.78
CA ALA D 295 -25.47 -4.95 -6.35
C ALA D 295 -24.03 -4.61 -6.70
N PRO D 296 -23.06 -5.46 -6.29
CA PRO D 296 -21.68 -5.26 -6.69
C PRO D 296 -21.39 -5.80 -8.09
N ASP D 297 -20.52 -5.10 -8.82
CA ASP D 297 -20.02 -5.46 -10.17
C ASP D 297 -18.58 -5.83 -9.96
N ILE D 298 -18.31 -7.17 -10.00
CA ILE D 298 -17.02 -7.70 -9.51
C ILE D 298 -16.04 -8.03 -10.62
N TYR D 299 -14.95 -7.30 -10.71
CA TYR D 299 -13.90 -7.56 -11.69
C TYR D 299 -12.55 -7.78 -10.97
N PHE D 300 -12.50 -7.76 -9.64
CA PHE D 300 -11.28 -8.13 -8.92
C PHE D 300 -11.13 -9.65 -9.08
N ARG D 301 -9.96 -10.08 -9.44
CA ARG D 301 -9.75 -11.53 -9.73
C ARG D 301 -9.43 -12.36 -8.50
N ASP D 302 -8.86 -11.69 -7.50
CA ASP D 302 -8.27 -12.41 -6.37
C ASP D 302 -9.25 -12.68 -5.24
N TYR D 303 -9.11 -13.88 -4.72
CA TYR D 303 -10.02 -14.46 -3.75
C TYR D 303 -10.25 -13.55 -2.55
N LYS D 304 -9.19 -13.00 -1.98
CA LYS D 304 -9.34 -12.22 -0.74
C LYS D 304 -10.23 -11.01 -1.05
N THR D 305 -10.00 -10.34 -2.16
CA THR D 305 -10.76 -9.11 -2.48
C THR D 305 -12.19 -9.45 -2.86
N VAL D 306 -12.37 -10.47 -3.68
CA VAL D 306 -13.74 -10.87 -3.99
C VAL D 306 -14.50 -11.29 -2.72
N SER D 307 -13.88 -12.06 -1.84
CA SER D 307 -14.49 -12.50 -0.59
C SER D 307 -14.97 -11.25 0.22
N LYS D 308 -14.08 -10.27 0.29
CA LYS D 308 -14.39 -9.02 1.03
C LYS D 308 -15.60 -8.30 0.43
N VAL D 309 -15.68 -8.23 -0.87
CA VAL D 309 -16.84 -7.63 -1.53
C VAL D 309 -18.12 -8.36 -1.15
N LEU D 310 -18.08 -9.71 -1.27
CA LEU D 310 -19.30 -10.47 -0.94
C LEU D 310 -19.73 -10.18 0.51
N GLU D 311 -18.77 -10.12 1.42
CA GLU D 311 -19.05 -9.87 2.85
C GLU D 311 -19.68 -8.46 2.98
N LEU D 312 -19.11 -7.43 2.33
CA LEU D 312 -19.61 -6.06 2.54
C LEU D 312 -20.98 -5.83 1.93
N TYR D 313 -21.32 -6.53 0.84
CA TYR D 313 -22.59 -6.32 0.13
C TYR D 313 -23.69 -7.27 0.60
N THR D 314 -23.40 -8.24 1.47
CA THR D 314 -24.41 -9.14 2.04
C THR D 314 -24.73 -8.59 3.44
N ARG D 315 -25.91 -8.01 3.57
CA ARG D 315 -26.27 -7.32 4.82
C ARG D 315 -27.72 -7.68 5.15
N PRO D 316 -28.18 -7.50 6.41
CA PRO D 316 -29.59 -7.74 6.73
C PRO D 316 -30.46 -6.85 5.82
N ASP D 317 -29.96 -5.66 5.48
CA ASP D 317 -30.73 -4.66 4.69
C ASP D 317 -30.37 -4.77 3.21
N ASN D 318 -29.62 -5.78 2.78
CA ASN D 318 -29.15 -5.78 1.38
C ASN D 318 -28.98 -7.25 0.91
N ALA D 319 -29.93 -7.69 0.08
CA ALA D 319 -29.78 -8.97 -0.59
C ALA D 319 -28.54 -8.92 -1.47
N LEU D 320 -27.82 -10.04 -1.60
CA LEU D 320 -26.65 -10.10 -2.48
C LEU D 320 -27.03 -10.58 -3.88
N PHE D 321 -26.77 -9.76 -4.84
CA PHE D 321 -26.91 -10.06 -6.26
C PHE D 321 -25.62 -9.67 -6.89
N VAL D 322 -24.87 -10.64 -7.49
CA VAL D 322 -23.64 -10.33 -8.22
C VAL D 322 -24.08 -9.95 -9.61
N ALA D 323 -24.43 -8.67 -9.83
CA ALA D 323 -25.09 -8.21 -11.04
C ALA D 323 -24.17 -8.32 -12.24
N GLU D 324 -22.85 -8.20 -11.98
CA GLU D 324 -21.81 -8.40 -13.01
C GLU D 324 -20.62 -9.05 -12.39
N ILE D 325 -20.03 -9.97 -13.13
CA ILE D 325 -18.71 -10.48 -12.79
C ILE D 325 -17.95 -10.80 -14.07
N GLY D 326 -16.63 -10.77 -13.98
CA GLY D 326 -15.84 -11.03 -15.17
C GLY D 326 -16.10 -12.46 -15.70
N ASN D 327 -15.90 -12.60 -17.00
CA ASN D 327 -16.17 -13.91 -17.66
C ASN D 327 -14.92 -14.75 -17.83
N ASP D 328 -13.78 -14.35 -17.27
CA ASP D 328 -12.57 -15.19 -17.32
C ASP D 328 -12.75 -16.36 -16.35
N GLN D 329 -12.01 -17.40 -16.65
CA GLN D 329 -12.11 -18.65 -15.88
C GLN D 329 -12.07 -18.47 -14.38
N PRO D 330 -11.20 -17.62 -13.80
CA PRO D 330 -11.13 -17.61 -12.34
C PRO D 330 -12.40 -17.15 -11.61
N PHE D 331 -13.28 -16.50 -12.34
CA PHE D 331 -14.50 -15.94 -11.74
C PHE D 331 -15.58 -17.00 -11.51
N ALA D 332 -15.55 -18.13 -12.23
CA ALA D 332 -16.68 -19.02 -12.18
C ALA D 332 -16.91 -19.57 -10.77
N ARG D 333 -15.82 -19.83 -10.04
CA ARG D 333 -15.94 -20.53 -8.74
C ARG D 333 -16.64 -19.61 -7.72
N TYR D 334 -16.67 -18.31 -8.00
CA TYR D 334 -17.31 -17.41 -7.00
C TYR D 334 -18.82 -17.53 -6.95
N LEU D 335 -19.36 -18.35 -7.86
CA LEU D 335 -20.77 -18.74 -7.74
C LEU D 335 -21.02 -19.37 -6.36
N PHE D 336 -20.11 -20.22 -5.89
CA PHE D 336 -20.28 -21.01 -4.68
C PHE D 336 -20.42 -20.13 -3.44
N PRO D 337 -19.48 -19.20 -3.16
CA PRO D 337 -19.65 -18.32 -1.99
C PRO D 337 -20.82 -17.35 -2.18
N THR D 338 -21.09 -16.96 -3.42
CA THR D 338 -22.25 -16.07 -3.66
C THR D 338 -23.52 -16.75 -3.16
N LEU D 339 -23.72 -18.01 -3.62
CA LEU D 339 -24.95 -18.72 -3.19
C LEU D 339 -24.88 -19.05 -1.69
N GLY D 340 -23.68 -19.34 -1.19
CA GLY D 340 -23.50 -19.65 0.23
C GLY D 340 -23.92 -18.52 1.17
N LYS D 341 -23.71 -17.27 0.68
CA LYS D 341 -24.12 -16.05 1.40
C LYS D 341 -25.62 -15.85 1.35
N GLY D 342 -26.37 -16.74 0.73
CA GLY D 342 -27.78 -16.48 0.46
C GLY D 342 -28.03 -15.59 -0.75
N GLY D 343 -27.04 -15.44 -1.62
CA GLY D 343 -27.21 -14.66 -2.85
C GLY D 343 -28.39 -15.10 -3.69
N ILE D 344 -29.02 -14.13 -4.35
CA ILE D 344 -30.17 -14.37 -5.23
C ILE D 344 -29.73 -14.55 -6.68
N GLY D 345 -28.49 -14.31 -7.02
CA GLY D 345 -28.08 -14.47 -8.40
C GLY D 345 -26.66 -14.08 -8.68
N PHE D 346 -26.24 -14.29 -9.92
CA PHE D 346 -24.84 -14.25 -10.35
C PHE D 346 -24.86 -14.13 -11.88
N SER D 347 -24.23 -13.14 -12.44
CA SER D 347 -24.39 -12.79 -13.88
C SER D 347 -23.04 -12.40 -14.49
N PRO D 348 -22.31 -13.35 -15.10
CA PRO D 348 -21.08 -13.05 -15.80
C PRO D 348 -21.34 -12.15 -17.01
N PHE D 349 -20.48 -11.16 -17.18
CA PHE D 349 -20.58 -10.18 -18.22
C PHE D 349 -19.91 -10.57 -19.52
N GLY D 350 -20.61 -10.30 -20.63
CA GLY D 350 -19.99 -10.40 -21.96
C GLY D 350 -20.21 -11.81 -22.56
N MET D 351 -21.36 -12.41 -22.21
CA MET D 351 -21.60 -13.79 -22.71
C MET D 351 -22.35 -13.75 -24.05
N ASP D 352 -21.69 -13.20 -25.04
CA ASP D 352 -22.20 -13.22 -26.42
C ASP D 352 -21.04 -13.21 -27.41
N ASP D 353 -21.40 -13.52 -28.67
CA ASP D 353 -20.39 -13.65 -29.75
C ASP D 353 -20.42 -12.48 -30.70
N THR D 354 -20.51 -11.25 -30.14
CA THR D 354 -20.54 -10.04 -30.96
C THR D 354 -19.19 -9.40 -31.20
N ASP D 355 -18.14 -10.20 -31.18
CA ASP D 355 -16.77 -9.83 -31.55
C ASP D 355 -16.25 -8.73 -30.61
N TYR D 356 -16.28 -9.03 -29.35
CA TYR D 356 -15.71 -8.11 -28.33
C TYR D 356 -15.18 -8.89 -27.17
N THR D 357 -14.00 -8.54 -26.70
N THR D 357 -13.98 -8.57 -26.71
CA THR D 357 -13.45 -9.05 -25.42
CA THR D 357 -13.41 -9.05 -25.44
C THR D 357 -13.05 -7.86 -24.54
C THR D 357 -13.06 -7.85 -24.55
N ASN D 358 -13.40 -7.93 -23.27
CA ASN D 358 -13.16 -6.82 -22.33
C ASN D 358 -11.94 -7.10 -21.50
N TYR D 359 -11.13 -8.07 -21.89
CA TYR D 359 -9.79 -8.19 -21.33
C TYR D 359 -9.14 -6.83 -21.42
N PRO D 360 -8.55 -6.35 -20.34
CA PRO D 360 -8.19 -7.13 -19.13
C PRO D 360 -9.22 -7.46 -18.02
N LEU D 361 -10.43 -6.92 -18.09
CA LEU D 361 -11.46 -7.25 -17.07
C LEU D 361 -11.92 -8.73 -17.13
N GLY D 362 -12.22 -9.20 -18.32
CA GLY D 362 -12.69 -10.56 -18.54
C GLY D 362 -11.71 -11.36 -19.33
N ALA D 363 -12.29 -12.38 -20.00
CA ALA D 363 -11.47 -13.28 -20.85
C ALA D 363 -10.80 -12.61 -22.04
N LYS D 364 -9.62 -13.09 -22.37
CA LYS D 364 -8.87 -12.64 -23.55
C LYS D 364 -9.55 -13.10 -24.84
N VAL D 365 -10.16 -14.26 -24.81
CA VAL D 365 -10.88 -14.76 -26.00
C VAL D 365 -12.31 -15.09 -25.55
N TYR D 366 -13.18 -15.24 -26.51
CA TYR D 366 -14.56 -15.72 -26.30
C TYR D 366 -14.81 -16.91 -27.21
N ASN D 367 -14.86 -18.07 -26.61
CA ASN D 367 -15.12 -19.32 -27.34
C ASN D 367 -15.90 -20.27 -26.44
N ASP D 368 -16.11 -21.46 -26.95
CA ASP D 368 -16.93 -22.43 -26.21
C ASP D 368 -16.31 -22.74 -24.86
N GLU D 369 -14.97 -22.77 -24.76
CA GLU D 369 -14.28 -23.06 -23.48
C GLU D 369 -14.57 -21.93 -22.46
N THR D 370 -14.64 -20.70 -22.95
CA THR D 370 -14.99 -19.58 -22.03
C THR D 370 -16.35 -19.85 -21.37
N ILE D 371 -17.32 -20.26 -22.19
CA ILE D 371 -18.71 -20.49 -21.73
C ILE D 371 -18.69 -21.71 -20.79
N GLU D 372 -17.95 -22.76 -21.17
CA GLU D 372 -18.01 -24.04 -20.45
C GLU D 372 -17.58 -23.88 -18.99
N GLN D 373 -16.67 -22.91 -18.75
CA GLN D 373 -16.25 -22.74 -17.33
C GLN D 373 -17.45 -22.41 -16.43
N PHE D 374 -18.36 -21.61 -16.96
CA PHE D 374 -19.61 -21.28 -16.22
C PHE D 374 -20.68 -22.37 -16.35
N ALA D 375 -20.77 -22.97 -17.54
CA ALA D 375 -21.75 -24.05 -17.67
C ALA D 375 -21.52 -25.16 -16.66
N GLN D 376 -20.25 -25.47 -16.40
CA GLN D 376 -20.00 -26.58 -15.49
C GLN D 376 -20.41 -26.29 -14.07
N VAL D 377 -20.34 -25.00 -13.63
CA VAL D 377 -20.81 -24.73 -12.24
C VAL D 377 -22.35 -24.53 -12.23
N TYR D 378 -22.92 -23.99 -13.33
CA TYR D 378 -24.41 -23.86 -13.39
C TYR D 378 -25.11 -25.25 -13.32
N ARG D 379 -24.43 -26.23 -13.97
CA ARG D 379 -24.92 -27.63 -13.95
C ARG D 379 -25.13 -28.20 -12.56
N LEU D 380 -24.41 -27.71 -11.56
CA LEU D 380 -24.55 -28.17 -10.19
C LEU D 380 -25.87 -27.64 -9.59
N VAL D 381 -26.26 -26.41 -10.02
CA VAL D 381 -27.36 -25.71 -9.32
C VAL D 381 -28.66 -25.85 -10.09
N ASN D 382 -28.60 -25.80 -11.42
CA ASN D 382 -29.85 -25.87 -12.23
C ASN D 382 -30.74 -27.02 -11.75
N PRO D 383 -30.23 -28.27 -11.56
CA PRO D 383 -31.14 -29.40 -11.28
C PRO D 383 -31.87 -29.30 -9.92
N MET D 384 -31.40 -28.38 -9.05
CA MET D 384 -31.98 -28.16 -7.71
C MET D 384 -32.36 -26.67 -7.53
N MET D 385 -32.51 -25.92 -8.58
CA MET D 385 -32.51 -24.43 -8.40
C MET D 385 -33.62 -24.03 -7.45
N ARG D 386 -34.83 -24.47 -7.66
CA ARG D 386 -35.95 -24.04 -6.76
C ARG D 386 -35.77 -24.54 -5.35
N GLU D 387 -35.28 -25.79 -5.18
CA GLU D 387 -35.10 -26.31 -3.82
C GLU D 387 -33.97 -25.54 -3.10
N TRP D 388 -32.88 -25.27 -3.81
CA TRP D 388 -31.77 -24.48 -3.26
C TRP D 388 -32.27 -23.08 -2.88
N ALA D 389 -33.06 -22.49 -3.74
CA ALA D 389 -33.54 -21.10 -3.48
C ALA D 389 -34.33 -21.09 -2.17
N ARG D 390 -35.19 -22.08 -1.99
CA ARG D 390 -36.04 -22.13 -0.78
C ARG D 390 -35.15 -22.37 0.44
N LEU D 391 -34.19 -23.28 0.36
CA LEU D 391 -33.30 -23.56 1.51
C LEU D 391 -32.48 -22.33 1.86
N SER D 392 -32.05 -21.60 0.87
N SER D 392 -32.10 -21.56 0.85
CA SER D 392 -31.23 -20.38 1.13
CA SER D 392 -31.22 -20.36 1.00
C SER D 392 -32.07 -19.38 1.99
C SER D 392 -32.00 -19.08 1.43
N TYR D 393 -33.31 -19.17 1.60
CA TYR D 393 -34.16 -18.17 2.27
C TYR D 393 -34.57 -18.65 3.67
N GLN D 394 -35.12 -19.86 3.76
N GLN D 394 -35.14 -19.84 3.75
CA GLN D 394 -35.89 -20.39 4.92
CA GLN D 394 -35.89 -20.29 4.97
C GLN D 394 -34.93 -21.08 5.89
C GLN D 394 -35.00 -21.22 5.79
N GLY D 395 -33.74 -21.37 5.41
CA GLY D 395 -32.85 -22.27 6.15
C GLY D 395 -31.40 -21.91 6.19
N GLN D 396 -30.60 -22.94 6.38
CA GLN D 396 -29.17 -22.75 6.50
C GLN D 396 -28.47 -23.28 5.28
N VAL D 397 -27.65 -22.45 4.67
CA VAL D 397 -26.77 -22.80 3.55
C VAL D 397 -25.36 -22.32 3.80
N TRP D 398 -24.44 -22.93 3.10
CA TRP D 398 -23.03 -22.61 3.08
C TRP D 398 -22.45 -22.79 1.67
N GLY D 399 -21.43 -22.06 1.34
CA GLY D 399 -20.76 -22.14 0.06
C GLY D 399 -19.35 -21.65 0.13
N VAL D 400 -18.42 -22.36 -0.47
CA VAL D 400 -17.00 -21.98 -0.47
C VAL D 400 -16.40 -22.14 -1.87
N ALA D 401 -15.37 -21.37 -2.14
CA ALA D 401 -14.53 -21.47 -3.32
C ALA D 401 -13.07 -21.68 -2.93
N GLU D 402 -12.36 -22.31 -3.85
CA GLU D 402 -10.95 -22.63 -3.68
C GLU D 402 -10.22 -21.32 -3.37
N PRO D 403 -9.55 -21.26 -2.19
CA PRO D 403 -9.15 -19.99 -1.65
C PRO D 403 -7.75 -19.50 -2.04
N LEU D 404 -6.97 -20.26 -2.83
CA LEU D 404 -5.70 -19.79 -3.42
C LEU D 404 -5.93 -19.57 -4.90
N ASP D 405 -5.51 -18.40 -5.38
CA ASP D 405 -5.59 -18.10 -6.80
C ASP D 405 -4.53 -19.00 -7.49
N SER D 406 -4.61 -19.12 -8.79
CA SER D 406 -3.64 -19.88 -9.58
C SER D 406 -2.24 -19.34 -9.32
N THR D 407 -1.29 -20.24 -9.20
CA THR D 407 0.13 -19.89 -9.02
C THR D 407 0.58 -19.14 -10.27
N THR D 408 1.22 -17.98 -10.06
CA THR D 408 1.67 -17.02 -11.10
C THR D 408 2.76 -17.65 -11.99
N THR D 410 5.94 -16.82 -12.45
CA THR D 410 6.33 -15.72 -11.53
C THR D 410 6.60 -16.30 -10.14
N GLN D 411 5.60 -16.95 -9.54
CA GLN D 411 5.74 -17.79 -8.31
C GLN D 411 6.31 -19.17 -8.70
N LYS D 412 6.09 -19.60 -9.96
CA LYS D 412 6.71 -20.82 -10.56
C LYS D 412 8.24 -20.65 -10.60
N ILE D 413 8.73 -19.42 -10.79
CA ILE D 413 10.19 -19.10 -10.86
C ILE D 413 10.82 -19.25 -9.47
N TRP D 414 10.07 -19.09 -8.36
CA TRP D 414 10.64 -19.32 -7.00
C TRP D 414 10.52 -20.81 -6.63
N ASN D 415 9.50 -21.51 -7.12
CA ASN D 415 9.29 -22.95 -6.79
C ASN D 415 10.47 -23.75 -7.34
N ALA D 416 10.89 -23.49 -8.58
CA ALA D 416 11.98 -24.21 -9.27
C ALA D 416 13.24 -24.10 -8.39
N GLU D 417 13.76 -22.88 -8.31
CA GLU D 417 15.01 -22.46 -7.64
C GLU D 417 14.97 -22.72 -6.12
N ALA D 418 13.93 -23.31 -5.56
CA ALA D 418 13.80 -23.50 -4.09
C ALA D 418 14.61 -24.72 -3.60
N THR D 419 15.02 -24.69 -2.32
CA THR D 419 15.59 -25.83 -1.51
C THR D 419 14.63 -27.00 -1.53
N PRO D 420 15.04 -28.27 -1.29
CA PRO D 420 14.05 -29.34 -1.05
C PRO D 420 13.25 -29.14 0.24
N GLU D 421 13.92 -28.64 1.30
CA GLU D 421 13.33 -28.30 2.62
C GLU D 421 12.25 -27.21 2.46
N GLU D 422 12.55 -26.15 1.71
CA GLU D 422 11.62 -25.04 1.34
C GLU D 422 10.44 -25.63 0.57
N LYS D 423 10.68 -26.47 -0.47
CA LYS D 423 9.63 -27.09 -1.33
C LYS D 423 8.64 -27.85 -0.43
N GLU D 424 9.12 -28.68 0.52
CA GLU D 424 8.26 -29.49 1.46
C GLU D 424 7.43 -28.53 2.33
N GLN D 425 8.04 -27.47 2.83
CA GLN D 425 7.36 -26.55 3.76
C GLN D 425 6.27 -25.80 2.98
N HIS D 426 6.61 -25.38 1.77
CA HIS D 426 5.70 -24.60 0.90
C HIS D 426 4.49 -25.47 0.59
N LYS D 427 4.70 -26.76 0.28
CA LYS D 427 3.54 -27.66 0.03
C LYS D 427 2.70 -27.79 1.30
N LYS D 428 3.29 -27.91 2.50
CA LYS D 428 2.47 -27.98 3.75
C LYS D 428 1.65 -26.69 3.95
N ASP D 429 2.27 -25.54 3.68
CA ASP D 429 1.56 -24.23 3.82
C ASP D 429 0.41 -24.16 2.81
N ARG D 430 0.63 -24.61 1.56
CA ARG D 430 -0.43 -24.62 0.53
C ARG D 430 -1.53 -25.57 1.01
N ALA D 431 -1.17 -26.79 1.48
CA ALA D 431 -2.22 -27.74 1.91
C ALA D 431 -3.13 -27.15 3.01
N SER D 432 -2.53 -26.51 4.01
CA SER D 432 -3.30 -25.90 5.11
C SER D 432 -4.20 -24.77 4.54
N ALA D 433 -3.70 -23.98 3.59
CA ALA D 433 -4.46 -22.86 3.00
C ALA D 433 -5.61 -23.40 2.14
N LEU D 434 -5.49 -24.64 1.63
CA LEU D 434 -6.46 -25.22 0.72
C LEU D 434 -7.39 -26.15 1.50
N THR D 435 -7.50 -25.94 2.81
CA THR D 435 -8.36 -26.68 3.75
C THR D 435 -9.31 -25.65 4.42
N GLN D 436 -10.57 -25.77 4.20
CA GLN D 436 -11.62 -24.92 4.80
C GLN D 436 -12.49 -25.68 5.78
N GLN D 437 -12.88 -25.04 6.85
CA GLN D 437 -13.78 -25.61 7.86
C GLN D 437 -15.10 -24.88 7.84
N LEU D 438 -16.18 -25.60 7.91
CA LEU D 438 -17.57 -25.09 7.99
C LEU D 438 -18.26 -25.74 9.17
N ASP D 439 -18.84 -24.89 10.02
CA ASP D 439 -19.56 -25.30 11.22
C ASP D 439 -21.04 -25.48 10.86
N LEU D 440 -21.49 -26.73 10.80
CA LEU D 440 -22.85 -27.02 10.35
C LEU D 440 -23.75 -27.44 11.50
N GLY D 441 -23.47 -27.00 12.72
CA GLY D 441 -24.31 -27.33 13.86
C GLY D 441 -23.73 -28.43 14.71
N LEU D 442 -24.30 -29.63 14.59
CA LEU D 442 -23.73 -30.79 15.34
C LEU D 442 -22.55 -31.41 14.55
N TRP D 443 -22.43 -31.08 13.30
CA TRP D 443 -21.40 -31.61 12.39
C TRP D 443 -20.66 -30.45 11.71
N ASP D 444 -19.39 -30.66 11.41
CA ASP D 444 -18.54 -29.81 10.59
C ASP D 444 -18.24 -30.49 9.26
N ALA D 445 -17.99 -29.69 8.25
CA ALA D 445 -17.40 -30.17 7.00
C ALA D 445 -16.00 -29.61 6.89
N GLU D 446 -15.12 -30.35 6.27
CA GLU D 446 -13.80 -29.91 5.89
C GLU D 446 -13.69 -30.00 4.36
N VAL D 447 -13.47 -28.91 3.68
CA VAL D 447 -13.38 -28.84 2.20
C VAL D 447 -11.92 -28.69 1.79
N THR D 448 -11.43 -29.54 0.88
CA THR D 448 -10.06 -29.52 0.43
C THR D 448 -10.05 -29.58 -1.10
N TYR D 449 -8.99 -29.12 -1.70
CA TYR D 449 -8.96 -28.89 -3.16
C TYR D 449 -7.72 -29.49 -3.79
N GLY D 450 -7.93 -30.28 -4.87
CA GLY D 450 -6.83 -30.77 -5.73
C GLY D 450 -6.10 -31.94 -5.09
N ARG D 451 -6.81 -33.09 -5.04
CA ARG D 451 -6.23 -34.32 -4.50
C ARG D 451 -6.93 -35.49 -5.13
N PRO D 452 -6.32 -36.69 -5.06
CA PRO D 452 -6.99 -37.88 -5.53
C PRO D 452 -8.30 -38.17 -4.85
N MET D 453 -9.07 -39.09 -5.44
CA MET D 453 -10.36 -39.51 -4.92
C MET D 453 -10.23 -40.63 -3.90
N PHE D 454 -8.98 -41.07 -3.66
CA PHE D 454 -8.68 -42.22 -2.80
C PHE D 454 -7.44 -41.85 -1.99
N TRP D 455 -7.44 -42.27 -0.71
CA TRP D 455 -6.32 -42.09 0.24
C TRP D 455 -6.22 -40.60 0.61
N VAL D 456 -5.14 -40.25 1.29
CA VAL D 456 -5.10 -38.98 2.10
C VAL D 456 -3.91 -38.12 1.73
N THR D 457 -3.33 -38.24 0.55
CA THR D 457 -2.30 -37.29 0.07
C THR D 457 -2.83 -35.85 0.21
N PRO D 458 -2.05 -34.95 0.84
CA PRO D 458 -2.53 -33.61 1.08
C PRO D 458 -2.95 -32.86 -0.17
N PRO D 459 -3.95 -31.95 -0.05
CA PRO D 459 -4.34 -31.14 -1.19
C PRO D 459 -3.26 -30.21 -1.74
N GLU D 460 -3.20 -30.12 -3.07
CA GLU D 460 -2.25 -29.28 -3.83
C GLU D 460 -2.92 -28.23 -4.73
N GLY D 461 -4.23 -28.20 -4.77
CA GLY D 461 -4.95 -27.24 -5.56
C GLY D 461 -5.22 -27.75 -6.94
N ASN D 462 -6.25 -27.18 -7.55
CA ASN D 462 -6.53 -27.39 -8.97
C ASN D 462 -5.70 -26.38 -9.79
N THR D 463 -5.38 -26.72 -11.03
N THR D 463 -5.30 -26.76 -11.01
CA THR D 463 -4.60 -25.87 -11.94
CA THR D 463 -4.60 -25.86 -11.94
C THR D 463 -5.41 -25.72 -13.22
C THR D 463 -5.47 -25.74 -13.18
N PRO D 464 -6.14 -24.61 -13.46
CA PRO D 464 -6.14 -23.42 -12.58
C PRO D 464 -7.07 -23.57 -11.36
N ALA D 465 -7.02 -22.62 -10.43
CA ALA D 465 -7.90 -22.64 -9.26
C ALA D 465 -9.37 -22.60 -9.75
N ALA D 466 -10.19 -23.48 -9.26
CA ALA D 466 -11.55 -23.65 -9.82
C ALA D 466 -12.54 -24.32 -8.89
N GLY D 467 -12.16 -24.87 -7.75
CA GLY D 467 -13.10 -25.72 -7.02
C GLY D 467 -14.03 -24.97 -6.10
N GLY D 468 -15.05 -25.62 -5.64
CA GLY D 468 -15.96 -25.08 -4.63
C GLY D 468 -16.95 -26.07 -4.14
N ALA D 469 -17.81 -25.72 -3.18
CA ALA D 469 -18.78 -26.62 -2.60
C ALA D 469 -19.98 -25.84 -2.13
N LEU D 470 -21.14 -26.42 -2.19
CA LEU D 470 -22.41 -25.94 -1.64
C LEU D 470 -22.94 -26.99 -0.62
N ILE D 471 -23.44 -26.53 0.53
CA ILE D 471 -24.07 -27.39 1.51
C ILE D 471 -25.35 -26.73 1.97
N ALA D 472 -26.41 -27.44 2.09
CA ALA D 472 -27.66 -26.98 2.72
C ALA D 472 -28.07 -27.90 3.86
N GLN D 473 -28.48 -27.38 4.98
CA GLN D 473 -28.90 -28.24 6.08
C GLN D 473 -30.35 -28.66 5.86
N LEU D 474 -30.61 -29.95 5.90
CA LEU D 474 -32.01 -30.44 5.83
C LEU D 474 -32.59 -30.74 7.20
N ASP D 475 -31.78 -31.21 8.11
CA ASP D 475 -32.15 -31.55 9.49
C ASP D 475 -30.91 -31.54 10.37
N ASP D 476 -31.09 -31.89 11.68
CA ASP D 476 -29.91 -31.78 12.57
C ASP D 476 -28.73 -32.59 12.03
N ASN D 477 -29.04 -33.75 11.45
CA ASN D 477 -27.97 -34.68 11.02
C ASN D 477 -27.92 -34.93 9.53
N GLU D 478 -28.56 -34.13 8.73
CA GLU D 478 -28.68 -34.44 7.31
C GLU D 478 -28.40 -33.18 6.51
N TYR D 479 -27.66 -33.30 5.42
CA TYR D 479 -27.22 -32.19 4.59
C TYR D 479 -27.41 -32.52 3.13
N LEU D 480 -27.71 -31.53 2.33
CA LEU D 480 -27.58 -31.56 0.88
C LEU D 480 -26.20 -31.06 0.47
N VAL D 481 -25.52 -31.77 -0.42
CA VAL D 481 -24.15 -31.46 -0.73
C VAL D 481 -23.92 -31.55 -2.23
N THR D 482 -23.35 -30.55 -2.84
CA THR D 482 -22.81 -30.68 -4.21
C THR D 482 -21.49 -29.94 -4.28
N ALA D 483 -20.51 -30.41 -4.95
CA ALA D 483 -19.19 -29.78 -4.99
C ALA D 483 -18.50 -30.02 -6.32
N TYR D 484 -17.38 -29.41 -6.50
CA TYR D 484 -16.72 -29.23 -7.79
C TYR D 484 -15.24 -29.20 -7.58
N LYS D 485 -14.54 -30.21 -8.12
CA LYS D 485 -13.07 -30.32 -8.07
C LYS D 485 -12.63 -30.13 -6.61
N ALA D 486 -13.16 -30.93 -5.71
CA ALA D 486 -12.94 -30.79 -4.28
C ALA D 486 -13.32 -32.06 -3.56
N ARG D 487 -12.87 -32.16 -2.35
CA ARG D 487 -13.26 -33.17 -1.38
C ARG D 487 -14.00 -32.53 -0.22
N VAL D 488 -15.07 -33.12 0.25
CA VAL D 488 -15.85 -32.66 1.40
C VAL D 488 -15.88 -33.78 2.39
N GLU D 489 -15.48 -33.53 3.61
CA GLU D 489 -15.46 -34.56 4.65
C GLU D 489 -16.21 -34.07 5.86
N PHE D 490 -17.02 -34.91 6.46
CA PHE D 490 -17.84 -34.58 7.64
C PHE D 490 -17.20 -35.13 8.90
N LYS D 491 -17.37 -34.38 9.98
CA LYS D 491 -16.90 -34.81 11.30
C LYS D 491 -17.77 -34.14 12.34
N PRO D 492 -17.72 -34.60 13.58
CA PRO D 492 -18.46 -33.97 14.66
C PRO D 492 -17.95 -32.52 14.86
N SER D 493 -18.88 -31.64 15.18
CA SER D 493 -18.57 -30.24 15.50
C SER D 493 -18.10 -30.09 16.93
N GLN D 494 -18.40 -31.04 17.80
CA GLN D 494 -18.03 -30.97 19.21
C GLN D 494 -17.72 -32.37 19.71
N GLU D 495 -17.05 -32.45 20.84
N GLU D 495 -17.05 -32.47 20.83
CA GLU D 495 -16.78 -33.68 21.63
CA GLU D 495 -16.70 -33.75 21.47
C GLU D 495 -18.05 -34.53 21.71
C GLU D 495 -18.00 -34.52 21.69
N LEU D 496 -17.92 -35.84 21.50
CA LEU D 496 -19.09 -36.75 21.55
C LEU D 496 -19.22 -37.50 22.89
N ALA D 497 -18.40 -37.19 23.88
CA ALA D 497 -18.59 -37.66 25.26
C ALA D 497 -18.64 -39.18 25.28
N GLY D 498 -17.84 -39.81 24.45
CA GLY D 498 -17.71 -41.29 24.49
C GLY D 498 -18.42 -42.03 23.35
N LYS D 499 -19.26 -41.35 22.58
CA LYS D 499 -19.83 -41.97 21.38
C LYS D 499 -18.79 -41.92 20.25
N LYS D 500 -19.03 -42.76 19.27
CA LYS D 500 -18.31 -42.74 18.00
C LYS D 500 -19.21 -42.10 16.93
N PHE D 501 -18.72 -41.94 15.70
CA PHE D 501 -19.55 -41.35 14.63
C PHE D 501 -19.25 -42.09 13.34
N MET D 502 -20.23 -42.03 12.47
CA MET D 502 -19.99 -42.49 11.08
C MET D 502 -20.93 -41.72 10.14
N ILE D 503 -20.65 -41.84 8.86
CA ILE D 503 -21.72 -41.65 7.86
C ILE D 503 -22.80 -42.69 8.09
N GLU D 504 -24.04 -42.28 8.18
CA GLU D 504 -25.15 -43.27 8.21
C GLU D 504 -25.44 -43.67 6.76
N ARG D 505 -25.67 -42.69 5.89
N ARG D 505 -25.56 -42.69 5.88
CA ARG D 505 -25.98 -42.96 4.47
CA ARG D 505 -25.99 -42.91 4.50
C ARG D 505 -25.70 -41.72 3.63
C ARG D 505 -25.69 -41.70 3.63
N VAL D 506 -25.09 -41.93 2.49
CA VAL D 506 -24.97 -40.95 1.41
C VAL D 506 -25.76 -41.42 0.21
N GLU D 507 -26.72 -40.62 -0.24
CA GLU D 507 -27.52 -40.92 -1.42
C GLU D 507 -27.17 -39.91 -2.49
N GLU D 508 -26.96 -40.34 -3.71
CA GLU D 508 -26.95 -39.44 -4.88
C GLU D 508 -28.34 -39.48 -5.54
N GLY D 509 -28.88 -38.33 -5.96
CA GLY D 509 -30.20 -38.28 -6.56
C GLY D 509 -30.52 -36.87 -7.06
N ARG D 510 -31.81 -36.68 -7.20
CA ARG D 510 -32.31 -35.48 -7.85
C ARG D 510 -33.75 -35.23 -7.37
N PHE D 511 -34.18 -34.00 -7.57
CA PHE D 511 -35.57 -33.61 -7.22
C PHE D 511 -36.39 -33.72 -8.50
N GLU D 512 -37.52 -34.44 -8.42
N GLU D 512 -37.58 -34.32 -8.37
CA GLU D 512 -38.54 -34.48 -9.49
CA GLU D 512 -38.54 -34.51 -9.47
C GLU D 512 -39.84 -33.98 -8.84
C GLU D 512 -39.89 -34.07 -8.91
N LYS D 513 -40.45 -32.98 -9.44
CA LYS D 513 -41.73 -32.42 -8.95
C LYS D 513 -41.56 -32.09 -7.45
N GLY D 514 -40.35 -31.65 -7.02
CA GLY D 514 -40.03 -31.27 -5.63
C GLY D 514 -39.79 -32.45 -4.69
N LYS D 515 -39.88 -33.69 -5.18
CA LYS D 515 -39.61 -34.92 -4.37
C LYS D 515 -38.18 -35.45 -4.69
N TRP D 516 -37.46 -35.78 -3.66
CA TRP D 516 -36.15 -36.45 -3.78
C TRP D 516 -36.32 -37.84 -4.41
N VAL D 517 -35.58 -38.09 -5.48
CA VAL D 517 -35.46 -39.44 -6.09
C VAL D 517 -34.05 -39.92 -5.92
N MET D 518 -33.86 -41.06 -5.18
N MET D 518 -33.93 -41.11 -5.28
CA MET D 518 -32.52 -41.68 -4.99
CA MET D 518 -32.62 -41.75 -5.14
C MET D 518 -32.12 -42.46 -6.25
C MET D 518 -32.18 -42.33 -6.50
N GLU D 519 -30.90 -42.19 -6.76
CA GLU D 519 -30.26 -42.88 -7.93
C GLU D 519 -29.40 -44.00 -7.37
N ARG D 520 -28.55 -43.75 -6.40
CA ARG D 520 -27.66 -44.78 -5.86
C ARG D 520 -27.12 -44.32 -4.50
N VAL D 521 -26.58 -45.25 -3.77
CA VAL D 521 -25.92 -45.04 -2.49
C VAL D 521 -24.44 -44.96 -2.69
N TRP D 522 -23.81 -43.86 -2.34
CA TRP D 522 -22.33 -43.79 -2.24
C TRP D 522 -21.92 -44.52 -0.98
N ASN D 523 -20.96 -45.44 -1.16
CA ASN D 523 -20.45 -46.16 0.00
C ASN D 523 -19.04 -46.72 -0.37
N GLY D 524 -18.43 -47.35 0.62
CA GLY D 524 -17.17 -47.99 0.35
C GLY D 524 -16.12 -46.97 -0.12
N ASP D 525 -15.35 -47.14 -1.16
CA ASP D 525 -14.31 -46.20 -1.71
C ASP D 525 -14.94 -44.79 -1.82
N GLN D 526 -16.22 -44.68 -2.18
CA GLN D 526 -16.81 -43.35 -2.49
C GLN D 526 -17.05 -42.56 -1.20
N THR D 527 -16.97 -43.17 -0.03
CA THR D 527 -17.15 -42.39 1.22
C THR D 527 -16.03 -42.63 2.22
N ASP D 528 -15.04 -43.49 1.94
CA ASP D 528 -13.96 -43.75 2.88
C ASP D 528 -12.98 -42.59 3.00
N TRP D 529 -12.91 -41.75 1.96
CA TRP D 529 -11.89 -40.73 1.81
C TRP D 529 -12.59 -39.38 1.57
N GLY D 530 -13.64 -39.13 2.32
CA GLY D 530 -14.47 -37.95 2.05
C GLY D 530 -15.35 -38.16 0.84
N LEU D 531 -15.97 -37.12 0.37
CA LEU D 531 -16.89 -37.10 -0.76
C LEU D 531 -16.18 -36.36 -1.84
N ASN D 532 -15.71 -37.07 -2.86
CA ASN D 532 -14.83 -36.49 -3.88
C ASN D 532 -15.57 -36.19 -5.16
N PHE D 533 -15.43 -34.94 -5.64
CA PHE D 533 -16.14 -34.42 -6.80
C PHE D 533 -15.14 -33.94 -7.83
N THR D 534 -15.41 -34.20 -9.10
CA THR D 534 -14.62 -33.76 -10.23
C THR D 534 -15.35 -32.63 -10.91
N ASP D 535 -15.44 -32.62 -12.20
CA ASP D 535 -16.15 -31.58 -12.97
C ASP D 535 -17.57 -31.98 -13.25
N ARG D 536 -17.97 -33.19 -12.90
CA ARG D 536 -19.34 -33.65 -13.22
C ARG D 536 -20.28 -33.38 -12.07
N PRO D 537 -21.57 -33.18 -12.34
CA PRO D 537 -22.52 -32.87 -11.29
C PRO D 537 -22.98 -34.11 -10.54
N HIS D 538 -23.01 -34.03 -9.23
CA HIS D 538 -23.59 -35.03 -8.33
C HIS D 538 -24.22 -34.30 -7.16
N LEU D 539 -25.47 -34.56 -6.91
CA LEU D 539 -26.17 -33.98 -5.75
C LEU D 539 -26.37 -35.07 -4.73
N LEU D 540 -25.88 -34.84 -3.51
CA LEU D 540 -25.90 -35.86 -2.48
C LEU D 540 -26.77 -35.43 -1.29
N ARG D 541 -27.38 -36.36 -0.61
CA ARG D 541 -27.97 -36.23 0.71
C ARG D 541 -27.13 -37.05 1.65
N VAL D 542 -26.53 -36.40 2.62
CA VAL D 542 -25.56 -36.94 3.58
C VAL D 542 -26.19 -37.00 4.95
N LYS D 543 -26.34 -38.17 5.51
CA LYS D 543 -26.89 -38.38 6.85
C LYS D 543 -25.72 -38.84 7.69
N MET D 544 -25.44 -38.14 8.78
CA MET D 544 -24.41 -38.48 9.77
C MET D 544 -25.06 -39.04 11.05
N ALA D 545 -24.33 -39.87 11.79
CA ALA D 545 -24.83 -40.45 13.05
C ALA D 545 -23.71 -40.58 14.08
N SER D 546 -24.00 -40.16 15.32
CA SER D 546 -23.23 -40.63 16.48
C SER D 546 -23.88 -41.91 16.99
N TYR D 547 -23.06 -42.77 17.53
CA TYR D 547 -23.56 -44.04 18.09
C TYR D 547 -22.76 -44.45 19.33
N SER D 548 -23.45 -45.14 20.22
CA SER D 548 -22.92 -45.70 21.48
C SER D 548 -22.05 -46.91 21.18
N VAL D 549 -20.97 -47.04 21.90
CA VAL D 549 -20.18 -48.32 21.98
C VAL D 549 -20.05 -48.85 23.40
N GLN D 550 -20.90 -48.38 24.30
CA GLN D 550 -20.79 -48.79 25.72
C GLN D 550 -21.39 -50.18 25.84
N ALA E 11 -27.55 -4.19 -73.27
CA ALA E 11 -27.97 -2.84 -72.82
C ALA E 11 -26.80 -2.10 -72.16
N ALA E 12 -25.87 -2.82 -71.54
CA ALA E 12 -24.91 -2.22 -70.57
C ALA E 12 -23.95 -1.26 -71.26
N PRO E 13 -23.66 -0.10 -70.64
CA PRO E 13 -22.63 0.78 -71.18
C PRO E 13 -21.27 0.10 -71.05
N LEU E 14 -20.38 0.42 -71.97
CA LEU E 14 -18.99 -0.02 -71.95
C LEU E 14 -18.36 0.40 -70.63
N PRO E 15 -17.47 -0.43 -70.08
CA PRO E 15 -16.59 0.02 -69.03
C PRO E 15 -15.73 1.18 -69.54
N GLU E 16 -15.36 2.09 -68.63
CA GLU E 16 -14.52 3.23 -69.04
C GLU E 16 -13.74 3.74 -67.85
N LEU E 17 -12.52 4.21 -68.08
CA LEU E 17 -11.78 4.88 -66.98
C LEU E 17 -12.06 6.38 -67.08
N LEU E 18 -12.62 6.94 -66.00
CA LEU E 18 -12.86 8.40 -65.95
C LEU E 18 -11.76 9.04 -65.12
N SER E 19 -11.36 10.25 -65.53
CA SER E 19 -10.34 11.05 -64.83
C SER E 19 -10.83 12.51 -64.78
N ASN E 20 -11.09 13.07 -63.58
CA ASN E 20 -11.55 14.46 -63.41
C ASN E 20 -11.10 14.96 -62.05
N ASN E 21 -10.67 16.22 -62.00
CA ASN E 21 -10.38 16.93 -60.72
C ASN E 21 -9.26 16.18 -59.97
N GLY E 22 -8.34 15.51 -60.65
CA GLY E 22 -7.21 14.86 -59.95
C GLY E 22 -7.56 13.42 -59.52
N LYS E 23 -8.80 12.98 -59.77
CA LYS E 23 -9.43 11.76 -59.26
C LYS E 23 -9.86 10.85 -60.42
N HIS E 24 -10.10 9.61 -60.07
CA HIS E 24 -10.33 8.61 -61.12
C HIS E 24 -11.37 7.59 -60.69
N ALA E 25 -12.00 6.95 -61.68
CA ALA E 25 -12.95 5.88 -61.41
C ALA E 25 -12.86 4.92 -62.59
N LEU E 26 -12.92 3.64 -62.28
CA LEU E 26 -13.24 2.63 -63.29
C LEU E 26 -14.76 2.45 -63.29
N MET E 27 -15.42 2.87 -64.36
CA MET E 27 -16.88 2.65 -64.50
C MET E 27 -17.09 1.25 -65.08
N VAL E 28 -17.94 0.51 -64.42
CA VAL E 28 -18.45 -0.81 -64.87
C VAL E 28 -19.96 -0.75 -64.69
N ASP E 29 -20.69 -1.00 -65.77
CA ASP E 29 -22.16 -1.03 -65.79
C ASP E 29 -22.66 0.34 -65.31
N GLY E 30 -21.94 1.40 -65.71
CA GLY E 30 -22.45 2.78 -65.50
C GLY E 30 -22.18 3.33 -64.13
N ALA E 31 -21.35 2.71 -63.30
CA ALA E 31 -21.04 3.27 -61.96
C ALA E 31 -19.62 2.88 -61.57
N PRO E 32 -18.95 3.64 -60.67
CA PRO E 32 -17.64 3.27 -60.22
C PRO E 32 -17.63 1.86 -59.61
N TYR E 33 -16.51 1.19 -59.84
CA TYR E 33 -16.26 -0.21 -59.45
C TYR E 33 -14.84 -0.35 -58.90
N ILE E 34 -14.69 -1.29 -57.97
CA ILE E 34 -13.35 -1.65 -57.44
C ILE E 34 -13.05 -3.11 -57.84
N ILE E 35 -11.92 -3.30 -58.53
CA ILE E 35 -11.46 -4.69 -58.79
C ILE E 35 -10.87 -5.27 -57.49
N LEU E 36 -11.60 -6.16 -56.83
CA LEU E 36 -11.10 -7.00 -55.75
C LEU E 36 -10.67 -8.32 -56.42
N GLY E 37 -9.44 -8.30 -56.91
CA GLY E 37 -9.00 -9.20 -57.96
C GLY E 37 -8.17 -10.34 -57.46
N SER E 38 -7.96 -11.23 -58.40
N SER E 38 -7.94 -11.19 -58.43
CA SER E 38 -6.99 -12.33 -58.28
CA SER E 38 -7.15 -12.43 -58.33
C SER E 38 -6.44 -12.59 -59.66
C SER E 38 -6.48 -12.64 -59.67
N GLN E 39 -5.21 -13.04 -59.70
CA GLN E 39 -4.62 -13.41 -61.00
C GLN E 39 -4.19 -14.87 -60.90
N THR E 40 -4.35 -15.54 -62.04
CA THR E 40 -3.86 -16.92 -62.09
C THR E 40 -2.33 -16.99 -62.14
N ASN E 41 -1.79 -18.20 -61.92
CA ASN E 41 -0.44 -18.47 -62.36
C ASN E 41 -0.36 -18.41 -63.91
N ASN E 42 0.83 -18.35 -64.44
CA ASN E 42 1.14 -18.01 -65.85
C ASN E 42 0.76 -19.15 -66.85
N SER E 43 0.52 -20.35 -66.37
CA SER E 43 0.22 -21.52 -67.22
C SER E 43 -1.18 -22.04 -67.00
N SER E 44 -2.11 -21.19 -66.59
CA SER E 44 -3.49 -21.54 -66.21
C SER E 44 -4.49 -21.17 -67.32
N ASN E 45 -3.99 -20.64 -68.43
CA ASN E 45 -4.81 -20.07 -69.53
C ASN E 45 -5.28 -21.17 -70.49
N TYR E 46 -5.80 -22.26 -69.94
CA TYR E 46 -6.33 -23.35 -70.82
C TYR E 46 -7.60 -23.88 -70.18
N PRO E 47 -8.56 -24.39 -70.97
CA PRO E 47 -9.80 -24.92 -70.40
C PRO E 47 -9.61 -25.91 -69.25
N ASP E 48 -8.62 -26.80 -69.36
CA ASP E 48 -8.44 -27.87 -68.37
C ASP E 48 -7.98 -27.31 -67.01
N ALA E 49 -7.33 -26.16 -67.03
CA ALA E 49 -6.78 -25.56 -65.78
C ALA E 49 -7.82 -24.78 -65.01
N LEU E 50 -8.91 -24.40 -65.64
CA LEU E 50 -9.86 -23.51 -64.93
C LEU E 50 -10.46 -24.14 -63.69
N LYS E 51 -10.64 -25.46 -63.64
CA LYS E 51 -11.18 -26.12 -62.45
C LYS E 51 -10.26 -25.90 -61.25
N ASP E 52 -9.00 -25.56 -61.49
CA ASP E 52 -8.04 -25.29 -60.40
C ASP E 52 -7.98 -23.77 -60.11
N VAL E 53 -8.79 -22.99 -60.77
CA VAL E 53 -8.82 -21.51 -60.58
C VAL E 53 -10.09 -21.16 -59.81
N TRP E 54 -11.25 -21.57 -60.26
CA TRP E 54 -12.52 -21.06 -59.73
C TRP E 54 -12.64 -21.27 -58.24
N PRO E 55 -12.27 -22.42 -57.64
CA PRO E 55 -12.50 -22.60 -56.21
C PRO E 55 -11.72 -21.55 -55.39
N SER E 56 -10.55 -21.19 -55.84
CA SER E 56 -9.76 -20.18 -55.14
C SER E 56 -10.49 -18.84 -55.22
N MET E 57 -11.06 -18.49 -56.37
N MET E 57 -11.05 -18.52 -56.35
CA MET E 57 -11.80 -17.20 -56.54
CA MET E 57 -11.71 -17.21 -56.50
C MET E 57 -12.92 -17.14 -55.52
C MET E 57 -12.93 -17.14 -55.58
N GLU E 58 -13.66 -18.22 -55.39
CA GLU E 58 -14.84 -18.31 -54.51
C GLU E 58 -14.40 -18.15 -53.06
N LYS E 59 -13.32 -18.83 -52.67
CA LYS E 59 -12.81 -18.77 -51.29
C LYS E 59 -12.27 -17.37 -50.98
N MET E 60 -11.72 -16.71 -51.98
CA MET E 60 -11.14 -15.37 -51.80
C MET E 60 -12.24 -14.32 -51.73
N GLY E 61 -13.37 -14.54 -52.37
CA GLY E 61 -14.43 -13.52 -52.51
C GLY E 61 -14.03 -12.50 -53.52
N ALA E 62 -13.15 -12.80 -54.47
CA ALA E 62 -12.74 -11.89 -55.56
C ALA E 62 -13.93 -11.64 -56.48
N ASN E 63 -14.01 -10.45 -57.04
CA ASN E 63 -15.07 -10.10 -58.03
C ASN E 63 -14.54 -10.13 -59.47
N THR E 64 -13.22 -10.21 -59.68
CA THR E 64 -12.61 -10.05 -60.99
C THR E 64 -11.38 -10.97 -61.08
N LEU E 65 -11.28 -11.73 -62.17
CA LEU E 65 -10.12 -12.60 -62.42
C LEU E 65 -9.30 -11.99 -63.55
N SER E 66 -8.01 -11.88 -63.32
CA SER E 66 -7.00 -11.54 -64.29
C SER E 66 -6.37 -12.89 -64.76
N ILE E 67 -6.36 -13.08 -66.09
CA ILE E 67 -5.91 -14.37 -66.64
C ILE E 67 -5.31 -14.07 -68.00
N PRO E 68 -4.23 -14.79 -68.41
CA PRO E 68 -3.66 -14.55 -69.71
C PRO E 68 -4.54 -15.03 -70.85
N VAL E 69 -4.38 -14.33 -71.97
CA VAL E 69 -4.73 -14.82 -73.33
C VAL E 69 -3.46 -14.65 -74.13
N ALA E 70 -2.90 -15.76 -74.62
CA ALA E 70 -1.59 -15.78 -75.24
C ALA E 70 -1.74 -15.73 -76.74
N TRP E 71 -0.91 -14.94 -77.34
CA TRP E 71 -0.79 -14.89 -78.84
C TRP E 71 -0.60 -16.34 -79.37
N GLU E 72 0.24 -17.10 -78.72
CA GLU E 72 0.55 -18.47 -79.23
C GLU E 72 -0.73 -19.28 -79.27
N GLN E 73 -1.67 -19.07 -78.38
CA GLN E 73 -2.88 -19.95 -78.26
C GLN E 73 -3.96 -19.46 -79.22
N ILE E 74 -4.05 -18.16 -79.52
CA ILE E 74 -5.12 -17.72 -80.42
C ILE E 74 -4.64 -17.74 -81.88
N GLU E 75 -3.34 -17.68 -82.18
CA GLU E 75 -2.84 -17.72 -83.59
C GLU E 75 -1.66 -18.66 -83.70
N PRO E 76 -1.91 -19.97 -83.44
CA PRO E 76 -0.82 -20.95 -83.39
C PRO E 76 -0.14 -21.18 -84.73
N VAL E 77 -0.87 -20.91 -85.78
CA VAL E 77 -0.40 -20.89 -87.20
C VAL E 77 -0.90 -19.56 -87.79
N GLU E 78 -0.05 -18.90 -88.56
CA GLU E 78 -0.40 -17.53 -89.03
C GLU E 78 -1.71 -17.54 -89.80
N GLY E 79 -2.63 -16.70 -89.38
CA GLY E 79 -3.94 -16.57 -90.03
C GLY E 79 -4.99 -17.53 -89.58
N GLN E 80 -4.61 -18.46 -88.71
CA GLN E 80 -5.52 -19.55 -88.26
C GLN E 80 -5.88 -19.32 -86.80
N PHE E 81 -6.96 -18.59 -86.60
CA PHE E 81 -7.32 -18.14 -85.23
C PHE E 81 -8.12 -19.21 -84.48
N ASP E 82 -7.94 -19.19 -83.16
CA ASP E 82 -8.50 -20.20 -82.24
C ASP E 82 -8.90 -19.48 -80.95
N PHE E 83 -10.19 -19.23 -80.82
CA PHE E 83 -10.72 -18.58 -79.61
C PHE E 83 -11.43 -19.57 -78.69
N SER E 84 -11.12 -20.90 -78.77
CA SER E 84 -11.73 -21.93 -77.93
C SER E 84 -11.56 -21.66 -76.44
N PHE E 85 -10.41 -21.17 -76.05
CA PHE E 85 -10.17 -20.91 -74.62
C PHE E 85 -11.03 -19.74 -74.13
N VAL E 86 -11.04 -18.70 -74.95
CA VAL E 86 -11.78 -17.44 -74.60
C VAL E 86 -13.26 -17.80 -74.44
N ASP E 87 -13.80 -18.62 -75.36
CA ASP E 87 -15.20 -19.09 -75.31
C ASP E 87 -15.51 -19.72 -73.94
N VAL E 88 -14.69 -20.71 -73.57
N VAL E 88 -14.79 -20.76 -73.51
CA VAL E 88 -14.87 -21.47 -72.29
CA VAL E 88 -15.16 -21.40 -72.22
C VAL E 88 -14.74 -20.52 -71.08
C VAL E 88 -14.85 -20.42 -71.06
N LEU E 89 -13.75 -19.66 -71.14
CA LEU E 89 -13.46 -18.71 -70.04
C LEU E 89 -14.63 -17.73 -69.81
N LEU E 90 -15.15 -17.17 -70.92
CA LEU E 90 -16.30 -16.24 -70.83
C LEU E 90 -17.45 -16.95 -70.13
N LYS E 91 -17.80 -18.13 -70.65
CA LYS E 91 -18.99 -18.84 -70.18
C LYS E 91 -18.83 -19.24 -68.70
N GLU E 92 -17.63 -19.67 -68.33
CA GLU E 92 -17.43 -20.13 -66.94
C GLU E 92 -17.43 -18.90 -66.00
N ALA E 93 -16.82 -17.79 -66.42
CA ALA E 93 -16.80 -16.58 -65.58
C ALA E 93 -18.22 -16.11 -65.36
N ARG E 94 -19.05 -16.18 -66.40
CA ARG E 94 -20.46 -15.75 -66.25
C ARG E 94 -21.17 -16.65 -65.24
N GLN E 95 -20.97 -17.97 -65.33
CA GLN E 95 -21.67 -18.93 -64.43
C GLN E 95 -21.30 -18.55 -63.00
N ARG E 96 -20.07 -18.08 -62.80
CA ARG E 96 -19.59 -17.82 -61.40
C ARG E 96 -19.76 -16.35 -61.03
N LYS E 97 -20.40 -15.56 -61.90
CA LYS E 97 -20.77 -14.14 -61.65
C LYS E 97 -19.50 -13.38 -61.23
N VAL E 98 -18.44 -13.58 -61.99
CA VAL E 98 -17.27 -12.73 -61.92
C VAL E 98 -16.99 -12.05 -63.24
N ARG E 99 -16.17 -10.99 -63.11
CA ARG E 99 -15.70 -10.26 -64.28
C ARG E 99 -14.25 -10.65 -64.60
N LEU E 100 -13.76 -10.21 -65.74
CA LEU E 100 -12.47 -10.63 -66.27
C LEU E 100 -11.61 -9.46 -66.70
N VAL E 101 -10.33 -9.59 -66.44
CA VAL E 101 -9.29 -8.74 -67.07
C VAL E 101 -8.40 -9.69 -67.88
N LEU E 102 -8.43 -9.57 -69.18
CA LEU E 102 -7.57 -10.39 -70.02
C LEU E 102 -6.21 -9.80 -70.09
N LEU E 103 -5.18 -10.65 -70.05
CA LEU E 103 -3.80 -10.21 -70.14
C LEU E 103 -3.21 -10.63 -71.49
N TRP E 104 -2.97 -9.73 -72.41
CA TRP E 104 -2.51 -10.05 -73.75
C TRP E 104 -1.01 -10.29 -73.68
N PHE E 105 -0.65 -11.59 -73.70
CA PHE E 105 0.74 -12.04 -73.62
C PHE E 105 1.24 -12.20 -75.05
N ALA E 106 2.09 -11.32 -75.56
CA ALA E 106 2.31 -11.21 -77.01
C ALA E 106 3.75 -10.86 -77.31
N THR E 107 4.04 -9.66 -77.80
CA THR E 107 5.40 -9.27 -78.11
C THR E 107 6.30 -9.36 -76.88
N TRP E 108 5.82 -8.85 -75.76
CA TRP E 108 6.51 -8.96 -74.48
C TRP E 108 5.66 -9.63 -73.42
N LYS E 109 6.32 -10.56 -72.72
CA LYS E 109 5.92 -11.15 -71.46
C LYS E 109 7.19 -11.24 -70.65
N ASN E 110 7.29 -10.37 -69.61
CA ASN E 110 8.50 -10.28 -68.82
C ASN E 110 9.72 -10.05 -69.74
N ASN E 111 9.60 -9.10 -70.71
CA ASN E 111 10.69 -8.66 -71.60
C ASN E 111 10.86 -9.59 -72.81
N ALA E 112 10.21 -10.77 -72.79
CA ALA E 112 10.57 -11.82 -73.78
C ALA E 112 9.37 -12.22 -74.58
N PRO E 113 9.64 -12.92 -75.73
CA PRO E 113 8.56 -13.33 -76.63
C PRO E 113 8.13 -14.80 -76.47
N HIS E 114 8.24 -15.34 -75.30
CA HIS E 114 7.94 -16.79 -75.11
C HIS E 114 6.48 -17.07 -75.41
N TYR E 115 5.54 -16.15 -75.28
CA TYR E 115 4.11 -16.46 -75.50
C TYR E 115 3.72 -16.06 -76.94
N ALA E 116 4.65 -15.54 -77.71
CA ALA E 116 4.42 -15.34 -79.16
C ALA E 116 4.38 -16.70 -79.85
N PRO E 117 3.63 -16.82 -80.96
CA PRO E 117 3.60 -18.10 -81.67
C PRO E 117 5.02 -18.49 -82.12
N ALA E 118 5.16 -19.81 -82.39
CA ALA E 118 6.47 -20.31 -82.86
C ALA E 118 6.94 -19.65 -84.17
N TRP E 119 6.00 -19.31 -85.04
CA TRP E 119 6.28 -18.65 -86.32
C TRP E 119 6.67 -17.19 -86.12
N VAL E 120 6.50 -16.67 -84.89
CA VAL E 120 7.03 -15.34 -84.57
C VAL E 120 8.37 -15.48 -83.83
N LYS E 121 8.33 -16.17 -82.66
CA LYS E 121 9.51 -16.15 -81.79
C LYS E 121 10.73 -16.91 -82.38
N LEU E 122 10.52 -17.77 -83.36
CA LEU E 122 11.65 -18.48 -84.00
C LEU E 122 12.10 -17.87 -85.31
N ASP E 123 11.54 -16.74 -85.72
CA ASP E 123 11.92 -16.08 -87.00
C ASP E 123 12.44 -14.68 -86.66
N ASN E 124 13.69 -14.59 -86.32
CA ASN E 124 14.38 -13.36 -85.97
C ASN E 124 14.50 -12.43 -87.18
N ALA E 125 14.73 -12.93 -88.38
CA ALA E 125 14.84 -12.05 -89.55
C ALA E 125 13.56 -11.22 -89.71
N ARG E 126 12.42 -11.83 -89.59
CA ARG E 126 11.12 -11.14 -89.81
C ARG E 126 10.82 -10.32 -88.56
N PHE E 127 11.14 -10.85 -87.38
CA PHE E 127 10.65 -10.33 -86.06
C PHE E 127 11.88 -10.14 -85.20
N PRO E 128 12.62 -9.02 -85.35
CA PRO E 128 13.98 -8.97 -84.82
C PRO E 128 14.04 -8.61 -83.32
N ARG E 129 15.06 -9.18 -82.69
CA ARG E 129 15.47 -8.96 -81.31
C ARG E 129 16.33 -7.70 -81.18
N VAL E 130 16.27 -7.22 -79.94
CA VAL E 130 17.24 -6.22 -79.40
C VAL E 130 18.66 -6.75 -79.61
N VAL E 131 19.50 -5.87 -80.09
CA VAL E 131 20.95 -6.12 -80.23
C VAL E 131 21.66 -5.23 -79.23
N LYS E 132 22.53 -5.81 -78.42
CA LYS E 132 23.37 -5.10 -77.44
C LYS E 132 24.40 -4.21 -78.16
N GLU E 133 24.95 -3.29 -77.43
CA GLU E 133 25.97 -2.38 -77.96
C GLU E 133 27.17 -3.20 -78.46
N ASP E 134 27.41 -4.38 -77.87
CA ASP E 134 28.58 -5.27 -78.19
C ASP E 134 28.28 -6.23 -79.33
N GLY E 135 27.07 -6.15 -79.84
CA GLY E 135 26.63 -6.90 -81.03
C GLY E 135 25.96 -8.24 -80.67
N ASP E 136 26.00 -8.70 -79.43
CA ASP E 136 25.27 -9.90 -79.00
C ASP E 136 23.76 -9.60 -79.03
N THR E 137 22.95 -10.64 -79.13
CA THR E 137 21.46 -10.53 -79.25
C THR E 137 20.84 -10.95 -77.93
N LEU E 138 19.77 -10.26 -77.50
CA LEU E 138 18.98 -10.65 -76.33
C LEU E 138 17.63 -11.17 -76.77
N ASN E 139 17.08 -12.09 -76.00
CA ASN E 139 15.72 -12.61 -76.30
C ASN E 139 14.63 -11.64 -75.80
N SER E 140 14.56 -10.52 -76.51
CA SER E 140 13.62 -9.39 -76.27
C SER E 140 13.37 -8.78 -77.66
N LEU E 141 12.13 -8.76 -78.11
CA LEU E 141 11.84 -8.27 -79.46
C LEU E 141 12.01 -6.73 -79.47
N SER E 142 12.62 -6.27 -80.51
CA SER E 142 12.83 -4.81 -80.73
C SER E 142 11.49 -4.12 -80.99
N PRO E 143 11.20 -2.98 -80.27
CA PRO E 143 9.97 -2.26 -80.58
C PRO E 143 10.03 -1.51 -81.94
N LEU E 144 11.18 -1.54 -82.63
CA LEU E 144 11.29 -0.98 -83.96
C LEU E 144 11.09 -2.02 -85.04
N GLY E 145 10.73 -3.26 -84.67
CA GLY E 145 10.37 -4.24 -85.70
C GLY E 145 8.97 -4.00 -86.24
N GLN E 146 8.89 -3.44 -87.46
CA GLN E 146 7.59 -3.09 -88.03
C GLN E 146 6.77 -4.33 -88.33
N ASN E 147 7.40 -5.44 -88.73
CA ASN E 147 6.55 -6.66 -88.96
C ASN E 147 5.96 -7.18 -87.67
N THR E 148 6.70 -7.05 -86.58
CA THR E 148 6.27 -7.54 -85.24
C THR E 148 5.04 -6.73 -84.79
N LEU E 149 5.12 -5.40 -84.92
CA LEU E 149 3.98 -4.56 -84.53
C LEU E 149 2.78 -4.92 -85.40
N ALA E 150 2.95 -5.04 -86.74
CA ALA E 150 1.77 -5.30 -87.56
C ALA E 150 1.16 -6.64 -87.18
N ALA E 151 1.99 -7.65 -86.89
CA ALA E 151 1.47 -9.00 -86.57
C ALA E 151 0.77 -9.04 -85.21
N ASP E 152 1.35 -8.39 -84.21
CA ASP E 152 0.73 -8.32 -82.86
C ASP E 152 -0.64 -7.61 -82.96
N LYS E 153 -0.62 -6.41 -83.59
CA LYS E 153 -1.81 -5.62 -83.87
C LYS E 153 -2.88 -6.50 -84.52
N LYS E 154 -2.50 -7.29 -85.55
CA LYS E 154 -3.52 -8.03 -86.29
C LYS E 154 -4.17 -9.00 -85.30
N ALA E 155 -3.37 -9.73 -84.52
CA ALA E 155 -3.92 -10.75 -83.65
C ALA E 155 -4.78 -10.13 -82.53
N PHE E 156 -4.31 -8.99 -82.02
CA PHE E 156 -5.06 -8.32 -80.94
C PHE E 156 -6.44 -7.86 -81.46
N VAL E 157 -6.43 -7.34 -82.68
CA VAL E 157 -7.69 -6.94 -83.32
C VAL E 157 -8.62 -8.13 -83.38
N GLU E 158 -8.10 -9.33 -83.77
CA GLU E 158 -8.99 -10.49 -83.80
C GLU E 158 -9.55 -10.89 -82.44
N LEU E 159 -8.74 -10.76 -81.39
CA LEU E 159 -9.26 -10.99 -80.03
C LEU E 159 -10.36 -9.97 -79.67
N MET E 160 -10.14 -8.72 -80.05
CA MET E 160 -11.12 -7.69 -79.74
C MET E 160 -12.39 -7.88 -80.59
N LYS E 161 -12.28 -8.40 -81.81
CA LYS E 161 -13.48 -8.71 -82.60
C LYS E 161 -14.23 -9.83 -81.92
N TYR E 162 -13.51 -10.80 -81.35
CA TYR E 162 -14.20 -11.92 -80.64
C TYR E 162 -15.04 -11.34 -79.51
N LEU E 163 -14.41 -10.49 -78.70
CA LEU E 163 -15.16 -9.85 -77.59
C LEU E 163 -16.31 -8.96 -78.10
N ALA E 164 -16.14 -8.25 -79.20
CA ALA E 164 -17.24 -7.42 -79.78
C ALA E 164 -18.43 -8.32 -80.10
N LYS E 165 -18.16 -9.54 -80.66
CA LYS E 165 -19.27 -10.34 -81.16
C LYS E 165 -19.81 -11.27 -80.05
N ARG E 166 -19.02 -11.60 -79.04
CA ARG E 166 -19.38 -12.67 -78.09
C ARG E 166 -19.46 -12.19 -76.65
N ASP E 167 -19.23 -10.91 -76.39
CA ASP E 167 -19.20 -10.42 -74.98
C ASP E 167 -19.96 -9.10 -74.85
N LYS E 168 -21.21 -9.10 -75.21
CA LYS E 168 -22.06 -7.88 -75.26
C LYS E 168 -22.29 -7.32 -73.86
N ASP E 169 -22.24 -8.13 -72.81
CA ASP E 169 -22.48 -7.64 -71.42
C ASP E 169 -21.14 -7.25 -70.78
N HIS E 170 -20.01 -7.33 -71.54
CA HIS E 170 -18.68 -6.91 -71.04
C HIS E 170 -18.35 -7.68 -69.74
N THR E 171 -18.43 -9.00 -69.81
CA THR E 171 -17.81 -9.85 -68.78
C THR E 171 -16.34 -9.42 -68.64
N VAL E 172 -15.66 -9.20 -69.80
CA VAL E 172 -14.29 -8.63 -69.84
C VAL E 172 -14.44 -7.12 -69.70
N ILE E 173 -13.88 -6.57 -68.62
CA ILE E 173 -14.00 -5.11 -68.29
C ILE E 173 -12.76 -4.34 -68.67
N MET E 174 -11.64 -4.99 -68.84
CA MET E 174 -10.36 -4.30 -69.13
C MET E 174 -9.37 -5.28 -69.76
N VAL E 175 -8.45 -4.78 -70.55
CA VAL E 175 -7.41 -5.61 -71.20
C VAL E 175 -6.06 -5.02 -70.88
N GLN E 176 -5.14 -5.85 -70.44
CA GLN E 176 -3.75 -5.49 -70.26
C GLN E 176 -3.05 -5.75 -71.58
N VAL E 177 -2.34 -4.79 -72.14
CA VAL E 177 -1.67 -4.88 -73.41
C VAL E 177 -0.21 -5.22 -73.16
N GLN E 178 0.25 -6.43 -73.54
CA GLN E 178 1.53 -7.00 -73.20
C GLN E 178 1.57 -7.31 -71.72
N ASN E 179 2.73 -7.82 -71.27
CA ASN E 179 2.96 -8.06 -69.84
C ASN E 179 4.36 -7.72 -69.50
N GLU E 180 4.53 -6.70 -68.70
CA GLU E 180 5.90 -6.27 -68.32
C GLU E 180 6.83 -6.13 -69.51
N VAL E 181 6.60 -5.08 -70.29
CA VAL E 181 7.43 -4.74 -71.44
C VAL E 181 8.82 -4.26 -70.96
N GLY E 182 9.75 -4.26 -71.88
CA GLY E 182 11.12 -3.78 -71.65
C GLY E 182 12.20 -4.78 -71.99
N THR E 183 13.39 -4.50 -71.56
CA THR E 183 14.54 -5.34 -71.85
C THR E 183 15.42 -5.44 -70.61
N TYR E 184 15.74 -6.67 -70.23
CA TYR E 184 16.81 -6.99 -69.27
C TYR E 184 18.10 -7.22 -70.03
N GLY E 185 19.21 -6.67 -69.50
CA GLY E 185 20.54 -6.94 -70.02
C GLY E 185 21.02 -5.92 -71.06
N ALA E 186 20.20 -4.91 -71.40
CA ALA E 186 20.60 -3.78 -72.26
C ALA E 186 19.63 -2.63 -72.01
N VAL E 187 20.05 -1.41 -72.37
CA VAL E 187 19.15 -0.25 -72.14
C VAL E 187 18.19 -0.04 -73.31
N ARG E 188 18.60 -0.41 -74.51
CA ARG E 188 17.82 -0.23 -75.71
C ARG E 188 18.29 -1.20 -76.81
N ASP E 189 17.59 -1.17 -77.92
CA ASP E 189 18.08 -1.80 -79.18
C ASP E 189 19.21 -0.93 -79.78
N TYR E 190 20.37 -1.52 -79.97
CA TYR E 190 21.51 -0.94 -80.70
C TYR E 190 21.74 -1.51 -82.11
N SER E 191 20.75 -2.25 -82.62
CA SER E 191 20.79 -2.70 -84.03
C SER E 191 20.99 -1.49 -84.95
N PRO E 192 21.56 -1.71 -86.15
CA PRO E 192 21.59 -0.66 -87.16
C PRO E 192 20.22 0.00 -87.42
N MET E 193 19.14 -0.75 -87.44
CA MET E 193 17.75 -0.24 -87.66
C MET E 193 17.42 0.74 -86.53
N ALA E 194 17.76 0.37 -85.30
CA ALA E 194 17.43 1.17 -84.10
C ALA E 194 18.32 2.41 -84.07
N GLN E 195 19.60 2.20 -84.33
CA GLN E 195 20.60 3.28 -84.29
C GLN E 195 20.21 4.36 -85.33
N ALA E 196 19.64 4.01 -86.47
CA ALA E 196 19.27 5.01 -87.49
C ALA E 196 18.19 5.93 -86.90
N VAL E 197 17.26 5.37 -86.15
CA VAL E 197 16.12 6.10 -85.53
C VAL E 197 16.67 6.94 -84.36
N PHE E 198 17.54 6.37 -83.54
CA PHE E 198 18.20 7.10 -82.44
C PHE E 198 18.93 8.34 -82.96
N ASN E 199 19.67 8.19 -84.05
CA ASN E 199 20.54 9.25 -84.65
C ASN E 199 19.66 10.34 -85.23
N ALA E 200 18.38 10.05 -85.51
CA ALA E 200 17.44 11.02 -86.13
C ALA E 200 16.82 11.94 -85.08
N ALA E 201 16.13 12.93 -85.62
CA ALA E 201 15.37 13.88 -84.80
C ALA E 201 14.43 13.17 -83.85
N VAL E 202 14.34 13.67 -82.61
CA VAL E 202 13.26 13.23 -81.72
C VAL E 202 11.95 13.68 -82.38
N PRO E 203 10.91 12.86 -82.39
CA PRO E 203 9.62 13.30 -82.95
C PRO E 203 9.05 14.56 -82.33
N ASP E 204 8.48 15.38 -83.20
CA ASP E 204 7.94 16.71 -82.83
C ASP E 204 6.90 16.57 -81.72
N ASP E 205 5.98 15.59 -81.79
CA ASP E 205 4.89 15.51 -80.80
C ASP E 205 5.53 15.43 -79.40
N LEU E 206 6.61 14.66 -79.25
CA LEU E 206 7.21 14.45 -77.91
C LEU E 206 7.86 15.77 -77.48
N ILE E 207 8.61 16.38 -78.35
CA ILE E 207 9.32 17.65 -78.08
C ILE E 207 8.27 18.66 -77.59
N GLN E 208 7.11 18.77 -78.26
CA GLN E 208 6.08 19.80 -77.98
C GLN E 208 5.43 19.46 -76.62
N LYS E 209 5.12 18.20 -76.36
CA LYS E 209 4.41 17.81 -75.11
C LYS E 209 5.33 18.03 -73.91
N LEU E 210 6.63 17.78 -74.05
CA LEU E 210 7.61 17.90 -72.95
C LEU E 210 8.13 19.35 -72.89
N GLN E 211 7.80 20.17 -73.87
CA GLN E 211 8.23 21.61 -73.92
C GLN E 211 9.77 21.66 -73.90
N LEU E 212 10.40 20.90 -74.78
CA LEU E 212 11.87 20.85 -74.96
C LEU E 212 12.20 21.56 -76.27
N LYS E 213 13.49 21.72 -76.54
CA LYS E 213 14.13 22.23 -77.78
C LYS E 213 14.38 21.04 -78.69
N PRO E 214 14.10 21.19 -80.00
CA PRO E 214 14.33 20.12 -80.93
C PRO E 214 15.81 19.68 -80.98
N GLY E 215 15.98 18.41 -81.37
CA GLY E 215 17.32 17.84 -81.62
C GLY E 215 17.19 16.35 -81.79
N THR E 216 18.33 15.66 -81.84
CA THR E 216 18.37 14.20 -81.92
C THR E 216 18.20 13.65 -80.51
N TRP E 217 18.02 12.35 -80.36
CA TRP E 217 17.84 11.76 -79.00
C TRP E 217 19.02 12.14 -78.12
N SER E 218 20.26 11.98 -78.59
CA SER E 218 21.43 12.29 -77.73
C SER E 218 21.42 13.78 -77.39
N GLN E 219 21.07 14.64 -78.34
CA GLN E 219 21.14 16.11 -78.05
C GLN E 219 20.08 16.47 -76.99
N VAL E 220 18.89 15.90 -77.12
CA VAL E 220 17.73 16.36 -76.30
C VAL E 220 17.85 15.79 -74.89
N PHE E 221 18.21 14.52 -74.73
CA PHE E 221 18.08 13.74 -73.47
C PHE E 221 19.43 13.41 -72.80
N GLY E 222 20.58 13.55 -73.46
CA GLY E 222 21.91 13.34 -72.87
C GLY E 222 22.04 11.96 -72.22
N ARG E 223 22.35 11.91 -70.93
CA ARG E 223 22.59 10.68 -70.13
C ARG E 223 21.34 9.81 -70.18
N ASP E 224 20.17 10.36 -70.44
CA ASP E 224 18.91 9.55 -70.42
C ASP E 224 18.49 9.14 -71.83
N ALA E 225 19.26 9.47 -72.85
CA ALA E 225 18.80 9.23 -74.25
C ALA E 225 18.50 7.74 -74.51
N ASP E 226 19.37 6.85 -74.09
CA ASP E 226 19.21 5.42 -74.40
C ASP E 226 17.91 4.93 -73.79
N GLU E 227 17.71 5.18 -72.52
CA GLU E 227 16.55 4.64 -71.78
C GLU E 227 15.27 5.30 -72.29
N PHE E 228 15.31 6.64 -72.48
CA PHE E 228 14.05 7.32 -72.84
C PHE E 228 13.68 6.92 -74.25
N PHE E 229 14.69 6.64 -75.07
CA PHE E 229 14.42 6.13 -76.45
C PHE E 229 13.69 4.77 -76.39
N HIS E 230 14.17 3.84 -75.60
CA HIS E 230 13.53 2.52 -75.49
C HIS E 230 12.11 2.67 -74.97
N ALA E 231 11.95 3.50 -73.91
CA ALA E 231 10.61 3.74 -73.35
C ALA E 231 9.70 4.26 -74.44
N TYR E 232 10.14 5.31 -75.12
CA TYR E 232 9.36 5.95 -76.19
C TYR E 232 8.97 4.94 -77.27
N GLN E 233 9.93 4.18 -77.77
CA GLN E 233 9.57 3.26 -78.88
C GLN E 233 8.65 2.14 -78.40
N ILE E 234 8.82 1.63 -77.19
CA ILE E 234 7.89 0.61 -76.62
C ILE E 234 6.52 1.23 -76.42
N ALA E 235 6.47 2.45 -75.84
CA ALA E 235 5.18 3.08 -75.61
C ALA E 235 4.43 3.36 -76.91
N ARG E 236 5.12 3.77 -77.98
CA ARG E 236 4.44 3.95 -79.30
C ARG E 236 3.89 2.60 -79.78
N TYR E 237 4.67 1.53 -79.61
CA TYR E 237 4.23 0.19 -80.08
C TYR E 237 2.98 -0.20 -79.35
N CYS E 238 3.02 -0.08 -78.02
CA CYS E 238 1.86 -0.44 -77.18
C CYS E 238 0.66 0.45 -77.49
N ASP E 239 0.89 1.73 -77.76
CA ASP E 239 -0.22 2.64 -78.03
C ASP E 239 -0.86 2.27 -79.37
N GLU E 240 -0.07 1.87 -80.37
CA GLU E 240 -0.63 1.51 -81.68
C GLU E 240 -1.44 0.22 -81.56
N VAL E 241 -0.98 -0.75 -80.76
CA VAL E 241 -1.76 -2.01 -80.54
C VAL E 241 -3.08 -1.63 -79.85
N THR E 242 -3.01 -0.77 -78.81
CA THR E 242 -4.18 -0.32 -78.02
C THR E 242 -5.21 0.36 -78.93
N VAL E 243 -4.77 1.31 -79.73
CA VAL E 243 -5.68 2.06 -80.63
C VAL E 243 -6.42 1.08 -81.54
N ALA E 244 -5.65 0.18 -82.16
CA ALA E 244 -6.25 -0.80 -83.08
C ALA E 244 -7.34 -1.61 -82.37
N GLY E 245 -7.05 -2.13 -81.20
CA GLY E 245 -8.06 -2.92 -80.49
C GLY E 245 -9.27 -2.10 -80.08
N LYS E 246 -9.03 -0.88 -79.54
CA LYS E 246 -10.13 -0.03 -79.08
C LYS E 246 -11.04 0.36 -80.25
N ALA E 247 -10.50 0.43 -81.48
CA ALA E 247 -11.31 0.75 -82.66
C ALA E 247 -12.35 -0.35 -82.90
N ILE E 248 -12.06 -1.58 -82.43
CA ILE E 248 -13.03 -2.68 -82.48
C ILE E 248 -13.97 -2.61 -81.30
N LYS E 249 -13.40 -2.58 -80.10
CA LYS E 249 -14.22 -2.46 -78.88
C LYS E 249 -13.47 -1.59 -77.89
N ASN E 250 -14.07 -0.45 -77.50
CA ASN E 250 -13.34 0.59 -76.73
C ASN E 250 -13.36 0.29 -75.22
N LEU E 251 -12.80 -0.83 -74.81
CA LEU E 251 -12.59 -1.18 -73.39
C LEU E 251 -11.39 -0.37 -72.89
N PRO E 252 -11.35 -0.11 -71.57
CA PRO E 252 -10.15 0.37 -70.93
C PRO E 252 -9.00 -0.61 -71.17
N MET E 253 -7.81 -0.10 -71.33
CA MET E 253 -6.62 -0.91 -71.55
C MET E 253 -5.46 -0.30 -70.79
N TYR E 254 -4.58 -1.11 -70.30
CA TYR E 254 -3.46 -0.65 -69.47
C TYR E 254 -2.18 -1.45 -69.71
N VAL E 255 -1.10 -0.99 -69.18
CA VAL E 255 0.19 -1.70 -69.14
C VAL E 255 0.63 -1.87 -67.72
N ASN E 256 1.38 -2.92 -67.45
CA ASN E 256 1.82 -3.29 -66.10
C ASN E 256 3.32 -3.24 -66.03
N VAL E 257 3.87 -2.77 -64.93
CA VAL E 257 5.31 -2.43 -64.90
C VAL E 257 6.06 -3.38 -63.96
N ALA E 258 7.13 -3.93 -64.55
CA ALA E 258 8.24 -4.55 -63.79
C ALA E 258 9.00 -3.39 -63.07
N LEU E 259 8.64 -3.21 -61.80
CA LEU E 259 9.10 -1.99 -61.09
C LEU E 259 10.61 -2.03 -60.88
N ARG E 260 11.22 -0.86 -60.95
CA ARG E 260 12.53 -0.66 -60.38
C ARG E 260 12.35 -0.24 -58.91
N ASN E 261 13.32 -0.56 -58.08
CA ASN E 261 13.27 -0.15 -56.65
C ASN E 261 13.36 1.36 -56.62
N PRO E 262 12.36 2.04 -56.03
CA PRO E 262 12.35 3.52 -56.13
C PRO E 262 13.48 4.19 -55.35
N PHE E 263 13.96 3.52 -54.31
CA PHE E 263 15.03 4.07 -53.42
C PHE E 263 16.45 3.72 -53.90
N ASN E 264 16.61 2.65 -54.69
CA ASN E 264 17.94 2.11 -55.05
C ASN E 264 17.78 1.29 -56.32
N PRO E 265 17.45 1.95 -57.44
CA PRO E 265 16.96 1.28 -58.65
C PRO E 265 18.02 0.43 -59.37
N GLY E 266 19.29 0.77 -59.21
CA GLY E 266 20.30 0.26 -60.15
C GLY E 266 20.16 0.88 -61.52
N LEU E 267 20.77 0.29 -62.53
CA LEU E 267 20.78 0.84 -63.89
C LEU E 267 19.68 0.20 -64.73
N PRO E 268 19.21 0.93 -65.74
CA PRO E 268 18.27 0.34 -66.70
C PRO E 268 18.99 -0.85 -67.40
N GLY E 269 18.29 -1.97 -67.47
CA GLY E 269 18.85 -3.26 -67.95
C GLY E 269 19.09 -4.20 -66.77
N GLN E 270 19.43 -3.68 -65.61
CA GLN E 270 19.29 -4.45 -64.36
C GLN E 270 17.81 -4.64 -64.07
N TYR E 271 17.11 -3.49 -63.99
CA TYR E 271 15.65 -3.51 -64.05
C TYR E 271 15.30 -3.58 -65.55
N SER E 272 14.03 -3.73 -65.81
CA SER E 272 13.50 -3.89 -67.18
C SER E 272 13.44 -2.53 -67.86
N SER E 273 14.42 -2.22 -68.67
CA SER E 273 14.58 -0.92 -69.35
C SER E 273 13.42 -0.72 -70.33
N GLY E 274 12.83 0.45 -70.33
CA GLY E 274 11.83 0.85 -71.31
C GLY E 274 10.39 0.64 -70.81
N GLY E 275 10.16 -0.14 -69.76
CA GLY E 275 8.84 -0.22 -69.13
C GLY E 275 8.51 1.07 -68.37
N GLY E 276 7.29 1.19 -67.90
CA GLY E 276 6.79 2.41 -67.25
C GLY E 276 7.35 2.59 -65.83
N THR E 277 8.70 2.58 -65.71
CA THR E 277 9.34 2.82 -64.42
C THR E 277 9.15 4.30 -64.05
N ASP E 278 9.37 4.61 -62.78
CA ASP E 278 8.92 5.92 -62.23
C ASP E 278 9.64 7.07 -62.96
N ASN E 279 10.84 6.86 -63.47
CA ASN E 279 11.65 7.88 -64.18
C ASN E 279 11.24 8.11 -65.63
N VAL E 280 10.35 7.29 -66.18
CA VAL E 280 9.95 7.47 -67.61
C VAL E 280 8.43 7.54 -67.73
N LEU E 281 7.73 7.81 -66.62
CA LEU E 281 6.27 7.97 -66.70
C LEU E 281 5.96 9.13 -67.61
N HIS E 282 6.77 10.18 -67.57
CA HIS E 282 6.48 11.34 -68.43
C HIS E 282 6.60 10.99 -69.91
N ILE E 283 7.51 10.11 -70.24
CA ILE E 283 7.73 9.67 -71.63
C ILE E 283 6.50 8.84 -72.00
N TRP E 284 6.16 7.85 -71.17
CA TRP E 284 4.98 7.04 -71.43
C TRP E 284 3.70 7.84 -71.58
N LYS E 285 3.51 8.86 -70.75
CA LYS E 285 2.22 9.57 -70.83
C LYS E 285 2.20 10.42 -72.12
N ALA E 286 3.32 10.97 -72.54
CA ALA E 286 3.41 11.77 -73.78
C ALA E 286 3.28 10.85 -75.01
N ALA E 287 3.87 9.66 -74.97
CA ALA E 287 3.98 8.82 -76.19
C ALA E 287 2.71 8.01 -76.37
N ALA E 288 2.02 7.67 -75.29
CA ALA E 288 0.90 6.71 -75.41
C ALA E 288 -0.40 7.25 -74.80
N PRO E 289 -0.99 8.27 -75.47
CA PRO E 289 -2.20 8.90 -74.93
C PRO E 289 -3.42 7.98 -74.92
N ASN E 290 -3.36 6.87 -75.65
CA ASN E 290 -4.54 5.97 -75.73
C ASN E 290 -4.50 4.85 -74.68
N ILE E 291 -3.39 4.73 -73.98
CA ILE E 291 -3.29 3.74 -72.89
C ILE E 291 -3.87 4.39 -71.61
N ASP E 292 -4.87 3.79 -70.99
CA ASP E 292 -5.65 4.40 -69.89
C ASP E 292 -4.82 4.62 -68.65
N LEU E 293 -3.98 3.68 -68.26
CA LEU E 293 -3.19 3.84 -67.02
C LEU E 293 -1.96 2.92 -67.07
N ILE E 294 -1.01 3.21 -66.21
CA ILE E 294 0.25 2.50 -66.03
C ILE E 294 0.22 1.92 -64.63
N ALA E 295 0.16 0.59 -64.49
CA ALA E 295 -0.11 -0.15 -63.23
C ALA E 295 1.18 -0.74 -62.67
N PRO E 296 1.44 -0.56 -61.38
CA PRO E 296 2.59 -1.20 -60.76
C PRO E 296 2.34 -2.66 -60.39
N ASP E 297 3.39 -3.45 -60.60
CA ASP E 297 3.37 -4.88 -60.16
C ASP E 297 4.25 -5.02 -58.89
N ILE E 298 3.62 -5.16 -57.75
CA ILE E 298 4.33 -4.93 -56.47
C ILE E 298 4.72 -6.26 -55.82
N TYR E 299 6.03 -6.43 -55.68
CA TYR E 299 6.61 -7.61 -55.00
C TYR E 299 7.63 -7.22 -53.93
N PHE E 300 7.78 -5.91 -53.69
CA PHE E 300 8.50 -5.46 -52.49
C PHE E 300 7.62 -5.76 -51.28
N ARG E 301 8.16 -6.30 -50.21
CA ARG E 301 7.33 -6.75 -49.03
C ARG E 301 7.18 -5.62 -48.01
N ASP E 302 8.16 -4.72 -48.01
CA ASP E 302 8.29 -3.81 -46.87
C ASP E 302 7.45 -2.56 -47.08
N TYR E 303 6.87 -2.13 -45.98
CA TYR E 303 5.91 -1.03 -45.98
C TYR E 303 6.50 0.25 -46.56
N LYS E 304 7.74 0.62 -46.27
CA LYS E 304 8.26 1.92 -46.80
C LYS E 304 8.32 1.90 -48.33
N THR E 305 8.80 0.80 -48.90
CA THR E 305 9.02 0.73 -50.36
C THR E 305 7.66 0.60 -51.07
N VAL E 306 6.78 -0.25 -50.57
CA VAL E 306 5.40 -0.35 -51.12
C VAL E 306 4.72 1.06 -51.06
N SER E 307 4.80 1.74 -49.90
CA SER E 307 4.14 3.05 -49.75
C SER E 307 4.67 4.00 -50.80
N LYS E 308 5.97 3.95 -51.08
CA LYS E 308 6.63 4.83 -52.07
C LYS E 308 6.07 4.54 -53.46
N VAL E 309 5.98 3.25 -53.78
CA VAL E 309 5.40 2.88 -55.09
C VAL E 309 3.98 3.39 -55.25
N LEU E 310 3.15 3.26 -54.22
CA LEU E 310 1.75 3.73 -54.31
C LEU E 310 1.78 5.25 -54.55
N GLU E 311 2.69 5.95 -53.88
CA GLU E 311 2.80 7.41 -54.03
C GLU E 311 3.15 7.78 -55.47
N LEU E 312 4.17 7.08 -56.04
CA LEU E 312 4.71 7.43 -57.37
C LEU E 312 3.69 7.10 -58.46
N TYR E 313 2.88 6.04 -58.29
CA TYR E 313 1.97 5.66 -59.39
C TYR E 313 0.61 6.31 -59.27
N THR E 314 0.26 6.94 -58.15
CA THR E 314 -1.01 7.65 -58.03
C THR E 314 -0.78 9.12 -58.42
N ARG E 315 -1.29 9.52 -59.54
CA ARG E 315 -0.97 10.88 -60.13
C ARG E 315 -2.25 11.43 -60.70
N PRO E 316 -2.38 12.79 -60.81
CA PRO E 316 -3.55 13.33 -61.47
C PRO E 316 -3.77 12.71 -62.88
N ASP E 317 -2.70 12.34 -63.54
CA ASP E 317 -2.72 11.71 -64.89
C ASP E 317 -2.66 10.18 -64.84
N ASN E 318 -2.75 9.56 -63.66
CA ASN E 318 -2.60 8.08 -63.56
C ASN E 318 -3.44 7.53 -62.44
N ALA E 319 -4.55 6.85 -62.81
CA ALA E 319 -5.33 6.06 -61.87
C ALA E 319 -4.41 4.96 -61.30
N LEU E 320 -4.60 4.64 -60.05
CA LEU E 320 -3.82 3.60 -59.37
C LEU E 320 -4.57 2.27 -59.47
N PHE E 321 -3.92 1.31 -60.13
CA PHE E 321 -4.42 -0.07 -60.18
C PHE E 321 -3.24 -0.99 -59.82
N VAL E 322 -3.36 -1.70 -58.68
CA VAL E 322 -2.28 -2.63 -58.30
C VAL E 322 -2.54 -3.95 -59.11
N ALA E 323 -1.96 -3.99 -60.29
CA ALA E 323 -2.30 -5.02 -61.31
C ALA E 323 -1.80 -6.36 -60.81
N GLU E 324 -0.69 -6.35 -60.10
CA GLU E 324 -0.13 -7.56 -59.49
C GLU E 324 0.37 -7.21 -58.09
N ILE E 325 0.20 -8.09 -57.13
CA ILE E 325 0.93 -8.00 -55.87
C ILE E 325 1.23 -9.41 -55.41
N GLY E 326 2.26 -9.56 -54.62
CA GLY E 326 2.59 -10.91 -54.07
C GLY E 326 1.43 -11.46 -53.25
N ASN E 327 1.35 -12.80 -53.15
CA ASN E 327 0.24 -13.49 -52.47
C ASN E 327 0.64 -13.98 -51.10
N ASP E 328 1.82 -13.60 -50.64
CA ASP E 328 2.18 -13.91 -49.26
C ASP E 328 1.40 -13.02 -48.27
N GLN E 329 1.33 -13.47 -47.04
CA GLN E 329 0.56 -12.79 -45.95
C GLN E 329 0.85 -11.28 -45.85
N PRO E 330 2.08 -10.82 -45.90
CA PRO E 330 2.33 -9.42 -45.61
C PRO E 330 1.64 -8.50 -46.61
N PHE E 331 1.35 -8.95 -47.82
CA PHE E 331 0.86 -8.08 -48.89
C PHE E 331 -0.63 -7.74 -48.70
N ALA E 332 -1.39 -8.52 -47.97
CA ALA E 332 -2.87 -8.35 -47.87
C ALA E 332 -3.22 -6.94 -47.38
N ARG E 333 -2.45 -6.47 -46.43
CA ARG E 333 -2.85 -5.17 -45.76
C ARG E 333 -2.67 -4.03 -46.72
N TYR E 334 -1.91 -4.16 -47.79
CA TYR E 334 -1.70 -3.06 -48.75
C TYR E 334 -2.98 -2.73 -49.53
N LEU E 335 -4.02 -3.56 -49.43
CA LEU E 335 -5.34 -3.21 -49.99
C LEU E 335 -5.78 -1.84 -49.40
N PHE E 336 -5.53 -1.64 -48.10
CA PHE E 336 -6.10 -0.44 -47.43
C PHE E 336 -5.50 0.83 -48.04
N PRO E 337 -4.16 1.04 -48.06
CA PRO E 337 -3.61 2.25 -48.66
C PRO E 337 -3.95 2.38 -50.13
N THR E 338 -4.03 1.24 -50.81
CA THR E 338 -4.34 1.26 -52.23
C THR E 338 -5.70 1.96 -52.38
N LEU E 339 -6.69 1.48 -51.67
CA LEU E 339 -8.04 2.06 -51.78
C LEU E 339 -8.01 3.51 -51.21
N GLY E 340 -7.24 3.75 -50.17
CA GLY E 340 -7.20 5.10 -49.56
C GLY E 340 -6.70 6.11 -50.58
N LYS E 341 -5.83 5.73 -51.49
CA LYS E 341 -5.22 6.57 -52.56
C LYS E 341 -6.26 6.80 -53.68
N GLY E 342 -7.44 6.20 -53.56
CA GLY E 342 -8.40 6.23 -54.68
C GLY E 342 -8.16 5.14 -55.73
N GLY E 343 -7.44 4.13 -55.34
CA GLY E 343 -7.17 3.03 -56.29
C GLY E 343 -8.44 2.38 -56.78
N ILE E 344 -8.32 1.91 -58.05
CA ILE E 344 -9.46 1.26 -58.69
C ILE E 344 -9.41 -0.26 -58.54
N GLY E 345 -8.34 -0.79 -57.99
CA GLY E 345 -8.27 -2.24 -57.81
C GLY E 345 -6.96 -2.74 -57.30
N PHE E 346 -6.96 -4.07 -57.09
CA PHE E 346 -5.87 -4.75 -56.36
C PHE E 346 -5.96 -6.22 -56.75
N SER E 347 -4.84 -6.81 -57.17
CA SER E 347 -4.91 -8.16 -57.81
C SER E 347 -3.73 -9.00 -57.38
N PRO E 348 -3.86 -9.79 -56.29
CA PRO E 348 -2.80 -10.73 -55.88
C PRO E 348 -2.55 -11.80 -56.95
N PHE E 349 -1.27 -12.02 -57.18
CA PHE E 349 -0.81 -12.97 -58.19
C PHE E 349 -0.70 -14.38 -57.62
N GLY E 350 -1.19 -15.32 -58.47
CA GLY E 350 -0.93 -16.76 -58.16
C GLY E 350 -2.02 -17.42 -57.35
N MET E 351 -3.26 -17.00 -57.51
CA MET E 351 -4.38 -17.47 -56.70
C MET E 351 -5.06 -18.64 -57.41
N ASP E 352 -4.27 -19.69 -57.58
CA ASP E 352 -4.85 -20.94 -58.14
C ASP E 352 -4.06 -22.14 -57.56
N ASP E 353 -4.65 -23.31 -57.78
CA ASP E 353 -4.08 -24.55 -57.19
C ASP E 353 -3.45 -25.39 -58.31
N THR E 354 -2.70 -24.81 -59.19
CA THR E 354 -2.07 -25.49 -60.35
C THR E 354 -0.63 -25.98 -60.01
N ASP E 355 -0.35 -26.16 -58.74
CA ASP E 355 0.90 -26.78 -58.29
C ASP E 355 2.10 -25.92 -58.67
N TYR E 356 2.05 -24.67 -58.23
CA TYR E 356 3.17 -23.74 -58.44
C TYR E 356 3.13 -22.72 -57.30
N THR E 357 4.32 -22.40 -56.79
N THR E 357 4.31 -22.44 -56.74
CA THR E 357 4.50 -21.27 -55.86
CA THR E 357 4.52 -21.29 -55.82
C THR E 357 5.65 -20.42 -56.39
C THR E 357 5.64 -20.43 -56.38
N ASN E 358 5.50 -19.12 -56.30
CA ASN E 358 6.53 -18.21 -56.86
C ASN E 358 7.38 -17.61 -55.73
N TYR E 359 7.31 -18.13 -54.54
CA TYR E 359 8.33 -17.87 -53.52
C TYR E 359 9.67 -18.06 -54.20
N PRO E 360 10.54 -17.10 -54.09
CA PRO E 360 10.46 -15.97 -53.13
C PRO E 360 9.59 -14.72 -53.32
N LEU E 361 8.96 -14.53 -54.47
CA LEU E 361 8.11 -13.31 -54.66
C LEU E 361 6.84 -13.38 -53.81
N GLY E 362 6.17 -14.53 -53.79
CA GLY E 362 4.95 -14.75 -53.03
C GLY E 362 5.11 -15.81 -51.97
N ALA E 363 4.01 -16.46 -51.63
CA ALA E 363 3.92 -17.43 -50.51
C ALA E 363 4.70 -18.69 -50.83
N LYS E 364 5.27 -19.26 -49.80
CA LYS E 364 6.02 -20.52 -49.83
C LYS E 364 5.08 -21.70 -50.14
N VAL E 365 3.84 -21.56 -49.77
N VAL E 365 3.87 -21.70 -49.61
CA VAL E 365 2.81 -22.60 -49.86
CA VAL E 365 2.82 -22.74 -49.81
C VAL E 365 1.63 -21.99 -50.60
C VAL E 365 1.47 -22.08 -50.16
N TYR E 366 0.73 -22.79 -51.03
CA TYR E 366 -0.58 -22.37 -51.52
C TYR E 366 -1.58 -23.25 -50.85
N ASN E 367 -2.33 -22.71 -49.89
CA ASN E 367 -3.39 -23.46 -49.21
C ASN E 367 -4.50 -22.52 -48.76
N ASP E 368 -5.51 -23.06 -48.13
CA ASP E 368 -6.70 -22.27 -47.70
C ASP E 368 -6.20 -21.08 -46.90
N GLU E 369 -5.20 -21.25 -46.06
CA GLU E 369 -4.74 -20.12 -45.20
C GLU E 369 -4.16 -19.03 -46.10
N THR E 370 -3.48 -19.32 -47.17
CA THR E 370 -2.92 -18.35 -48.11
C THR E 370 -4.08 -17.47 -48.59
N ILE E 371 -5.15 -18.08 -49.04
CA ILE E 371 -6.31 -17.39 -49.64
C ILE E 371 -6.99 -16.59 -48.53
N GLU E 372 -7.08 -17.12 -47.35
CA GLU E 372 -7.87 -16.52 -46.22
C GLU E 372 -7.26 -15.13 -45.91
N GLN E 373 -5.97 -14.94 -46.02
CA GLN E 373 -5.38 -13.63 -45.65
C GLN E 373 -6.02 -12.56 -46.52
N PHE E 374 -6.27 -12.82 -47.78
CA PHE E 374 -6.89 -11.85 -48.70
C PHE E 374 -8.39 -11.94 -48.48
N ALA E 375 -9.02 -13.10 -48.30
CA ALA E 375 -10.47 -13.15 -48.13
C ALA E 375 -10.87 -12.22 -46.96
N GLN E 376 -10.08 -12.22 -45.91
CA GLN E 376 -10.46 -11.44 -44.71
C GLN E 376 -10.52 -9.94 -45.05
N VAL E 377 -9.62 -9.41 -45.83
CA VAL E 377 -9.65 -7.95 -46.11
C VAL E 377 -10.67 -7.67 -47.20
N TYR E 378 -10.90 -8.61 -48.15
CA TYR E 378 -11.94 -8.38 -49.19
C TYR E 378 -13.33 -8.36 -48.53
N ARG E 379 -13.55 -9.07 -47.46
CA ARG E 379 -14.85 -9.10 -46.72
C ARG E 379 -15.18 -7.72 -46.16
N LEU E 380 -14.20 -6.86 -45.98
CA LEU E 380 -14.51 -5.48 -45.46
C LEU E 380 -15.02 -4.61 -46.59
N VAL E 381 -14.65 -4.89 -47.84
CA VAL E 381 -14.91 -3.99 -48.98
C VAL E 381 -16.10 -4.49 -49.80
N ASN E 382 -16.17 -5.79 -50.04
CA ASN E 382 -17.26 -6.34 -50.88
C ASN E 382 -18.64 -5.81 -50.46
N PRO E 383 -19.03 -5.77 -49.15
CA PRO E 383 -20.41 -5.38 -48.79
C PRO E 383 -20.75 -3.92 -49.09
N MET E 384 -19.73 -3.09 -49.32
CA MET E 384 -19.88 -1.67 -49.67
C MET E 384 -19.22 -1.32 -50.98
N MET E 385 -18.95 -2.28 -51.85
CA MET E 385 -18.04 -2.00 -52.98
C MET E 385 -18.48 -0.80 -53.82
N ARG E 386 -19.73 -0.78 -54.26
CA ARG E 386 -20.18 0.30 -55.16
C ARG E 386 -20.24 1.62 -54.39
N GLU E 387 -20.59 1.56 -53.10
CA GLU E 387 -20.69 2.82 -52.31
C GLU E 387 -19.28 3.37 -52.09
N TRP E 388 -18.35 2.53 -51.71
CA TRP E 388 -16.93 2.91 -51.58
C TRP E 388 -16.43 3.50 -52.91
N ALA E 389 -16.66 2.80 -54.02
CA ALA E 389 -16.10 3.26 -55.29
C ALA E 389 -16.61 4.68 -55.60
N ARG E 390 -17.88 4.94 -55.33
CA ARG E 390 -18.42 6.29 -55.62
C ARG E 390 -17.75 7.31 -54.68
N LEU E 391 -17.67 6.99 -53.42
CA LEU E 391 -17.07 7.96 -52.44
C LEU E 391 -15.62 8.23 -52.84
N SER E 392 -14.91 7.21 -53.26
N SER E 392 -14.90 7.19 -53.33
CA SER E 392 -13.49 7.40 -53.63
CA SER E 392 -13.44 7.25 -53.73
C SER E 392 -13.37 8.37 -54.83
C SER E 392 -13.20 7.89 -55.10
N TYR E 393 -14.27 8.27 -55.80
CA TYR E 393 -14.19 9.14 -56.98
C TYR E 393 -14.64 10.58 -56.67
N GLN E 394 -15.74 10.74 -55.96
CA GLN E 394 -16.55 11.97 -55.88
C GLN E 394 -16.29 12.58 -54.53
N GLY E 395 -15.66 11.88 -53.65
CA GLY E 395 -15.51 12.38 -52.28
C GLY E 395 -14.10 12.24 -51.74
N GLN E 396 -14.11 12.11 -50.40
CA GLN E 396 -12.86 12.05 -49.67
C GLN E 396 -12.84 10.68 -49.00
N VAL E 397 -11.75 10.02 -49.28
CA VAL E 397 -11.39 8.73 -48.63
C VAL E 397 -9.97 8.74 -48.10
N TRP E 398 -9.71 7.78 -47.21
CA TRP E 398 -8.41 7.58 -46.58
C TRP E 398 -8.26 6.07 -46.37
N GLY E 399 -7.02 5.65 -46.32
CA GLY E 399 -6.76 4.24 -46.02
C GLY E 399 -5.32 4.11 -45.54
N VAL E 400 -5.12 3.25 -44.54
CA VAL E 400 -3.78 3.08 -43.96
C VAL E 400 -3.58 1.57 -43.69
N ALA E 401 -2.32 1.20 -43.72
CA ALA E 401 -1.91 -0.11 -43.28
C ALA E 401 -0.93 -0.02 -42.12
N GLU E 402 -0.81 -1.12 -41.39
CA GLU E 402 0.10 -1.25 -40.26
C GLU E 402 1.52 -1.00 -40.74
N PRO E 403 2.20 0.03 -40.18
CA PRO E 403 3.38 0.55 -40.82
C PRO E 403 4.75 0.01 -40.40
N LEU E 404 4.76 -0.95 -39.48
CA LEU E 404 5.98 -1.71 -39.19
C LEU E 404 5.74 -3.09 -39.83
N ASP E 405 6.78 -3.59 -40.47
CA ASP E 405 6.77 -4.99 -40.94
C ASP E 405 6.94 -5.91 -39.72
N SER E 406 6.70 -7.22 -39.89
CA SER E 406 6.86 -8.19 -38.79
C SER E 406 8.30 -8.13 -38.30
N THR E 407 8.47 -8.22 -37.00
CA THR E 407 9.80 -8.29 -36.37
C THR E 407 10.56 -9.52 -36.91
N THR E 408 11.76 -9.29 -37.40
CA THR E 408 12.68 -10.31 -37.94
C THR E 408 13.36 -11.07 -36.81
N GLU E 409 13.84 -12.25 -37.13
CA GLU E 409 14.68 -13.06 -36.19
C GLU E 409 15.92 -12.27 -35.80
N THR E 410 16.56 -11.57 -36.75
CA THR E 410 17.78 -10.75 -36.47
C THR E 410 17.36 -9.69 -35.44
N GLN E 411 16.11 -9.17 -35.49
CA GLN E 411 15.63 -8.15 -34.49
C GLN E 411 15.18 -8.82 -33.17
N LYS E 412 14.60 -10.01 -33.16
CA LYS E 412 14.12 -10.59 -31.86
C LYS E 412 15.32 -10.92 -30.96
N ILE E 413 16.50 -11.07 -31.57
CA ILE E 413 17.82 -11.26 -30.93
C ILE E 413 18.36 -9.86 -30.56
N TRP E 414 18.65 -8.98 -31.53
CA TRP E 414 19.16 -7.59 -31.29
C TRP E 414 18.29 -6.95 -30.21
N ASN E 415 16.98 -6.88 -30.40
CA ASN E 415 16.05 -6.63 -29.27
C ASN E 415 16.27 -7.78 -28.30
N ALA E 418 18.57 -7.11 -24.71
CA ALA E 418 18.73 -5.66 -24.46
C ALA E 418 18.49 -5.33 -22.97
N THR E 419 18.97 -4.16 -22.50
CA THR E 419 18.81 -3.70 -21.07
C THR E 419 17.35 -3.35 -20.82
N PRO E 420 16.85 -3.35 -19.57
CA PRO E 420 15.45 -2.99 -19.30
C PRO E 420 15.08 -1.60 -19.83
N GLU E 421 15.95 -0.61 -19.64
CA GLU E 421 15.72 0.80 -20.14
C GLU E 421 15.71 0.84 -21.69
N GLU E 422 16.59 0.08 -22.34
CA GLU E 422 16.61 -0.01 -23.84
C GLU E 422 15.32 -0.67 -24.34
N LYS E 423 14.81 -1.69 -23.63
CA LYS E 423 13.57 -2.43 -24.04
C LYS E 423 12.37 -1.48 -23.84
N GLU E 424 12.31 -0.79 -22.68
CA GLU E 424 11.18 0.16 -22.43
C GLU E 424 11.21 1.21 -23.56
N GLN E 425 12.39 1.73 -23.98
CA GLN E 425 12.44 2.80 -25.01
C GLN E 425 12.02 2.24 -26.36
N HIS E 426 12.48 1.02 -26.65
CA HIS E 426 12.08 0.32 -27.89
C HIS E 426 10.57 0.16 -27.95
N LYS E 427 9.95 -0.30 -26.87
CA LYS E 427 8.45 -0.45 -26.84
C LYS E 427 7.81 0.92 -27.09
N LYS E 428 8.33 1.97 -26.47
CA LYS E 428 7.73 3.30 -26.67
C LYS E 428 7.85 3.71 -28.14
N ASP E 429 9.04 3.46 -28.69
CA ASP E 429 9.36 3.85 -30.09
C ASP E 429 8.42 3.07 -31.03
N ARG E 430 8.21 1.77 -30.79
CA ARG E 430 7.30 0.96 -31.60
C ARG E 430 5.86 1.48 -31.47
N ALA E 431 5.43 1.85 -30.24
CA ALA E 431 4.05 2.34 -30.03
C ALA E 431 3.87 3.62 -30.88
N SER E 432 4.77 4.57 -30.82
CA SER E 432 4.69 5.80 -31.62
C SER E 432 4.66 5.48 -33.12
N ALA E 433 5.48 4.53 -33.57
CA ALA E 433 5.50 4.17 -35.01
C ALA E 433 4.18 3.52 -35.45
N LEU E 434 3.54 2.81 -34.53
CA LEU E 434 2.28 2.11 -34.77
C LEU E 434 1.06 2.98 -34.46
N THR E 435 1.26 4.30 -34.48
CA THR E 435 0.20 5.29 -34.32
C THR E 435 0.17 6.18 -35.55
N GLN E 436 -0.95 6.20 -36.26
CA GLN E 436 -1.09 7.03 -37.47
C GLN E 436 -2.17 8.10 -37.23
N GLN E 437 -1.89 9.28 -37.80
CA GLN E 437 -2.88 10.39 -37.76
C GLN E 437 -3.42 10.65 -39.18
N LEU E 438 -4.66 10.91 -39.22
CA LEU E 438 -5.40 11.27 -40.44
C LEU E 438 -6.20 12.56 -40.16
N ASP E 439 -6.03 13.50 -41.08
CA ASP E 439 -6.76 14.79 -41.00
C ASP E 439 -8.06 14.69 -41.79
N LEU E 440 -9.19 14.58 -41.12
CA LEU E 440 -10.49 14.38 -41.77
C LEU E 440 -11.33 15.64 -41.87
N GLY E 441 -10.67 16.78 -41.78
CA GLY E 441 -11.35 18.09 -41.88
C GLY E 441 -11.56 18.68 -40.48
N LEU E 442 -12.78 18.65 -39.96
CA LEU E 442 -13.08 19.12 -38.58
C LEU E 442 -12.65 18.14 -37.51
N TRP E 443 -12.42 16.89 -37.94
CA TRP E 443 -12.05 15.78 -37.03
C TRP E 443 -10.81 15.08 -37.58
N ASP E 444 -10.03 14.51 -36.66
CA ASP E 444 -8.90 13.64 -37.02
C ASP E 444 -9.25 12.23 -36.51
N ALA E 445 -8.64 11.25 -37.16
CA ALA E 445 -8.61 9.89 -36.64
C ALA E 445 -7.18 9.53 -36.25
N GLU E 446 -7.07 8.70 -35.22
CA GLU E 446 -5.81 8.11 -34.81
C GLU E 446 -5.99 6.58 -34.93
N VAL E 447 -5.14 5.97 -35.75
CA VAL E 447 -5.22 4.51 -35.95
C VAL E 447 -4.01 3.88 -35.24
N THR E 448 -4.27 2.86 -34.45
CA THR E 448 -3.22 2.14 -33.72
C THR E 448 -3.39 0.64 -33.91
N TYR E 449 -2.28 -0.07 -33.77
CA TYR E 449 -2.26 -1.49 -34.17
C TYR E 449 -1.77 -2.40 -33.02
N GLY E 450 -2.55 -3.45 -32.71
CA GLY E 450 -2.07 -4.52 -31.83
C GLY E 450 -2.20 -4.12 -30.36
N ARG E 451 -3.45 -4.07 -29.92
CA ARG E 451 -3.78 -3.72 -28.51
C ARG E 451 -5.11 -4.29 -28.15
N PRO E 452 -5.41 -4.42 -26.85
CA PRO E 452 -6.69 -4.94 -26.41
C PRO E 452 -7.83 -4.07 -26.92
N MET E 453 -9.04 -4.56 -26.76
CA MET E 453 -10.25 -3.88 -27.22
C MET E 453 -10.75 -2.95 -26.09
N PHE E 454 -10.12 -3.06 -24.95
CA PHE E 454 -10.57 -2.37 -23.70
C PHE E 454 -9.35 -1.72 -23.07
N TRP E 455 -9.56 -0.50 -22.57
CA TRP E 455 -8.51 0.28 -21.89
C TRP E 455 -7.48 0.80 -22.88
N VAL E 456 -6.35 1.27 -22.35
CA VAL E 456 -5.44 2.13 -23.15
C VAL E 456 -3.99 1.62 -23.12
N THR E 457 -3.77 0.32 -22.89
CA THR E 457 -2.41 -0.25 -23.08
C THR E 457 -1.92 0.17 -24.45
N PRO E 458 -0.67 0.68 -24.53
CA PRO E 458 -0.13 1.10 -25.81
C PRO E 458 -0.04 -0.02 -26.85
N PRO E 459 -0.14 0.36 -28.12
CA PRO E 459 -0.05 -0.64 -29.22
C PRO E 459 1.33 -1.30 -29.24
N GLU E 460 1.34 -2.58 -29.65
CA GLU E 460 2.56 -3.39 -29.80
C GLU E 460 2.65 -4.02 -31.18
N GLY E 461 1.66 -3.82 -32.02
CA GLY E 461 1.62 -4.43 -33.35
C GLY E 461 1.01 -5.82 -33.34
N ASN E 462 0.50 -6.16 -34.53
CA ASN E 462 0.00 -7.54 -34.76
C ASN E 462 1.18 -8.42 -35.20
N THR E 463 1.08 -9.69 -34.84
CA THR E 463 2.07 -10.72 -35.23
C THR E 463 1.38 -11.78 -36.07
N PRO E 464 1.56 -11.78 -37.41
CA PRO E 464 2.44 -10.91 -38.22
C PRO E 464 1.73 -9.52 -38.37
N ALA E 465 2.46 -8.57 -38.94
CA ALA E 465 1.87 -7.24 -39.25
C ALA E 465 0.70 -7.48 -40.22
N ALA E 466 -0.44 -6.87 -40.00
CA ALA E 466 -1.61 -7.24 -40.83
C ALA E 466 -2.72 -6.19 -40.83
N GLY E 467 -2.63 -5.19 -39.95
CA GLY E 467 -3.77 -4.29 -39.73
C GLY E 467 -3.94 -3.20 -40.79
N GLY E 468 -5.14 -2.63 -40.80
CA GLY E 468 -5.39 -1.42 -41.61
C GLY E 468 -6.77 -0.86 -41.32
N ALA E 469 -7.05 0.24 -42.05
CA ALA E 469 -8.34 0.93 -41.86
C ALA E 469 -8.67 1.65 -43.18
N LEU E 470 -10.00 1.80 -43.34
CA LEU E 470 -10.58 2.62 -44.41
C LEU E 470 -11.57 3.65 -43.80
N ILE E 471 -11.45 4.89 -44.26
CA ILE E 471 -12.42 5.94 -43.83
C ILE E 471 -12.90 6.72 -45.06
N ALA E 472 -14.22 6.95 -45.11
CA ALA E 472 -14.77 7.84 -46.14
C ALA E 472 -15.58 8.92 -45.41
N GLN E 473 -15.49 10.15 -45.94
CA GLN E 473 -16.24 11.29 -45.33
C GLN E 473 -17.64 11.30 -45.96
N LEU E 474 -18.67 11.27 -45.14
CA LEU E 474 -20.07 11.39 -45.60
C LEU E 474 -20.58 12.84 -45.51
N ASP E 475 -20.14 13.57 -44.48
CA ASP E 475 -20.53 14.98 -44.24
C ASP E 475 -19.50 15.53 -43.29
N ASP E 476 -19.68 16.81 -42.92
CA ASP E 476 -18.66 17.52 -42.14
C ASP E 476 -18.37 16.77 -40.84
N ASN E 477 -19.33 16.09 -40.25
CA ASN E 477 -19.16 15.45 -38.95
C ASN E 477 -19.43 13.93 -38.99
N GLU E 478 -19.46 13.37 -40.20
CA GLU E 478 -19.87 11.95 -40.30
C GLU E 478 -19.00 11.18 -41.27
N TYR E 479 -18.66 9.98 -40.83
CA TYR E 479 -17.64 9.16 -41.59
C TYR E 479 -18.13 7.72 -41.66
N LEU E 480 -17.78 7.07 -42.76
CA LEU E 480 -17.89 5.59 -42.87
C LEU E 480 -16.52 5.03 -42.51
N VAL E 481 -16.51 4.01 -41.66
CA VAL E 481 -15.26 3.43 -41.13
C VAL E 481 -15.37 1.89 -41.13
N THR E 482 -14.31 1.28 -41.66
CA THR E 482 -14.12 -0.19 -41.43
C THR E 482 -12.64 -0.40 -41.23
N ALA E 483 -12.29 -1.33 -40.35
CA ALA E 483 -10.87 -1.53 -40.09
C ALA E 483 -10.64 -3.02 -39.75
N TYR E 484 -9.38 -3.32 -39.52
CA TYR E 484 -8.93 -4.72 -39.41
C TYR E 484 -7.74 -4.78 -38.44
N LYS E 485 -7.91 -5.50 -37.32
CA LYS E 485 -6.82 -5.72 -36.35
C LYS E 485 -6.19 -4.37 -35.96
N ALA E 486 -7.10 -3.48 -35.57
CA ALA E 486 -6.70 -2.06 -35.34
C ALA E 486 -7.74 -1.39 -34.47
N ARG E 487 -7.30 -0.27 -33.90
CA ARG E 487 -8.22 0.67 -33.21
C ARG E 487 -8.22 2.01 -33.99
N VAL E 488 -9.44 2.58 -34.10
CA VAL E 488 -9.61 3.88 -34.72
C VAL E 488 -10.27 4.78 -33.68
N GLU E 489 -9.62 5.91 -33.43
CA GLU E 489 -10.15 6.91 -32.44
C GLU E 489 -10.29 8.26 -33.09
N PHE E 490 -11.40 8.92 -32.81
CA PHE E 490 -11.70 10.25 -33.39
C PHE E 490 -11.42 11.36 -32.35
N LYS E 491 -10.96 12.51 -32.84
CA LYS E 491 -10.77 13.68 -31.96
C LYS E 491 -10.92 14.91 -32.82
N PRO E 492 -11.16 16.10 -32.22
CA PRO E 492 -11.15 17.28 -33.05
C PRO E 492 -9.84 17.49 -33.82
N SER E 493 -9.93 18.09 -35.01
CA SER E 493 -8.75 18.44 -35.84
C SER E 493 -8.17 19.81 -35.42
N GLN E 494 -8.93 20.59 -34.67
CA GLN E 494 -8.43 21.92 -34.27
C GLN E 494 -9.04 22.20 -32.87
N GLU E 495 -8.53 23.26 -32.24
CA GLU E 495 -9.02 23.77 -30.94
C GLU E 495 -10.54 24.07 -31.06
N LEU E 496 -11.31 23.73 -30.05
CA LEU E 496 -12.77 23.90 -30.03
C LEU E 496 -13.21 25.19 -29.32
N ALA E 497 -12.30 26.04 -28.88
CA ALA E 497 -12.61 27.38 -28.37
C ALA E 497 -13.60 27.28 -27.21
N GLY E 498 -13.44 26.29 -26.34
CA GLY E 498 -14.25 26.18 -25.11
C GLY E 498 -15.31 25.09 -25.17
N LYS E 499 -15.59 24.56 -26.37
CA LYS E 499 -16.54 23.43 -26.49
C LYS E 499 -15.88 22.10 -26.12
N LYS E 500 -16.72 21.16 -25.75
N LYS E 500 -16.72 21.16 -25.75
CA LYS E 500 -16.31 19.75 -25.55
CA LYS E 500 -16.30 19.75 -25.53
C LYS E 500 -16.67 18.97 -26.81
C LYS E 500 -16.67 18.97 -26.80
N PHE E 501 -16.27 17.70 -26.84
CA PHE E 501 -16.67 16.86 -27.98
C PHE E 501 -16.98 15.47 -27.48
N MET E 502 -17.80 14.78 -28.28
CA MET E 502 -18.01 13.35 -28.02
C MET E 502 -18.40 12.72 -29.38
N ILE E 503 -18.41 11.38 -29.38
CA ILE E 503 -19.15 10.66 -30.41
C ILE E 503 -20.62 10.95 -30.18
N GLU E 504 -21.32 11.36 -31.21
CA GLU E 504 -22.80 11.49 -31.15
C GLU E 504 -23.39 10.10 -31.28
N ARG E 505 -23.03 9.37 -32.35
N ARG E 505 -22.87 9.37 -32.28
CA ARG E 505 -23.62 8.02 -32.55
CA ARG E 505 -23.49 8.08 -32.63
C ARG E 505 -22.76 7.23 -33.52
C ARG E 505 -22.53 7.27 -33.47
N VAL E 506 -22.48 5.98 -33.15
CA VAL E 506 -21.82 4.98 -34.05
C VAL E 506 -22.90 3.92 -34.33
N GLU E 507 -23.09 3.66 -35.65
CA GLU E 507 -24.04 2.61 -36.08
C GLU E 507 -23.25 1.59 -36.93
N GLU E 508 -23.46 0.32 -36.63
CA GLU E 508 -22.96 -0.75 -37.56
C GLU E 508 -24.09 -1.07 -38.50
N GLY E 509 -23.73 -1.27 -39.76
CA GLY E 509 -24.82 -1.58 -40.69
C GLY E 509 -24.34 -2.06 -42.04
N ARG E 510 -25.21 -1.93 -43.03
CA ARG E 510 -24.86 -2.33 -44.38
C ARG E 510 -25.65 -1.49 -45.38
N PHE E 511 -25.23 -1.54 -46.65
CA PHE E 511 -26.01 -0.93 -47.72
C PHE E 511 -26.83 -2.00 -48.42
N GLU E 512 -28.12 -1.71 -48.57
CA GLU E 512 -29.07 -2.55 -49.37
C GLU E 512 -29.74 -1.69 -50.42
N LYS E 513 -29.59 -2.04 -51.70
CA LYS E 513 -30.15 -1.16 -52.77
C LYS E 513 -29.64 0.30 -52.55
N GLY E 514 -28.38 0.44 -52.15
CA GLY E 514 -27.71 1.75 -52.00
C GLY E 514 -28.20 2.54 -50.80
N LYS E 515 -29.04 1.96 -49.95
CA LYS E 515 -29.59 2.62 -48.73
C LYS E 515 -28.89 1.96 -47.54
N TRP E 516 -28.60 2.77 -46.56
CA TRP E 516 -28.03 2.31 -45.28
C TRP E 516 -29.10 1.64 -44.43
N VAL E 517 -28.74 0.47 -43.96
CA VAL E 517 -29.57 -0.28 -43.02
C VAL E 517 -28.79 -0.46 -41.72
N MET E 518 -29.32 0.09 -40.62
N MET E 518 -29.29 0.14 -40.66
CA MET E 518 -28.67 -0.03 -39.30
CA MET E 518 -28.71 -0.03 -39.32
C MET E 518 -28.94 -1.41 -38.68
C MET E 518 -28.90 -1.48 -38.84
N GLU E 519 -27.87 -2.05 -38.25
CA GLU E 519 -28.00 -3.29 -37.51
C GLU E 519 -27.94 -3.07 -36.02
N ARG E 520 -27.02 -2.19 -35.57
CA ARG E 520 -26.96 -1.94 -34.11
C ARG E 520 -26.15 -0.64 -33.90
N VAL E 521 -26.30 -0.11 -32.69
CA VAL E 521 -25.51 1.05 -32.23
C VAL E 521 -24.34 0.54 -31.39
N TRP E 522 -23.14 0.93 -31.76
CA TRP E 522 -21.97 0.72 -30.88
C TRP E 522 -22.01 1.78 -29.80
N ASN E 523 -21.87 1.39 -28.59
CA ASN E 523 -21.84 2.37 -27.47
C ASN E 523 -21.17 1.68 -26.29
N GLY E 524 -21.02 2.39 -25.19
CA GLY E 524 -20.44 1.85 -23.98
C GLY E 524 -19.02 1.36 -24.25
N ASP E 525 -18.75 0.13 -23.78
CA ASP E 525 -17.45 -0.48 -23.95
C ASP E 525 -16.98 -0.37 -25.41
N GLN E 526 -17.90 -0.48 -26.36
CA GLN E 526 -17.55 -0.53 -27.79
C GLN E 526 -17.03 0.81 -28.32
N THR E 527 -17.36 1.93 -27.60
CA THR E 527 -16.85 3.25 -28.08
C THR E 527 -16.03 3.97 -27.01
N ASP E 528 -15.85 3.45 -25.82
CA ASP E 528 -15.08 4.14 -24.74
C ASP E 528 -13.61 4.19 -25.03
N TRP E 529 -13.12 3.20 -25.80
CA TRP E 529 -11.66 2.98 -25.98
C TRP E 529 -11.38 2.95 -27.47
N GLY E 530 -11.92 3.90 -28.21
CA GLY E 530 -11.86 3.89 -29.66
C GLY E 530 -12.80 2.84 -30.23
N LEU E 531 -12.60 2.66 -31.55
CA LEU E 531 -13.38 1.67 -32.30
C LEU E 531 -12.43 0.52 -32.67
N ASN E 532 -12.65 -0.62 -31.99
CA ASN E 532 -11.70 -1.76 -32.02
C ASN E 532 -12.22 -2.86 -32.96
N PHE E 533 -11.35 -3.25 -33.85
CA PHE E 533 -11.62 -4.22 -34.95
C PHE E 533 -10.67 -5.38 -34.77
N THR E 534 -11.21 -6.58 -35.02
CA THR E 534 -10.39 -7.80 -35.03
C THR E 534 -10.29 -8.22 -36.50
N ASP E 535 -10.48 -9.53 -36.77
CA ASP E 535 -10.45 -10.05 -38.13
C ASP E 535 -11.83 -10.13 -38.74
N ARG E 536 -12.89 -9.77 -38.03
CA ARG E 536 -14.25 -9.84 -38.59
C ARG E 536 -14.68 -8.50 -39.17
N PRO E 537 -15.58 -8.53 -40.18
CA PRO E 537 -16.01 -7.33 -40.85
C PRO E 537 -17.11 -6.62 -40.06
N HIS E 538 -16.90 -5.30 -39.90
CA HIS E 538 -17.94 -4.37 -39.38
C HIS E 538 -17.82 -3.06 -40.13
N LEU E 539 -18.94 -2.60 -40.64
CA LEU E 539 -18.99 -1.29 -41.32
C LEU E 539 -19.77 -0.32 -40.46
N LEU E 540 -19.07 0.79 -40.12
CA LEU E 540 -19.67 1.76 -39.18
C LEU E 540 -19.93 3.10 -39.87
N ARG E 541 -20.99 3.76 -39.39
CA ARG E 541 -21.14 5.19 -39.63
C ARG E 541 -20.94 5.88 -38.26
N VAL E 542 -20.00 6.81 -38.25
CA VAL E 542 -19.54 7.52 -37.03
C VAL E 542 -19.89 9.00 -37.18
N LYS E 543 -20.75 9.46 -36.28
CA LYS E 543 -21.12 10.90 -36.24
C LYS E 543 -20.49 11.49 -34.98
N MET E 544 -19.72 12.56 -35.18
CA MET E 544 -19.03 13.30 -34.10
C MET E 544 -19.75 14.64 -33.86
N ALA E 545 -19.70 15.10 -32.58
CA ALA E 545 -20.22 16.41 -32.24
C ALA E 545 -19.34 17.17 -31.26
N SER E 546 -19.25 18.47 -31.54
CA SER E 546 -18.83 19.45 -30.51
C SER E 546 -20.05 19.97 -29.79
N TYR E 547 -19.89 20.29 -28.51
CA TYR E 547 -21.05 20.79 -27.76
C TYR E 547 -20.60 21.77 -26.68
N SER E 548 -21.48 22.74 -26.49
CA SER E 548 -21.24 23.79 -25.49
C SER E 548 -21.42 23.24 -24.06
N VAL E 549 -20.60 23.73 -23.13
CA VAL E 549 -20.84 23.55 -21.67
C VAL E 549 -20.85 24.92 -20.98
N GLN E 550 -21.00 26.02 -21.74
CA GLN E 550 -20.93 27.44 -21.27
C GLN E 550 -21.92 27.69 -20.15
N ALA F 12 -29.70 -77.38 -16.34
CA ALA F 12 -28.32 -76.76 -16.48
C ALA F 12 -27.48 -77.14 -15.27
N PRO F 13 -26.26 -77.69 -15.44
CA PRO F 13 -25.51 -78.13 -14.27
C PRO F 13 -25.05 -76.90 -13.48
N LEU F 14 -24.99 -77.05 -12.19
CA LEU F 14 -24.49 -75.97 -11.31
C LEU F 14 -23.03 -75.71 -11.71
N PRO F 15 -22.57 -74.46 -11.64
CA PRO F 15 -21.16 -74.17 -11.60
C PRO F 15 -20.53 -74.90 -10.41
N GLU F 16 -19.27 -75.25 -10.54
CA GLU F 16 -18.60 -76.04 -9.48
C GLU F 16 -17.10 -75.80 -9.59
N LEU F 17 -16.40 -75.69 -8.46
CA LEU F 17 -14.93 -75.68 -8.50
C LEU F 17 -14.44 -77.12 -8.30
N LEU F 18 -13.74 -77.62 -9.31
CA LEU F 18 -13.10 -78.94 -9.22
C LEU F 18 -11.63 -78.80 -8.90
N SER F 19 -11.17 -79.75 -8.12
CA SER F 19 -9.76 -79.85 -7.70
C SER F 19 -9.30 -81.28 -7.85
N ASN F 20 -8.27 -81.50 -8.67
CA ASN F 20 -7.76 -82.88 -8.92
C ASN F 20 -6.30 -82.78 -9.29
N ASN F 21 -5.45 -83.70 -8.77
CA ASN F 21 -4.00 -83.75 -9.09
C ASN F 21 -3.33 -82.39 -8.94
N GLY F 22 -3.72 -81.69 -7.88
CA GLY F 22 -3.08 -80.41 -7.55
C GLY F 22 -3.46 -79.27 -8.48
N LYS F 23 -4.48 -79.45 -9.31
CA LYS F 23 -4.95 -78.44 -10.31
C LYS F 23 -6.44 -78.21 -10.11
N HIS F 24 -6.93 -77.20 -10.79
CA HIS F 24 -8.30 -76.70 -10.53
C HIS F 24 -8.95 -76.28 -11.84
N ALA F 25 -10.28 -76.28 -11.80
CA ALA F 25 -11.14 -75.76 -12.86
C ALA F 25 -12.42 -75.20 -12.22
N LEU F 26 -12.83 -74.04 -12.73
CA LEU F 26 -14.18 -73.59 -12.45
C LEU F 26 -15.03 -74.14 -13.61
N MET F 27 -15.91 -75.04 -13.26
CA MET F 27 -16.87 -75.56 -14.23
C MET F 27 -18.07 -74.66 -14.35
N VAL F 28 -18.35 -74.20 -15.55
CA VAL F 28 -19.58 -73.46 -15.90
C VAL F 28 -20.21 -74.14 -17.10
N ASP F 29 -21.47 -74.50 -16.93
CA ASP F 29 -22.26 -75.17 -17.99
C ASP F 29 -21.56 -76.49 -18.38
N GLY F 30 -20.90 -77.14 -17.41
CA GLY F 30 -20.43 -78.52 -17.60
C GLY F 30 -19.04 -78.58 -18.17
N ALA F 31 -18.29 -77.49 -18.22
CA ALA F 31 -16.92 -77.50 -18.75
C ALA F 31 -16.08 -76.43 -18.12
N PRO F 32 -14.76 -76.56 -18.05
CA PRO F 32 -13.90 -75.49 -17.50
C PRO F 32 -14.08 -74.16 -18.19
N TYR F 33 -14.02 -73.09 -17.36
CA TYR F 33 -14.32 -71.70 -17.73
C TYR F 33 -13.25 -70.80 -17.12
N ILE F 34 -12.87 -69.76 -17.88
CA ILE F 34 -11.96 -68.71 -17.39
C ILE F 34 -12.78 -67.42 -17.21
N ILE F 35 -12.82 -66.90 -15.96
CA ILE F 35 -13.36 -65.52 -15.76
C ILE F 35 -12.38 -64.49 -16.35
N LEU F 36 -12.75 -63.91 -17.46
CA LEU F 36 -12.06 -62.70 -18.02
C LEU F 36 -12.94 -61.53 -17.55
N GLY F 37 -12.63 -61.08 -16.34
CA GLY F 37 -13.61 -60.33 -15.53
C GLY F 37 -13.43 -58.83 -15.59
N SER F 38 -14.44 -58.19 -15.08
N SER F 38 -14.38 -58.22 -14.95
CA SER F 38 -14.35 -56.78 -14.70
CA SER F 38 -14.41 -56.77 -14.72
C SER F 38 -15.11 -56.62 -13.37
C SER F 38 -15.16 -56.58 -13.39
N GLN F 39 -14.71 -55.69 -12.51
CA GLN F 39 -15.47 -55.39 -11.31
C GLN F 39 -15.84 -53.88 -11.34
N THR F 40 -17.07 -53.59 -10.98
CA THR F 40 -17.48 -52.19 -10.84
C THR F 40 -16.74 -51.51 -9.69
N ASN F 41 -16.85 -50.18 -9.77
CA ASN F 41 -16.64 -49.38 -8.53
C ASN F 41 -17.66 -49.79 -7.48
N ASN F 42 -17.39 -49.29 -6.24
CA ASN F 42 -18.04 -49.75 -5.01
C ASN F 42 -19.48 -49.21 -4.86
N SER F 43 -19.83 -48.19 -5.65
CA SER F 43 -21.15 -47.53 -5.57
C SER F 43 -21.93 -47.64 -6.85
N SER F 44 -21.70 -48.75 -7.58
CA SER F 44 -22.40 -49.00 -8.86
C SER F 44 -23.51 -50.05 -8.72
N ASN F 45 -23.75 -50.50 -7.50
CA ASN F 45 -24.73 -51.55 -7.19
C ASN F 45 -26.17 -51.06 -7.17
N TYR F 46 -26.57 -50.28 -8.16
CA TYR F 46 -27.95 -49.77 -8.25
C TYR F 46 -28.40 -49.72 -9.69
N PRO F 47 -29.71 -49.92 -9.95
CA PRO F 47 -30.20 -49.92 -11.33
C PRO F 47 -29.70 -48.75 -12.18
N ASP F 48 -29.75 -47.53 -11.62
CA ASP F 48 -29.43 -46.31 -12.37
C ASP F 48 -27.96 -46.32 -12.77
N ALA F 49 -27.07 -47.05 -12.03
CA ALA F 49 -25.64 -47.01 -12.35
C ALA F 49 -25.26 -47.98 -13.49
N LEU F 50 -26.12 -48.97 -13.75
CA LEU F 50 -25.71 -50.04 -14.68
C LEU F 50 -25.42 -49.51 -16.10
N LYS F 51 -26.12 -48.43 -16.51
N LYS F 51 -26.07 -48.42 -16.52
CA LYS F 51 -25.89 -47.74 -17.80
CA LYS F 51 -25.82 -47.86 -17.88
C LYS F 51 -24.39 -47.39 -17.93
C LYS F 51 -24.40 -47.30 -17.95
N ASP F 52 -23.73 -47.10 -16.81
CA ASP F 52 -22.33 -46.63 -16.75
C ASP F 52 -21.37 -47.83 -16.61
N VAL F 53 -21.91 -49.03 -16.49
CA VAL F 53 -21.07 -50.25 -16.38
C VAL F 53 -21.03 -50.98 -17.72
N TRP F 54 -22.19 -51.23 -18.32
CA TRP F 54 -22.17 -52.18 -19.46
C TRP F 54 -21.25 -51.73 -20.60
N PRO F 55 -21.17 -50.44 -21.00
CA PRO F 55 -20.36 -50.10 -22.16
C PRO F 55 -18.89 -50.44 -21.93
N SER F 56 -18.37 -50.24 -20.70
CA SER F 56 -17.00 -50.59 -20.33
C SER F 56 -16.82 -52.11 -20.48
N MET F 57 -17.79 -52.89 -20.04
CA MET F 57 -17.64 -54.36 -20.10
C MET F 57 -17.58 -54.77 -21.58
N GLU F 58 -18.38 -54.15 -22.45
CA GLU F 58 -18.35 -54.46 -23.90
C GLU F 58 -16.97 -54.12 -24.50
N LYS F 59 -16.49 -52.90 -24.24
CA LYS F 59 -15.20 -52.47 -24.75
C LYS F 59 -14.08 -53.38 -24.29
N MET F 60 -14.17 -53.84 -23.04
CA MET F 60 -13.10 -54.65 -22.47
C MET F 60 -13.14 -56.08 -23.10
N GLY F 61 -14.31 -56.55 -23.50
CA GLY F 61 -14.47 -57.94 -23.89
C GLY F 61 -14.51 -58.89 -22.70
N ALA F 62 -14.94 -58.43 -21.55
CA ALA F 62 -15.07 -59.28 -20.39
C ALA F 62 -16.24 -60.22 -20.57
N ASN F 63 -16.09 -61.43 -19.98
CA ASN F 63 -17.21 -62.41 -19.99
C ASN F 63 -17.99 -62.50 -18.68
N THR F 64 -17.51 -61.84 -17.60
CA THR F 64 -18.09 -61.99 -16.25
C THR F 64 -17.95 -60.64 -15.53
N LEU F 65 -19.02 -60.17 -14.96
CA LEU F 65 -19.00 -58.91 -14.14
C LEU F 65 -19.08 -59.26 -12.67
N SER F 66 -18.14 -58.74 -11.89
CA SER F 66 -18.22 -58.78 -10.40
C SER F 66 -18.83 -57.44 -9.88
N ILE F 67 -19.87 -57.55 -9.13
CA ILE F 67 -20.63 -56.38 -8.66
C ILE F 67 -21.10 -56.66 -7.28
N PRO F 68 -21.14 -55.61 -6.39
CA PRO F 68 -21.66 -55.82 -5.05
C PRO F 68 -23.17 -56.02 -5.01
N VAL F 69 -23.58 -56.83 -4.04
CA VAL F 69 -24.98 -56.85 -3.53
C VAL F 69 -24.84 -56.59 -2.05
N ALA F 70 -25.33 -55.43 -1.59
CA ALA F 70 -25.12 -55.02 -0.19
C ALA F 70 -26.26 -55.46 0.72
N TRP F 71 -25.92 -55.83 1.95
CA TRP F 71 -26.90 -56.15 2.98
C TRP F 71 -27.84 -54.95 3.19
N GLU F 72 -27.26 -53.75 3.16
CA GLU F 72 -28.10 -52.54 3.38
C GLU F 72 -29.17 -52.38 2.30
N GLN F 73 -28.93 -52.85 1.07
CA GLN F 73 -29.90 -52.66 -0.01
C GLN F 73 -30.93 -53.78 0.00
N ILE F 74 -30.56 -54.97 0.43
CA ILE F 74 -31.55 -56.09 0.38
C ILE F 74 -32.37 -56.19 1.64
N GLU F 75 -31.91 -55.64 2.75
CA GLU F 75 -32.65 -55.71 4.03
C GLU F 75 -32.60 -54.37 4.72
N PRO F 76 -33.13 -53.33 4.11
CA PRO F 76 -32.94 -51.96 4.66
C PRO F 76 -33.60 -51.77 6.02
N VAL F 77 -34.69 -52.48 6.23
CA VAL F 77 -35.44 -52.61 7.49
C VAL F 77 -35.49 -54.10 7.78
N GLU F 78 -35.30 -54.48 9.02
CA GLU F 78 -35.16 -55.91 9.39
C GLU F 78 -36.41 -56.67 8.99
N GLY F 79 -36.16 -57.76 8.23
CA GLY F 79 -37.25 -58.66 7.82
C GLY F 79 -37.98 -58.17 6.57
N GLN F 80 -37.59 -57.04 6.00
CA GLN F 80 -38.26 -56.40 4.83
C GLN F 80 -37.28 -56.46 3.66
N PHE F 81 -37.36 -57.54 2.88
CA PHE F 81 -36.33 -57.80 1.86
C PHE F 81 -36.68 -57.08 0.55
N ASP F 82 -35.64 -56.67 -0.16
CA ASP F 82 -35.77 -55.94 -1.43
C ASP F 82 -34.73 -56.47 -2.38
N PHE F 83 -35.17 -57.24 -3.39
CA PHE F 83 -34.28 -57.78 -4.42
C PHE F 83 -34.45 -57.03 -5.75
N SER F 84 -35.02 -55.82 -5.72
CA SER F 84 -35.23 -55.08 -6.96
C SER F 84 -33.93 -54.92 -7.78
N PHE F 85 -32.81 -54.68 -7.15
CA PHE F 85 -31.55 -54.47 -7.87
C PHE F 85 -31.14 -55.78 -8.53
N VAL F 86 -31.29 -56.87 -7.79
CA VAL F 86 -30.84 -58.17 -8.35
C VAL F 86 -31.71 -58.52 -9.54
N ASP F 87 -33.00 -58.23 -9.47
CA ASP F 87 -33.87 -58.48 -10.63
C ASP F 87 -33.34 -57.76 -11.87
N VAL F 88 -33.04 -56.47 -11.77
CA VAL F 88 -32.61 -55.66 -12.94
C VAL F 88 -31.25 -56.18 -13.42
N LEU F 89 -30.38 -56.42 -12.46
CA LEU F 89 -29.01 -56.88 -12.79
C LEU F 89 -29.08 -58.20 -13.58
N LEU F 90 -29.86 -59.15 -13.08
CA LEU F 90 -29.94 -60.44 -13.80
C LEU F 90 -30.46 -60.20 -15.20
N LYS F 91 -31.54 -59.44 -15.34
CA LYS F 91 -32.15 -59.21 -16.68
C LYS F 91 -31.11 -58.58 -17.62
N GLU F 92 -30.38 -57.57 -17.17
CA GLU F 92 -29.48 -56.82 -18.04
C GLU F 92 -28.22 -57.66 -18.39
N ALA F 93 -27.74 -58.48 -17.45
CA ALA F 93 -26.59 -59.38 -17.67
C ALA F 93 -27.01 -60.41 -18.73
N ARG F 94 -28.21 -60.96 -18.59
CA ARG F 94 -28.66 -61.97 -19.59
C ARG F 94 -28.79 -61.35 -20.99
N GLN F 95 -29.26 -60.10 -21.11
N GLN F 95 -29.34 -60.13 -21.07
CA GLN F 95 -29.43 -59.44 -22.43
CA GLN F 95 -29.45 -59.37 -22.33
C GLN F 95 -28.06 -59.22 -23.09
C GLN F 95 -28.08 -59.40 -23.03
N ARG F 96 -27.01 -59.18 -22.26
CA ARG F 96 -25.66 -59.02 -22.77
C ARG F 96 -24.91 -60.33 -22.87
N LYS F 97 -25.52 -61.39 -22.41
CA LYS F 97 -24.90 -62.73 -22.51
C LYS F 97 -23.56 -62.67 -21.78
N VAL F 98 -23.56 -62.11 -20.57
CA VAL F 98 -22.41 -62.22 -19.65
C VAL F 98 -22.87 -62.92 -18.37
N ARG F 99 -21.91 -63.35 -17.62
CA ARG F 99 -22.15 -63.98 -16.32
C ARG F 99 -21.76 -63.04 -15.17
N LEU F 100 -22.14 -63.42 -13.97
CA LEU F 100 -22.03 -62.54 -12.78
C LEU F 100 -21.33 -63.25 -11.64
N VAL F 101 -20.52 -62.49 -10.93
CA VAL F 101 -20.07 -62.86 -9.59
C VAL F 101 -20.63 -61.80 -8.63
N LEU F 102 -21.49 -62.22 -7.74
CA LEU F 102 -22.08 -61.26 -6.75
C LEU F 102 -21.16 -61.15 -5.56
N LEU F 103 -20.93 -59.92 -5.06
CA LEU F 103 -20.05 -59.70 -3.93
C LEU F 103 -20.93 -59.32 -2.73
N TRP F 104 -21.03 -60.18 -1.75
CA TRP F 104 -21.89 -59.99 -0.56
C TRP F 104 -21.15 -59.07 0.38
N PHE F 105 -21.57 -57.81 0.32
CA PHE F 105 -21.04 -56.77 1.22
C PHE F 105 -21.90 -56.67 2.48
N ALA F 106 -21.40 -57.16 3.62
CA ALA F 106 -22.26 -57.43 4.75
C ALA F 106 -21.52 -57.13 6.04
N THR F 107 -21.21 -58.11 6.84
CA THR F 107 -20.60 -57.89 8.17
C THR F 107 -19.26 -57.20 7.97
N TRP F 108 -18.47 -57.55 6.94
CA TRP F 108 -17.19 -56.93 6.58
C TRP F 108 -17.16 -56.47 5.14
N LYS F 109 -16.77 -55.22 4.94
CA LYS F 109 -16.35 -54.66 3.64
C LYS F 109 -15.12 -53.86 4.02
N ASN F 110 -13.95 -54.26 3.60
CA ASN F 110 -12.69 -53.59 3.98
C ASN F 110 -12.65 -53.41 5.49
N ASN F 111 -12.92 -54.46 6.25
CA ASN F 111 -12.76 -54.56 7.71
C ASN F 111 -14.02 -54.01 8.39
N ALA F 112 -14.90 -53.27 7.70
CA ALA F 112 -15.90 -52.38 8.38
C ALA F 112 -17.31 -52.78 8.03
N PRO F 113 -18.30 -52.28 8.78
CA PRO F 113 -19.69 -52.62 8.55
C PRO F 113 -20.50 -51.58 7.77
N HIS F 114 -19.85 -50.78 6.97
CA HIS F 114 -20.57 -49.66 6.30
C HIS F 114 -21.69 -50.10 5.38
N TYR F 115 -21.59 -51.35 4.82
CA TYR F 115 -22.64 -51.86 3.92
C TYR F 115 -23.67 -52.71 4.69
N ALA F 116 -23.56 -52.82 6.00
CA ALA F 116 -24.61 -53.45 6.81
C ALA F 116 -25.74 -52.41 6.94
N PRO F 117 -26.98 -52.84 7.09
CA PRO F 117 -28.12 -51.94 7.27
C PRO F 117 -27.89 -51.04 8.48
N ALA F 118 -28.54 -49.85 8.43
CA ALA F 118 -28.45 -48.96 9.60
C ALA F 118 -28.81 -49.67 10.93
N TRP F 119 -29.81 -50.55 10.93
CA TRP F 119 -30.32 -51.27 12.13
C TRP F 119 -29.25 -52.27 12.62
N VAL F 120 -28.24 -52.50 11.77
CA VAL F 120 -27.08 -53.31 12.21
C VAL F 120 -25.92 -52.42 12.66
N LYS F 121 -25.44 -51.54 11.79
CA LYS F 121 -24.14 -50.92 12.01
C LYS F 121 -24.30 -49.78 13.08
N LEU F 122 -25.51 -49.34 13.35
CA LEU F 122 -25.72 -48.31 14.43
C LEU F 122 -26.11 -48.93 15.75
N ASP F 123 -26.15 -50.26 15.86
CA ASP F 123 -26.60 -50.96 17.09
C ASP F 123 -25.46 -51.81 17.62
N ASN F 124 -24.51 -51.20 18.30
CA ASN F 124 -23.34 -51.92 18.83
C ASN F 124 -23.72 -52.88 19.95
N ALA F 125 -24.75 -52.60 20.76
CA ALA F 125 -25.19 -53.48 21.86
C ALA F 125 -25.59 -54.83 21.27
N ARG F 126 -26.34 -54.83 20.19
CA ARG F 126 -26.81 -56.09 19.56
C ARG F 126 -25.73 -56.69 18.68
N PHE F 127 -24.93 -55.88 18.01
CA PHE F 127 -24.00 -56.31 16.96
C PHE F 127 -22.62 -55.72 17.27
N PRO F 128 -21.87 -56.35 18.19
CA PRO F 128 -20.71 -55.65 18.77
C PRO F 128 -19.43 -55.59 17.97
N ARG F 129 -18.74 -54.48 18.15
CA ARG F 129 -17.42 -54.15 17.58
C ARG F 129 -16.28 -54.76 18.38
N VAL F 130 -15.23 -55.02 17.64
CA VAL F 130 -13.87 -55.31 18.16
C VAL F 130 -13.48 -54.23 19.19
N VAL F 131 -13.02 -54.66 20.34
CA VAL F 131 -12.49 -53.79 21.40
C VAL F 131 -11.00 -54.05 21.44
N LYS F 132 -10.21 -52.99 21.38
CA LYS F 132 -8.75 -53.01 21.53
C LYS F 132 -8.34 -53.42 22.95
N GLU F 133 -7.07 -53.80 23.12
CA GLU F 133 -6.48 -54.16 24.44
C GLU F 133 -6.65 -52.96 25.41
N ASP F 134 -6.61 -51.71 24.88
CA ASP F 134 -6.63 -50.46 25.70
C ASP F 134 -8.08 -50.04 26.02
N GLY F 135 -9.05 -50.82 25.53
CA GLY F 135 -10.48 -50.65 25.77
C GLY F 135 -11.17 -49.72 24.79
N ASP F 136 -10.47 -49.09 23.87
CA ASP F 136 -11.11 -48.25 22.80
C ASP F 136 -11.75 -49.22 21.79
N THR F 137 -12.77 -48.77 21.09
CA THR F 137 -13.51 -49.60 20.14
C THR F 137 -13.16 -49.25 18.70
N LEU F 138 -13.03 -50.25 17.84
CA LEU F 138 -12.78 -50.08 16.38
C LEU F 138 -14.08 -50.31 15.59
N ASN F 139 -14.19 -49.70 14.41
CA ASN F 139 -15.40 -49.83 13.59
C ASN F 139 -15.22 -51.08 12.70
N SER F 140 -15.16 -52.21 13.40
CA SER F 140 -14.98 -53.55 12.76
C SER F 140 -15.77 -54.53 13.65
N LEU F 141 -16.75 -55.23 13.09
CA LEU F 141 -17.64 -56.07 13.85
C LEU F 141 -16.88 -57.33 14.29
N SER F 142 -17.01 -57.67 15.55
CA SER F 142 -16.37 -58.89 16.11
C SER F 142 -16.98 -60.13 15.50
N PRO F 143 -16.12 -61.10 15.13
CA PRO F 143 -16.62 -62.40 14.66
C PRO F 143 -17.20 -63.28 15.76
N LEU F 144 -17.12 -62.82 17.03
N LEU F 144 -17.15 -62.82 17.01
CA LEU F 144 -17.72 -63.55 18.18
CA LEU F 144 -17.76 -63.62 18.09
C LEU F 144 -19.15 -63.06 18.43
C LEU F 144 -19.13 -63.03 18.46
N GLY F 145 -19.62 -62.03 17.73
CA GLY F 145 -21.00 -61.54 17.91
C GLY F 145 -21.99 -62.52 17.31
N GLN F 146 -22.66 -63.30 18.14
CA GLN F 146 -23.60 -64.35 17.70
C GLN F 146 -24.77 -63.73 17.00
N ASN F 147 -25.25 -62.56 17.44
CA ASN F 147 -26.45 -61.98 16.80
C ASN F 147 -26.03 -61.51 15.40
N THR F 148 -24.79 -61.06 15.23
CA THR F 148 -24.32 -60.53 13.94
C THR F 148 -24.30 -61.69 12.94
N LEU F 149 -23.69 -62.79 13.36
CA LEU F 149 -23.64 -64.02 12.50
C LEU F 149 -25.05 -64.49 12.14
N ALA F 150 -25.96 -64.56 13.09
CA ALA F 150 -27.34 -65.02 12.80
C ALA F 150 -27.96 -64.11 11.75
N ALA F 151 -27.79 -62.80 11.91
CA ALA F 151 -28.46 -61.83 11.05
C ALA F 151 -27.89 -61.84 9.64
N ASP F 152 -26.57 -61.86 9.51
CA ASP F 152 -25.89 -61.95 8.20
C ASP F 152 -26.35 -63.22 7.49
N LYS F 153 -26.24 -64.34 8.19
N LYS F 153 -26.13 -64.39 8.07
CA LYS F 153 -26.62 -65.67 7.71
CA LYS F 153 -26.68 -65.68 7.53
C LYS F 153 -28.08 -65.65 7.19
C LYS F 153 -28.12 -65.50 7.04
N LYS F 154 -29.00 -64.97 7.90
CA LYS F 154 -30.41 -64.91 7.54
C LYS F 154 -30.55 -64.19 6.20
N ALA F 155 -29.94 -63.04 6.07
CA ALA F 155 -30.03 -62.22 4.87
C ALA F 155 -29.37 -62.94 3.69
N PHE F 156 -28.21 -63.52 3.89
CA PHE F 156 -27.47 -64.24 2.81
C PHE F 156 -28.35 -65.39 2.33
N VAL F 157 -28.99 -66.12 3.24
CA VAL F 157 -29.95 -67.18 2.86
C VAL F 157 -31.04 -66.61 1.99
N GLU F 158 -31.59 -65.43 2.32
CA GLU F 158 -32.68 -64.87 1.49
C GLU F 158 -32.12 -64.58 0.10
N LEU F 159 -30.89 -64.06 0.00
CA LEU F 159 -30.32 -63.77 -1.33
C LEU F 159 -30.13 -65.10 -2.11
N MET F 160 -29.67 -66.16 -1.42
CA MET F 160 -29.48 -67.44 -2.14
C MET F 160 -30.86 -68.02 -2.54
N LYS F 161 -31.89 -67.83 -1.75
CA LYS F 161 -33.25 -68.29 -2.09
C LYS F 161 -33.71 -67.54 -3.33
N TYR F 162 -33.41 -66.24 -3.45
CA TYR F 162 -33.77 -65.45 -4.64
C TYR F 162 -33.10 -66.11 -5.85
N LEU F 163 -31.81 -66.42 -5.75
CA LEU F 163 -31.12 -67.02 -6.91
C LEU F 163 -31.65 -68.45 -7.19
N ALA F 164 -31.92 -69.24 -6.16
CA ALA F 164 -32.51 -70.59 -6.32
C ALA F 164 -33.78 -70.48 -7.16
N LYS F 165 -34.62 -69.49 -6.87
CA LYS F 165 -35.97 -69.39 -7.51
C LYS F 165 -35.81 -68.68 -8.87
N ARG F 166 -34.94 -67.68 -8.97
N ARG F 166 -34.92 -67.69 -8.97
CA ARG F 166 -34.97 -66.73 -10.13
CA ARG F 166 -34.95 -66.74 -10.12
C ARG F 166 -33.76 -66.87 -11.07
C ARG F 166 -33.77 -66.90 -11.10
N ASP F 167 -32.82 -67.79 -10.82
CA ASP F 167 -31.61 -67.89 -11.66
C ASP F 167 -31.25 -69.34 -11.95
N LYS F 168 -32.20 -70.06 -12.50
CA LYS F 168 -32.08 -71.55 -12.67
C LYS F 168 -31.04 -71.90 -13.76
N ASP F 169 -30.68 -70.96 -14.63
CA ASP F 169 -29.62 -71.18 -15.66
C ASP F 169 -28.27 -70.65 -15.16
N HIS F 170 -28.20 -70.12 -13.92
CA HIS F 170 -26.89 -69.80 -13.30
C HIS F 170 -26.21 -68.64 -14.03
N THR F 171 -26.93 -67.57 -14.27
CA THR F 171 -26.30 -66.31 -14.74
C THR F 171 -25.22 -65.97 -13.68
N VAL F 172 -25.60 -66.04 -12.40
CA VAL F 172 -24.60 -65.91 -11.33
C VAL F 172 -23.87 -67.25 -11.15
N ILE F 173 -22.55 -67.20 -11.33
CA ILE F 173 -21.70 -68.40 -11.31
C ILE F 173 -20.91 -68.56 -10.03
N MET F 174 -20.78 -67.52 -9.22
CA MET F 174 -20.01 -67.64 -7.98
C MET F 174 -20.45 -66.45 -7.09
N VAL F 175 -20.28 -66.62 -5.79
CA VAL F 175 -20.57 -65.53 -4.83
C VAL F 175 -19.38 -65.35 -3.95
N GLN F 176 -19.02 -64.10 -3.73
CA GLN F 176 -17.95 -63.73 -2.78
C GLN F 176 -18.63 -63.41 -1.45
N VAL F 177 -18.18 -64.06 -0.40
CA VAL F 177 -18.81 -63.95 0.93
C VAL F 177 -18.03 -62.94 1.73
N GLN F 178 -18.69 -61.77 2.00
CA GLN F 178 -18.01 -60.62 2.62
C GLN F 178 -17.08 -59.99 1.61
N ASN F 179 -16.38 -58.94 2.04
CA ASN F 179 -15.35 -58.29 1.20
C ASN F 179 -14.17 -57.86 2.05
N GLU F 180 -13.04 -58.44 1.90
CA GLU F 180 -11.82 -58.15 2.67
C GLU F 180 -12.10 -58.12 4.16
N VAL F 181 -12.40 -59.25 4.75
CA VAL F 181 -12.63 -59.40 6.20
C VAL F 181 -11.34 -59.07 6.94
N GLY F 182 -11.50 -58.82 8.24
CA GLY F 182 -10.35 -58.60 9.11
C GLY F 182 -10.55 -57.30 9.87
N THR F 183 -9.49 -56.91 10.56
CA THR F 183 -9.45 -55.68 11.38
C THR F 183 -8.19 -54.91 11.12
N TYR F 184 -8.34 -53.60 10.86
CA TYR F 184 -7.23 -52.64 10.94
C TYR F 184 -7.21 -52.02 12.35
N GLY F 185 -6.02 -51.95 12.92
CA GLY F 185 -5.84 -51.20 14.17
C GLY F 185 -5.84 -52.04 15.43
N ALA F 186 -6.05 -53.34 15.31
CA ALA F 186 -5.86 -54.30 16.40
C ALA F 186 -5.64 -55.68 15.79
N VAL F 187 -5.15 -56.62 16.60
CA VAL F 187 -4.88 -58.00 16.07
C VAL F 187 -6.13 -58.88 16.18
N ARG F 188 -6.95 -58.67 17.21
CA ARG F 188 -8.20 -59.46 17.43
C ARG F 188 -9.14 -58.64 18.31
N ASP F 189 -10.28 -59.21 18.63
CA ASP F 189 -11.20 -58.70 19.67
C ASP F 189 -10.51 -59.03 20.98
N TYR F 190 -10.44 -58.04 21.86
CA TYR F 190 -10.05 -58.18 23.27
C TYR F 190 -11.21 -57.88 24.23
N SER F 191 -12.42 -57.75 23.73
CA SER F 191 -13.63 -57.67 24.56
C SER F 191 -13.64 -58.84 25.57
N PRO F 192 -14.30 -58.66 26.72
CA PRO F 192 -14.55 -59.72 27.68
C PRO F 192 -15.12 -60.98 27.00
N MET F 193 -16.06 -60.86 26.03
CA MET F 193 -16.70 -62.00 25.36
C MET F 193 -15.61 -62.78 24.59
N ALA F 194 -14.73 -62.07 23.88
CA ALA F 194 -13.69 -62.66 23.02
C ALA F 194 -12.63 -63.26 23.94
N GLN F 195 -12.32 -62.59 25.04
CA GLN F 195 -11.25 -63.05 25.95
C GLN F 195 -11.62 -64.42 26.56
N ALA F 196 -12.91 -64.65 26.88
CA ALA F 196 -13.43 -65.90 27.49
C ALA F 196 -13.21 -67.08 26.53
N VAL F 197 -13.27 -66.80 25.22
CA VAL F 197 -13.01 -67.82 24.16
C VAL F 197 -11.50 -67.99 24.01
N PHE F 198 -10.77 -66.91 23.98
CA PHE F 198 -9.30 -66.97 23.82
C PHE F 198 -8.67 -67.76 24.98
N ASN F 199 -9.16 -67.59 26.19
CA ASN F 199 -8.62 -68.24 27.42
C ASN F 199 -9.02 -69.72 27.44
N ALA F 200 -9.95 -70.17 26.59
CA ALA F 200 -10.47 -71.57 26.58
C ALA F 200 -9.63 -72.44 25.63
N ALA F 201 -9.90 -73.75 25.64
CA ALA F 201 -9.21 -74.70 24.76
C ALA F 201 -9.42 -74.31 23.29
N VAL F 202 -8.38 -74.43 22.48
CA VAL F 202 -8.50 -74.44 21.01
C VAL F 202 -9.39 -75.60 20.63
N PRO F 203 -10.42 -75.39 19.78
CA PRO F 203 -11.28 -76.47 19.35
C PRO F 203 -10.49 -77.66 18.81
N ASP F 204 -10.97 -78.87 19.16
CA ASP F 204 -10.31 -80.16 18.85
C ASP F 204 -10.11 -80.26 17.34
N ASP F 205 -11.10 -79.78 16.56
CA ASP F 205 -11.11 -79.97 15.09
C ASP F 205 -9.85 -79.29 14.55
N LEU F 206 -9.53 -78.10 15.04
CA LEU F 206 -8.35 -77.36 14.55
C LEU F 206 -7.09 -78.08 15.01
N ILE F 207 -7.04 -78.51 16.27
CA ILE F 207 -5.83 -79.20 16.80
C ILE F 207 -5.56 -80.47 15.96
N GLN F 208 -6.60 -81.25 15.64
CA GLN F 208 -6.43 -82.54 14.89
C GLN F 208 -5.98 -82.19 13.47
N LYS F 209 -6.60 -81.21 12.83
CA LYS F 209 -6.30 -80.96 11.40
C LYS F 209 -4.86 -80.45 11.27
N LEU F 210 -4.39 -79.68 12.23
CA LEU F 210 -3.00 -79.12 12.20
C LEU F 210 -2.00 -80.05 12.90
N GLN F 211 -2.44 -81.22 13.40
N GLN F 211 -2.44 -81.23 13.36
CA GLN F 211 -1.57 -82.23 14.08
CA GLN F 211 -1.61 -82.22 14.10
C GLN F 211 -0.77 -81.56 15.22
C GLN F 211 -0.77 -81.46 15.13
N LEU F 212 -1.45 -80.78 16.07
CA LEU F 212 -0.82 -80.03 17.20
C LEU F 212 -1.14 -80.74 18.53
N LYS F 213 -0.55 -80.27 19.63
CA LYS F 213 -0.84 -80.72 21.01
C LYS F 213 -1.97 -79.82 21.53
N PRO F 214 -3.00 -80.42 22.15
CA PRO F 214 -4.09 -79.64 22.72
C PRO F 214 -3.54 -78.59 23.71
N GLY F 215 -4.32 -77.52 23.84
CA GLY F 215 -4.12 -76.45 24.83
C GLY F 215 -5.07 -75.31 24.59
N THR F 216 -4.85 -74.22 25.33
CA THR F 216 -5.51 -72.93 25.08
C THR F 216 -4.82 -72.26 23.87
N TRP F 217 -5.40 -71.16 23.40
CA TRP F 217 -4.86 -70.39 22.26
C TRP F 217 -3.44 -69.96 22.56
N SER F 218 -3.20 -69.42 23.75
CA SER F 218 -1.85 -68.97 24.12
C SER F 218 -0.93 -70.18 24.20
N GLN F 219 -1.39 -71.29 24.77
CA GLN F 219 -0.46 -72.43 24.95
C GLN F 219 -0.05 -72.96 23.58
N VAL F 220 -1.03 -73.14 22.69
CA VAL F 220 -0.81 -73.81 21.38
C VAL F 220 -0.02 -72.89 20.46
N PHE F 221 -0.36 -71.61 20.36
CA PHE F 221 0.16 -70.79 19.24
C PHE F 221 1.14 -69.71 19.69
N GLY F 222 1.33 -69.52 20.98
CA GLY F 222 2.36 -68.60 21.49
C GLY F 222 2.17 -67.21 20.90
N ARG F 223 3.22 -66.66 20.29
CA ARG F 223 3.23 -65.26 19.80
C ARG F 223 2.27 -65.08 18.62
N ASP F 224 1.78 -66.18 18.03
CA ASP F 224 0.80 -66.12 16.93
C ASP F 224 -0.62 -66.28 17.45
N ALA F 225 -0.84 -66.38 18.75
CA ALA F 225 -2.19 -66.71 19.27
C ALA F 225 -3.18 -65.62 18.88
N ASP F 226 -2.83 -64.35 19.09
CA ASP F 226 -3.81 -63.25 18.85
C ASP F 226 -4.28 -63.31 17.41
N GLU F 227 -3.36 -63.34 16.47
CA GLU F 227 -3.70 -63.25 15.03
C GLU F 227 -4.38 -64.53 14.56
N PHE F 228 -3.85 -65.66 14.99
CA PHE F 228 -4.47 -66.95 14.61
C PHE F 228 -5.85 -67.11 15.19
N PHE F 229 -6.12 -66.60 16.39
CA PHE F 229 -7.49 -66.56 16.95
C PHE F 229 -8.40 -65.77 16.04
N HIS F 230 -8.01 -64.53 15.71
CA HIS F 230 -8.92 -63.69 14.88
C HIS F 230 -9.19 -64.35 13.52
N ALA F 231 -8.18 -64.92 12.91
CA ALA F 231 -8.35 -65.61 11.61
C ALA F 231 -9.32 -66.77 11.81
N TYR F 232 -9.13 -67.59 12.84
CA TYR F 232 -10.01 -68.75 13.04
C TYR F 232 -11.44 -68.27 13.25
N GLN F 233 -11.65 -67.28 14.15
CA GLN F 233 -13.03 -66.92 14.46
C GLN F 233 -13.70 -66.32 13.18
N ILE F 234 -12.99 -65.49 12.43
CA ILE F 234 -13.52 -64.94 11.16
C ILE F 234 -13.77 -66.06 10.13
N ALA F 235 -12.82 -66.99 10.02
CA ALA F 235 -12.97 -68.12 9.06
C ALA F 235 -14.23 -68.90 9.45
N ARG F 236 -14.49 -69.18 10.74
CA ARG F 236 -15.69 -69.89 11.19
C ARG F 236 -16.91 -69.11 10.78
N TYR F 237 -16.92 -67.81 11.10
CA TYR F 237 -18.09 -66.99 10.76
C TYR F 237 -18.41 -67.13 9.28
N CYS F 238 -17.42 -66.86 8.46
CA CYS F 238 -17.56 -66.96 6.98
C CYS F 238 -17.95 -68.35 6.50
N ASP F 239 -17.45 -69.40 7.12
CA ASP F 239 -17.82 -70.79 6.70
C ASP F 239 -19.29 -71.03 7.06
N GLU F 240 -19.75 -70.57 8.25
CA GLU F 240 -21.19 -70.70 8.62
C GLU F 240 -22.08 -70.00 7.61
N VAL F 241 -21.78 -68.73 7.27
CA VAL F 241 -22.62 -68.00 6.29
C VAL F 241 -22.59 -68.78 4.96
N THR F 242 -21.42 -69.26 4.56
CA THR F 242 -21.25 -70.04 3.30
C THR F 242 -22.10 -71.31 3.32
N VAL F 243 -22.00 -72.08 4.38
CA VAL F 243 -22.75 -73.38 4.47
C VAL F 243 -24.25 -73.10 4.36
N ALA F 244 -24.71 -72.04 5.07
CA ALA F 244 -26.15 -71.77 5.11
C ALA F 244 -26.58 -71.44 3.68
N GLY F 245 -25.85 -70.57 2.99
CA GLY F 245 -26.27 -70.21 1.65
C GLY F 245 -26.15 -71.38 0.70
N LYS F 246 -25.10 -72.16 0.80
CA LYS F 246 -24.93 -73.33 -0.15
C LYS F 246 -26.04 -74.36 0.08
N ALA F 247 -26.57 -74.47 1.27
CA ALA F 247 -27.72 -75.36 1.54
C ALA F 247 -28.91 -74.95 0.68
N ILE F 248 -29.02 -73.66 0.32
CA ILE F 248 -30.13 -73.20 -0.54
C ILE F 248 -29.76 -73.43 -2.00
N LYS F 249 -28.57 -73.00 -2.39
CA LYS F 249 -28.06 -73.23 -3.74
C LYS F 249 -26.54 -73.38 -3.63
N ASN F 250 -26.04 -74.49 -4.14
CA ASN F 250 -24.64 -74.87 -3.94
C ASN F 250 -23.73 -74.26 -5.03
N LEU F 251 -23.74 -72.92 -5.15
CA LEU F 251 -22.76 -72.22 -5.97
C LEU F 251 -21.39 -72.24 -5.30
N PRO F 252 -20.32 -72.16 -6.13
CA PRO F 252 -18.98 -71.87 -5.63
C PRO F 252 -19.05 -70.53 -4.87
N MET F 253 -18.33 -70.50 -3.79
CA MET F 253 -18.20 -69.28 -2.97
C MET F 253 -16.79 -69.10 -2.48
N TYR F 254 -16.35 -67.85 -2.36
CA TYR F 254 -14.92 -67.60 -2.04
C TYR F 254 -14.83 -66.34 -1.16
N VAL F 255 -13.63 -66.13 -0.63
CA VAL F 255 -13.33 -64.89 0.12
C VAL F 255 -12.15 -64.24 -0.57
N ASN F 256 -12.09 -62.90 -0.43
CA ASN F 256 -11.04 -62.11 -1.08
C ASN F 256 -10.19 -61.41 -0.03
N VAL F 257 -8.93 -61.38 -0.26
CA VAL F 257 -7.95 -60.97 0.79
C VAL F 257 -7.38 -59.59 0.57
N ALA F 258 -7.45 -58.77 1.65
CA ALA F 258 -6.62 -57.57 1.72
C ALA F 258 -5.18 -58.01 2.00
N LEU F 259 -4.39 -58.11 0.98
CA LEU F 259 -3.08 -58.78 1.09
C LEU F 259 -2.19 -58.00 2.05
N ARG F 260 -1.43 -58.71 2.84
CA ARG F 260 -0.21 -58.15 3.41
C ARG F 260 0.93 -58.28 2.40
N ASN F 261 1.89 -57.40 2.48
CA ASN F 261 3.05 -57.46 1.60
C ASN F 261 3.77 -58.78 1.91
N PRO F 262 4.03 -59.62 0.91
CA PRO F 262 4.52 -60.97 1.21
C PRO F 262 5.99 -60.92 1.64
N PHE F 263 6.73 -59.88 1.30
CA PHE F 263 8.15 -59.80 1.67
C PHE F 263 8.38 -59.03 2.98
N ASN F 264 7.60 -57.98 3.19
CA ASN F 264 7.76 -56.96 4.25
C ASN F 264 6.37 -56.64 4.78
N PRO F 265 5.67 -57.58 5.43
CA PRO F 265 4.25 -57.41 5.78
C PRO F 265 3.99 -56.32 6.85
N GLY F 266 5.00 -56.08 7.70
CA GLY F 266 4.72 -55.39 8.96
C GLY F 266 3.82 -56.21 9.87
N LEU F 267 3.14 -55.51 10.80
CA LEU F 267 2.44 -56.22 11.90
C LEU F 267 0.96 -56.36 11.58
N PRO F 268 0.33 -57.44 12.07
CA PRO F 268 -1.13 -57.58 11.97
C PRO F 268 -1.83 -56.43 12.72
N GLY F 269 -2.86 -55.90 12.07
CA GLY F 269 -3.49 -54.61 12.45
C GLY F 269 -2.98 -53.46 11.60
N GLN F 270 -1.70 -53.48 11.23
CA GLN F 270 -1.18 -52.58 10.16
C GLN F 270 -1.77 -53.05 8.84
N TYR F 271 -1.53 -54.32 8.53
CA TYR F 271 -2.39 -55.00 7.54
C TYR F 271 -3.65 -55.49 8.24
N SER F 272 -4.62 -55.93 7.42
CA SER F 272 -5.93 -56.36 7.91
C SER F 272 -5.78 -57.72 8.59
N SER F 273 -5.77 -57.77 9.90
CA SER F 273 -5.57 -58.96 10.72
C SER F 273 -6.77 -59.85 10.55
N GLY F 274 -6.54 -61.15 10.33
CA GLY F 274 -7.64 -62.12 10.46
C GLY F 274 -8.13 -62.56 9.07
N GLY F 275 -7.87 -61.76 8.05
CA GLY F 275 -8.18 -62.15 6.68
C GLY F 275 -7.22 -63.28 6.26
N GLY F 276 -7.45 -63.79 5.06
CA GLY F 276 -6.66 -64.92 4.57
C GLY F 276 -5.27 -64.56 4.05
N THR F 277 -4.50 -63.88 4.91
CA THR F 277 -3.11 -63.48 4.60
C THR F 277 -2.25 -64.75 4.48
N ASP F 278 -1.07 -64.64 3.90
CA ASP F 278 -0.28 -65.82 3.48
C ASP F 278 0.15 -66.64 4.72
N ASN F 279 0.20 -66.03 5.90
CA ASN F 279 0.63 -66.66 7.17
C ASN F 279 -0.53 -67.41 7.86
N VAL F 280 -1.79 -67.24 7.43
CA VAL F 280 -2.93 -67.90 8.12
C VAL F 280 -3.73 -68.71 7.13
N LEU F 281 -3.14 -68.98 5.97
CA LEU F 281 -3.88 -69.83 4.99
C LEU F 281 -4.16 -71.19 5.60
N HIS F 282 -3.23 -71.68 6.38
CA HIS F 282 -3.40 -73.02 7.04
C HIS F 282 -4.57 -72.96 8.03
N ILE F 283 -4.71 -71.83 8.74
CA ILE F 283 -5.85 -71.67 9.70
C ILE F 283 -7.15 -71.64 8.89
N TRP F 284 -7.20 -70.80 7.85
CA TRP F 284 -8.43 -70.65 7.04
C TRP F 284 -8.82 -71.99 6.38
N LYS F 285 -7.86 -72.74 5.87
CA LYS F 285 -8.18 -74.01 5.20
C LYS F 285 -8.74 -74.99 6.24
N ALA F 286 -8.19 -75.05 7.44
CA ALA F 286 -8.66 -75.98 8.49
C ALA F 286 -10.03 -75.54 9.03
N ALA F 287 -10.25 -74.23 9.16
CA ALA F 287 -11.45 -73.69 9.85
C ALA F 287 -12.64 -73.63 8.88
N ALA F 288 -12.39 -73.41 7.59
CA ALA F 288 -13.46 -73.11 6.63
C ALA F 288 -13.44 -74.04 5.42
N PRO F 289 -13.76 -75.32 5.65
CA PRO F 289 -13.70 -76.29 4.57
C PRO F 289 -14.82 -76.12 3.55
N ASN F 290 -15.83 -75.30 3.83
CA ASN F 290 -16.93 -75.08 2.88
C ASN F 290 -16.65 -73.89 1.95
N ILE F 291 -15.61 -73.11 2.21
CA ILE F 291 -15.23 -71.98 1.32
C ILE F 291 -14.37 -72.58 0.19
N ASP F 292 -14.73 -72.35 -1.06
CA ASP F 292 -14.03 -73.02 -2.18
C ASP F 292 -12.60 -72.57 -2.35
N LEU F 293 -12.30 -71.27 -2.29
CA LEU F 293 -10.94 -70.75 -2.52
C LEU F 293 -10.80 -69.39 -1.79
N ILE F 294 -9.56 -69.05 -1.61
CA ILE F 294 -9.13 -67.78 -0.95
C ILE F 294 -8.42 -67.00 -2.05
N ALA F 295 -8.98 -65.85 -2.43
CA ALA F 295 -8.58 -65.09 -3.61
C ALA F 295 -7.76 -63.86 -3.21
N PRO F 296 -6.60 -63.64 -3.81
CA PRO F 296 -5.86 -62.37 -3.62
C PRO F 296 -6.41 -61.18 -4.40
N ASP F 297 -6.37 -60.04 -3.70
CA ASP F 297 -6.74 -58.72 -4.25
C ASP F 297 -5.45 -57.93 -4.47
N ILE F 298 -4.99 -57.84 -5.70
CA ILE F 298 -3.60 -57.44 -6.00
C ILE F 298 -3.55 -55.97 -6.45
N TYR F 299 -2.85 -55.19 -5.66
CA TYR F 299 -2.64 -53.77 -6.02
C TYR F 299 -1.16 -53.42 -5.94
N PHE F 300 -0.29 -54.39 -5.63
CA PHE F 300 1.16 -54.20 -5.78
C PHE F 300 1.46 -54.05 -7.26
N ARG F 301 2.30 -53.12 -7.64
CA ARG F 301 2.46 -52.83 -9.08
C ARG F 301 3.66 -53.62 -9.64
N ASP F 302 4.62 -53.93 -8.75
CA ASP F 302 5.94 -54.44 -9.19
C ASP F 302 5.96 -55.95 -9.38
N TYR F 303 6.58 -56.32 -10.47
CA TYR F 303 6.61 -57.74 -10.95
C TYR F 303 7.02 -58.70 -9.84
N LYS F 304 8.08 -58.42 -9.07
CA LYS F 304 8.55 -59.39 -8.09
C LYS F 304 7.49 -59.65 -7.03
N THR F 305 6.81 -58.59 -6.57
CA THR F 305 5.81 -58.76 -5.48
C THR F 305 4.57 -59.49 -6.04
N VAL F 306 4.11 -59.08 -7.21
CA VAL F 306 2.92 -59.74 -7.83
C VAL F 306 3.24 -61.19 -8.05
N SER F 307 4.43 -61.48 -8.54
CA SER F 307 4.80 -62.88 -8.85
C SER F 307 4.77 -63.67 -7.54
N LYS F 308 5.26 -63.07 -6.45
CA LYS F 308 5.26 -63.80 -5.17
C LYS F 308 3.82 -64.10 -4.70
N VAL F 309 2.93 -63.11 -4.78
CA VAL F 309 1.51 -63.31 -4.43
C VAL F 309 0.94 -64.48 -5.26
N LEU F 310 1.17 -64.49 -6.58
CA LEU F 310 0.58 -65.60 -7.38
C LEU F 310 1.15 -66.93 -6.91
N GLU F 311 2.40 -66.98 -6.50
CA GLU F 311 3.02 -68.25 -6.02
C GLU F 311 2.30 -68.67 -4.74
N LEU F 312 2.17 -67.75 -3.80
CA LEU F 312 1.65 -68.09 -2.46
C LEU F 312 0.19 -68.54 -2.57
N TYR F 313 -0.61 -67.97 -3.49
CA TYR F 313 -2.06 -68.27 -3.46
C TYR F 313 -2.37 -69.43 -4.43
N THR F 314 -1.40 -69.84 -5.25
CA THR F 314 -1.62 -71.04 -6.09
C THR F 314 -1.11 -72.27 -5.38
N ARG F 315 -2.04 -73.09 -4.87
CA ARG F 315 -1.73 -74.25 -3.99
C ARG F 315 -2.53 -75.46 -4.48
N PRO F 316 -2.07 -76.69 -4.15
CA PRO F 316 -2.89 -77.84 -4.39
C PRO F 316 -4.27 -77.74 -3.76
N ASP F 317 -4.36 -77.03 -2.61
CA ASP F 317 -5.62 -76.83 -1.88
C ASP F 317 -6.23 -75.44 -2.21
N ASN F 318 -5.73 -74.68 -3.20
CA ASN F 318 -6.29 -73.35 -3.46
C ASN F 318 -6.17 -73.01 -4.94
N ALA F 319 -7.31 -72.99 -5.61
CA ALA F 319 -7.41 -72.47 -6.96
C ALA F 319 -7.04 -70.99 -6.92
N LEU F 320 -6.34 -70.57 -7.93
CA LEU F 320 -5.96 -69.17 -8.13
C LEU F 320 -7.07 -68.41 -8.86
N PHE F 321 -7.59 -67.38 -8.17
CA PHE F 321 -8.54 -66.47 -8.77
C PHE F 321 -8.07 -65.08 -8.36
N VAL F 322 -7.70 -64.29 -9.34
CA VAL F 322 -7.30 -62.89 -9.04
C VAL F 322 -8.58 -62.06 -8.99
N ALA F 323 -9.17 -61.98 -7.81
CA ALA F 323 -10.56 -61.50 -7.62
C ALA F 323 -10.62 -59.98 -7.81
N GLU F 324 -9.48 -59.36 -7.57
CA GLU F 324 -9.30 -57.92 -7.86
C GLU F 324 -7.89 -57.72 -8.29
N ILE F 325 -7.71 -56.79 -9.22
CA ILE F 325 -6.40 -56.28 -9.53
C ILE F 325 -6.55 -54.80 -9.97
N GLY F 326 -5.52 -54.03 -9.77
CA GLY F 326 -5.60 -52.61 -10.20
C GLY F 326 -5.88 -52.47 -11.68
N ASN F 327 -6.44 -51.33 -12.09
CA ASN F 327 -6.83 -51.11 -13.49
C ASN F 327 -5.86 -50.21 -14.22
N ASP F 328 -4.74 -49.85 -13.57
CA ASP F 328 -3.69 -49.13 -14.27
C ASP F 328 -2.96 -50.04 -15.29
N GLN F 329 -2.37 -49.48 -16.29
CA GLN F 329 -1.70 -50.17 -17.45
C GLN F 329 -0.78 -51.26 -16.97
N PRO F 330 0.06 -51.12 -15.92
CA PRO F 330 1.06 -52.16 -15.62
C PRO F 330 0.44 -53.48 -15.18
N PHE F 331 -0.81 -53.51 -14.82
CA PHE F 331 -1.50 -54.67 -14.20
C PHE F 331 -1.93 -55.62 -15.34
N ALA F 332 -2.14 -55.15 -16.55
CA ALA F 332 -2.82 -55.98 -17.58
C ALA F 332 -1.95 -57.23 -17.87
N ARG F 333 -0.64 -57.06 -17.89
CA ARG F 333 0.22 -58.17 -18.32
C ARG F 333 0.21 -59.29 -17.29
N TYR F 334 -0.29 -59.11 -16.09
CA TYR F 334 -0.36 -60.17 -15.07
C TYR F 334 -1.43 -61.19 -15.41
N LEU F 335 -2.27 -60.92 -16.40
CA LEU F 335 -3.21 -61.98 -16.83
C LEU F 335 -2.38 -63.20 -17.32
N PHE F 336 -1.21 -63.00 -17.89
CA PHE F 336 -0.44 -64.10 -18.51
C PHE F 336 0.01 -65.05 -17.41
N PRO F 337 0.84 -64.63 -16.42
CA PRO F 337 1.17 -65.56 -15.33
C PRO F 337 -0.01 -66.14 -14.56
N THR F 338 -1.09 -65.37 -14.38
CA THR F 338 -2.25 -65.87 -13.66
C THR F 338 -2.76 -67.09 -14.43
N LEU F 339 -2.92 -66.98 -15.73
CA LEU F 339 -3.44 -68.18 -16.51
C LEU F 339 -2.38 -69.25 -16.49
N GLY F 340 -1.14 -68.87 -16.66
CA GLY F 340 -0.03 -69.88 -16.69
C GLY F 340 0.06 -70.73 -15.43
N LYS F 341 -0.33 -70.22 -14.25
CA LYS F 341 -0.35 -70.93 -12.98
C LYS F 341 -1.60 -71.82 -12.91
N GLY F 342 -2.46 -71.84 -13.94
CA GLY F 342 -3.73 -72.54 -13.87
C GLY F 342 -4.85 -71.73 -13.28
N GLY F 343 -4.68 -70.40 -13.24
CA GLY F 343 -5.72 -69.59 -12.62
C GLY F 343 -7.07 -69.75 -13.32
N ILE F 344 -8.12 -69.56 -12.55
CA ILE F 344 -9.48 -69.68 -13.07
C ILE F 344 -10.02 -68.32 -13.54
N GLY F 345 -9.33 -67.22 -13.20
CA GLY F 345 -9.94 -65.94 -13.52
C GLY F 345 -9.08 -64.77 -13.05
N PHE F 346 -9.52 -63.61 -13.51
CA PHE F 346 -8.75 -62.33 -13.40
C PHE F 346 -9.77 -61.24 -13.54
N SER F 347 -9.78 -60.30 -12.59
CA SER F 347 -10.87 -59.30 -12.53
C SER F 347 -10.36 -57.89 -12.14
N PRO F 348 -9.96 -57.08 -13.12
CA PRO F 348 -9.55 -55.68 -12.88
C PRO F 348 -10.69 -54.91 -12.20
N PHE F 349 -10.31 -54.12 -11.18
CA PHE F 349 -11.24 -53.32 -10.38
C PHE F 349 -11.46 -51.90 -10.95
N GLY F 350 -12.72 -51.50 -10.97
CA GLY F 350 -13.10 -50.11 -11.28
C GLY F 350 -13.33 -49.89 -12.75
N MET F 351 -13.88 -50.90 -13.43
CA MET F 351 -14.10 -50.78 -14.89
C MET F 351 -15.51 -50.28 -15.15
N ASP F 352 -15.77 -49.02 -14.74
CA ASP F 352 -17.04 -48.35 -15.08
C ASP F 352 -16.84 -46.84 -15.11
N ASP F 353 -17.83 -46.17 -15.68
CA ASP F 353 -17.75 -44.72 -15.94
C ASP F 353 -18.62 -43.96 -14.93
N THR F 354 -18.48 -44.25 -13.67
CA THR F 354 -19.34 -43.62 -12.61
C THR F 354 -18.55 -42.47 -11.97
N ASP F 355 -17.60 -41.89 -12.68
CA ASP F 355 -16.88 -40.65 -12.23
C ASP F 355 -16.13 -40.93 -10.93
N TYR F 356 -15.30 -41.95 -10.95
CA TYR F 356 -14.42 -42.29 -9.83
C TYR F 356 -13.15 -42.92 -10.40
N THR F 357 -12.01 -42.58 -9.81
N THR F 357 -12.02 -42.57 -9.80
CA THR F 357 -10.71 -43.26 -10.05
CA THR F 357 -10.72 -43.23 -10.06
C THR F 357 -10.10 -43.54 -8.69
C THR F 357 -10.09 -43.54 -8.70
N ASN F 358 -9.55 -44.74 -8.52
CA ASN F 358 -8.97 -45.17 -7.24
C ASN F 358 -7.44 -45.01 -7.27
N TYR F 359 -6.90 -44.19 -8.17
CA TYR F 359 -5.49 -43.82 -8.10
C TYR F 359 -5.30 -43.20 -6.71
N PRO F 360 -4.26 -43.57 -5.94
CA PRO F 360 -3.06 -44.25 -6.40
C PRO F 360 -3.12 -45.79 -6.56
N LEU F 361 -4.21 -46.46 -6.21
CA LEU F 361 -4.25 -47.96 -6.39
C LEU F 361 -4.31 -48.29 -7.87
N GLY F 362 -5.17 -47.63 -8.61
CA GLY F 362 -5.36 -47.88 -10.03
C GLY F 362 -5.05 -46.68 -10.88
N ALA F 363 -5.67 -46.64 -12.04
CA ALA F 363 -5.38 -45.64 -13.09
C ALA F 363 -5.74 -44.22 -12.60
N LYS F 364 -4.94 -43.28 -13.02
CA LYS F 364 -5.23 -41.86 -12.66
C LYS F 364 -6.46 -41.35 -13.38
N VAL F 365 -6.63 -41.76 -14.64
CA VAL F 365 -7.80 -41.43 -15.49
C VAL F 365 -8.55 -42.70 -15.87
N TYR F 366 -9.83 -42.58 -16.07
CA TYR F 366 -10.63 -43.67 -16.64
C TYR F 366 -11.16 -43.22 -17.98
N ASN F 367 -10.62 -43.83 -19.02
CA ASN F 367 -11.08 -43.53 -20.37
C ASN F 367 -10.86 -44.74 -21.30
N ASP F 368 -11.15 -44.59 -22.57
CA ASP F 368 -11.10 -45.74 -23.49
C ASP F 368 -9.73 -46.37 -23.46
N GLU F 369 -8.68 -45.59 -23.32
CA GLU F 369 -7.29 -46.13 -23.30
C GLU F 369 -7.07 -47.03 -22.09
N THR F 370 -7.64 -46.68 -20.96
CA THR F 370 -7.59 -47.46 -19.72
C THR F 370 -8.15 -48.86 -19.99
N ILE F 371 -9.32 -48.89 -20.61
CA ILE F 371 -10.01 -50.16 -20.90
C ILE F 371 -9.19 -50.93 -21.93
N GLU F 372 -8.69 -50.25 -22.93
CA GLU F 372 -8.01 -50.93 -24.10
C GLU F 372 -6.82 -51.74 -23.60
N GLN F 373 -6.16 -51.36 -22.54
CA GLN F 373 -4.96 -52.09 -22.08
C GLN F 373 -5.38 -53.51 -21.67
N PHE F 374 -6.57 -53.67 -21.15
CA PHE F 374 -7.13 -55.00 -20.75
C PHE F 374 -7.78 -55.61 -21.97
N ALA F 375 -8.47 -54.86 -22.80
CA ALA F 375 -9.15 -55.45 -23.99
C ALA F 375 -8.08 -56.12 -24.90
N GLN F 376 -6.87 -55.61 -24.98
CA GLN F 376 -5.87 -56.13 -25.93
C GLN F 376 -5.47 -57.51 -25.43
N VAL F 377 -5.29 -57.71 -24.12
CA VAL F 377 -4.87 -59.03 -23.61
C VAL F 377 -6.07 -59.96 -23.53
N TYR F 378 -7.28 -59.51 -23.27
CA TYR F 378 -8.46 -60.41 -23.30
C TYR F 378 -8.68 -60.96 -24.71
N ARG F 379 -8.38 -60.20 -25.74
CA ARG F 379 -8.59 -60.64 -27.15
C ARG F 379 -7.70 -61.87 -27.44
N LEU F 380 -6.62 -62.07 -26.71
CA LEU F 380 -5.76 -63.25 -26.95
C LEU F 380 -6.44 -64.50 -26.41
N VAL F 381 -7.22 -64.39 -25.39
CA VAL F 381 -7.80 -65.54 -24.63
C VAL F 381 -9.21 -65.86 -25.11
N ASN F 382 -10.05 -64.85 -25.28
CA ASN F 382 -11.49 -65.03 -25.58
C ASN F 382 -11.64 -66.01 -26.74
N PRO F 383 -10.88 -65.92 -27.85
CA PRO F 383 -11.11 -66.84 -28.99
C PRO F 383 -10.82 -68.31 -28.67
N MET F 384 -10.12 -68.60 -27.61
CA MET F 384 -9.79 -69.97 -27.22
C MET F 384 -10.26 -70.24 -25.79
N MET F 385 -11.23 -69.50 -25.22
CA MET F 385 -11.38 -69.54 -23.77
C MET F 385 -11.66 -70.95 -23.30
N ARG F 386 -12.57 -71.66 -23.95
CA ARG F 386 -12.97 -72.99 -23.43
C ARG F 386 -11.80 -73.98 -23.66
N GLU F 387 -11.12 -73.88 -24.78
CA GLU F 387 -10.00 -74.82 -25.08
C GLU F 387 -8.85 -74.61 -24.09
N TRP F 388 -8.54 -73.33 -23.83
CA TRP F 388 -7.50 -72.99 -22.84
C TRP F 388 -7.90 -73.52 -21.46
N ALA F 389 -9.15 -73.24 -21.05
CA ALA F 389 -9.64 -73.69 -19.71
C ALA F 389 -9.44 -75.21 -19.55
N ARG F 390 -9.68 -75.98 -20.61
N ARG F 390 -9.65 -75.99 -20.60
CA ARG F 390 -9.59 -77.46 -20.56
CA ARG F 390 -9.54 -77.46 -20.41
C ARG F 390 -8.12 -77.87 -20.43
C ARG F 390 -8.06 -77.86 -20.37
N LEU F 391 -7.23 -77.21 -21.18
CA LEU F 391 -5.77 -77.47 -21.15
C LEU F 391 -5.19 -77.09 -19.79
N SER F 392 -5.59 -75.96 -19.24
N SER F 392 -5.72 -76.01 -19.18
CA SER F 392 -5.04 -75.60 -17.93
CA SER F 392 -5.29 -75.39 -17.89
C SER F 392 -5.36 -76.68 -16.88
C SER F 392 -5.89 -76.10 -16.64
N TYR F 393 -6.60 -77.18 -16.85
CA TYR F 393 -7.00 -78.13 -15.80
C TYR F 393 -6.37 -79.52 -16.02
N GLN F 394 -6.46 -80.00 -17.25
CA GLN F 394 -6.27 -81.43 -17.66
C GLN F 394 -4.92 -81.57 -18.36
N GLY F 395 -4.34 -80.50 -18.82
CA GLY F 395 -3.00 -80.62 -19.41
C GLY F 395 -1.97 -79.71 -18.77
N GLN F 396 -1.10 -79.24 -19.66
CA GLN F 396 0.06 -78.48 -19.25
C GLN F 396 0.07 -77.13 -19.95
N VAL F 397 0.10 -76.12 -19.08
CA VAL F 397 0.15 -74.73 -19.56
C VAL F 397 1.32 -73.97 -18.89
N TRP F 398 1.65 -72.85 -19.52
CA TRP F 398 2.69 -71.90 -19.02
C TRP F 398 2.23 -70.49 -19.42
N GLY F 399 2.66 -69.54 -18.61
CA GLY F 399 2.37 -68.15 -18.95
C GLY F 399 3.38 -67.24 -18.26
N VAL F 400 3.87 -66.22 -18.95
CA VAL F 400 4.89 -65.30 -18.42
C VAL F 400 4.49 -63.88 -18.77
N ALA F 401 4.91 -62.96 -17.89
CA ALA F 401 4.83 -61.52 -18.15
C ALA F 401 6.22 -60.91 -18.22
N GLU F 402 6.28 -59.75 -18.87
CA GLU F 402 7.54 -58.98 -19.00
C GLU F 402 8.06 -58.64 -17.59
N PRO F 403 9.28 -59.07 -17.23
CA PRO F 403 9.67 -59.16 -15.81
C PRO F 403 10.41 -57.96 -15.24
N LEU F 404 10.62 -56.95 -16.08
CA LEU F 404 11.08 -55.66 -15.58
C LEU F 404 9.94 -54.68 -15.67
N ASP F 405 9.74 -53.97 -14.62
CA ASP F 405 8.78 -52.86 -14.59
C ASP F 405 9.34 -51.71 -15.43
N SER F 406 8.46 -50.78 -15.82
CA SER F 406 8.87 -49.60 -16.60
C SER F 406 10.05 -48.90 -15.95
N THR F 407 11.00 -48.44 -16.76
CA THR F 407 12.18 -47.68 -16.25
C THR F 407 11.69 -46.38 -15.58
N THR F 408 12.16 -46.06 -14.39
CA THR F 408 11.74 -44.84 -13.66
C THR F 408 12.43 -43.62 -14.30
N GLU F 409 11.81 -42.45 -14.18
CA GLU F 409 12.50 -41.16 -14.52
C GLU F 409 13.85 -41.11 -13.80
N THR F 410 13.90 -41.52 -12.54
CA THR F 410 15.11 -41.59 -11.68
C THR F 410 16.14 -42.54 -12.33
N GLN F 411 15.81 -43.72 -12.84
CA GLN F 411 16.84 -44.61 -13.43
C GLN F 411 17.29 -44.08 -14.81
N LYS F 412 16.47 -43.29 -15.51
CA LYS F 412 16.81 -42.73 -16.85
C LYS F 412 17.87 -41.64 -16.67
N ILE F 413 17.64 -40.75 -15.70
CA ILE F 413 18.60 -39.69 -15.28
C ILE F 413 19.90 -40.40 -14.91
N TRP F 414 19.81 -41.28 -13.92
CA TRP F 414 20.93 -41.99 -13.26
C TRP F 414 21.49 -43.10 -14.17
N ASN F 415 21.39 -42.94 -15.51
CA ASN F 415 21.82 -43.93 -16.53
C ASN F 415 22.33 -43.17 -17.75
N ALA F 416 21.86 -41.93 -17.94
CA ALA F 416 22.29 -41.02 -19.02
C ALA F 416 23.70 -40.51 -18.72
N GLU F 417 24.12 -40.70 -17.47
CA GLU F 417 25.39 -40.18 -16.91
C GLU F 417 26.39 -41.34 -16.84
N ALA F 418 25.96 -42.54 -17.21
CA ALA F 418 26.85 -43.72 -17.24
C ALA F 418 27.90 -43.51 -18.32
N THR F 419 29.12 -44.05 -18.16
CA THR F 419 30.14 -44.12 -19.25
C THR F 419 29.56 -44.96 -20.39
N PRO F 420 30.07 -44.78 -21.64
CA PRO F 420 29.82 -45.75 -22.71
C PRO F 420 29.89 -47.22 -22.28
N GLU F 421 30.96 -47.69 -21.59
CA GLU F 421 31.15 -49.14 -21.21
C GLU F 421 30.08 -49.59 -20.18
N GLU F 422 29.71 -48.69 -19.29
CA GLU F 422 28.65 -48.90 -18.25
C GLU F 422 27.31 -49.07 -18.98
N LYS F 423 27.02 -48.18 -19.96
CA LYS F 423 25.86 -48.25 -20.87
C LYS F 423 25.78 -49.66 -21.48
N GLU F 424 26.86 -50.13 -22.13
CA GLU F 424 26.86 -51.43 -22.85
C GLU F 424 26.57 -52.50 -21.82
N GLN F 425 27.13 -52.39 -20.60
CA GLN F 425 26.93 -53.47 -19.58
C GLN F 425 25.46 -53.47 -19.12
N HIS F 426 24.89 -52.28 -18.99
CA HIS F 426 23.51 -52.12 -18.49
C HIS F 426 22.59 -52.69 -19.57
N LYS F 427 22.86 -52.45 -20.85
CA LYS F 427 22.01 -53.05 -21.92
C LYS F 427 22.09 -54.56 -21.88
N LYS F 428 23.30 -55.11 -21.81
CA LYS F 428 23.51 -56.58 -21.70
C LYS F 428 22.71 -57.16 -20.50
N ASP F 429 22.77 -56.51 -19.33
CA ASP F 429 22.13 -57.02 -18.10
C ASP F 429 20.61 -56.92 -18.24
N ARG F 430 20.11 -55.85 -18.87
N ARG F 430 20.13 -55.84 -18.85
CA ARG F 430 18.64 -55.73 -19.08
CA ARG F 430 18.69 -55.68 -19.15
C ARG F 430 18.21 -56.76 -20.13
C ARG F 430 18.26 -56.81 -20.09
N ALA F 431 19.01 -56.99 -21.17
CA ALA F 431 18.63 -58.01 -22.18
C ALA F 431 18.49 -59.36 -21.49
N SER F 432 19.45 -59.67 -20.63
N SER F 432 19.42 -59.77 -20.62
CA SER F 432 19.44 -60.93 -19.86
CA SER F 432 19.31 -61.08 -19.91
C SER F 432 18.15 -61.06 -19.02
C SER F 432 18.08 -61.10 -18.98
N ALA F 433 17.80 -60.00 -18.28
CA ALA F 433 16.64 -59.97 -17.37
C ALA F 433 15.33 -60.10 -18.17
N LEU F 434 15.36 -59.66 -19.44
CA LEU F 434 14.19 -59.64 -20.34
C LEU F 434 14.17 -60.90 -21.21
N THR F 435 14.83 -61.94 -20.74
CA THR F 435 14.86 -63.26 -21.42
C THR F 435 14.43 -64.32 -20.40
N GLN F 436 13.35 -64.99 -20.69
CA GLN F 436 12.75 -66.02 -19.82
C GLN F 436 12.84 -67.38 -20.55
N GLN F 437 13.19 -68.41 -19.80
CA GLN F 437 13.22 -69.80 -20.31
CA GLN F 437 13.21 -69.78 -20.35
C GLN F 437 12.03 -70.59 -19.75
N LEU F 438 11.41 -71.40 -20.57
CA LEU F 438 10.33 -72.30 -20.12
C LEU F 438 10.69 -73.71 -20.62
N ASP F 439 10.60 -74.67 -19.72
CA ASP F 439 10.91 -76.10 -20.03
C ASP F 439 9.60 -76.82 -20.41
N LEU F 440 9.44 -77.09 -21.68
CA LEU F 440 8.19 -77.65 -22.21
C LEU F 440 8.35 -79.16 -22.53
N GLY F 441 9.26 -79.83 -21.85
CA GLY F 441 9.42 -81.28 -22.07
C GLY F 441 10.61 -81.59 -22.96
N LEU F 442 10.33 -81.96 -24.22
CA LEU F 442 11.39 -82.20 -25.20
C LEU F 442 11.92 -80.90 -25.81
N TRP F 443 11.11 -79.82 -25.62
CA TRP F 443 11.38 -78.52 -26.24
C TRP F 443 11.36 -77.48 -25.12
N ASP F 444 12.17 -76.46 -25.27
CA ASP F 444 12.07 -75.25 -24.41
C ASP F 444 11.66 -74.07 -25.28
N ALA F 445 11.05 -73.09 -24.61
CA ALA F 445 10.77 -71.80 -25.26
C ALA F 445 11.61 -70.74 -24.54
N GLU F 446 12.05 -69.78 -25.32
CA GLU F 446 12.68 -68.53 -24.79
C GLU F 446 11.80 -67.37 -25.16
N VAL F 447 11.39 -66.61 -24.15
CA VAL F 447 10.54 -65.43 -24.35
C VAL F 447 11.36 -64.17 -24.10
N THR F 448 11.37 -63.28 -25.07
CA THR F 448 12.06 -62.00 -24.97
C THR F 448 11.15 -60.83 -25.31
N TYR F 449 11.46 -59.64 -24.78
CA TYR F 449 10.53 -58.49 -24.83
C TYR F 449 11.20 -57.25 -25.40
N GLY F 450 10.54 -56.67 -26.40
CA GLY F 450 10.92 -55.32 -26.90
C GLY F 450 12.08 -55.43 -27.85
N ARG F 451 11.81 -56.01 -29.02
CA ARG F 451 12.80 -56.13 -30.08
C ARG F 451 12.08 -56.12 -31.41
N PRO F 452 12.83 -55.85 -32.50
CA PRO F 452 12.22 -55.93 -33.81
C PRO F 452 11.73 -57.34 -34.17
N MET F 453 10.96 -57.42 -35.25
CA MET F 453 10.34 -58.72 -35.69
C MET F 453 11.27 -59.43 -36.66
N PHE F 454 12.44 -58.87 -36.88
CA PHE F 454 13.43 -59.36 -37.85
C PHE F 454 14.82 -59.20 -37.24
N TRP F 455 15.69 -60.18 -37.44
CA TRP F 455 17.09 -60.23 -37.01
C TRP F 455 17.13 -60.42 -35.49
N VAL F 456 18.30 -60.18 -34.88
CA VAL F 456 18.58 -60.68 -33.53
C VAL F 456 19.06 -59.58 -32.58
N THR F 457 18.79 -58.31 -32.87
CA THR F 457 19.07 -57.20 -31.92
C THR F 457 18.55 -57.63 -30.55
N PRO F 458 19.35 -57.50 -29.47
CA PRO F 458 18.88 -57.90 -28.16
C PRO F 458 17.63 -57.15 -27.68
N PRO F 459 16.80 -57.79 -26.81
CA PRO F 459 15.61 -57.17 -26.21
C PRO F 459 16.00 -55.97 -25.32
N GLU F 460 15.17 -54.96 -25.41
CA GLU F 460 15.31 -53.71 -24.63
C GLU F 460 14.06 -53.41 -23.80
N GLY F 461 13.04 -54.22 -23.90
CA GLY F 461 11.77 -54.06 -23.19
C GLY F 461 10.82 -53.14 -23.92
N ASN F 462 9.55 -53.30 -23.60
CA ASN F 462 8.49 -52.43 -24.08
C ASN F 462 8.41 -51.22 -23.13
N THR F 463 8.01 -50.11 -23.71
CA THR F 463 7.79 -48.85 -22.97
C THR F 463 6.32 -48.45 -23.16
N PRO F 464 5.45 -48.58 -22.15
CA PRO F 464 5.73 -49.17 -20.85
C PRO F 464 5.82 -50.71 -20.89
N ALA F 465 6.28 -51.31 -19.79
CA ALA F 465 6.37 -52.78 -19.68
C ALA F 465 4.95 -53.32 -19.91
N ALA F 466 4.80 -54.34 -20.75
CA ALA F 466 3.42 -54.77 -21.13
C ALA F 466 3.37 -56.20 -21.69
N GLY F 467 4.49 -56.80 -22.03
CA GLY F 467 4.47 -58.07 -22.85
C GLY F 467 4.10 -59.27 -22.02
N GLY F 468 3.82 -60.36 -22.75
CA GLY F 468 3.63 -61.65 -22.08
C GLY F 468 3.40 -62.76 -23.12
N ALA F 469 3.25 -63.96 -22.58
CA ALA F 469 3.02 -65.12 -23.48
C ALA F 469 2.27 -66.23 -22.75
N LEU F 470 1.51 -66.98 -23.56
CA LEU F 470 0.83 -68.19 -23.09
C LEU F 470 1.29 -69.35 -24.00
N ILE F 471 1.48 -70.49 -23.34
CA ILE F 471 1.80 -71.75 -24.11
C ILE F 471 1.02 -72.88 -23.50
N ALA F 472 0.47 -73.73 -24.35
CA ALA F 472 -0.14 -74.99 -23.86
C ALA F 472 0.42 -76.17 -24.67
N GLN F 473 0.63 -77.28 -23.96
CA GLN F 473 1.23 -78.44 -24.68
C GLN F 473 0.09 -79.26 -25.27
N LEU F 474 0.17 -79.55 -26.57
CA LEU F 474 -0.87 -80.38 -27.21
C LEU F 474 -0.41 -81.82 -27.35
N ASP F 475 0.91 -82.02 -27.51
CA ASP F 475 1.52 -83.36 -27.69
C ASP F 475 3.02 -83.20 -27.47
N ASP F 476 3.78 -84.27 -27.60
CA ASP F 476 5.22 -84.25 -27.29
C ASP F 476 5.91 -83.10 -28.00
N ASN F 477 5.52 -82.86 -29.25
CA ASN F 477 6.23 -81.93 -30.14
C ASN F 477 5.33 -80.75 -30.59
N GLU F 478 4.17 -80.55 -29.96
CA GLU F 478 3.21 -79.59 -30.50
C GLU F 478 2.65 -78.73 -29.37
N TYR F 479 2.58 -77.43 -29.64
CA TYR F 479 2.18 -76.43 -28.62
C TYR F 479 1.20 -75.43 -29.24
N LEU F 480 0.28 -74.93 -28.40
CA LEU F 480 -0.54 -73.76 -28.71
C LEU F 480 0.20 -72.55 -28.09
N VAL F 481 0.34 -71.50 -28.87
CA VAL F 481 1.10 -70.30 -28.46
C VAL F 481 0.35 -69.05 -28.87
N THR F 482 0.22 -68.13 -27.90
CA THR F 482 -0.16 -66.77 -28.27
C THR F 482 0.64 -65.84 -27.34
N ALA F 483 1.05 -64.67 -27.85
CA ALA F 483 1.85 -63.76 -27.05
C ALA F 483 1.59 -62.31 -27.53
N TYR F 484 2.24 -61.42 -26.81
CA TYR F 484 1.87 -60.00 -26.82
C TYR F 484 3.17 -59.19 -26.60
N LYS F 485 3.50 -58.39 -27.60
CA LYS F 485 4.64 -57.50 -27.51
C LYS F 485 5.87 -58.29 -27.08
N ALA F 486 6.15 -59.42 -27.73
CA ALA F 486 7.16 -60.36 -27.31
C ALA F 486 7.56 -61.27 -28.49
N ARG F 487 8.73 -61.84 -28.32
CA ARG F 487 9.20 -62.87 -29.23
C ARG F 487 9.27 -64.19 -28.47
N VAL F 488 8.80 -65.28 -29.12
CA VAL F 488 8.85 -66.66 -28.56
C VAL F 488 9.69 -67.52 -29.50
N GLU F 489 10.67 -68.21 -28.96
N GLU F 489 10.81 -68.05 -29.00
CA GLU F 489 11.56 -69.02 -29.84
CA GLU F 489 11.72 -68.97 -29.74
C GLU F 489 11.80 -70.37 -29.20
C GLU F 489 11.58 -70.37 -29.15
N PHE F 490 11.59 -71.41 -29.99
CA PHE F 490 11.66 -72.80 -29.50
C PHE F 490 13.04 -73.41 -29.82
N LYS F 491 13.50 -74.27 -28.93
CA LYS F 491 14.77 -74.98 -29.07
C LYS F 491 14.62 -76.32 -28.40
N PRO F 492 15.56 -77.27 -28.66
CA PRO F 492 15.50 -78.51 -27.89
C PRO F 492 15.74 -78.24 -26.41
N SER F 493 15.12 -79.08 -25.60
CA SER F 493 15.25 -79.07 -24.11
C SER F 493 16.51 -79.85 -23.70
N GLN F 494 17.03 -80.69 -24.58
CA GLN F 494 18.20 -81.53 -24.23
C GLN F 494 18.96 -81.81 -25.50
N GLU F 495 20.20 -82.23 -25.33
CA GLU F 495 21.11 -82.53 -26.44
C GLU F 495 20.43 -83.56 -27.33
N LEU F 496 20.63 -83.43 -28.63
CA LEU F 496 19.94 -84.31 -29.62
C LEU F 496 20.87 -85.39 -30.19
N ALA F 497 22.00 -85.63 -29.58
CA ALA F 497 22.84 -86.84 -29.89
C ALA F 497 23.09 -86.96 -31.37
N GLY F 498 23.40 -85.86 -32.05
CA GLY F 498 23.73 -85.93 -33.48
C GLY F 498 22.62 -85.51 -34.44
N LYS F 499 21.37 -85.41 -33.97
N LYS F 499 21.37 -85.41 -33.96
CA LYS F 499 20.28 -84.91 -34.82
CA LYS F 499 20.24 -84.92 -34.78
C LYS F 499 20.31 -83.38 -34.89
C LYS F 499 20.25 -83.38 -34.85
N LYS F 500 19.65 -82.85 -35.89
CA LYS F 500 19.33 -81.41 -36.00
C LYS F 500 17.87 -81.21 -35.63
N PHE F 501 17.45 -79.93 -35.53
CA PHE F 501 16.03 -79.66 -35.27
C PHE F 501 15.59 -78.52 -36.15
N MET F 502 14.27 -78.44 -36.33
CA MET F 502 13.67 -77.23 -36.96
C MET F 502 12.23 -77.14 -36.49
N ILE F 503 11.62 -75.99 -36.77
CA ILE F 503 10.16 -75.93 -36.82
C ILE F 503 9.67 -76.82 -37.97
N GLU F 504 8.76 -77.72 -37.69
CA GLU F 504 8.11 -78.48 -38.77
C GLU F 504 7.02 -77.60 -39.40
N ARG F 505 6.14 -77.02 -38.56
N ARG F 505 6.22 -76.94 -38.57
CA ARG F 505 5.03 -76.19 -39.08
CA ARG F 505 5.04 -76.21 -39.05
C ARG F 505 4.44 -75.30 -37.98
C ARG F 505 4.63 -75.24 -37.95
N VAL F 506 4.30 -74.02 -38.36
CA VAL F 506 3.51 -73.09 -37.51
C VAL F 506 2.24 -72.72 -38.27
N GLU F 507 1.09 -72.92 -37.65
CA GLU F 507 -0.21 -72.50 -38.24
C GLU F 507 -0.82 -71.43 -37.33
N GLU F 508 -1.33 -70.38 -37.98
CA GLU F 508 -2.20 -69.46 -37.26
C GLU F 508 -3.63 -69.92 -37.54
N GLY F 509 -4.52 -69.83 -36.57
CA GLY F 509 -5.89 -70.31 -36.78
C GLY F 509 -6.77 -70.03 -35.61
N ARG F 510 -7.85 -70.78 -35.48
CA ARG F 510 -8.87 -70.50 -34.48
C ARG F 510 -9.63 -71.79 -34.22
N PHE F 511 -10.40 -71.82 -33.15
CA PHE F 511 -11.29 -72.92 -32.80
C PHE F 511 -12.68 -72.53 -33.23
N GLU F 512 -13.28 -73.41 -33.98
CA GLU F 512 -14.71 -73.34 -34.31
C GLU F 512 -15.36 -74.68 -33.93
N LYS F 513 -16.36 -74.62 -33.06
CA LYS F 513 -17.06 -75.82 -32.56
C LYS F 513 -16.01 -76.80 -32.01
N GLY F 514 -15.00 -76.26 -31.30
CA GLY F 514 -13.93 -77.04 -30.64
C GLY F 514 -12.91 -77.65 -31.62
N LYS F 515 -13.04 -77.37 -32.92
CA LYS F 515 -12.09 -77.90 -33.94
C LYS F 515 -11.18 -76.77 -34.42
N TRP F 516 -9.91 -77.11 -34.61
CA TRP F 516 -8.89 -76.17 -35.13
C TRP F 516 -9.16 -75.88 -36.59
N VAL F 517 -9.21 -74.62 -36.96
CA VAL F 517 -9.36 -74.16 -38.35
C VAL F 517 -8.11 -73.39 -38.69
N MET F 518 -7.30 -73.85 -39.65
N MET F 518 -7.32 -73.84 -39.65
CA MET F 518 -6.08 -73.14 -40.06
CA MET F 518 -6.10 -73.13 -40.05
C MET F 518 -6.48 -71.94 -40.94
C MET F 518 -6.50 -71.92 -40.93
N GLU F 519 -5.87 -70.79 -40.68
CA GLU F 519 -5.98 -69.59 -41.55
C GLU F 519 -4.76 -69.46 -42.47
N ARG F 520 -3.54 -69.62 -41.96
CA ARG F 520 -2.33 -69.47 -42.75
C ARG F 520 -1.21 -70.17 -42.01
N VAL F 521 -0.18 -70.52 -42.78
CA VAL F 521 1.10 -71.00 -42.22
C VAL F 521 2.09 -69.84 -42.08
N TRP F 522 2.59 -69.69 -40.85
CA TRP F 522 3.75 -68.79 -40.67
C TRP F 522 5.01 -69.49 -41.14
N ASN F 523 5.76 -68.86 -41.99
CA ASN F 523 7.01 -69.41 -42.48
C ASN F 523 7.97 -68.30 -42.90
N GLY F 524 9.15 -68.57 -43.38
CA GLY F 524 10.06 -67.54 -43.87
C GLY F 524 10.35 -66.53 -42.77
N ASP F 525 10.28 -65.28 -43.15
CA ASP F 525 10.57 -64.17 -42.19
C ASP F 525 9.79 -64.37 -40.89
N GLN F 526 8.53 -64.89 -40.93
CA GLN F 526 7.70 -65.02 -39.78
C GLN F 526 8.17 -66.11 -38.79
N THR F 527 9.09 -67.02 -39.24
CA THR F 527 9.61 -68.02 -38.30
C THR F 527 11.14 -68.05 -38.22
N ASP F 528 11.84 -67.24 -38.97
CA ASP F 528 13.30 -67.25 -39.01
C ASP F 528 13.89 -66.67 -37.70
N TRP F 529 13.13 -65.75 -37.07
CA TRP F 529 13.62 -64.91 -35.95
C TRP F 529 12.73 -65.10 -34.73
N GLY F 530 12.34 -66.34 -34.44
CA GLY F 530 11.31 -66.61 -33.47
C GLY F 530 9.94 -66.24 -34.00
N LEU F 531 9.01 -66.26 -33.09
CA LEU F 531 7.61 -65.96 -33.35
C LEU F 531 7.30 -64.61 -32.68
N ASN F 532 7.18 -63.58 -33.53
CA ASN F 532 7.09 -62.18 -33.07
C ASN F 532 5.62 -61.72 -33.05
N PHE F 533 5.27 -61.14 -31.92
CA PHE F 533 3.89 -60.70 -31.58
C PHE F 533 3.94 -59.19 -31.20
N THR F 534 2.98 -58.47 -31.71
CA THR F 534 2.79 -57.02 -31.44
C THR F 534 1.59 -56.92 -30.49
N ASP F 535 0.68 -56.01 -30.74
CA ASP F 535 -0.50 -55.88 -29.88
C ASP F 535 -1.71 -56.58 -30.49
N ARG F 536 -1.55 -57.18 -31.69
CA ARG F 536 -2.70 -57.85 -32.34
C ARG F 536 -2.74 -59.32 -31.97
N PRO F 537 -3.91 -59.91 -31.93
CA PRO F 537 -4.03 -61.31 -31.53
C PRO F 537 -3.73 -62.30 -32.67
N HIS F 538 -2.87 -63.26 -32.36
CA HIS F 538 -2.63 -64.42 -33.26
C HIS F 538 -2.52 -65.67 -32.39
N LEU F 539 -3.27 -66.70 -32.70
CA LEU F 539 -3.19 -67.99 -31.98
C LEU F 539 -2.49 -69.01 -32.91
N LEU F 540 -1.36 -69.52 -32.45
CA LEU F 540 -0.55 -70.40 -33.29
C LEU F 540 -0.56 -71.83 -32.73
N ARG F 541 -0.41 -72.77 -33.68
N ARG F 541 -0.41 -72.77 -33.67
CA ARG F 541 -0.07 -74.18 -33.35
CA ARG F 541 -0.05 -74.19 -33.36
C ARG F 541 1.32 -74.42 -33.91
C ARG F 541 1.33 -74.41 -33.92
N VAL F 542 2.25 -74.76 -33.04
CA VAL F 542 3.66 -74.90 -33.36
C VAL F 542 4.05 -76.37 -33.23
N LYS F 543 4.46 -77.00 -34.33
N LYS F 543 4.58 -76.89 -34.33
CA LYS F 543 4.98 -78.40 -34.26
CA LYS F 543 5.07 -78.29 -34.36
C LYS F 543 6.49 -78.36 -34.53
C LYS F 543 6.58 -78.28 -34.55
N MET F 544 7.31 -78.89 -33.60
CA MET F 544 8.78 -78.94 -33.69
C MET F 544 9.19 -80.37 -34.15
N ALA F 545 10.39 -80.47 -34.71
CA ALA F 545 10.93 -81.80 -35.12
C ALA F 545 12.43 -81.86 -34.98
N SER F 546 12.88 -83.00 -34.44
CA SER F 546 14.30 -83.36 -34.56
C SER F 546 14.41 -84.28 -35.78
N TYR F 547 15.51 -84.21 -36.50
CA TYR F 547 15.67 -85.02 -37.72
C TYR F 547 17.10 -85.45 -37.88
N SER F 548 17.24 -86.66 -38.41
N SER F 548 17.28 -86.67 -38.39
N SER F 548 17.27 -86.68 -38.39
CA SER F 548 18.54 -87.29 -38.70
CA SER F 548 18.65 -87.22 -38.55
CA SER F 548 18.62 -87.22 -38.66
C SER F 548 19.28 -86.58 -39.85
C SER F 548 19.31 -86.73 -39.84
C SER F 548 19.29 -86.52 -39.83
N VAL F 549 20.60 -86.45 -39.74
CA VAL F 549 21.43 -86.08 -40.89
C VAL F 549 22.53 -87.13 -41.12
N GLN F 550 22.48 -88.25 -40.41
CA GLN F 550 23.34 -89.44 -40.61
C GLN F 550 23.54 -89.57 -42.13
N ALA G 11 -7.45 -64.99 -78.13
CA ALA G 11 -6.32 -65.81 -77.63
C ALA G 11 -5.13 -64.89 -77.35
N ALA G 12 -4.99 -64.40 -76.12
CA ALA G 12 -3.93 -63.45 -75.72
C ALA G 12 -2.57 -64.13 -75.94
N PRO G 13 -1.60 -63.42 -76.52
CA PRO G 13 -0.25 -63.97 -76.68
C PRO G 13 0.44 -64.13 -75.32
N LEU G 14 1.26 -65.14 -75.22
CA LEU G 14 2.03 -65.38 -73.99
C LEU G 14 2.84 -64.15 -73.67
N PRO G 15 3.00 -63.86 -72.37
CA PRO G 15 4.08 -62.99 -71.97
C PRO G 15 5.43 -63.54 -72.40
N GLU G 16 6.35 -62.65 -72.71
CA GLU G 16 7.68 -63.06 -73.23
C GLU G 16 8.70 -62.03 -72.82
N LEU G 17 9.91 -62.43 -72.45
CA LEU G 17 11.05 -61.50 -72.33
C LEU G 17 11.82 -61.43 -73.65
N LEU G 18 11.85 -60.27 -74.28
CA LEU G 18 12.57 -59.99 -75.54
C LEU G 18 13.86 -59.29 -75.16
N SER G 19 14.89 -59.64 -75.88
CA SER G 19 16.25 -59.04 -75.81
C SER G 19 16.70 -58.72 -77.24
N ASN G 20 17.02 -57.47 -77.52
CA ASN G 20 17.47 -56.99 -78.87
C ASN G 20 18.34 -55.73 -78.71
N ASN G 21 19.47 -55.68 -79.42
CA ASN G 21 20.44 -54.55 -79.41
C ASN G 21 20.81 -54.18 -77.97
N GLY G 22 21.04 -55.17 -77.09
CA GLY G 22 21.43 -54.95 -75.68
C GLY G 22 20.37 -54.30 -74.82
N LYS G 23 19.13 -54.15 -75.34
N LYS G 23 19.12 -54.38 -75.26
CA LYS G 23 17.91 -53.66 -74.63
CA LYS G 23 17.99 -53.86 -74.50
C LYS G 23 16.92 -54.83 -74.47
C LYS G 23 16.97 -54.97 -74.34
N HIS G 24 15.94 -54.67 -73.57
CA HIS G 24 15.03 -55.74 -73.13
C HIS G 24 13.65 -55.19 -72.99
N ALA G 25 12.68 -56.06 -73.10
CA ALA G 25 11.28 -55.76 -72.88
C ALA G 25 10.61 -56.99 -72.32
N LEU G 26 9.80 -56.77 -71.36
CA LEU G 26 8.80 -57.70 -70.84
C LEU G 26 7.55 -57.46 -71.68
N MET G 27 7.24 -58.39 -72.60
CA MET G 27 6.04 -58.32 -73.40
C MET G 27 4.90 -58.95 -72.62
N VAL G 28 3.83 -58.17 -72.47
CA VAL G 28 2.57 -58.58 -71.85
C VAL G 28 1.41 -58.16 -72.73
N ASP G 29 0.65 -59.13 -73.24
CA ASP G 29 -0.50 -58.86 -74.12
C ASP G 29 0.01 -58.22 -75.43
N GLY G 30 1.20 -58.62 -75.85
CA GLY G 30 1.80 -58.30 -77.16
C GLY G 30 2.46 -56.92 -77.21
N ALA G 31 2.76 -56.32 -76.05
CA ALA G 31 3.50 -55.05 -76.08
C ALA G 31 4.32 -54.92 -74.79
N PRO G 32 5.37 -54.09 -74.80
CA PRO G 32 6.18 -53.88 -73.59
C PRO G 32 5.36 -53.44 -72.38
N TYR G 33 5.80 -53.89 -71.23
CA TYR G 33 5.08 -53.73 -69.97
C TYR G 33 6.09 -53.42 -68.89
N ILE G 34 5.72 -52.55 -67.96
CA ILE G 34 6.49 -52.31 -66.73
C ILE G 34 5.75 -52.81 -65.51
N ILE G 35 6.41 -53.68 -64.76
CA ILE G 35 5.90 -54.12 -63.47
C ILE G 35 6.07 -52.96 -62.48
N LEU G 36 4.95 -52.38 -62.09
CA LEU G 36 4.92 -51.40 -60.98
C LEU G 36 4.33 -52.22 -59.82
N GLY G 37 5.24 -52.91 -59.18
CA GLY G 37 4.87 -54.08 -58.37
C GLY G 37 4.77 -53.90 -56.89
N SER G 38 4.14 -54.83 -56.20
N SER G 38 4.62 -54.99 -56.20
CA SER G 38 4.35 -55.02 -54.75
CA SER G 38 4.29 -55.04 -54.76
C SER G 38 4.67 -56.48 -54.53
C SER G 38 4.37 -56.50 -54.36
N GLN G 39 5.17 -56.81 -53.36
CA GLN G 39 5.29 -58.19 -52.90
C GLN G 39 4.74 -58.33 -51.50
N THR G 40 4.01 -59.39 -51.20
CA THR G 40 3.55 -59.74 -49.87
C THR G 40 4.67 -60.08 -48.93
N ASN G 41 4.33 -59.98 -47.65
CA ASN G 41 5.08 -60.65 -46.61
C ASN G 41 5.07 -62.18 -46.88
N ASN G 42 6.00 -62.86 -46.24
CA ASN G 42 6.32 -64.27 -46.52
C ASN G 42 5.22 -65.21 -46.10
N SER G 43 4.24 -64.85 -45.33
CA SER G 43 3.19 -65.74 -44.73
C SER G 43 1.78 -65.32 -45.16
N SER G 44 1.72 -64.65 -46.33
CA SER G 44 0.45 -64.13 -46.87
C SER G 44 -0.10 -64.96 -48.01
N ASN G 45 0.53 -66.15 -48.22
CA ASN G 45 0.18 -67.02 -49.37
C ASN G 45 -0.99 -67.93 -49.05
N TYR G 46 -2.07 -67.45 -48.43
CA TYR G 46 -3.22 -68.26 -48.05
C TYR G 46 -4.49 -67.46 -48.29
N PRO G 47 -5.61 -68.09 -48.63
CA PRO G 47 -6.82 -67.36 -48.95
C PRO G 47 -7.21 -66.34 -47.87
N ASP G 48 -7.10 -66.68 -46.61
CA ASP G 48 -7.56 -65.79 -45.52
C ASP G 48 -6.70 -64.51 -45.46
N ALA G 49 -5.45 -64.55 -45.90
CA ALA G 49 -4.52 -63.42 -45.78
C ALA G 49 -4.79 -62.40 -46.90
N LEU G 50 -5.40 -62.76 -47.99
CA LEU G 50 -5.50 -61.90 -49.17
C LEU G 50 -6.29 -60.62 -48.82
N LYS G 51 -7.26 -60.67 -47.93
CA LYS G 51 -8.01 -59.43 -47.52
C LYS G 51 -7.05 -58.40 -46.94
N ASP G 52 -5.90 -58.79 -46.42
CA ASP G 52 -4.86 -57.92 -45.86
C ASP G 52 -3.84 -57.47 -46.90
N VAL G 53 -3.94 -57.95 -48.14
CA VAL G 53 -3.06 -57.61 -49.22
C VAL G 53 -3.70 -56.63 -50.21
N TRP G 54 -4.92 -56.91 -50.67
CA TRP G 54 -5.47 -56.13 -51.78
C TRP G 54 -5.59 -54.65 -51.43
N PRO G 55 -6.01 -54.25 -50.20
CA PRO G 55 -6.13 -52.80 -49.94
C PRO G 55 -4.83 -52.05 -50.28
N SER G 56 -3.70 -52.60 -49.83
CA SER G 56 -2.40 -51.99 -50.06
C SER G 56 -2.12 -51.83 -51.54
N MET G 57 -2.46 -52.85 -52.30
N MET G 57 -2.40 -52.88 -52.35
CA MET G 57 -2.13 -52.76 -53.72
CA MET G 57 -2.22 -52.85 -53.83
C MET G 57 -2.95 -51.65 -54.38
C MET G 57 -2.98 -51.65 -54.41
N GLU G 58 -4.21 -51.48 -53.96
CA GLU G 58 -5.05 -50.40 -54.48
C GLU G 58 -4.50 -49.01 -54.06
N LYS G 59 -4.09 -48.88 -52.81
CA LYS G 59 -3.51 -47.62 -52.33
C LYS G 59 -2.21 -47.27 -53.04
N MET G 60 -1.42 -48.32 -53.34
CA MET G 60 -0.10 -48.14 -53.94
C MET G 60 -0.25 -47.80 -55.43
N GLY G 61 -1.34 -48.23 -56.06
CA GLY G 61 -1.44 -48.12 -57.51
C GLY G 61 -0.57 -49.15 -58.24
N ALA G 62 -0.29 -50.27 -57.59
CA ALA G 62 0.54 -51.33 -58.22
C ALA G 62 -0.28 -52.02 -59.32
N ASN G 63 0.42 -52.44 -60.35
CA ASN G 63 -0.24 -53.16 -61.46
C ASN G 63 0.01 -54.68 -61.38
N THR G 64 0.92 -55.10 -60.53
CA THR G 64 1.36 -56.53 -60.46
C THR G 64 1.66 -56.86 -59.00
N LEU G 65 1.25 -58.01 -58.52
CA LEU G 65 1.49 -58.53 -57.19
C LEU G 65 2.42 -59.73 -57.30
N SER G 66 3.51 -59.74 -56.56
CA SER G 66 4.42 -60.88 -56.35
C SER G 66 4.01 -61.56 -55.06
N ILE G 67 3.79 -62.88 -55.10
CA ILE G 67 3.29 -63.61 -53.93
C ILE G 67 3.82 -65.02 -54.03
N PRO G 68 4.10 -65.61 -52.86
CA PRO G 68 4.56 -67.01 -52.89
C PRO G 68 3.46 -67.98 -53.27
N VAL G 69 3.96 -69.06 -53.92
CA VAL G 69 3.25 -70.37 -53.94
C VAL G 69 4.24 -71.41 -53.44
N ALA G 70 3.92 -72.01 -52.31
CA ALA G 70 4.88 -72.87 -51.63
C ALA G 70 4.67 -74.36 -52.00
N TRP G 71 5.81 -75.00 -52.15
CA TRP G 71 5.76 -76.47 -52.41
C TRP G 71 4.98 -77.15 -51.30
N GLU G 72 5.18 -76.75 -50.05
CA GLU G 72 4.49 -77.36 -48.89
C GLU G 72 2.97 -77.29 -49.03
N GLN G 73 2.47 -76.21 -49.66
CA GLN G 73 1.01 -76.02 -49.74
C GLN G 73 0.42 -76.75 -50.93
N ILE G 74 1.17 -76.88 -52.00
CA ILE G 74 0.57 -77.52 -53.22
C ILE G 74 0.79 -79.03 -53.16
N GLU G 75 1.76 -79.51 -52.40
CA GLU G 75 1.98 -81.01 -52.36
C GLU G 75 2.19 -81.41 -50.91
N PRO G 76 1.20 -81.23 -50.02
CA PRO G 76 1.46 -81.42 -48.58
C PRO G 76 1.75 -82.87 -48.21
N VAL G 77 1.26 -83.75 -49.05
CA VAL G 77 1.51 -85.22 -48.98
C VAL G 77 1.92 -85.61 -50.40
N GLU G 78 2.94 -86.47 -50.53
CA GLU G 78 3.55 -86.66 -51.86
C GLU G 78 2.46 -87.25 -52.80
N GLY G 79 2.33 -86.65 -53.97
CA GLY G 79 1.40 -87.02 -55.04
C GLY G 79 -0.01 -86.53 -54.79
N GLN G 80 -0.25 -85.78 -53.70
CA GLN G 80 -1.61 -85.28 -53.40
C GLN G 80 -1.61 -83.77 -53.56
N PHE G 81 -1.93 -83.27 -54.74
CA PHE G 81 -1.80 -81.84 -55.04
C PHE G 81 -3.04 -81.06 -54.59
N ASP G 82 -2.79 -79.79 -54.22
CA ASP G 82 -3.83 -78.88 -53.68
C ASP G 82 -3.55 -77.51 -54.27
N PHE G 83 -4.35 -77.06 -55.24
CA PHE G 83 -4.21 -75.74 -55.86
C PHE G 83 -5.34 -74.82 -55.38
N SER G 84 -5.97 -75.10 -54.25
CA SER G 84 -7.07 -74.25 -53.70
C SER G 84 -6.58 -72.80 -53.53
N PHE G 85 -5.34 -72.56 -53.09
CA PHE G 85 -4.86 -71.17 -52.93
C PHE G 85 -4.71 -70.50 -54.27
N VAL G 86 -4.13 -71.19 -55.24
CA VAL G 86 -3.91 -70.60 -56.56
C VAL G 86 -5.25 -70.28 -57.24
N ASP G 87 -6.26 -71.09 -57.04
CA ASP G 87 -7.60 -70.81 -57.58
C ASP G 87 -8.11 -69.47 -57.03
N VAL G 88 -8.10 -69.29 -55.71
CA VAL G 88 -8.66 -68.05 -55.09
C VAL G 88 -7.80 -66.88 -55.57
N LEU G 89 -6.48 -67.06 -55.55
CA LEU G 89 -5.55 -65.97 -55.91
C LEU G 89 -5.85 -65.47 -57.29
N LEU G 90 -5.94 -66.36 -58.26
CA LEU G 90 -6.18 -65.98 -59.66
C LEU G 90 -7.51 -65.21 -59.77
N LYS G 91 -8.57 -65.73 -59.15
CA LYS G 91 -9.90 -65.12 -59.18
C LYS G 91 -9.85 -63.70 -58.61
N GLU G 92 -9.26 -63.56 -57.46
CA GLU G 92 -9.28 -62.28 -56.75
C GLU G 92 -8.37 -61.32 -57.50
N ALA G 93 -7.24 -61.73 -58.03
CA ALA G 93 -6.37 -60.83 -58.85
C ALA G 93 -7.11 -60.30 -60.05
N ARG G 94 -7.86 -61.17 -60.71
CA ARG G 94 -8.61 -60.73 -61.88
C ARG G 94 -9.69 -59.73 -61.48
N GLN G 95 -10.35 -59.96 -60.37
CA GLN G 95 -11.46 -59.04 -59.89
C GLN G 95 -10.88 -57.63 -59.68
N ARG G 96 -9.61 -57.59 -59.29
CA ARG G 96 -8.92 -56.32 -58.92
C ARG G 96 -8.05 -55.78 -60.04
N LYS G 97 -8.09 -56.44 -61.18
CA LYS G 97 -7.50 -56.00 -62.47
C LYS G 97 -6.00 -55.82 -62.24
N VAL G 98 -5.41 -56.83 -61.62
CA VAL G 98 -3.96 -56.82 -61.45
C VAL G 98 -3.38 -58.13 -61.95
N ARG G 99 -2.13 -58.06 -62.28
CA ARG G 99 -1.37 -59.24 -62.74
C ARG G 99 -0.51 -59.81 -61.64
N LEU G 100 0.00 -61.03 -61.86
CA LEU G 100 0.70 -61.78 -60.82
C LEU G 100 2.08 -62.23 -61.29
N VAL G 101 2.96 -62.26 -60.31
CA VAL G 101 4.23 -62.97 -60.39
C VAL G 101 4.23 -63.97 -59.25
N LEU G 102 4.22 -65.29 -59.60
CA LEU G 102 4.21 -66.30 -58.54
C LEU G 102 5.66 -66.63 -58.18
N LEU G 103 5.90 -66.78 -56.87
CA LEU G 103 7.26 -67.08 -56.38
C LEU G 103 7.26 -68.52 -55.86
N TRP G 104 7.92 -69.40 -56.63
CA TRP G 104 7.99 -70.83 -56.28
C TRP G 104 8.95 -71.05 -55.11
N PHE G 105 8.42 -71.17 -53.89
CA PHE G 105 9.22 -71.40 -52.68
C PHE G 105 9.33 -72.91 -52.49
N ALA G 106 10.50 -73.45 -52.75
CA ALA G 106 10.62 -74.93 -52.92
C ALA G 106 11.94 -75.42 -52.32
N THR G 107 12.85 -75.92 -53.13
CA THR G 107 14.15 -76.40 -52.68
C THR G 107 14.88 -75.34 -51.87
N TRP G 108 14.94 -74.11 -52.38
CA TRP G 108 15.50 -73.01 -51.59
C TRP G 108 14.50 -71.86 -51.41
N LYS G 109 14.50 -71.41 -50.18
CA LYS G 109 13.89 -70.10 -49.80
C LYS G 109 14.92 -69.52 -48.79
N ASN G 110 15.61 -68.46 -49.22
CA ASN G 110 16.69 -67.86 -48.40
C ASN G 110 17.65 -68.95 -47.91
N ASN G 111 18.07 -69.76 -48.90
CA ASN G 111 19.11 -70.79 -48.72
C ASN G 111 18.53 -72.11 -48.16
N ALA G 112 17.34 -72.15 -47.62
CA ALA G 112 16.81 -73.23 -46.74
C ALA G 112 15.55 -73.87 -47.31
N PRO G 113 15.25 -75.08 -46.79
CA PRO G 113 14.10 -75.84 -47.30
C PRO G 113 12.82 -75.77 -46.51
N HIS G 114 12.65 -74.63 -45.78
CA HIS G 114 11.51 -74.48 -44.87
C HIS G 114 10.15 -74.55 -45.58
N TYR G 115 10.09 -74.16 -46.84
CA TYR G 115 8.81 -74.18 -47.59
C TYR G 115 8.64 -75.48 -48.42
N ALA G 116 9.58 -76.37 -48.31
CA ALA G 116 9.37 -77.72 -48.89
C ALA G 116 8.45 -78.48 -47.97
N PRO G 117 7.71 -79.47 -48.47
CA PRO G 117 6.83 -80.25 -47.66
C PRO G 117 7.56 -80.95 -46.51
N ALA G 118 6.83 -81.37 -45.48
CA ALA G 118 7.50 -82.07 -44.36
C ALA G 118 8.14 -83.39 -44.84
N TRP G 119 7.55 -84.07 -45.81
CA TRP G 119 8.11 -85.35 -46.34
C TRP G 119 9.37 -85.12 -47.17
N VAL G 120 9.66 -83.86 -47.56
CA VAL G 120 10.95 -83.47 -48.12
C VAL G 120 11.90 -83.03 -47.01
N LYS G 121 11.55 -81.94 -46.32
CA LYS G 121 12.57 -81.30 -45.43
C LYS G 121 12.93 -82.15 -44.22
N LEU G 122 12.11 -83.12 -43.83
CA LEU G 122 12.48 -83.98 -42.69
C LEU G 122 13.10 -85.28 -43.15
N ASP G 123 13.38 -85.45 -44.45
CA ASP G 123 13.96 -86.76 -44.93
C ASP G 123 15.32 -86.50 -45.62
N ASN G 124 16.35 -86.36 -44.80
CA ASN G 124 17.69 -86.02 -45.28
C ASN G 124 18.31 -87.16 -46.09
N ALA G 125 18.00 -88.42 -45.73
CA ALA G 125 18.58 -89.51 -46.55
C ALA G 125 18.12 -89.39 -48.01
N ARG G 126 16.86 -89.11 -48.24
CA ARG G 126 16.30 -89.01 -49.59
C ARG G 126 16.70 -87.68 -50.24
N PHE G 127 16.67 -86.61 -49.43
CA PHE G 127 16.86 -85.24 -49.94
C PHE G 127 17.96 -84.56 -49.12
N PRO G 128 19.21 -84.75 -49.54
CA PRO G 128 20.33 -84.41 -48.68
C PRO G 128 20.71 -82.94 -48.65
N ARG G 129 21.20 -82.60 -47.43
CA ARG G 129 21.77 -81.28 -47.16
C ARG G 129 23.22 -81.20 -47.51
N VAL G 130 23.62 -79.96 -47.76
CA VAL G 130 25.01 -79.52 -47.82
C VAL G 130 25.74 -79.96 -46.56
N VAL G 131 26.91 -80.55 -46.77
CA VAL G 131 27.81 -80.96 -45.67
C VAL G 131 29.02 -80.05 -45.73
N LYS G 132 29.38 -79.48 -44.58
CA LYS G 132 30.57 -78.61 -44.55
C LYS G 132 31.87 -79.44 -44.72
N GLU G 133 32.97 -78.74 -44.97
CA GLU G 133 34.32 -79.35 -45.06
C GLU G 133 34.60 -80.08 -43.72
N ASP G 134 34.07 -79.60 -42.59
CA ASP G 134 34.35 -80.17 -41.24
C ASP G 134 33.40 -81.32 -40.91
N GLY G 135 32.48 -81.61 -41.83
CA GLY G 135 31.59 -82.78 -41.70
C GLY G 135 30.26 -82.44 -41.04
N ASP G 136 30.12 -81.23 -40.47
CA ASP G 136 28.81 -80.81 -39.92
C ASP G 136 27.85 -80.49 -41.10
N THR G 137 26.54 -80.58 -40.83
CA THR G 137 25.49 -80.43 -41.84
C THR G 137 24.82 -79.05 -41.72
N LEU G 138 24.59 -78.39 -42.84
CA LEU G 138 23.81 -77.12 -42.85
C LEU G 138 22.39 -77.41 -43.33
N ASN G 139 21.45 -76.56 -42.92
CA ASN G 139 20.04 -76.66 -43.35
C ASN G 139 19.85 -75.96 -44.68
N SER G 140 20.43 -76.54 -45.74
CA SER G 140 20.50 -76.05 -47.10
C SER G 140 20.60 -77.27 -48.02
N LEU G 141 19.58 -77.47 -48.83
CA LEU G 141 19.58 -78.74 -49.62
C LEU G 141 20.69 -78.68 -50.67
N SER G 142 21.36 -79.83 -50.88
CA SER G 142 22.45 -79.92 -51.87
C SER G 142 21.86 -79.89 -53.28
N PRO G 143 22.42 -79.10 -54.21
CA PRO G 143 21.96 -79.08 -55.59
C PRO G 143 22.31 -80.37 -56.31
N LEU G 144 23.12 -81.23 -55.68
CA LEU G 144 23.49 -82.52 -56.32
C LEU G 144 22.57 -83.65 -55.85
N GLY G 145 21.57 -83.37 -55.04
CA GLY G 145 20.53 -84.33 -54.66
C GLY G 145 19.61 -84.62 -55.82
N GLN G 146 19.79 -85.77 -56.49
CA GLN G 146 18.97 -86.06 -57.68
C GLN G 146 17.49 -86.31 -57.30
N ASN G 147 17.20 -86.86 -56.15
CA ASN G 147 15.79 -87.07 -55.76
C ASN G 147 15.12 -85.72 -55.52
N THR G 148 15.87 -84.80 -54.92
CA THR G 148 15.33 -83.43 -54.65
C THR G 148 14.92 -82.76 -55.96
N LEU G 149 15.84 -82.80 -56.92
CA LEU G 149 15.61 -82.18 -58.26
C LEU G 149 14.37 -82.79 -58.87
N ALA G 150 14.30 -84.13 -58.88
CA ALA G 150 13.14 -84.76 -59.53
C ALA G 150 11.83 -84.39 -58.83
N ALA G 151 11.81 -84.35 -57.49
CA ALA G 151 10.59 -84.03 -56.73
C ALA G 151 10.21 -82.54 -56.94
N ASP G 152 11.18 -81.64 -56.90
CA ASP G 152 10.87 -80.18 -57.12
C ASP G 152 10.31 -79.97 -58.54
N LYS G 153 10.98 -80.58 -59.50
CA LYS G 153 10.59 -80.50 -60.91
C LYS G 153 9.14 -81.02 -61.00
N LYS G 154 8.86 -82.19 -60.41
CA LYS G 154 7.52 -82.80 -60.57
C LYS G 154 6.44 -81.81 -60.10
N ALA G 155 6.66 -81.26 -58.90
CA ALA G 155 5.64 -80.36 -58.30
C ALA G 155 5.54 -79.09 -59.14
N PHE G 156 6.66 -78.54 -59.57
CA PHE G 156 6.66 -77.33 -60.43
C PHE G 156 5.86 -77.54 -61.70
N VAL G 157 6.04 -78.74 -62.31
CA VAL G 157 5.29 -79.07 -63.52
C VAL G 157 3.79 -79.06 -63.20
N GLU G 158 3.38 -79.63 -62.07
CA GLU G 158 1.96 -79.67 -61.68
C GLU G 158 1.44 -78.22 -61.54
N LEU G 159 2.22 -77.36 -60.97
CA LEU G 159 1.80 -75.92 -60.85
C LEU G 159 1.62 -75.33 -62.25
N MET G 160 2.57 -75.55 -63.13
CA MET G 160 2.51 -75.00 -64.51
C MET G 160 1.32 -75.63 -65.25
N LYS G 161 1.07 -76.91 -65.06
CA LYS G 161 -0.14 -77.54 -65.64
C LYS G 161 -1.40 -76.84 -65.17
N TYR G 162 -1.46 -76.49 -63.88
CA TYR G 162 -2.66 -75.79 -63.35
C TYR G 162 -2.78 -74.44 -64.09
N LEU G 163 -1.69 -73.70 -64.27
CA LEU G 163 -1.79 -72.41 -64.99
C LEU G 163 -2.15 -72.59 -66.47
N ALA G 164 -1.67 -73.68 -67.05
CA ALA G 164 -1.97 -73.95 -68.48
C ALA G 164 -3.47 -74.16 -68.64
N LYS G 165 -4.13 -74.82 -67.68
CA LYS G 165 -5.57 -75.11 -67.82
C LYS G 165 -6.45 -74.02 -67.26
N ARG G 166 -5.96 -73.22 -66.30
CA ARG G 166 -6.83 -72.32 -65.55
C ARG G 166 -6.43 -70.85 -65.75
N ASP G 167 -5.43 -70.52 -66.53
CA ASP G 167 -5.02 -69.10 -66.68
C ASP G 167 -4.74 -68.75 -68.13
N LYS G 168 -5.68 -68.99 -69.05
N LYS G 168 -5.77 -68.97 -68.97
CA LYS G 168 -5.33 -68.78 -70.49
CA LYS G 168 -5.73 -68.76 -70.45
C LYS G 168 -5.39 -67.30 -70.93
C LYS G 168 -5.27 -67.35 -70.83
N ASP G 169 -5.68 -66.34 -70.03
CA ASP G 169 -5.47 -64.89 -70.31
C ASP G 169 -4.16 -64.46 -69.63
N HIS G 170 -3.43 -65.35 -68.97
CA HIS G 170 -2.09 -65.04 -68.43
C HIS G 170 -2.16 -63.94 -67.35
N THR G 171 -3.07 -64.12 -66.44
CA THR G 171 -3.08 -63.31 -65.22
C THR G 171 -1.66 -63.36 -64.62
N VAL G 172 -1.11 -64.57 -64.51
CA VAL G 172 0.30 -64.82 -64.15
C VAL G 172 1.17 -64.49 -65.32
N ILE G 173 2.06 -63.53 -65.20
CA ILE G 173 2.89 -63.07 -66.31
C ILE G 173 4.33 -63.57 -66.20
N MET G 174 4.74 -64.01 -65.04
CA MET G 174 6.14 -64.45 -64.84
C MET G 174 6.15 -65.30 -63.55
N VAL G 175 7.11 -66.23 -63.48
CA VAL G 175 7.32 -67.07 -62.28
C VAL G 175 8.78 -66.96 -61.86
N GLN G 176 8.95 -66.79 -60.55
CA GLN G 176 10.28 -66.84 -59.91
C GLN G 176 10.52 -68.33 -59.53
N VAL G 177 11.65 -68.88 -59.95
CA VAL G 177 11.99 -70.28 -59.64
C VAL G 177 12.90 -70.26 -58.40
N GLN G 178 12.41 -70.78 -57.27
CA GLN G 178 13.06 -70.74 -55.95
C GLN G 178 13.04 -69.26 -55.45
N ASN G 179 13.59 -69.09 -54.26
CA ASN G 179 13.77 -67.75 -53.71
C ASN G 179 15.15 -67.69 -53.04
N GLU G 180 16.00 -66.88 -53.59
CA GLU G 180 17.36 -66.62 -53.02
C GLU G 180 18.01 -67.98 -52.70
N VAL G 181 18.39 -68.63 -53.79
CA VAL G 181 19.16 -69.89 -53.64
C VAL G 181 20.56 -69.60 -53.13
N GLY G 182 21.19 -70.67 -52.70
CA GLY G 182 22.55 -70.65 -52.21
C GLY G 182 22.68 -71.31 -50.86
N THR G 183 23.83 -71.06 -50.24
CA THR G 183 24.10 -71.54 -48.87
C THR G 183 24.86 -70.47 -48.05
N TYR G 184 24.31 -70.26 -46.87
CA TYR G 184 25.04 -69.59 -45.77
C TYR G 184 25.83 -70.60 -44.96
N GLY G 185 27.06 -70.25 -44.62
CA GLY G 185 27.89 -71.01 -43.65
C GLY G 185 28.87 -72.00 -44.27
N ALA G 186 28.86 -72.12 -45.59
CA ALA G 186 29.78 -72.96 -46.37
C ALA G 186 29.75 -72.45 -47.81
N VAL G 187 30.82 -72.71 -48.57
CA VAL G 187 30.98 -72.23 -49.96
C VAL G 187 30.22 -73.20 -50.90
N ARG G 188 30.20 -74.51 -50.56
CA ARG G 188 29.60 -75.54 -51.42
C ARG G 188 29.27 -76.75 -50.56
N ASP G 189 28.71 -77.75 -51.23
CA ASP G 189 28.58 -79.08 -50.63
C ASP G 189 29.94 -79.80 -50.70
N TYR G 190 30.38 -80.29 -49.52
CA TYR G 190 31.61 -81.10 -49.42
C TYR G 190 31.31 -82.58 -49.18
N SER G 191 30.06 -82.95 -49.24
CA SER G 191 29.65 -84.36 -49.05
C SER G 191 30.47 -85.22 -50.02
N PRO G 192 30.64 -86.52 -49.71
CA PRO G 192 31.22 -87.41 -50.71
C PRO G 192 30.57 -87.38 -52.08
N MET G 193 29.25 -87.31 -52.15
CA MET G 193 28.58 -87.27 -53.47
C MET G 193 29.06 -86.01 -54.18
N ALA G 194 29.12 -84.87 -53.48
CA ALA G 194 29.50 -83.63 -54.17
C ALA G 194 30.99 -83.63 -54.53
N GLN G 195 31.82 -84.17 -53.66
CA GLN G 195 33.28 -84.16 -53.90
C GLN G 195 33.62 -84.97 -55.16
N ALA G 196 32.87 -86.04 -55.40
CA ALA G 196 33.16 -86.89 -56.58
C ALA G 196 32.97 -86.04 -57.85
N VAL G 197 31.98 -85.17 -57.83
CA VAL G 197 31.61 -84.35 -59.01
C VAL G 197 32.66 -83.25 -59.12
N PHE G 198 33.00 -82.62 -57.98
CA PHE G 198 34.07 -81.62 -57.90
C PHE G 198 35.43 -82.12 -58.45
N ASN G 199 35.76 -83.36 -58.15
CA ASN G 199 37.01 -84.04 -58.51
C ASN G 199 37.02 -84.40 -60.00
N ALA G 200 35.85 -84.38 -60.64
CA ALA G 200 35.66 -84.77 -62.05
C ALA G 200 35.93 -83.59 -62.98
N ALA G 201 35.95 -83.88 -64.29
CA ALA G 201 36.03 -82.83 -65.34
C ALA G 201 34.93 -81.79 -65.16
N VAL G 202 35.28 -80.54 -65.40
CA VAL G 202 34.26 -79.51 -65.63
C VAL G 202 33.53 -79.91 -66.90
N PRO G 203 32.16 -79.90 -66.88
CA PRO G 203 31.43 -80.21 -68.11
C PRO G 203 31.93 -79.36 -69.31
N ASP G 204 32.03 -79.95 -70.51
N ASP G 204 31.96 -80.04 -70.47
CA ASP G 204 32.65 -79.23 -71.67
CA ASP G 204 32.42 -79.54 -71.79
C ASP G 204 31.73 -78.09 -72.16
C ASP G 204 31.72 -78.20 -72.10
N ASP G 205 30.40 -78.16 -71.96
CA ASP G 205 29.56 -76.99 -72.35
C ASP G 205 30.06 -75.72 -71.63
N LEU G 206 30.39 -75.82 -70.35
CA LEU G 206 30.81 -74.63 -69.54
C LEU G 206 32.20 -74.19 -70.01
N ILE G 207 33.09 -75.16 -70.21
CA ILE G 207 34.48 -74.89 -70.71
C ILE G 207 34.39 -74.14 -72.05
N GLN G 208 33.56 -74.59 -72.99
CA GLN G 208 33.46 -74.03 -74.37
C GLN G 208 32.87 -72.61 -74.27
N LYS G 209 31.84 -72.43 -73.43
CA LYS G 209 31.10 -71.13 -73.37
C LYS G 209 31.99 -70.05 -72.75
N LEU G 210 32.88 -70.43 -71.87
CA LEU G 210 33.81 -69.47 -71.22
C LEU G 210 35.16 -69.39 -71.94
N GLN G 211 35.37 -70.12 -73.05
CA GLN G 211 36.69 -70.19 -73.77
C GLN G 211 37.82 -70.61 -72.81
N LEU G 212 37.65 -71.63 -71.97
CA LEU G 212 38.65 -72.08 -70.97
C LEU G 212 39.35 -73.37 -71.45
N LYS G 213 40.44 -73.75 -70.76
CA LYS G 213 41.21 -75.02 -70.95
C LYS G 213 40.50 -76.11 -70.16
N PRO G 214 40.24 -77.30 -70.75
CA PRO G 214 39.61 -78.36 -70.01
C PRO G 214 40.41 -78.71 -68.75
N GLY G 215 39.72 -79.27 -67.78
CA GLY G 215 40.33 -79.74 -66.52
C GLY G 215 39.27 -80.03 -65.50
N THR G 216 39.69 -80.42 -64.31
CA THR G 216 38.77 -80.58 -63.15
C THR G 216 38.48 -79.18 -62.57
N TRP G 217 37.51 -79.08 -61.67
CA TRP G 217 37.10 -77.80 -61.10
C TRP G 217 38.33 -77.08 -60.54
N SER G 218 39.12 -77.77 -59.78
CA SER G 218 40.27 -77.10 -59.07
C SER G 218 41.26 -76.59 -60.13
N GLN G 219 41.52 -77.39 -61.16
CA GLN G 219 42.49 -77.02 -62.22
C GLN G 219 42.01 -75.79 -62.98
N VAL G 220 40.73 -75.77 -63.34
CA VAL G 220 40.19 -74.72 -64.25
C VAL G 220 40.01 -73.41 -63.45
N PHE G 221 39.50 -73.49 -62.22
CA PHE G 221 38.96 -72.30 -61.51
C PHE G 221 39.84 -71.89 -60.33
N GLY G 222 40.76 -72.71 -59.88
CA GLY G 222 41.70 -72.32 -58.81
C GLY G 222 41.00 -71.83 -57.55
N ARG G 223 41.32 -70.61 -57.13
CA ARG G 223 40.76 -70.04 -55.87
C ARG G 223 39.24 -69.91 -55.94
N ASP G 224 38.63 -69.87 -57.13
CA ASP G 224 37.17 -69.73 -57.30
C ASP G 224 36.48 -71.08 -57.44
N ALA G 225 37.19 -72.22 -57.32
CA ALA G 225 36.60 -73.52 -57.69
C ALA G 225 35.40 -73.82 -56.81
N ASP G 226 35.54 -73.66 -55.50
CA ASP G 226 34.44 -74.08 -54.60
C ASP G 226 33.18 -73.26 -54.89
N GLU G 227 33.28 -71.94 -55.03
CA GLU G 227 32.10 -71.06 -55.20
C GLU G 227 31.53 -71.25 -56.60
N PHE G 228 32.41 -71.31 -57.63
CA PHE G 228 31.88 -71.46 -59.00
C PHE G 228 31.18 -72.83 -59.16
N PHE G 229 31.70 -73.85 -58.52
CA PHE G 229 31.08 -75.19 -58.51
C PHE G 229 29.69 -75.13 -57.92
N HIS G 230 29.53 -74.43 -56.77
CA HIS G 230 28.18 -74.36 -56.12
C HIS G 230 27.25 -73.59 -57.05
N ALA G 231 27.72 -72.43 -57.55
CA ALA G 231 26.90 -71.63 -58.50
C ALA G 231 26.48 -72.48 -59.68
N TYR G 232 27.43 -73.20 -60.25
CA TYR G 232 27.12 -73.97 -61.49
C TYR G 232 26.08 -75.04 -61.14
N GLN G 233 26.31 -75.80 -60.06
CA GLN G 233 25.37 -76.88 -59.70
C GLN G 233 23.97 -76.35 -59.41
N ILE G 234 23.88 -75.25 -58.67
CA ILE G 234 22.55 -74.63 -58.43
C ILE G 234 21.92 -74.11 -59.72
N ALA G 235 22.68 -73.44 -60.54
CA ALA G 235 22.18 -72.94 -61.83
C ALA G 235 21.61 -74.12 -62.66
N ARG G 236 22.36 -75.20 -62.76
CA ARG G 236 21.83 -76.36 -63.53
C ARG G 236 20.52 -76.86 -62.94
N TYR G 237 20.42 -76.97 -61.62
CA TYR G 237 19.20 -77.39 -60.89
C TYR G 237 18.05 -76.49 -61.30
N CYS G 238 18.28 -75.18 -61.15
CA CYS G 238 17.21 -74.22 -61.44
C CYS G 238 16.84 -74.22 -62.92
N ASP G 239 17.82 -74.43 -63.80
CA ASP G 239 17.59 -74.44 -65.25
C ASP G 239 16.72 -75.67 -65.58
N GLU G 240 17.00 -76.81 -64.98
CA GLU G 240 16.22 -78.04 -65.28
C GLU G 240 14.78 -77.92 -64.76
N VAL G 241 14.58 -77.28 -63.58
CA VAL G 241 13.20 -77.02 -63.10
C VAL G 241 12.48 -76.07 -64.12
N THR G 242 13.17 -75.00 -64.50
CA THR G 242 12.66 -74.00 -65.45
C THR G 242 12.23 -74.65 -66.78
N VAL G 243 13.10 -75.51 -67.36
CA VAL G 243 12.84 -76.12 -68.70
C VAL G 243 11.57 -76.93 -68.57
N ALA G 244 11.48 -77.70 -67.47
CA ALA G 244 10.34 -78.62 -67.26
C ALA G 244 9.04 -77.88 -67.19
N GLY G 245 9.06 -76.76 -66.48
CA GLY G 245 7.80 -76.01 -66.36
C GLY G 245 7.49 -75.26 -67.66
N LYS G 246 8.49 -74.65 -68.31
CA LYS G 246 8.27 -73.98 -69.61
C LYS G 246 7.70 -74.95 -70.66
N ALA G 247 8.02 -76.24 -70.55
CA ALA G 247 7.56 -77.21 -71.54
C ALA G 247 6.01 -77.33 -71.41
N ILE G 248 5.50 -77.00 -70.23
CA ILE G 248 4.04 -77.02 -69.97
C ILE G 248 3.45 -75.67 -70.42
N LYS G 249 3.97 -74.57 -69.88
CA LYS G 249 3.56 -73.24 -70.33
C LYS G 249 4.78 -72.33 -70.31
N ASN G 250 5.08 -71.74 -71.43
CA ASN G 250 6.39 -71.04 -71.65
C ASN G 250 6.31 -69.58 -71.15
N LEU G 251 6.01 -69.43 -69.84
CA LEU G 251 6.07 -68.07 -69.25
C LEU G 251 7.53 -67.69 -69.04
N PRO G 252 7.84 -66.37 -69.00
CA PRO G 252 9.10 -65.91 -68.48
C PRO G 252 9.32 -66.44 -67.06
N MET G 253 10.59 -66.75 -66.75
CA MET G 253 10.98 -67.28 -65.46
C MET G 253 12.31 -66.69 -65.07
N TYR G 254 12.47 -66.49 -63.76
CA TYR G 254 13.69 -65.78 -63.29
C TYR G 254 14.08 -66.29 -61.89
N VAL G 255 15.32 -65.92 -61.56
CA VAL G 255 15.82 -66.13 -60.17
C VAL G 255 16.21 -64.79 -59.53
N ASN G 256 16.02 -64.78 -58.21
CA ASN G 256 16.31 -63.56 -57.43
C ASN G 256 17.49 -63.77 -56.50
N VAL G 257 18.28 -62.75 -56.36
CA VAL G 257 19.60 -62.87 -55.73
C VAL G 257 19.64 -62.22 -54.33
N ALA G 258 20.05 -63.00 -53.37
CA ALA G 258 20.52 -62.51 -52.10
C ALA G 258 21.87 -61.84 -52.32
N LEU G 259 21.88 -60.53 -52.52
CA LEU G 259 23.07 -59.79 -53.03
C LEU G 259 24.20 -59.83 -52.01
N ARG G 260 25.40 -59.94 -52.50
CA ARG G 260 26.59 -59.59 -51.71
C ARG G 260 26.83 -58.09 -51.89
N ASN G 261 27.44 -57.48 -50.91
CA ASN G 261 27.81 -56.06 -51.04
C ASN G 261 28.78 -55.96 -52.22
N PRO G 262 28.51 -55.09 -53.23
CA PRO G 262 29.35 -55.03 -54.41
C PRO G 262 30.74 -54.40 -54.22
N PHE G 263 30.89 -53.63 -53.15
CA PHE G 263 32.15 -52.96 -52.83
C PHE G 263 32.98 -53.72 -51.80
N ASN G 264 32.34 -54.45 -50.89
CA ASN G 264 33.03 -55.12 -49.75
C ASN G 264 32.22 -56.37 -49.41
N PRO G 265 32.26 -57.40 -50.30
CA PRO G 265 31.33 -58.50 -50.17
C PRO G 265 31.54 -59.46 -49.01
N GLY G 266 32.77 -59.55 -48.53
CA GLY G 266 33.19 -60.65 -47.67
C GLY G 266 33.33 -61.95 -48.49
N LEU G 267 33.28 -63.04 -47.74
CA LEU G 267 33.55 -64.39 -48.30
C LEU G 267 32.24 -65.04 -48.66
N PRO G 268 32.26 -65.89 -49.71
CA PRO G 268 31.12 -66.76 -49.96
C PRO G 268 30.87 -67.65 -48.72
N GLY G 269 29.60 -67.76 -48.33
CA GLY G 269 29.14 -68.39 -47.09
C GLY G 269 28.83 -67.36 -46.00
N GLN G 270 29.54 -66.25 -46.05
CA GLN G 270 29.08 -65.06 -45.25
C GLN G 270 27.89 -64.42 -46.01
N TYR G 271 28.07 -64.17 -47.29
CA TYR G 271 26.94 -63.96 -48.20
C TYR G 271 26.50 -65.34 -48.72
N SER G 272 25.35 -65.40 -49.37
CA SER G 272 24.74 -66.66 -49.82
C SER G 272 25.48 -67.21 -51.04
N SER G 273 26.38 -68.16 -50.78
CA SER G 273 27.24 -68.74 -51.81
C SER G 273 26.41 -69.50 -52.86
N GLY G 274 26.73 -69.21 -54.12
CA GLY G 274 26.13 -69.99 -55.21
C GLY G 274 24.90 -69.37 -55.85
N GLY G 275 24.31 -68.36 -55.22
CA GLY G 275 23.32 -67.57 -55.93
C GLY G 275 23.99 -66.73 -57.00
N GLY G 276 23.18 -65.94 -57.73
CA GLY G 276 23.64 -65.14 -58.88
C GLY G 276 24.30 -63.81 -58.45
N THR G 277 25.26 -63.90 -57.54
CA THR G 277 26.06 -62.77 -57.09
C THR G 277 26.90 -62.27 -58.23
N ASP G 278 27.37 -61.00 -58.14
CA ASP G 278 27.91 -60.29 -59.30
C ASP G 278 29.15 -61.00 -59.87
N ASN G 279 29.88 -61.75 -59.04
CA ASN G 279 31.13 -62.46 -59.43
C ASN G 279 30.83 -63.81 -60.14
N VAL G 280 29.58 -64.29 -60.14
CA VAL G 280 29.25 -65.59 -60.79
C VAL G 280 28.16 -65.41 -61.83
N LEU G 281 27.87 -64.19 -62.26
CA LEU G 281 26.82 -64.02 -63.29
C LEU G 281 27.25 -64.76 -64.56
N HIS G 282 28.54 -64.78 -64.86
CA HIS G 282 29.07 -65.41 -66.10
C HIS G 282 28.80 -66.93 -65.97
N ILE G 283 28.96 -67.46 -64.78
CA ILE G 283 28.70 -68.92 -64.54
C ILE G 283 27.21 -69.20 -64.75
N TRP G 284 26.35 -68.45 -64.08
CA TRP G 284 24.89 -68.61 -64.19
C TRP G 284 24.41 -68.44 -65.65
N LYS G 285 24.95 -67.47 -66.38
CA LYS G 285 24.49 -67.25 -67.76
C LYS G 285 24.90 -68.43 -68.67
N ALA G 286 26.08 -69.01 -68.44
CA ALA G 286 26.55 -70.15 -69.27
C ALA G 286 25.75 -71.40 -68.87
N ALA G 287 25.50 -71.57 -67.57
CA ALA G 287 24.91 -72.82 -67.01
C ALA G 287 23.42 -72.91 -67.22
N ALA G 288 22.71 -71.76 -67.23
CA ALA G 288 21.24 -71.75 -67.18
C ALA G 288 20.69 -70.87 -68.30
N PRO G 289 20.83 -71.33 -69.57
CA PRO G 289 20.36 -70.53 -70.68
C PRO G 289 18.82 -70.44 -70.76
N ASN G 290 18.12 -71.25 -70.02
CA ASN G 290 16.65 -71.21 -70.08
C ASN G 290 16.05 -70.22 -69.08
N ILE G 291 16.83 -69.79 -68.11
CA ILE G 291 16.33 -68.78 -67.16
C ILE G 291 16.41 -67.43 -67.88
N ASP G 292 15.32 -66.66 -67.78
CA ASP G 292 15.24 -65.43 -68.60
C ASP G 292 16.12 -64.28 -68.02
N LEU G 293 16.15 -64.13 -66.70
CA LEU G 293 16.97 -63.04 -66.12
C LEU G 293 17.29 -63.41 -64.68
N ILE G 294 18.30 -62.71 -64.17
CA ILE G 294 18.77 -62.81 -62.78
C ILE G 294 18.48 -61.45 -62.10
N ALA G 295 17.69 -61.48 -61.06
CA ALA G 295 17.11 -60.24 -60.49
C ALA G 295 17.72 -59.91 -59.16
N PRO G 296 18.13 -58.64 -58.95
CA PRO G 296 18.62 -58.31 -57.63
C PRO G 296 17.55 -57.96 -56.59
N ASP G 297 17.81 -58.42 -55.37
CA ASP G 297 16.95 -58.12 -54.20
C ASP G 297 17.68 -57.07 -53.38
N ILE G 298 17.15 -55.82 -53.45
CA ILE G 298 17.92 -54.65 -52.97
C ILE G 298 17.45 -54.16 -51.60
N TYR G 299 18.32 -54.28 -50.62
CA TYR G 299 18.03 -53.78 -49.26
C TYR G 299 19.13 -52.82 -48.82
N PHE G 300 20.10 -52.53 -49.63
CA PHE G 300 21.10 -51.46 -49.35
C PHE G 300 20.35 -50.13 -49.49
N ARG G 301 20.47 -49.26 -48.53
CA ARG G 301 19.67 -48.01 -48.54
C ARG G 301 20.35 -46.88 -49.29
N ASP G 302 21.66 -46.94 -49.32
CA ASP G 302 22.46 -45.77 -49.76
C ASP G 302 22.59 -45.72 -51.27
N TYR G 303 22.48 -44.54 -51.82
CA TYR G 303 22.53 -44.28 -53.26
C TYR G 303 23.73 -44.97 -53.90
N LYS G 304 24.96 -44.81 -53.41
CA LYS G 304 26.16 -45.28 -54.14
C LYS G 304 26.05 -46.81 -54.30
N THR G 305 25.66 -47.53 -53.26
CA THR G 305 25.59 -49.02 -53.31
C THR G 305 24.44 -49.47 -54.21
N VAL G 306 23.27 -48.88 -54.07
CA VAL G 306 22.12 -49.18 -54.91
C VAL G 306 22.49 -48.93 -56.36
N SER G 307 23.11 -47.80 -56.68
CA SER G 307 23.47 -47.45 -58.05
C SER G 307 24.41 -48.52 -58.63
N LYS G 308 25.39 -48.98 -57.85
CA LYS G 308 26.38 -49.99 -58.25
C LYS G 308 25.60 -51.29 -58.55
N VAL G 309 24.65 -51.67 -57.73
CA VAL G 309 23.89 -52.92 -57.99
C VAL G 309 23.17 -52.78 -59.31
N LEU G 310 22.51 -51.69 -59.56
CA LEU G 310 21.76 -51.45 -60.82
C LEU G 310 22.71 -51.56 -62.00
N GLU G 311 23.93 -51.06 -61.87
CA GLU G 311 24.94 -51.11 -62.94
C GLU G 311 25.31 -52.58 -63.20
N LEU G 312 25.52 -53.31 -62.16
CA LEU G 312 26.07 -54.70 -62.29
C LEU G 312 25.00 -55.61 -62.83
N TYR G 313 23.72 -55.41 -62.56
CA TYR G 313 22.64 -56.33 -62.98
C TYR G 313 22.02 -55.92 -64.29
N THR G 314 22.36 -54.78 -64.86
CA THR G 314 21.81 -54.36 -66.17
C THR G 314 22.89 -54.63 -67.19
N ARG G 315 22.68 -55.65 -68.02
CA ARG G 315 23.70 -56.16 -68.94
C ARG G 315 23.04 -56.42 -70.29
N PRO G 316 23.85 -56.48 -71.38
CA PRO G 316 23.33 -56.89 -72.70
C PRO G 316 22.65 -58.26 -72.61
N ASP G 317 23.16 -59.12 -71.70
CA ASP G 317 22.55 -60.48 -71.51
C ASP G 317 21.59 -60.57 -70.31
N ASN G 318 21.18 -59.46 -69.67
CA ASN G 318 20.35 -59.50 -68.45
C ASN G 318 19.45 -58.27 -68.35
N ALA G 319 18.18 -58.47 -68.55
CA ALA G 319 17.14 -57.47 -68.28
C ALA G 319 17.20 -57.16 -66.80
N LEU G 320 17.02 -55.89 -66.50
CA LEU G 320 16.97 -55.47 -65.09
C LEU G 320 15.53 -55.60 -64.57
N PHE G 321 15.34 -56.31 -63.47
CA PHE G 321 14.08 -56.43 -62.74
C PHE G 321 14.44 -56.39 -61.26
N VAL G 322 13.99 -55.31 -60.57
CA VAL G 322 14.26 -55.14 -59.14
C VAL G 322 13.15 -55.96 -58.45
N ALA G 323 13.43 -57.25 -58.34
CA ALA G 323 12.43 -58.20 -57.86
C ALA G 323 11.95 -58.00 -56.43
N GLU G 324 12.88 -57.45 -55.65
CA GLU G 324 12.59 -57.03 -54.29
C GLU G 324 13.33 -55.72 -54.08
N ILE G 325 12.69 -54.85 -53.29
CA ILE G 325 13.45 -53.71 -52.68
C ILE G 325 12.77 -53.42 -51.35
N GLY G 326 13.55 -52.82 -50.47
CA GLY G 326 12.95 -52.44 -49.17
C GLY G 326 11.76 -51.48 -49.31
N ASN G 327 10.92 -51.46 -48.31
CA ASN G 327 9.67 -50.67 -48.36
C ASN G 327 9.79 -49.37 -47.52
N ASP G 328 10.94 -49.09 -46.97
CA ASP G 328 11.13 -47.81 -46.23
C ASP G 328 11.20 -46.69 -47.26
N GLN G 329 10.96 -45.45 -46.77
CA GLN G 329 10.87 -44.28 -47.64
C GLN G 329 12.07 -44.12 -48.57
N PRO G 330 13.35 -44.36 -48.14
CA PRO G 330 14.47 -44.03 -49.03
C PRO G 330 14.46 -44.79 -50.37
N PHE G 331 13.79 -45.95 -50.35
CA PHE G 331 13.89 -46.85 -51.51
C PHE G 331 13.03 -46.41 -52.68
N ALA G 332 12.00 -45.59 -52.44
CA ALA G 332 11.00 -45.26 -53.46
C ALA G 332 11.69 -44.60 -54.67
N ARG G 333 12.63 -43.70 -54.42
CA ARG G 333 13.23 -42.93 -55.51
C ARG G 333 14.06 -43.79 -56.47
N TYR G 334 14.38 -45.02 -56.04
CA TYR G 334 15.16 -45.92 -56.91
C TYR G 334 14.32 -46.47 -58.04
N LEU G 335 13.05 -46.23 -58.07
CA LEU G 335 12.28 -46.48 -59.30
C LEU G 335 12.87 -45.73 -60.47
N PHE G 336 13.27 -44.48 -60.26
CA PHE G 336 13.67 -43.65 -61.39
C PHE G 336 14.89 -44.21 -62.12
N PRO G 337 16.02 -44.46 -61.47
CA PRO G 337 17.17 -45.03 -62.17
C PRO G 337 16.88 -46.49 -62.61
N THR G 338 16.00 -47.20 -61.91
CA THR G 338 15.63 -48.57 -62.42
C THR G 338 15.04 -48.45 -63.81
N LEU G 339 14.05 -47.56 -63.97
CA LEU G 339 13.38 -47.38 -65.26
C LEU G 339 14.35 -46.75 -66.26
N GLY G 340 15.23 -45.85 -65.83
CA GLY G 340 16.16 -45.17 -66.71
C GLY G 340 17.19 -46.13 -67.33
N LYS G 341 17.47 -47.24 -66.64
N LYS G 341 17.51 -47.23 -66.62
CA LYS G 341 18.40 -48.27 -67.17
CA LYS G 341 18.37 -48.34 -67.10
C LYS G 341 17.64 -49.26 -68.04
C LYS G 341 17.68 -49.14 -68.19
N GLY G 342 16.37 -48.99 -68.36
CA GLY G 342 15.57 -49.89 -69.18
C GLY G 342 14.95 -50.98 -68.36
N GLY G 343 14.92 -50.84 -67.05
CA GLY G 343 14.37 -51.93 -66.24
C GLY G 343 12.94 -52.24 -66.63
N ILE G 344 12.55 -53.47 -66.43
CA ILE G 344 11.20 -53.98 -66.70
C ILE G 344 10.25 -53.98 -65.51
N GLY G 345 10.78 -53.72 -64.32
CA GLY G 345 9.94 -53.62 -63.15
C GLY G 345 10.68 -53.41 -61.83
N PHE G 346 9.85 -53.23 -60.85
CA PHE G 346 10.26 -52.77 -59.51
C PHE G 346 9.22 -53.23 -58.51
N SER G 347 9.64 -53.91 -57.44
CA SER G 347 8.71 -54.61 -56.54
C SER G 347 9.12 -54.45 -55.09
N PRO G 348 8.58 -53.42 -54.40
CA PRO G 348 8.81 -53.29 -52.99
C PRO G 348 8.27 -54.46 -52.19
N PHE G 349 9.04 -54.88 -51.21
CA PHE G 349 8.70 -56.02 -50.36
C PHE G 349 7.89 -55.66 -49.14
N GLY G 350 6.88 -56.44 -48.77
CA GLY G 350 6.16 -56.32 -47.51
C GLY G 350 5.01 -55.35 -47.61
N MET G 351 4.36 -55.23 -48.76
CA MET G 351 3.24 -54.33 -48.99
C MET G 351 1.91 -55.02 -48.60
N ASP G 352 1.74 -55.37 -47.32
CA ASP G 352 0.47 -55.91 -46.78
C ASP G 352 0.37 -55.56 -45.30
N ASP G 353 -0.80 -55.73 -44.78
CA ASP G 353 -1.18 -55.40 -43.37
C ASP G 353 -1.36 -56.67 -42.58
N THR G 354 -0.38 -57.59 -42.70
CA THR G 354 -0.47 -58.86 -41.94
C THR G 354 0.32 -58.86 -40.63
N ASP G 355 0.52 -57.69 -40.09
CA ASP G 355 1.09 -57.48 -38.74
C ASP G 355 2.52 -57.99 -38.72
N TYR G 356 3.31 -57.45 -39.64
CA TYR G 356 4.75 -57.78 -39.68
C TYR G 356 5.50 -56.60 -40.29
N THR G 357 6.63 -56.27 -39.71
N THR G 357 6.63 -56.28 -39.71
CA THR G 357 7.59 -55.29 -40.25
CA THR G 357 7.57 -55.30 -40.29
C THR G 357 8.94 -55.98 -40.30
C THR G 357 8.94 -55.98 -40.30
N ASN G 358 9.63 -55.86 -41.42
CA ASN G 358 10.98 -56.43 -41.55
C ASN G 358 12.09 -55.48 -41.21
N TYR G 359 11.75 -54.33 -40.63
CA TYR G 359 12.80 -53.49 -40.07
C TYR G 359 13.68 -54.39 -39.24
N PRO G 360 15.00 -54.26 -39.35
CA PRO G 360 15.73 -53.18 -40.07
C PRO G 360 15.85 -53.12 -41.61
N LEU G 361 15.44 -54.17 -42.35
CA LEU G 361 15.53 -54.14 -43.84
C LEU G 361 14.58 -53.11 -44.44
N GLY G 362 13.34 -53.02 -43.96
CA GLY G 362 12.31 -52.14 -44.51
C GLY G 362 11.87 -51.15 -43.46
N ALA G 363 10.64 -50.69 -43.60
CA ALA G 363 10.04 -49.66 -42.74
C ALA G 363 9.86 -50.20 -41.32
N LYS G 364 10.02 -49.29 -40.36
CA LYS G 364 9.77 -49.62 -38.94
C LYS G 364 8.26 -49.85 -38.68
N VAL G 365 7.41 -49.12 -39.42
CA VAL G 365 5.94 -49.15 -39.31
C VAL G 365 5.38 -49.46 -40.68
N TYR G 366 4.23 -50.09 -40.69
CA TYR G 366 3.43 -50.25 -41.93
C TYR G 366 2.08 -49.52 -41.79
N ASN G 367 1.98 -48.40 -42.52
CA ASN G 367 0.76 -47.59 -42.50
C ASN G 367 0.59 -46.91 -43.86
N ASP G 368 -0.44 -46.10 -43.94
CA ASP G 368 -0.81 -45.48 -45.22
C ASP G 368 0.35 -44.62 -45.74
N GLU G 369 1.13 -43.97 -44.84
N GLU G 369 1.08 -43.97 -44.80
CA GLU G 369 2.25 -43.11 -45.31
CA GLU G 369 2.26 -43.15 -45.11
C GLU G 369 3.42 -44.01 -45.80
C GLU G 369 3.31 -44.03 -45.82
N THR G 370 3.57 -45.25 -45.30
CA THR G 370 4.54 -46.20 -45.92
C THR G 370 4.18 -46.41 -47.38
N ILE G 371 2.88 -46.67 -47.60
CA ILE G 371 2.42 -46.99 -48.97
C ILE G 371 2.56 -45.75 -49.88
N GLU G 372 2.16 -44.58 -49.33
CA GLU G 372 2.11 -43.35 -50.10
C GLU G 372 3.45 -43.00 -50.73
N GLN G 373 4.55 -43.35 -50.09
CA GLN G 373 5.89 -43.01 -50.65
C GLN G 373 6.04 -43.64 -52.04
N PHE G 374 5.53 -44.87 -52.14
CA PHE G 374 5.56 -45.56 -53.46
C PHE G 374 4.40 -45.10 -54.34
N ALA G 375 3.21 -44.88 -53.76
CA ALA G 375 2.08 -44.46 -54.58
C ALA G 375 2.43 -43.17 -55.38
N GLN G 376 3.17 -42.25 -54.71
CA GLN G 376 3.49 -40.98 -55.34
C GLN G 376 4.38 -41.13 -56.58
N VAL G 377 5.33 -42.08 -56.57
CA VAL G 377 6.23 -42.25 -57.74
C VAL G 377 5.54 -43.16 -58.77
N TYR G 378 4.67 -44.09 -58.31
CA TYR G 378 3.94 -44.93 -59.30
C TYR G 378 3.01 -44.05 -60.15
N ARG G 379 2.45 -42.98 -59.53
CA ARG G 379 1.45 -42.11 -60.20
C ARG G 379 2.15 -41.35 -61.33
N LEU G 380 3.48 -41.24 -61.35
CA LEU G 380 4.21 -40.57 -62.48
C LEU G 380 4.28 -41.52 -63.71
N VAL G 381 4.28 -42.81 -63.39
CA VAL G 381 4.53 -43.81 -64.48
C VAL G 381 3.24 -44.48 -64.97
N ASN G 382 2.30 -44.78 -64.10
CA ASN G 382 1.02 -45.43 -64.49
C ASN G 382 0.42 -44.75 -65.71
N PRO G 383 0.29 -43.41 -65.77
CA PRO G 383 -0.45 -42.81 -66.86
C PRO G 383 0.23 -42.93 -68.22
N MET G 384 1.53 -43.29 -68.25
CA MET G 384 2.27 -43.45 -69.49
C MET G 384 2.86 -44.88 -69.55
N MET G 385 2.31 -45.85 -68.82
CA MET G 385 3.10 -47.09 -68.62
C MET G 385 3.45 -47.75 -69.96
N ARG G 386 2.48 -47.93 -70.83
CA ARG G 386 2.77 -48.65 -72.12
C ARG G 386 3.67 -47.81 -73.02
N GLU G 387 3.47 -46.48 -73.06
CA GLU G 387 4.33 -45.63 -73.91
C GLU G 387 5.78 -45.66 -73.42
N TRP G 388 5.95 -45.53 -72.08
CA TRP G 388 7.32 -45.56 -71.49
C TRP G 388 7.96 -46.91 -71.85
N ALA G 389 7.18 -47.97 -71.66
CA ALA G 389 7.77 -49.32 -71.86
C ALA G 389 8.30 -49.50 -73.28
N ARG G 390 7.54 -49.00 -74.25
N ARG G 390 7.52 -48.99 -74.24
CA ARG G 390 7.99 -49.11 -75.67
CA ARG G 390 7.87 -49.01 -75.68
C ARG G 390 9.22 -48.22 -75.89
C ARG G 390 9.17 -48.20 -75.90
N LEU G 391 9.19 -46.99 -75.36
CA LEU G 391 10.35 -46.07 -75.53
C LEU G 391 11.57 -46.69 -74.87
N SER G 392 11.41 -47.31 -73.71
N SER G 392 11.35 -47.38 -73.72
CA SER G 392 12.57 -47.91 -73.04
CA SER G 392 12.36 -48.06 -72.84
C SER G 392 13.19 -48.99 -73.94
C SER G 392 12.85 -49.41 -73.40
N TYR G 393 12.36 -49.82 -74.53
CA TYR G 393 12.88 -50.97 -75.32
C TYR G 393 13.48 -50.49 -76.63
N GLN G 394 12.71 -49.62 -77.30
CA GLN G 394 12.84 -49.32 -78.75
C GLN G 394 13.55 -48.00 -78.91
N GLY G 395 13.73 -47.23 -77.86
CA GLY G 395 14.34 -45.90 -78.01
C GLY G 395 15.23 -45.50 -76.85
N GLN G 396 15.22 -44.22 -76.51
CA GLN G 396 16.25 -43.77 -75.57
C GLN G 396 15.48 -43.26 -74.36
N VAL G 397 15.85 -43.76 -73.21
CA VAL G 397 15.33 -43.26 -71.92
C VAL G 397 16.50 -42.97 -71.00
N TRP G 398 16.16 -42.15 -70.01
CA TRP G 398 17.06 -41.77 -68.89
C TRP G 398 16.23 -41.69 -67.61
N GLY G 399 16.91 -41.92 -66.51
CA GLY G 399 16.30 -41.74 -65.19
C GLY G 399 17.31 -41.62 -64.10
N VAL G 400 17.03 -40.70 -63.17
CA VAL G 400 17.95 -40.38 -62.08
C VAL G 400 17.17 -40.24 -60.78
N ALA G 401 17.87 -40.51 -59.67
CA ALA G 401 17.36 -40.30 -58.31
C ALA G 401 18.29 -39.30 -57.61
N GLU G 402 17.70 -38.64 -56.63
CA GLU G 402 18.46 -37.71 -55.75
C GLU G 402 19.68 -38.44 -55.17
N PRO G 403 20.90 -37.92 -55.41
CA PRO G 403 22.09 -38.74 -55.20
C PRO G 403 22.77 -38.63 -53.83
N LEU G 404 22.28 -37.72 -52.96
CA LEU G 404 22.72 -37.73 -51.60
C LEU G 404 21.60 -38.36 -50.79
N ASP G 405 21.97 -39.20 -49.85
CA ASP G 405 21.06 -39.78 -48.83
C ASP G 405 20.71 -38.70 -47.81
N SER G 406 19.67 -38.96 -47.04
CA SER G 406 19.23 -38.03 -45.97
C SER G 406 20.38 -37.72 -45.00
N THR G 407 20.51 -36.45 -44.57
CA THR G 407 21.58 -36.03 -43.65
C THR G 407 21.47 -36.85 -42.37
N THR G 408 22.59 -37.38 -41.88
CA THR G 408 22.69 -38.23 -40.67
C THR G 408 22.83 -37.37 -39.39
N GLU G 409 22.72 -38.02 -38.24
CA GLU G 409 23.09 -37.47 -36.92
C GLU G 409 24.56 -37.00 -36.99
N THR G 410 25.50 -37.87 -37.43
CA THR G 410 26.96 -37.64 -37.53
C THR G 410 27.23 -36.42 -38.42
N GLN G 411 26.47 -36.24 -39.51
CA GLN G 411 26.56 -35.03 -40.36
C GLN G 411 25.92 -33.83 -39.62
N LYS G 412 24.81 -34.01 -38.90
CA LYS G 412 24.03 -32.84 -38.43
C LYS G 412 24.83 -32.27 -37.26
N ILE G 413 25.67 -33.12 -36.61
CA ILE G 413 26.62 -32.72 -35.54
C ILE G 413 27.60 -31.68 -36.13
N TRP G 414 28.34 -32.05 -37.20
CA TRP G 414 29.25 -31.10 -37.93
C TRP G 414 28.47 -29.87 -38.43
N ASN G 415 27.18 -30.02 -38.80
CA ASN G 415 26.27 -28.93 -39.23
C ASN G 415 26.38 -27.74 -38.26
N ALA G 416 25.93 -27.90 -37.01
CA ALA G 416 25.91 -26.83 -35.99
C ALA G 416 27.35 -26.44 -35.60
N GLU G 417 28.24 -27.41 -35.41
CA GLU G 417 29.59 -27.18 -34.83
C GLU G 417 30.61 -26.87 -35.94
N ALA G 418 30.18 -26.34 -37.08
CA ALA G 418 31.08 -25.92 -38.20
C ALA G 418 31.17 -24.39 -38.25
N THR G 419 32.26 -23.85 -38.83
CA THR G 419 32.51 -22.37 -38.93
C THR G 419 31.66 -21.78 -40.04
N PRO G 420 31.46 -20.44 -40.10
CA PRO G 420 30.62 -19.85 -41.15
C PRO G 420 31.14 -20.16 -42.57
N GLU G 421 32.47 -20.20 -42.72
CA GLU G 421 33.17 -20.49 -44.01
C GLU G 421 33.00 -21.98 -44.33
N GLU G 422 33.06 -22.86 -43.32
CA GLU G 422 32.84 -24.33 -43.49
C GLU G 422 31.40 -24.61 -43.94
N LYS G 423 30.42 -24.03 -43.24
CA LYS G 423 28.97 -24.12 -43.60
C LYS G 423 28.87 -23.67 -45.08
N GLU G 424 29.46 -22.53 -45.51
CA GLU G 424 29.31 -22.05 -46.91
C GLU G 424 29.89 -23.06 -47.92
N GLN G 425 31.08 -23.62 -47.67
CA GLN G 425 31.76 -24.53 -48.61
C GLN G 425 30.96 -25.85 -48.68
N HIS G 426 30.42 -26.27 -47.54
CA HIS G 426 29.66 -27.53 -47.47
C HIS G 426 28.39 -27.32 -48.29
N LYS G 427 27.73 -26.17 -48.19
CA LYS G 427 26.52 -25.89 -49.00
C LYS G 427 26.88 -25.91 -50.48
N LYS G 428 28.00 -25.30 -50.90
CA LYS G 428 28.49 -25.33 -52.32
C LYS G 428 28.66 -26.80 -52.73
N ASP G 429 29.34 -27.59 -51.91
CA ASP G 429 29.68 -29.01 -52.22
C ASP G 429 28.40 -29.85 -52.39
N ARG G 430 27.45 -29.69 -51.47
CA ARG G 430 26.12 -30.36 -51.56
C ARG G 430 25.45 -29.92 -52.87
N ALA G 431 25.38 -28.61 -53.15
CA ALA G 431 24.70 -28.12 -54.36
C ALA G 431 25.27 -28.83 -55.60
N SER G 432 26.59 -28.93 -55.68
N SER G 432 26.60 -29.00 -55.74
CA SER G 432 27.30 -29.56 -56.81
CA SER G 432 27.20 -29.61 -56.95
C SER G 432 26.85 -31.02 -56.90
C SER G 432 26.95 -31.11 -56.95
N ALA G 433 26.84 -31.71 -55.76
CA ALA G 433 26.52 -33.17 -55.72
C ALA G 433 25.06 -33.36 -56.11
N LEU G 434 24.20 -32.40 -55.84
CA LEU G 434 22.75 -32.49 -56.10
C LEU G 434 22.38 -31.92 -57.47
N THR G 435 23.35 -31.86 -58.38
CA THR G 435 23.24 -31.40 -59.78
C THR G 435 23.69 -32.56 -60.68
N GLN G 436 22.79 -33.09 -61.47
CA GLN G 436 23.17 -34.21 -62.38
C GLN G 436 22.99 -33.76 -63.82
N GLN G 437 23.90 -34.24 -64.67
N GLN G 437 23.88 -34.21 -64.72
CA GLN G 437 23.92 -33.94 -66.11
CA GLN G 437 23.84 -33.82 -66.13
C GLN G 437 23.42 -35.18 -66.84
C GLN G 437 23.60 -35.05 -66.98
N LEU G 438 22.61 -34.96 -67.86
CA LEU G 438 22.25 -36.03 -68.80
C LEU G 438 22.49 -35.52 -70.23
N ASP G 439 23.10 -36.38 -71.03
CA ASP G 439 23.39 -36.14 -72.46
C ASP G 439 22.29 -36.70 -73.32
N LEU G 440 21.42 -35.84 -73.84
CA LEU G 440 20.22 -36.32 -74.53
C LEU G 440 20.40 -36.13 -76.05
N GLY G 441 21.64 -36.07 -76.54
CA GLY G 441 21.88 -35.92 -77.98
C GLY G 441 22.24 -34.48 -78.31
N LEU G 442 21.36 -33.77 -78.98
CA LEU G 442 21.59 -32.36 -79.31
C LEU G 442 21.31 -31.47 -78.08
N TRP G 443 20.69 -32.00 -77.07
CA TRP G 443 20.23 -31.26 -75.87
C TRP G 443 20.77 -32.03 -74.67
N ASP G 444 21.11 -31.33 -73.61
CA ASP G 444 21.37 -31.89 -72.30
C ASP G 444 20.28 -31.47 -71.31
N ALA G 445 20.09 -32.24 -70.27
CA ALA G 445 19.27 -31.85 -69.12
C ALA G 445 20.15 -31.80 -67.88
N GLU G 446 19.85 -30.84 -67.04
CA GLU G 446 20.43 -30.74 -65.69
C GLU G 446 19.31 -30.92 -64.69
N VAL G 447 19.49 -31.88 -63.80
CA VAL G 447 18.49 -32.18 -62.79
C VAL G 447 19.05 -31.76 -61.43
N THR G 448 18.25 -31.00 -60.69
CA THR G 448 18.69 -30.50 -59.39
C THR G 448 17.61 -30.81 -58.38
N TYR G 449 17.96 -30.84 -57.09
CA TYR G 449 17.01 -31.34 -56.08
C TYR G 449 16.92 -30.38 -54.88
N GLY G 450 15.71 -30.01 -54.49
CA GLY G 450 15.50 -29.29 -53.25
C GLY G 450 15.73 -27.78 -53.41
N ARG G 451 14.90 -27.14 -54.19
CA ARG G 451 15.01 -25.68 -54.37
C ARG G 451 13.65 -25.12 -54.69
N PRO G 452 13.49 -23.78 -54.57
CA PRO G 452 12.21 -23.19 -54.97
C PRO G 452 11.86 -23.43 -56.43
N MET G 453 10.62 -23.11 -56.73
CA MET G 453 10.10 -23.23 -58.10
C MET G 453 10.38 -22.00 -58.95
N PHE G 454 10.93 -20.98 -58.29
CA PHE G 454 11.18 -19.65 -58.88
C PHE G 454 12.62 -19.25 -58.54
N TRP G 455 13.27 -18.59 -59.48
CA TRP G 455 14.64 -18.06 -59.36
C TRP G 455 15.67 -19.17 -59.24
N VAL G 456 16.90 -18.88 -58.84
CA VAL G 456 18.09 -19.76 -59.05
C VAL G 456 18.84 -20.03 -57.74
N THR G 457 18.20 -19.92 -56.57
CA THR G 457 18.82 -20.34 -55.30
C THR G 457 19.32 -21.77 -55.45
N PRO G 458 20.59 -22.04 -55.07
CA PRO G 458 21.13 -23.36 -55.31
C PRO G 458 20.39 -24.46 -54.56
N PRO G 459 20.39 -25.69 -55.15
CA PRO G 459 19.73 -26.83 -54.52
C PRO G 459 20.36 -27.21 -53.16
N GLU G 460 19.50 -27.60 -52.22
CA GLU G 460 19.89 -28.04 -50.90
C GLU G 460 19.42 -29.44 -50.57
N GLY G 461 18.73 -30.07 -51.52
CA GLY G 461 18.23 -31.40 -51.19
C GLY G 461 16.82 -31.37 -50.63
N ASN G 462 16.12 -32.47 -50.79
CA ASN G 462 14.83 -32.72 -50.11
C ASN G 462 15.15 -33.39 -48.78
N THR G 463 14.29 -33.17 -47.79
N THR G 463 14.29 -33.18 -47.78
CA THR G 463 14.36 -33.82 -46.46
CA THR G 463 14.37 -33.81 -46.45
C THR G 463 13.06 -34.57 -46.21
C THR G 463 13.08 -34.56 -46.20
N PRO G 464 13.05 -35.93 -46.24
CA PRO G 464 14.21 -36.73 -46.58
C PRO G 464 14.52 -36.76 -48.08
N ALA G 465 15.65 -37.32 -48.45
CA ALA G 465 16.00 -37.52 -49.86
C ALA G 465 14.90 -38.28 -50.59
N ALA G 466 14.47 -37.79 -51.75
CA ALA G 466 13.27 -38.37 -52.35
C ALA G 466 13.14 -38.14 -53.85
N GLY G 467 13.89 -37.25 -54.44
CA GLY G 467 13.60 -36.77 -55.79
C GLY G 467 14.04 -37.71 -56.89
N GLY G 468 13.53 -37.44 -58.05
CA GLY G 468 14.07 -38.10 -59.26
C GLY G 468 13.39 -37.56 -60.52
N ALA G 469 13.78 -38.10 -61.67
CA ALA G 469 13.32 -37.67 -62.95
C ALA G 469 13.39 -38.80 -63.96
N LEU G 470 12.48 -38.77 -64.89
CA LEU G 470 12.46 -39.65 -66.09
C LEU G 470 12.44 -38.78 -67.33
N ILE G 471 13.20 -39.15 -68.34
CA ILE G 471 13.16 -38.50 -69.64
C ILE G 471 13.14 -39.57 -70.72
N ALA G 472 12.35 -39.40 -71.75
CA ALA G 472 12.43 -40.24 -72.95
C ALA G 472 12.63 -39.35 -74.16
N GLN G 473 13.37 -39.78 -75.13
CA GLN G 473 13.53 -39.05 -76.38
C GLN G 473 12.43 -39.43 -77.35
N LEU G 474 11.70 -38.45 -77.85
CA LEU G 474 10.70 -38.62 -78.92
C LEU G 474 11.26 -38.34 -80.31
N ASP G 475 12.17 -37.38 -80.44
CA ASP G 475 12.77 -36.97 -81.71
C ASP G 475 14.03 -36.16 -81.38
N ASP G 476 14.70 -35.67 -82.38
CA ASP G 476 15.96 -34.92 -82.23
C ASP G 476 15.81 -33.79 -81.17
N ASN G 477 14.70 -33.12 -81.17
CA ASN G 477 14.49 -31.93 -80.29
C ASN G 477 13.33 -32.07 -79.36
N GLU G 478 12.81 -33.26 -79.11
CA GLU G 478 11.58 -33.46 -78.38
C GLU G 478 11.74 -34.60 -77.38
N TYR G 479 11.29 -34.35 -76.18
CA TYR G 479 11.40 -35.24 -75.04
C TYR G 479 10.10 -35.30 -74.27
N LEU G 480 9.87 -36.45 -73.67
CA LEU G 480 8.89 -36.71 -72.65
C LEU G 480 9.59 -36.63 -71.30
N VAL G 481 8.99 -35.86 -70.39
CA VAL G 481 9.65 -35.58 -69.12
C VAL G 481 8.64 -35.67 -67.98
N THR G 482 9.00 -36.37 -66.93
CA THR G 482 8.23 -36.29 -65.69
C THR G 482 9.19 -36.45 -64.52
N ALA G 483 8.98 -35.68 -63.44
CA ALA G 483 9.95 -35.70 -62.34
C ALA G 483 9.21 -35.46 -61.02
N TYR G 484 9.99 -35.46 -59.96
CA TYR G 484 9.42 -35.56 -58.60
C TYR G 484 10.36 -34.87 -57.64
N LYS G 485 9.89 -33.80 -57.01
CA LYS G 485 10.69 -33.01 -56.01
C LYS G 485 12.04 -32.67 -56.63
N ALA G 486 12.01 -32.03 -57.80
CA ALA G 486 13.20 -31.81 -58.61
C ALA G 486 12.91 -30.69 -59.61
N ARG G 487 14.00 -30.11 -60.09
CA ARG G 487 13.98 -29.23 -61.27
C ARG G 487 14.71 -29.93 -62.41
N VAL G 488 14.20 -29.78 -63.63
CA VAL G 488 14.85 -30.26 -64.87
C VAL G 488 15.02 -29.07 -65.78
N GLU G 489 16.24 -28.81 -66.15
CA GLU G 489 16.56 -27.72 -67.11
C GLU G 489 17.21 -28.26 -68.37
N PHE G 490 16.80 -27.76 -69.51
CA PHE G 490 17.36 -28.14 -70.80
C PHE G 490 18.33 -27.07 -71.33
N LYS G 491 19.37 -27.50 -71.99
CA LYS G 491 20.39 -26.66 -72.62
C LYS G 491 20.99 -27.37 -73.81
N PRO G 492 21.65 -26.66 -74.73
CA PRO G 492 22.34 -27.33 -75.84
C PRO G 492 23.45 -28.23 -75.35
N SER G 493 23.57 -29.40 -76.03
CA SER G 493 24.62 -30.39 -75.72
C SER G 493 26.02 -29.98 -76.27
N GLN G 494 26.03 -29.11 -77.27
CA GLN G 494 27.24 -28.67 -77.95
C GLN G 494 27.07 -27.19 -78.36
N GLU G 495 28.19 -26.56 -78.61
CA GLU G 495 28.25 -25.14 -79.06
C GLU G 495 27.37 -24.96 -80.27
N LEU G 496 26.62 -23.84 -80.35
CA LEU G 496 25.66 -23.63 -81.46
C LEU G 496 26.20 -22.70 -82.56
N ALA G 497 27.47 -22.39 -82.60
CA ALA G 497 28.10 -21.78 -83.78
C ALA G 497 27.31 -20.52 -84.14
N GLY G 498 27.01 -19.71 -83.11
CA GLY G 498 26.37 -18.41 -83.38
C GLY G 498 24.87 -18.41 -83.22
N LYS G 499 24.18 -19.51 -83.19
CA LYS G 499 22.72 -19.54 -82.91
C LYS G 499 22.44 -19.34 -81.41
N LYS G 500 21.20 -19.00 -81.10
CA LYS G 500 20.65 -18.95 -79.74
C LYS G 500 19.75 -20.16 -79.59
N PHE G 501 19.30 -20.43 -78.40
CA PHE G 501 18.31 -21.51 -78.14
C PHE G 501 17.24 -21.06 -77.17
N MET G 502 16.12 -21.71 -77.27
CA MET G 502 15.00 -21.58 -76.34
C MET G 502 14.22 -22.87 -76.27
N ILE G 503 13.41 -22.97 -75.30
CA ILE G 503 12.22 -23.86 -75.27
C ILE G 503 11.35 -23.37 -76.41
N GLU G 504 10.98 -24.24 -77.30
CA GLU G 504 9.95 -23.91 -78.28
C GLU G 504 8.58 -24.05 -77.64
N ARG G 505 8.35 -25.17 -76.94
N ARG G 505 8.29 -25.20 -77.02
CA ARG G 505 7.04 -25.47 -76.38
CA ARG G 505 7.00 -25.45 -76.37
C ARG G 505 7.16 -26.55 -75.32
C ARG G 505 7.16 -26.55 -75.32
N VAL G 506 6.51 -26.35 -74.20
CA VAL G 506 6.25 -27.38 -73.17
C VAL G 506 4.76 -27.56 -73.03
N GLU G 507 4.30 -28.81 -73.18
CA GLU G 507 2.89 -29.17 -73.06
C GLU G 507 2.79 -30.15 -71.90
N GLU G 508 1.82 -29.98 -71.03
CA GLU G 508 1.42 -30.96 -70.06
C GLU G 508 0.22 -31.71 -70.62
N GLY G 509 0.26 -33.05 -70.52
CA GLY G 509 -0.91 -33.79 -71.01
C GLY G 509 -0.87 -35.25 -70.63
N ARG G 510 -1.52 -36.06 -71.49
CA ARG G 510 -1.64 -37.48 -71.17
C ARG G 510 -1.83 -38.24 -72.48
N PHE G 511 -1.72 -39.54 -72.37
CA PHE G 511 -2.03 -40.45 -73.49
C PHE G 511 -3.42 -41.02 -73.37
N GLU G 512 -4.20 -40.93 -74.46
CA GLU G 512 -5.53 -41.58 -74.56
C GLU G 512 -5.52 -42.46 -75.80
N LYS G 513 -5.67 -43.76 -75.60
CA LYS G 513 -5.70 -44.78 -76.68
C LYS G 513 -4.39 -44.62 -77.48
N GLY G 514 -3.29 -44.29 -76.77
CA GLY G 514 -1.92 -44.13 -77.32
C GLY G 514 -1.67 -42.79 -78.01
N LYS G 515 -2.62 -41.87 -78.01
CA LYS G 515 -2.49 -40.51 -78.61
C LYS G 515 -2.30 -39.49 -77.49
N TRP G 516 -1.39 -38.60 -77.73
CA TRP G 516 -1.13 -37.42 -76.85
C TRP G 516 -2.32 -36.49 -76.89
N VAL G 517 -2.75 -36.13 -75.70
CA VAL G 517 -3.78 -35.12 -75.50
C VAL G 517 -3.16 -34.00 -74.65
N MET G 518 -3.03 -32.80 -75.20
N MET G 518 -3.23 -32.80 -75.18
CA MET G 518 -2.53 -31.62 -74.47
CA MET G 518 -2.73 -31.62 -74.49
C MET G 518 -3.61 -31.06 -73.53
C MET G 518 -3.75 -31.17 -73.44
N GLU G 519 -3.25 -30.85 -72.26
CA GLU G 519 -4.08 -30.26 -71.22
C GLU G 519 -3.76 -28.76 -71.08
N ARG G 520 -2.50 -28.38 -71.15
CA ARG G 520 -2.10 -26.95 -71.06
C ARG G 520 -0.70 -26.80 -71.56
N VAL G 521 -0.30 -25.57 -71.83
CA VAL G 521 1.05 -25.17 -72.18
C VAL G 521 1.70 -24.61 -70.93
N TRP G 522 2.82 -25.16 -70.51
CA TRP G 522 3.66 -24.51 -69.47
C TRP G 522 4.46 -23.41 -70.13
N ASN G 523 4.40 -22.20 -69.55
CA ASN G 523 5.17 -21.09 -70.10
C ASN G 523 5.40 -20.08 -68.95
N GLY G 524 6.05 -19.02 -69.32
CA GLY G 524 6.31 -17.96 -68.36
C GLY G 524 6.98 -18.46 -67.11
N ASP G 525 6.49 -18.11 -65.90
CA ASP G 525 7.09 -18.59 -64.63
C ASP G 525 7.37 -20.12 -64.67
N GLN G 526 6.49 -20.89 -65.28
CA GLN G 526 6.59 -22.36 -65.23
C GLN G 526 7.75 -22.83 -66.12
N THR G 527 8.33 -22.03 -67.01
CA THR G 527 9.50 -22.47 -67.80
C THR G 527 10.70 -21.55 -67.74
N ASP G 528 10.55 -20.44 -67.00
CA ASP G 528 11.70 -19.50 -66.86
C ASP G 528 12.86 -20.07 -66.02
N TRP G 529 12.53 -20.95 -65.08
CA TRP G 529 13.44 -21.38 -64.03
C TRP G 529 13.54 -22.91 -64.07
N GLY G 530 13.75 -23.44 -65.30
CA GLY G 530 13.65 -24.91 -65.42
C GLY G 530 12.20 -25.39 -65.27
N LEU G 531 12.01 -26.71 -65.21
CA LEU G 531 10.70 -27.35 -65.07
C LEU G 531 10.70 -27.90 -63.66
N ASN G 532 9.86 -27.35 -62.82
CA ASN G 532 9.89 -27.65 -61.39
C ASN G 532 8.72 -28.54 -61.03
N PHE G 533 9.03 -29.61 -60.31
CA PHE G 533 8.09 -30.66 -59.92
C PHE G 533 8.09 -30.79 -58.41
N THR G 534 6.92 -30.98 -57.84
CA THR G 534 6.75 -31.24 -56.43
C THR G 534 6.41 -32.72 -56.23
N ASP G 535 5.39 -33.01 -55.49
CA ASP G 535 4.97 -34.38 -55.28
C ASP G 535 3.80 -34.78 -56.19
N ARG G 536 3.31 -33.88 -56.98
CA ARG G 536 2.12 -34.17 -57.80
C ARG G 536 2.58 -34.54 -59.20
N PRO G 537 1.81 -35.42 -59.87
CA PRO G 537 2.23 -35.88 -61.19
C PRO G 537 1.94 -34.86 -62.29
N HIS G 538 2.92 -34.66 -63.16
CA HIS G 538 2.78 -33.93 -64.44
C HIS G 538 3.64 -34.66 -65.46
N LEU G 539 3.05 -34.92 -66.64
CA LEU G 539 3.73 -35.52 -67.80
C LEU G 539 3.85 -34.41 -68.83
N LEU G 540 5.09 -34.12 -69.22
CA LEU G 540 5.40 -33.00 -70.15
C LEU G 540 5.99 -33.53 -71.46
N ARG G 541 5.64 -32.88 -72.55
CA ARG G 541 6.33 -32.97 -73.86
C ARG G 541 7.09 -31.68 -74.05
N VAL G 542 8.39 -31.75 -74.11
CA VAL G 542 9.33 -30.61 -74.22
C VAL G 542 9.95 -30.58 -75.60
N LYS G 543 9.70 -29.53 -76.39
N LYS G 543 9.83 -29.45 -76.25
CA LYS G 543 10.31 -29.28 -77.71
CA LYS G 543 10.34 -29.24 -77.60
C LYS G 543 11.30 -28.13 -77.52
C LYS G 543 11.33 -28.09 -77.51
N MET G 544 12.58 -28.34 -77.82
CA MET G 544 13.64 -27.37 -77.80
C MET G 544 13.91 -26.85 -79.20
N ALA G 545 14.51 -25.66 -79.35
CA ALA G 545 14.86 -25.10 -80.64
C ALA G 545 16.11 -24.26 -80.62
N SER G 546 17.04 -24.47 -81.52
CA SER G 546 18.11 -23.51 -81.88
C SER G 546 17.60 -22.61 -82.97
N TYR G 547 17.92 -21.34 -82.87
CA TYR G 547 17.45 -20.35 -83.88
C TYR G 547 18.52 -19.33 -84.20
N SER G 548 18.40 -18.84 -85.42
N SER G 548 18.49 -18.87 -85.45
CA SER G 548 19.35 -17.87 -86.03
CA SER G 548 19.46 -17.88 -85.99
C SER G 548 19.06 -16.47 -85.48
C SER G 548 19.08 -16.49 -85.50
N VAL G 549 20.11 -15.71 -85.24
CA VAL G 549 20.01 -14.24 -84.97
C VAL G 549 20.80 -13.37 -85.98
N GLN G 550 21.35 -13.96 -87.01
CA GLN G 550 22.11 -13.28 -88.10
C GLN G 550 22.30 -14.29 -89.23
N HIS H 6 -28.66 -11.34 53.25
CA HIS H 6 -27.67 -10.26 52.92
C HIS H 6 -26.58 -10.78 51.97
N HIS H 7 -26.11 -12.01 52.16
CA HIS H 7 -24.99 -12.59 51.36
C HIS H 7 -25.47 -12.82 49.92
N HIS H 8 -26.76 -12.62 49.67
CA HIS H 8 -27.39 -12.66 48.33
C HIS H 8 -26.83 -11.50 47.47
N HIS H 9 -26.78 -10.26 47.96
CA HIS H 9 -26.20 -9.10 47.20
C HIS H 9 -24.77 -8.75 47.58
N HIS H 10 -24.29 -9.23 48.71
CA HIS H 10 -23.00 -8.80 49.30
C HIS H 10 -22.11 -10.05 49.40
N ALA H 11 -21.58 -10.47 48.27
CA ALA H 11 -20.90 -11.76 48.12
C ALA H 11 -19.41 -11.64 48.50
N ALA H 12 -18.88 -10.43 48.70
CA ALA H 12 -17.42 -10.29 48.86
C ALA H 12 -17.03 -10.94 50.18
N PRO H 13 -15.95 -11.75 50.14
CA PRO H 13 -15.38 -12.30 51.36
C PRO H 13 -14.75 -11.18 52.15
N LEU H 14 -14.74 -11.34 53.47
CA LEU H 14 -14.05 -10.37 54.34
C LEU H 14 -12.61 -10.24 53.90
N PRO H 15 -12.04 -9.03 54.03
CA PRO H 15 -10.62 -8.84 53.92
C PRO H 15 -9.92 -9.70 54.99
N GLU H 16 -8.73 -10.19 54.71
CA GLU H 16 -7.96 -11.01 55.69
C GLU H 16 -6.48 -10.83 55.37
N LEU H 17 -5.67 -10.89 56.39
CA LEU H 17 -4.22 -10.98 56.18
C LEU H 17 -3.80 -12.45 56.17
N LEU H 18 -3.21 -12.86 55.05
CA LEU H 18 -2.66 -14.23 54.94
C LEU H 18 -1.15 -14.19 55.15
N SER H 19 -0.60 -15.25 55.77
CA SER H 19 0.83 -15.38 56.01
C SER H 19 1.19 -16.83 55.76
N ASN H 20 2.04 -17.07 54.78
CA ASN H 20 2.40 -18.47 54.40
C ASN H 20 3.82 -18.40 53.83
N ASN H 21 4.68 -19.34 54.21
CA ASN H 21 6.04 -19.49 53.63
C ASN H 21 6.82 -18.19 53.81
N GLY H 22 6.63 -17.51 54.93
CA GLY H 22 7.39 -16.29 55.26
C GLY H 22 6.95 -15.08 54.46
N LYS H 23 5.85 -15.19 53.68
CA LYS H 23 5.35 -14.10 52.83
C LYS H 23 3.92 -13.79 53.27
N HIS H 24 3.40 -12.65 52.81
CA HIS H 24 2.13 -12.12 53.33
C HIS H 24 1.31 -11.48 52.22
N ALA H 25 -0.01 -11.49 52.38
CA ALA H 25 -0.92 -10.80 51.46
C ALA H 25 -2.07 -10.23 52.29
N LEU H 26 -2.43 -9.01 51.93
CA LEU H 26 -3.73 -8.48 52.35
C LEU H 26 -4.75 -8.88 51.31
N MET H 27 -5.63 -9.77 51.67
CA MET H 27 -6.71 -10.16 50.75
C MET H 27 -7.85 -9.17 50.88
N VAL H 28 -8.24 -8.60 49.75
CA VAL H 28 -9.44 -7.77 49.66
C VAL H 28 -10.29 -8.31 48.51
N ASP H 29 -11.53 -8.60 48.78
CA ASP H 29 -12.49 -9.12 47.77
C ASP H 29 -11.94 -10.43 47.19
N GLY H 30 -11.21 -11.18 48.01
CA GLY H 30 -10.77 -12.53 47.64
C GLY H 30 -9.46 -12.62 46.90
N ALA H 31 -8.65 -11.60 46.81
CA ALA H 31 -7.36 -11.63 46.12
C ALA H 31 -6.42 -10.64 46.76
N PRO H 32 -5.12 -10.81 46.61
CA PRO H 32 -4.14 -9.90 47.19
C PRO H 32 -4.37 -8.47 46.72
N TYR H 33 -4.13 -7.51 47.62
CA TYR H 33 -4.38 -6.07 47.39
C TYR H 33 -3.17 -5.28 47.90
N ILE H 34 -2.82 -4.16 47.26
CA ILE H 34 -1.82 -3.20 47.79
C ILE H 34 -2.57 -1.92 48.17
N ILE H 35 -2.38 -1.46 49.38
CA ILE H 35 -2.85 -0.11 49.81
C ILE H 35 -1.88 0.92 49.22
N LEU H 36 -2.35 1.67 48.23
CA LEU H 36 -1.63 2.84 47.70
C LEU H 36 -2.37 4.00 48.37
N GLY H 37 -1.91 4.31 49.57
CA GLY H 37 -2.78 4.95 50.56
C GLY H 37 -2.53 6.43 50.66
N SER H 38 -3.41 7.09 51.39
N SER H 38 -3.30 6.98 51.58
CA SER H 38 -3.20 8.48 51.89
CA SER H 38 -3.33 8.43 51.91
C SER H 38 -3.90 8.60 53.24
C SER H 38 -3.90 8.51 53.31
N GLN H 39 -3.33 9.36 54.17
CA GLN H 39 -3.92 9.58 55.50
C GLN H 39 -4.17 11.10 55.66
N THR H 40 -5.33 11.40 56.20
CA THR H 40 -5.68 12.79 56.47
C THR H 40 -4.79 13.33 57.59
N ASN H 41 -4.83 14.66 57.69
CA ASN H 41 -4.37 15.30 58.97
C ASN H 41 -5.30 14.87 60.10
N ASN H 42 -4.89 15.17 61.35
CA ASN H 42 -5.48 14.62 62.58
C ASN H 42 -6.88 15.16 62.90
N SER H 43 -7.22 16.29 62.29
CA SER H 43 -8.47 17.00 62.60
C SER H 43 -9.40 17.04 61.38
N SER H 44 -9.32 15.99 60.52
CA SER H 44 -10.13 15.95 59.28
C SER H 44 -11.29 14.95 59.41
N ASN H 45 -11.50 14.42 60.60
CA ASN H 45 -12.46 13.34 60.86
C ASN H 45 -13.87 13.83 61.10
N TYR H 46 -14.32 14.79 60.28
CA TYR H 46 -15.69 15.33 60.41
C TYR H 46 -16.26 15.51 59.01
N PRO H 47 -17.60 15.46 58.89
CA PRO H 47 -18.23 15.63 57.57
C PRO H 47 -17.75 16.86 56.82
N ASP H 48 -17.68 18.00 57.52
CA ASP H 48 -17.39 19.24 56.80
C ASP H 48 -15.97 19.22 56.24
N ALA H 49 -15.06 18.45 56.84
CA ALA H 49 -13.67 18.42 56.40
C ALA H 49 -13.44 17.55 55.15
N LEU H 50 -14.40 16.69 54.84
CA LEU H 50 -14.12 15.71 53.78
C LEU H 50 -13.93 16.38 52.44
N LYS H 51 -14.61 17.50 52.23
CA LYS H 51 -14.44 18.20 50.93
C LYS H 51 -12.99 18.63 50.73
N ASP H 52 -12.24 18.79 51.84
CA ASP H 52 -10.81 19.14 51.75
C ASP H 52 -9.88 17.91 51.64
N VAL H 53 -10.48 16.73 51.63
CA VAL H 53 -9.72 15.45 51.56
C VAL H 53 -9.84 14.83 50.16
N TRP H 54 -11.05 14.73 49.64
CA TRP H 54 -11.25 13.93 48.42
C TRP H 54 -10.45 14.49 47.26
N PRO H 55 -10.36 15.81 47.01
CA PRO H 55 -9.61 16.28 45.85
C PRO H 55 -8.16 15.75 45.83
N SER H 56 -7.51 15.76 46.98
CA SER H 56 -6.12 15.32 47.16
C SER H 56 -6.05 13.82 46.82
N MET H 57 -7.07 13.10 47.22
N MET H 57 -7.02 13.03 47.29
CA MET H 57 -7.03 11.64 47.05
CA MET H 57 -7.09 11.57 47.00
C MET H 57 -7.16 11.30 45.55
C MET H 57 -7.04 11.38 45.49
N GLU H 58 -7.88 12.12 44.80
CA GLU H 58 -8.07 12.02 43.34
C GLU H 58 -6.77 12.36 42.64
N LYS H 59 -6.18 13.47 43.04
CA LYS H 59 -4.91 13.92 42.42
C LYS H 59 -3.81 12.89 42.68
N MET H 60 -3.82 12.30 43.88
CA MET H 60 -2.76 11.35 44.25
C MET H 60 -2.93 10.01 43.52
N GLY H 61 -4.14 9.65 43.16
CA GLY H 61 -4.41 8.31 42.62
C GLY H 61 -4.40 7.23 43.70
N ALA H 62 -4.63 7.61 44.97
CA ALA H 62 -4.70 6.67 46.09
C ALA H 62 -5.91 5.79 45.93
N ASN H 63 -5.77 4.53 46.34
CA ASN H 63 -6.92 3.59 46.34
C ASN H 63 -7.56 3.40 47.69
N THR H 64 -6.90 3.95 48.73
CA THR H 64 -7.32 3.68 50.14
C THR H 64 -7.06 4.95 50.96
N LEU H 65 -8.05 5.35 51.76
CA LEU H 65 -7.88 6.52 52.67
C LEU H 65 -7.85 5.99 54.10
N SER H 66 -6.83 6.42 54.83
CA SER H 66 -6.71 6.23 56.28
C SER H 66 -7.22 7.52 56.96
N ILE H 67 -8.13 7.37 57.89
CA ILE H 67 -8.78 8.54 58.54
C ILE H 67 -9.16 8.14 59.92
N PRO H 68 -9.03 9.10 60.88
CA PRO H 68 -9.40 8.75 62.23
C PRO H 68 -10.92 8.58 62.44
N VAL H 69 -11.28 7.72 63.38
CA VAL H 69 -12.61 7.72 64.02
C VAL H 69 -12.32 7.77 65.49
N ALA H 70 -12.71 8.85 66.13
CA ALA H 70 -12.33 9.20 67.51
C ALA H 70 -13.38 8.70 68.51
N TRP H 71 -12.89 8.14 69.62
CA TRP H 71 -13.77 7.76 70.73
C TRP H 71 -14.62 8.98 71.17
N GLU H 72 -14.01 10.15 71.21
CA GLU H 72 -14.77 11.36 71.64
C GLU H 72 -15.96 11.63 70.73
N GLN H 73 -15.86 11.34 69.42
CA GLN H 73 -16.92 11.71 68.48
C GLN H 73 -18.01 10.63 68.45
N ILE H 74 -17.65 9.38 68.70
CA ILE H 74 -18.69 8.34 68.62
C ILE H 74 -19.40 8.14 69.96
N GLU H 75 -18.77 8.48 71.10
CA GLU H 75 -19.39 8.34 72.43
C GLU H 75 -19.17 9.62 73.22
N PRO H 76 -19.75 10.75 72.77
CA PRO H 76 -19.42 12.03 73.41
C PRO H 76 -19.94 12.09 74.86
N VAL H 77 -21.05 11.39 75.11
CA VAL H 77 -21.61 11.19 76.44
C VAL H 77 -21.72 9.68 76.63
N GLU H 78 -21.44 9.17 77.82
CA GLU H 78 -21.32 7.72 78.00
C GLU H 78 -22.65 7.07 77.65
N GLY H 79 -22.59 6.07 76.77
CA GLY H 79 -23.82 5.31 76.41
C GLY H 79 -24.60 5.92 75.26
N GLN H 80 -24.15 7.06 74.72
CA GLN H 80 -24.92 7.83 73.70
C GLN H 80 -24.07 7.90 72.44
N PHE H 81 -24.20 6.93 71.55
CA PHE H 81 -23.30 6.73 70.40
C PHE H 81 -23.80 7.58 69.24
N ASP H 82 -22.83 8.02 68.47
CA ASP H 82 -23.08 8.84 67.25
C ASP H 82 -22.19 8.34 66.13
N PHE H 83 -22.78 7.74 65.09
CA PHE H 83 -22.02 7.27 63.94
C PHE H 83 -22.27 8.15 62.71
N SER H 84 -22.74 9.38 62.92
CA SER H 84 -23.03 10.28 61.80
C SER H 84 -21.82 10.51 60.92
N PHE H 85 -20.61 10.60 61.50
CA PHE H 85 -19.44 10.80 60.67
C PHE H 85 -19.17 9.54 59.82
N VAL H 86 -19.25 8.39 60.45
CA VAL H 86 -18.96 7.11 59.76
C VAL H 86 -19.97 6.89 58.63
N ASP H 87 -21.23 7.23 58.82
CA ASP H 87 -22.25 7.13 57.77
C ASP H 87 -21.79 7.92 56.54
N VAL H 88 -21.52 9.22 56.74
N VAL H 88 -21.49 9.21 56.69
CA VAL H 88 -21.09 10.15 55.67
CA VAL H 88 -21.17 10.03 55.49
C VAL H 88 -19.85 9.59 54.99
C VAL H 88 -19.80 9.65 54.94
N LEU H 89 -18.84 9.26 55.77
CA LEU H 89 -17.55 8.79 55.22
C LEU H 89 -17.72 7.55 54.32
N LEU H 90 -18.53 6.61 54.76
CA LEU H 90 -18.74 5.36 53.98
C LEU H 90 -19.36 5.74 52.62
N LYS H 91 -20.40 6.56 52.64
CA LYS H 91 -21.09 6.93 51.41
C LYS H 91 -20.17 7.72 50.48
N GLU H 92 -19.39 8.65 51.00
CA GLU H 92 -18.58 9.48 50.10
C GLU H 92 -17.42 8.65 49.58
N ALA H 93 -16.88 7.74 50.40
CA ALA H 93 -15.77 6.86 49.92
C ALA H 93 -16.25 5.98 48.76
N ARG H 94 -17.42 5.42 48.92
CA ARG H 94 -18.01 4.57 47.89
C ARG H 94 -18.21 5.36 46.58
N GLN H 95 -18.71 6.60 46.66
CA GLN H 95 -18.94 7.43 45.47
C GLN H 95 -17.61 7.64 44.73
N ARG H 96 -16.53 7.71 45.50
CA ARG H 96 -15.20 7.97 44.97
C ARG H 96 -14.46 6.71 44.65
N LYS H 97 -15.08 5.56 44.91
CA LYS H 97 -14.53 4.23 44.53
C LYS H 97 -13.14 4.11 45.20
N VAL H 98 -13.11 4.40 46.49
CA VAL H 98 -11.91 4.11 47.29
C VAL H 98 -12.32 3.30 48.51
N ARG H 99 -11.33 2.65 49.09
CA ARG H 99 -11.48 1.90 50.33
C ARG H 99 -10.94 2.70 51.52
N LEU H 100 -11.24 2.20 52.70
CA LEU H 100 -10.96 2.92 53.98
C LEU H 100 -10.22 2.03 54.95
N VAL H 101 -9.32 2.69 55.65
CA VAL H 101 -8.71 2.18 56.88
C VAL H 101 -9.14 3.14 57.98
N LEU H 102 -9.89 2.66 58.96
CA LEU H 102 -10.32 3.53 60.07
C LEU H 102 -9.27 3.47 61.14
N LEU H 103 -8.96 4.62 61.75
CA LEU H 103 -7.92 4.71 62.79
C LEU H 103 -8.62 4.99 64.12
N TRP H 104 -8.67 4.02 65.00
CA TRP H 104 -9.38 4.11 66.29
C TRP H 104 -8.53 4.90 67.25
N PHE H 105 -8.88 6.19 67.41
CA PHE H 105 -8.14 7.09 68.30
C PHE H 105 -8.86 7.07 69.63
N ALA H 106 -8.31 6.44 70.65
CA ALA H 106 -9.05 6.12 71.87
C ALA H 106 -8.18 6.26 73.10
N THR H 107 -7.84 5.15 73.75
CA THR H 107 -7.03 5.17 75.00
C THR H 107 -5.70 5.87 74.72
N TRP H 108 -5.04 5.59 73.58
CA TRP H 108 -3.79 6.23 73.18
C TRP H 108 -3.89 6.82 71.78
N LYS H 109 -3.47 8.06 71.68
CA LYS H 109 -3.14 8.78 70.45
C LYS H 109 -1.83 9.50 70.74
N ASN H 110 -0.73 9.06 70.21
CA ASN H 110 0.61 9.60 70.46
C ASN H 110 0.81 9.60 71.96
N ASN H 111 0.55 8.46 72.62
CA ASN H 111 0.82 8.22 74.06
C ASN H 111 -0.31 8.76 74.92
N ALA H 112 -1.18 9.62 74.39
CA ALA H 112 -2.07 10.42 75.26
C ALA H 112 -3.53 10.12 75.02
N PRO H 113 -4.40 10.56 75.93
CA PRO H 113 -5.85 10.35 75.81
C PRO H 113 -6.65 11.54 75.30
N HIS H 114 -6.05 12.38 74.45
CA HIS H 114 -6.77 13.60 73.99
C HIS H 114 -8.02 13.29 73.20
N TYR H 115 -8.05 12.14 72.50
CA TYR H 115 -9.24 11.81 71.65
C TYR H 115 -10.23 10.91 72.40
N ALA H 116 -9.94 10.58 73.66
CA ALA H 116 -10.94 9.93 74.51
C ALA H 116 -11.96 11.00 74.89
N PRO H 117 -13.20 10.61 75.13
CA PRO H 117 -14.25 11.53 75.54
C PRO H 117 -13.90 12.25 76.85
N ALA H 118 -14.50 13.46 77.01
CA ALA H 118 -14.20 14.28 78.21
C ALA H 118 -14.50 13.48 79.48
N TRP H 119 -15.54 12.64 79.48
CA TRP H 119 -15.91 11.81 80.65
C TRP H 119 -14.88 10.69 80.89
N VAL H 120 -13.97 10.43 79.96
CA VAL H 120 -12.80 9.54 80.22
C VAL H 120 -11.58 10.36 80.61
N LYS H 121 -11.18 11.31 79.75
CA LYS H 121 -9.86 11.90 79.93
C LYS H 121 -9.84 12.87 81.13
N LEU H 122 -10.99 13.31 81.65
CA LEU H 122 -10.92 14.21 82.82
C LEU H 122 -11.26 13.47 84.12
N ASP H 123 -11.36 12.14 84.09
CA ASP H 123 -11.70 11.30 85.27
C ASP H 123 -10.57 10.31 85.58
N ASN H 124 -9.49 10.81 86.16
CA ASN H 124 -8.29 10.04 86.51
C ASN H 124 -8.65 8.96 87.53
N ALA H 125 -9.55 9.20 88.50
CA ALA H 125 -9.90 8.20 89.54
C ALA H 125 -10.42 6.93 88.85
N ARG H 126 -11.28 7.08 87.86
CA ARG H 126 -11.91 5.95 87.15
C ARG H 126 -10.94 5.44 86.08
N PHE H 127 -10.13 6.29 85.44
CA PHE H 127 -9.34 5.93 84.25
C PHE H 127 -7.92 6.43 84.46
N PRO H 128 -7.11 5.68 85.22
CA PRO H 128 -5.85 6.21 85.76
C PRO H 128 -4.69 6.32 84.79
N ARG H 129 -3.96 7.42 84.98
CA ARG H 129 -2.67 7.70 84.31
C ARG H 129 -1.48 6.96 84.92
N VAL H 130 -0.55 6.71 84.03
CA VAL H 130 0.86 6.35 84.35
C VAL H 130 1.41 7.27 85.45
N VAL H 131 1.93 6.64 86.50
CA VAL H 131 2.66 7.33 87.59
C VAL H 131 4.14 7.07 87.45
N LYS H 132 4.94 8.09 87.43
CA LYS H 132 6.42 7.97 87.38
C LYS H 132 7.00 7.39 88.68
N GLU H 133 8.23 6.91 88.59
CA GLU H 133 8.98 6.40 89.76
C GLU H 133 8.96 7.49 90.85
N ASP H 134 9.06 8.78 90.48
CA ASP H 134 9.11 9.90 91.47
C ASP H 134 7.72 10.24 92.02
N GLY H 135 6.64 9.60 91.58
CA GLY H 135 5.29 9.96 92.10
C GLY H 135 4.52 10.97 91.24
N ASP H 136 5.17 11.67 90.30
CA ASP H 136 4.47 12.61 89.38
C ASP H 136 3.66 11.80 88.38
N THR H 137 2.59 12.41 87.87
CA THR H 137 1.69 11.73 86.90
C THR H 137 1.92 12.24 85.48
N LEU H 138 1.93 11.32 84.50
CA LEU H 138 2.02 11.69 83.07
C LEU H 138 0.65 11.60 82.43
N ASN H 139 0.44 12.37 81.36
CA ASN H 139 -0.85 12.32 80.66
C ASN H 139 -0.79 11.19 79.63
N SER H 140 -0.81 9.95 80.14
CA SER H 140 -0.72 8.71 79.35
C SER H 140 -1.50 7.69 80.19
N LEU H 141 -2.60 7.10 79.68
CA LEU H 141 -3.45 6.22 80.49
C LEU H 141 -2.71 4.88 80.74
N SER H 142 -2.77 4.40 81.98
CA SER H 142 -2.13 3.13 82.35
C SER H 142 -2.82 1.98 81.64
N PRO H 143 -2.05 1.06 81.01
CA PRO H 143 -2.69 -0.14 80.43
C PRO H 143 -3.17 -1.14 81.49
N LEU H 144 -2.91 -0.84 82.75
CA LEU H 144 -3.47 -1.66 83.85
C LEU H 144 -4.80 -1.10 84.38
N GLY H 145 -5.33 -0.03 83.80
CA GLY H 145 -6.65 0.53 84.18
C GLY H 145 -7.76 -0.35 83.66
N GLN H 146 -8.41 -1.16 84.52
CA GLN H 146 -9.40 -2.15 84.04
C GLN H 146 -10.66 -1.47 83.58
N ASN H 147 -10.99 -0.28 84.13
CA ASN H 147 -12.20 0.41 83.69
C ASN H 147 -11.92 1.03 82.32
N THR H 148 -10.69 1.46 82.05
CA THR H 148 -10.34 2.11 80.81
C THR H 148 -10.48 1.06 79.70
N LEU H 149 -9.91 -0.13 79.93
CA LEU H 149 -9.99 -1.20 78.91
C LEU H 149 -11.45 -1.56 78.62
N ALA H 150 -12.26 -1.73 79.65
CA ALA H 150 -13.70 -2.06 79.51
C ALA H 150 -14.40 -1.01 78.68
N ALA H 151 -14.13 0.26 78.96
CA ALA H 151 -14.84 1.35 78.25
C ALA H 151 -14.40 1.49 76.78
N ASP H 152 -13.09 1.35 76.55
CA ASP H 152 -12.53 1.39 75.20
C ASP H 152 -13.18 0.26 74.42
N LYS H 153 -13.17 -0.94 74.98
CA LYS H 153 -13.70 -2.16 74.31
C LYS H 153 -15.18 -1.97 73.97
N LYS H 154 -15.96 -1.42 74.88
CA LYS H 154 -17.43 -1.23 74.67
C LYS H 154 -17.62 -0.31 73.46
N ALA H 155 -16.87 0.79 73.40
CA ALA H 155 -17.07 1.71 72.27
C ALA H 155 -16.58 1.11 70.96
N PHE H 156 -15.46 0.41 70.98
CA PHE H 156 -14.89 -0.21 69.77
C PHE H 156 -15.90 -1.24 69.24
N VAL H 157 -16.46 -2.00 70.11
CA VAL H 157 -17.54 -2.98 69.77
C VAL H 157 -18.71 -2.27 69.07
N GLU H 158 -19.12 -1.08 69.54
CA GLU H 158 -20.24 -0.36 68.89
C GLU H 158 -19.78 0.05 67.49
N LEU H 159 -18.54 0.54 67.33
CA LEU H 159 -18.04 0.89 65.97
C LEU H 159 -18.14 -0.33 65.05
N MET H 160 -17.63 -1.45 65.52
CA MET H 160 -17.61 -2.65 64.66
C MET H 160 -19.04 -3.12 64.37
N LYS H 161 -19.98 -2.92 65.29
CA LYS H 161 -21.41 -3.25 65.04
C LYS H 161 -21.95 -2.37 63.91
N TYR H 162 -21.58 -1.09 63.94
CA TYR H 162 -22.02 -0.17 62.87
C TYR H 162 -21.54 -0.72 61.51
N LEU H 163 -20.26 -1.09 61.42
CA LEU H 163 -19.70 -1.61 60.13
C LEU H 163 -20.42 -2.91 59.75
N ALA H 164 -20.74 -3.72 60.73
CA ALA H 164 -21.36 -5.03 60.42
C ALA H 164 -22.72 -4.77 59.77
N LYS H 165 -23.45 -3.75 60.22
CA LYS H 165 -24.84 -3.41 59.82
C LYS H 165 -24.80 -2.63 58.51
N ARG H 166 -23.82 -1.73 58.34
N ARG H 166 -23.84 -1.71 58.35
CA ARG H 166 -23.90 -0.69 57.29
CA ARG H 166 -23.94 -0.69 57.25
C ARG H 166 -22.81 -0.82 56.23
C ARG H 166 -22.74 -0.74 56.32
N ASP H 167 -21.88 -1.78 56.38
CA ASP H 167 -20.72 -1.85 55.46
C ASP H 167 -20.50 -3.31 54.96
N LYS H 168 -21.52 -3.87 54.36
CA LYS H 168 -21.47 -5.30 54.02
C LYS H 168 -20.52 -5.60 52.87
N ASP H 169 -20.19 -4.65 52.02
CA ASP H 169 -19.22 -4.81 50.93
C ASP H 169 -17.79 -4.49 51.41
N HIS H 170 -17.62 -4.17 52.70
CA HIS H 170 -16.27 -3.95 53.29
C HIS H 170 -15.56 -2.78 52.60
N THR H 171 -16.25 -1.65 52.46
CA THR H 171 -15.57 -0.38 52.10
C THR H 171 -14.38 -0.18 53.06
N VAL H 172 -14.66 -0.43 54.36
CA VAL H 172 -13.59 -0.45 55.40
C VAL H 172 -12.90 -1.81 55.30
N ILE H 173 -11.59 -1.80 54.95
CA ILE H 173 -10.86 -3.09 54.78
C ILE H 173 -10.04 -3.42 56.02
N MET H 174 -9.74 -2.46 56.93
CA MET H 174 -8.79 -2.74 58.00
C MET H 174 -8.95 -1.60 59.04
N VAL H 175 -8.71 -1.94 60.30
CA VAL H 175 -8.85 -1.00 61.41
C VAL H 175 -7.54 -0.96 62.13
N GLN H 176 -7.09 0.28 62.43
CA GLN H 176 -5.93 0.51 63.30
C GLN H 176 -6.46 0.70 64.72
N VAL H 177 -5.99 -0.10 65.66
CA VAL H 177 -6.47 -0.10 67.07
C VAL H 177 -5.51 0.75 67.90
N GLN H 178 -6.03 1.92 68.35
CA GLN H 178 -5.23 3.00 68.99
C GLN H 178 -4.37 3.68 67.94
N ASN H 179 -3.61 4.67 68.36
CA ASN H 179 -2.64 5.34 67.48
C ASN H 179 -1.34 5.61 68.24
N GLU H 180 -0.25 4.95 67.92
CA GLU H 180 1.05 5.16 68.59
C GLU H 180 0.89 5.06 70.11
N VAL H 181 0.61 3.89 70.63
CA VAL H 181 0.58 3.60 72.05
C VAL H 181 1.95 3.83 72.65
N GLY H 182 1.93 3.88 73.98
CA GLY H 182 3.18 3.96 74.72
C GLY H 182 3.15 5.14 75.63
N THR H 183 4.31 5.42 76.21
CA THR H 183 4.44 6.55 77.15
C THR H 183 5.72 7.32 76.87
N TYR H 184 5.60 8.63 76.78
CA TYR H 184 6.76 9.55 76.81
C TYR H 184 6.98 10.00 78.26
N GLY H 185 8.25 10.00 78.67
CA GLY H 185 8.65 10.57 79.97
C GLY H 185 8.73 9.56 81.12
N ALA H 186 8.46 8.28 80.87
CA ALA H 186 8.66 7.17 81.83
C ALA H 186 8.75 5.88 81.00
N VAL H 187 9.24 4.83 81.61
CA VAL H 187 9.38 3.55 80.90
C VAL H 187 8.10 2.78 81.09
N ARG H 188 7.46 2.90 82.26
CA ARG H 188 6.25 2.13 82.56
C ARG H 188 5.42 2.87 83.58
N ASP H 189 4.25 2.31 83.92
CA ASP H 189 3.49 2.71 85.12
C ASP H 189 4.22 2.19 86.33
N TYR H 190 4.44 3.06 87.30
CA TYR H 190 5.07 2.69 88.61
C TYR H 190 4.08 2.90 89.76
N SER H 191 2.80 3.04 89.42
CA SER H 191 1.70 3.18 90.39
C SER H 191 1.80 1.93 91.26
N PRO H 192 1.22 1.95 92.47
CA PRO H 192 1.10 0.74 93.29
C PRO H 192 0.37 -0.39 92.61
N MET H 193 -0.63 -0.04 91.84
CA MET H 193 -1.46 -0.99 91.03
C MET H 193 -0.53 -1.72 90.06
N ALA H 194 0.32 -0.99 89.33
CA ALA H 194 1.29 -1.53 88.35
C ALA H 194 2.37 -2.32 89.09
N GLN H 195 2.84 -1.80 90.20
CA GLN H 195 3.95 -2.43 90.92
C GLN H 195 3.49 -3.78 91.51
N ALA H 196 2.21 -3.96 91.83
CA ALA H 196 1.74 -5.26 92.35
C ALA H 196 1.78 -6.33 91.26
N VAL H 197 1.67 -5.93 89.98
CA VAL H 197 1.70 -6.91 88.86
C VAL H 197 3.15 -7.16 88.51
N PHE H 198 3.92 -6.10 88.46
CA PHE H 198 5.36 -6.12 88.14
C PHE H 198 6.10 -7.08 89.09
N ASN H 199 5.71 -7.08 90.35
CA ASN H 199 6.46 -7.84 91.35
C ASN H 199 6.07 -9.32 91.32
N ALA H 200 4.99 -9.65 90.62
CA ALA H 200 4.43 -11.01 90.50
C ALA H 200 5.09 -11.78 89.35
N ALA H 201 4.76 -13.05 89.24
CA ALA H 201 5.27 -13.91 88.17
C ALA H 201 4.92 -13.29 86.83
N VAL H 202 5.80 -13.51 85.84
CA VAL H 202 5.47 -13.22 84.45
C VAL H 202 4.44 -14.28 84.13
N PRO H 203 3.37 -13.90 83.43
CA PRO H 203 2.33 -14.84 83.03
C PRO H 203 2.90 -16.05 82.29
N ASP H 204 2.32 -17.23 82.57
CA ASP H 204 2.70 -18.52 81.98
C ASP H 204 2.68 -18.35 80.47
N ASP H 205 1.65 -17.77 79.89
CA ASP H 205 1.49 -17.83 78.40
C ASP H 205 2.71 -17.14 77.76
N LEU H 206 3.14 -16.02 78.33
CA LEU H 206 4.30 -15.28 77.77
C LEU H 206 5.55 -16.13 77.95
N ILE H 207 5.72 -16.70 79.13
CA ILE H 207 6.92 -17.56 79.41
C ILE H 207 6.97 -18.73 78.42
N GLN H 208 5.83 -19.35 78.13
CA GLN H 208 5.82 -20.58 77.29
C GLN H 208 6.10 -20.16 75.82
N LYS H 209 5.50 -19.06 75.35
CA LYS H 209 5.63 -18.56 73.96
C LYS H 209 7.07 -18.11 73.71
N LEU H 210 7.70 -17.45 74.68
CA LEU H 210 9.07 -16.99 74.51
C LEU H 210 10.09 -18.06 74.85
N GLN H 211 9.67 -19.20 75.41
CA GLN H 211 10.55 -20.34 75.71
C GLN H 211 11.64 -19.89 76.68
N LEU H 212 11.23 -19.24 77.77
CA LEU H 212 12.08 -18.77 78.89
C LEU H 212 11.82 -19.60 80.18
N LYS H 213 12.74 -19.46 81.15
CA LYS H 213 12.60 -19.98 82.52
C LYS H 213 11.62 -19.09 83.26
N PRO H 214 10.62 -19.69 83.95
CA PRO H 214 9.65 -18.94 84.73
C PRO H 214 10.32 -18.11 85.80
N GLY H 215 9.70 -16.98 86.13
CA GLY H 215 10.16 -16.11 87.24
C GLY H 215 9.32 -14.85 87.29
N THR H 216 9.70 -13.88 88.12
CA THR H 216 9.05 -12.56 88.12
C THR H 216 9.59 -11.74 86.95
N TRP H 217 8.94 -10.61 86.69
CA TRP H 217 9.43 -9.67 85.63
C TRP H 217 10.94 -9.37 85.78
N SER H 218 11.35 -8.99 87.00
N SER H 218 11.37 -8.85 86.94
CA SER H 218 12.73 -8.53 87.32
CA SER H 218 12.80 -8.51 87.14
C SER H 218 13.75 -9.67 87.23
C SER H 218 13.69 -9.76 86.92
N GLN H 219 13.29 -10.90 87.46
CA GLN H 219 14.13 -12.14 87.34
C GLN H 219 14.22 -12.58 85.88
N VAL H 220 13.10 -12.53 85.16
CA VAL H 220 13.10 -13.04 83.75
C VAL H 220 13.83 -12.09 82.82
N PHE H 221 13.58 -10.81 82.97
CA PHE H 221 13.99 -9.78 81.96
C PHE H 221 15.11 -8.81 82.42
N GLY H 222 15.50 -8.80 83.71
CA GLY H 222 16.62 -7.98 84.22
C GLY H 222 16.53 -6.55 83.77
N ARG H 223 17.58 -5.97 83.14
CA ARG H 223 17.60 -4.51 82.76
C ARG H 223 16.41 -4.18 81.85
N ASP H 224 15.79 -5.14 81.16
CA ASP H 224 14.67 -4.89 80.21
C ASP H 224 13.28 -5.02 80.89
N ALA H 225 13.19 -5.36 82.17
CA ALA H 225 11.90 -5.70 82.82
C ALA H 225 10.93 -4.52 82.73
N ASP H 226 11.35 -3.27 83.06
CA ASP H 226 10.39 -2.18 83.06
C ASP H 226 9.78 -1.96 81.67
N GLU H 227 10.59 -1.95 80.62
CA GLU H 227 10.11 -1.64 79.24
C GLU H 227 9.29 -2.83 78.75
N PHE H 228 9.78 -4.04 78.96
CA PHE H 228 9.07 -5.19 78.40
C PHE H 228 7.74 -5.33 79.11
N PHE H 229 7.70 -5.02 80.38
CA PHE H 229 6.45 -5.00 81.18
C PHE H 229 5.42 -4.04 80.55
N HIS H 230 5.84 -2.83 80.23
CA HIS H 230 4.91 -1.83 79.65
C HIS H 230 4.47 -2.34 78.28
N ALA H 231 5.39 -2.83 77.46
CA ALA H 231 5.01 -3.36 76.13
C ALA H 231 3.99 -4.49 76.32
N TYR H 232 4.28 -5.42 77.21
CA TYR H 232 3.33 -6.55 77.43
C TYR H 232 1.94 -6.09 77.84
N GLN H 233 1.89 -5.19 78.78
CA GLN H 233 0.58 -4.77 79.32
C GLN H 233 -0.20 -3.97 78.25
N ILE H 234 0.47 -3.12 77.48
CA ILE H 234 -0.17 -2.42 76.34
C ILE H 234 -0.59 -3.43 75.31
N ALA H 235 0.28 -4.40 74.98
CA ALA H 235 -0.09 -5.35 73.94
C ALA H 235 -1.35 -6.09 74.39
N ARG H 236 -1.42 -6.52 75.65
CA ARG H 236 -2.58 -7.33 76.16
C ARG H 236 -3.85 -6.48 76.12
N TYR H 237 -3.70 -5.20 76.42
CA TYR H 237 -4.83 -4.24 76.27
C TYR H 237 -5.32 -4.17 74.83
N CYS H 238 -4.40 -3.87 73.94
CA CYS H 238 -4.75 -3.76 72.50
C CYS H 238 -5.32 -5.09 71.98
N ASP H 239 -4.76 -6.18 72.40
CA ASP H 239 -5.25 -7.50 71.89
C ASP H 239 -6.68 -7.73 72.35
N GLU H 240 -6.99 -7.36 73.58
CA GLU H 240 -8.38 -7.54 74.08
C GLU H 240 -9.37 -6.65 73.34
N VAL H 241 -8.99 -5.41 73.03
CA VAL H 241 -9.87 -4.53 72.23
C VAL H 241 -10.08 -5.19 70.87
N THR H 242 -9.01 -5.65 70.24
CA THR H 242 -9.02 -6.25 68.90
C THR H 242 -9.97 -7.47 68.93
N VAL H 243 -9.85 -8.32 69.93
CA VAL H 243 -10.64 -9.59 69.98
C VAL H 243 -12.11 -9.25 70.08
N ALA H 244 -12.45 -8.29 70.93
CA ALA H 244 -13.84 -7.88 71.12
C ALA H 244 -14.39 -7.36 69.78
N GLY H 245 -13.69 -6.45 69.10
CA GLY H 245 -14.17 -5.97 67.82
C GLY H 245 -14.26 -7.05 66.74
N LYS H 246 -13.24 -7.90 66.66
CA LYS H 246 -13.30 -8.95 65.60
C LYS H 246 -14.47 -9.91 65.81
N ALA H 247 -14.88 -10.11 67.03
CA ALA H 247 -16.01 -10.99 67.36
C ALA H 247 -17.29 -10.43 66.71
N ILE H 248 -17.36 -9.10 66.45
CA ILE H 248 -18.50 -8.48 65.74
C ILE H 248 -18.30 -8.60 64.24
N LYS H 249 -17.11 -8.22 63.79
CA LYS H 249 -16.74 -8.27 62.35
C LYS H 249 -15.24 -8.51 62.29
N ASN H 250 -14.84 -9.60 61.65
CA ASN H 250 -13.47 -10.11 61.70
C ASN H 250 -12.62 -9.45 60.59
N LEU H 251 -12.53 -8.10 60.61
CA LEU H 251 -11.59 -7.36 59.74
C LEU H 251 -10.16 -7.51 60.27
N PRO H 252 -9.18 -7.43 59.37
CA PRO H 252 -7.80 -7.26 59.81
C PRO H 252 -7.68 -6.02 60.73
N MET H 253 -6.81 -6.13 61.71
CA MET H 253 -6.52 -5.01 62.61
C MET H 253 -5.05 -4.93 62.94
N TYR H 254 -4.53 -3.72 63.15
CA TYR H 254 -3.08 -3.59 63.30
C TYR H 254 -2.82 -2.47 64.30
N VAL H 255 -1.57 -2.39 64.77
CA VAL H 255 -1.14 -1.20 65.57
C VAL H 255 0.01 -0.52 64.83
N ASN H 256 0.15 0.78 65.04
CA ASN H 256 1.16 1.64 64.41
C ASN H 256 2.18 2.19 65.41
N VAL H 257 3.43 2.16 65.02
CA VAL H 257 4.52 2.38 66.01
C VAL H 257 5.17 3.76 65.83
N ALA H 258 5.22 4.49 66.95
CA ALA H 258 6.15 5.63 67.08
C ALA H 258 7.62 5.13 67.19
N LEU H 259 8.29 5.01 66.04
CA LEU H 259 9.59 4.31 65.93
C LEU H 259 10.61 4.95 66.86
N ARG H 260 11.44 4.12 67.44
CA ARG H 260 12.78 4.52 67.92
C ARG H 260 13.75 4.47 66.76
N ASN H 261 14.75 5.33 66.76
CA ASN H 261 15.83 5.25 65.77
C ASN H 261 16.55 3.92 65.99
N PRO H 262 16.57 3.02 64.98
CA PRO H 262 17.07 1.66 65.24
C PRO H 262 18.59 1.65 65.50
N PHE H 263 19.30 2.68 65.03
CA PHE H 263 20.77 2.78 65.19
C PHE H 263 21.22 3.52 66.46
N ASN H 264 20.32 4.32 67.03
CA ASN H 264 20.68 5.27 68.11
C ASN H 264 19.38 5.67 68.79
N PRO H 265 18.70 4.74 69.49
CA PRO H 265 17.31 4.97 69.88
C PRO H 265 17.13 5.96 71.03
N GLY H 266 18.18 6.20 71.82
CA GLY H 266 17.98 6.84 73.13
C GLY H 266 17.30 5.86 74.09
N LEU H 267 16.76 6.39 75.18
CA LEU H 267 16.16 5.62 76.28
C LEU H 267 14.66 5.52 76.11
N PRO H 268 14.07 4.38 76.55
CA PRO H 268 12.61 4.26 76.57
C PRO H 268 12.11 5.42 77.43
N GLY H 269 11.04 6.04 76.96
CA GLY H 269 10.52 7.25 77.58
C GLY H 269 10.99 8.50 76.84
N GLN H 270 12.19 8.49 76.27
N GLN H 270 12.19 8.49 76.27
CA GLN H 270 12.64 9.53 75.29
CA GLN H 270 12.61 9.53 75.27
C GLN H 270 11.93 9.20 73.98
C GLN H 270 11.89 9.19 73.98
N TYR H 271 12.07 7.97 73.49
CA TYR H 271 11.12 7.41 72.52
C TYR H 271 9.89 6.92 73.32
N SER H 272 8.81 6.57 72.62
CA SER H 272 7.55 6.12 73.23
C SER H 272 7.65 4.68 73.75
N SER H 273 7.84 4.53 75.04
CA SER H 273 8.06 3.24 75.70
C SER H 273 6.81 2.39 75.60
N GLY H 274 6.96 1.11 75.22
CA GLY H 274 5.82 0.19 75.31
C GLY H 274 5.14 -0.06 73.97
N GLY H 275 5.32 0.85 73.01
CA GLY H 275 4.88 0.62 71.64
C GLY H 275 5.72 -0.52 71.07
N GLY H 276 5.36 -0.89 69.85
CA GLY H 276 5.99 -1.97 69.13
C GLY H 276 7.35 -1.61 68.52
N THR H 277 8.26 -1.06 69.30
CA THR H 277 9.62 -0.71 68.88
C THR H 277 10.39 -2.01 68.57
N ASP H 278 11.50 -1.86 67.88
CA ASP H 278 12.16 -3.04 67.30
C ASP H 278 12.59 -4.01 68.39
N ASN H 279 12.89 -3.54 69.58
CA ASN H 279 13.40 -4.37 70.70
C ASN H 279 12.31 -5.17 71.39
N VAL H 280 11.03 -4.83 71.20
CA VAL H 280 9.90 -5.51 71.88
C VAL H 280 8.93 -6.12 70.87
N LEU H 281 9.38 -6.34 69.60
CA LEU H 281 8.45 -7.01 68.66
C LEU H 281 8.18 -8.43 69.16
N HIS H 282 9.17 -9.07 69.78
CA HIS H 282 8.97 -10.46 70.31
C HIS H 282 7.92 -10.49 71.42
N ILE H 283 7.89 -9.44 72.25
CA ILE H 283 6.92 -9.30 73.35
C ILE H 283 5.55 -9.09 72.70
N TRP H 284 5.43 -8.10 71.80
CA TRP H 284 4.13 -7.82 71.16
C TRP H 284 3.60 -9.07 70.42
N LYS H 285 4.46 -9.84 69.78
CA LYS H 285 3.96 -10.99 68.99
C LYS H 285 3.44 -12.07 69.92
N ALA H 286 4.12 -12.30 71.00
CA ALA H 286 3.70 -13.32 71.99
C ALA H 286 2.44 -12.82 72.71
N ALA H 287 2.34 -11.53 73.05
CA ALA H 287 1.26 -11.07 73.93
C ALA H 287 -0.01 -10.81 73.15
N ALA H 288 0.09 -10.51 71.86
CA ALA H 288 -1.07 -10.03 71.08
C ALA H 288 -1.29 -10.81 69.80
N PRO H 289 -1.57 -12.13 69.94
CA PRO H 289 -1.76 -12.98 68.77
C PRO H 289 -2.94 -12.65 67.87
N ASN H 290 -3.85 -11.78 68.32
CA ASN H 290 -5.05 -11.44 67.53
C ASN H 290 -4.79 -10.14 66.75
N ILE H 291 -3.67 -9.49 66.99
CA ILE H 291 -3.30 -8.29 66.17
C ILE H 291 -2.56 -8.76 64.92
N ASP H 292 -3.06 -8.39 63.75
CA ASP H 292 -2.57 -8.94 62.46
C ASP H 292 -1.13 -8.57 62.21
N LEU H 293 -0.77 -7.27 62.39
CA LEU H 293 0.59 -6.81 62.08
C LEU H 293 0.90 -5.59 62.94
N ILE H 294 2.19 -5.32 63.02
CA ILE H 294 2.77 -4.16 63.71
C ILE H 294 3.41 -3.29 62.62
N ALA H 295 2.93 -2.05 62.40
CA ALA H 295 3.23 -1.17 61.28
C ALA H 295 4.13 0.00 61.69
N PRO H 296 5.25 0.21 60.98
CA PRO H 296 6.10 1.38 61.25
C PRO H 296 5.48 2.68 60.75
N ASP H 297 5.65 3.74 61.56
CA ASP H 297 5.36 5.13 61.14
C ASP H 297 6.64 5.89 60.87
N ILE H 298 7.01 6.03 59.59
CA ILE H 298 8.36 6.42 59.15
C ILE H 298 8.48 7.92 58.88
N TYR H 299 9.32 8.60 59.68
CA TYR H 299 9.56 10.04 59.49
C TYR H 299 11.06 10.35 59.43
N PHE H 300 11.90 9.33 59.52
CA PHE H 300 13.32 9.46 59.24
C PHE H 300 13.48 9.67 57.73
N ARG H 301 14.23 10.70 57.32
CA ARG H 301 14.31 11.05 55.87
C ARG H 301 15.38 10.26 55.13
N ASP H 302 16.41 9.84 55.87
CA ASP H 302 17.64 9.32 55.23
C ASP H 302 17.52 7.84 54.87
N TYR H 303 18.09 7.55 53.71
CA TYR H 303 17.97 6.21 53.13
C TYR H 303 18.42 5.08 54.07
N LYS H 304 19.58 5.20 54.71
N LYS H 304 19.58 5.25 54.71
CA LYS H 304 20.06 4.05 55.53
CA LYS H 304 20.14 4.18 55.54
C LYS H 304 19.10 3.78 56.70
C LYS H 304 19.17 3.83 56.67
N THR H 305 18.62 4.82 57.36
CA THR H 305 17.75 4.60 58.53
C THR H 305 16.35 4.05 58.09
N VAL H 306 15.83 4.56 57.00
CA VAL H 306 14.53 4.07 56.51
C VAL H 306 14.71 2.61 56.06
N SER H 307 15.83 2.31 55.41
CA SER H 307 16.09 0.95 54.95
C SER H 307 16.13 0.00 56.13
N LYS H 308 16.77 0.43 57.20
CA LYS H 308 16.85 -0.42 58.40
C LYS H 308 15.46 -0.71 58.99
N VAL H 309 14.64 0.35 59.12
CA VAL H 309 13.26 0.19 59.58
C VAL H 309 12.55 -0.82 58.69
N LEU H 310 12.65 -0.68 57.38
CA LEU H 310 11.94 -1.63 56.51
C LEU H 310 12.42 -3.04 56.81
N GLU H 311 13.73 -3.21 57.00
CA GLU H 311 14.32 -4.56 57.25
C GLU H 311 13.79 -5.13 58.59
N LEU H 312 13.71 -4.31 59.64
CA LEU H 312 13.33 -4.81 60.99
C LEU H 312 11.84 -5.16 61.06
N TYR H 313 10.99 -4.46 60.28
CA TYR H 313 9.51 -4.70 60.38
C TYR H 313 9.04 -5.75 59.39
N THR H 314 9.92 -6.16 58.45
CA THR H 314 9.50 -7.21 57.51
C THR H 314 10.02 -8.54 58.05
N ARG H 315 9.12 -9.38 58.52
CA ARG H 315 9.48 -10.64 59.27
C ARG H 315 8.57 -11.74 58.81
N PRO H 316 9.01 -13.02 58.90
CA PRO H 316 8.09 -14.11 58.66
C PRO H 316 6.78 -14.00 59.43
N ASP H 317 6.84 -13.39 60.63
CA ASP H 317 5.65 -13.26 61.49
C ASP H 317 5.05 -11.83 61.40
N ASN H 318 5.51 -10.99 60.45
CA ASN H 318 4.99 -9.60 60.43
C ASN H 318 4.96 -9.10 58.96
N ALA H 319 3.76 -8.90 58.43
CA ALA H 319 3.60 -8.27 57.15
C ALA H 319 4.10 -6.82 57.27
N LEU H 320 4.68 -6.32 56.24
CA LEU H 320 5.09 -4.88 56.18
C LEU H 320 3.96 -4.00 55.70
N PHE H 321 3.56 -3.07 56.57
CA PHE H 321 2.65 -2.00 56.17
C PHE H 321 3.20 -0.67 56.64
N VAL H 322 3.53 0.17 55.70
CA VAL H 322 4.06 1.51 56.07
C VAL H 322 2.81 2.37 56.34
N ALA H 323 2.36 2.34 57.58
CA ALA H 323 1.02 2.87 57.98
C ALA H 323 1.04 4.40 57.90
N GLU H 324 2.21 4.98 58.09
CA GLU H 324 2.46 6.40 57.92
C GLU H 324 3.84 6.59 57.33
N ILE H 325 3.96 7.62 56.50
CA ILE H 325 5.28 8.10 56.12
C ILE H 325 5.17 9.61 55.87
N GLY H 326 6.25 10.33 56.04
CA GLY H 326 6.19 11.79 55.75
C GLY H 326 5.72 12.06 54.34
N ASN H 327 5.18 13.26 54.10
CA ASN H 327 4.66 13.62 52.79
C ASN H 327 5.59 14.55 52.07
N ASP H 328 6.79 14.78 52.60
CA ASP H 328 7.80 15.55 51.86
C ASP H 328 8.36 14.71 50.69
N GLN H 329 8.84 15.37 49.68
CA GLN H 329 9.39 14.79 48.40
C GLN H 329 10.29 13.59 48.65
N PRO H 330 11.27 13.61 49.57
CA PRO H 330 12.21 12.49 49.70
C PRO H 330 11.55 11.16 50.04
N PHE H 331 10.37 11.20 50.60
CA PHE H 331 9.71 9.95 51.14
C PHE H 331 9.08 9.13 49.98
N ALA H 332 8.78 9.73 48.86
CA ALA H 332 7.97 9.05 47.82
C ALA H 332 8.70 7.80 47.31
N ARG H 333 9.99 7.87 47.17
CA ARG H 333 10.75 6.77 46.53
C ARG H 333 10.74 5.57 47.46
N TYR H 334 10.42 5.69 48.74
CA TYR H 334 10.45 4.53 49.63
C TYR H 334 9.27 3.59 49.30
N LEU H 335 8.33 4.01 48.47
CA LEU H 335 7.31 3.06 47.98
C LEU H 335 8.00 1.82 47.33
N PHE H 336 9.10 2.02 46.62
CA PHE H 336 9.73 0.93 45.80
C PHE H 336 10.29 -0.13 46.73
N PRO H 337 11.16 0.16 47.74
CA PRO H 337 11.61 -0.90 48.62
C PRO H 337 10.51 -1.48 49.47
N THR H 338 9.51 -0.66 49.86
CA THR H 338 8.37 -1.18 50.66
C THR H 338 7.71 -2.33 49.87
N LEU H 339 7.38 -2.07 48.59
CA LEU H 339 6.77 -3.15 47.80
C LEU H 339 7.77 -4.28 47.52
N GLY H 340 9.04 -3.96 47.34
CA GLY H 340 10.05 -4.99 47.02
C GLY H 340 10.22 -5.95 48.18
N LYS H 341 9.96 -5.52 49.43
CA LYS H 341 9.99 -6.40 50.61
C LYS H 341 8.72 -7.23 50.74
N GLY H 342 7.78 -7.13 49.80
CA GLY H 342 6.49 -7.78 49.90
C GLY H 342 5.51 -6.99 50.72
N GLY H 343 5.78 -5.69 50.85
CA GLY H 343 4.82 -4.90 51.63
C GLY H 343 3.40 -4.89 51.08
N ILE H 344 2.43 -4.76 51.98
CA ILE H 344 1.01 -4.74 51.65
C ILE H 344 0.51 -3.30 51.42
N GLY H 345 1.30 -2.29 51.72
CA GLY H 345 0.80 -0.93 51.57
C GLY H 345 1.68 0.14 52.14
N PHE H 346 1.28 1.38 51.83
CA PHE H 346 2.16 2.54 52.01
C PHE H 346 1.24 3.75 52.06
N SER H 347 1.36 4.56 53.11
CA SER H 347 0.34 5.58 53.39
C SER H 347 0.98 6.91 53.85
N PRO H 348 1.26 7.85 52.92
CA PRO H 348 1.80 9.18 53.28
C PRO H 348 0.78 9.95 54.15
N PHE H 349 1.32 10.59 55.18
CA PHE H 349 0.51 11.33 56.16
C PHE H 349 0.30 12.80 55.74
N GLY H 350 -0.94 13.23 55.88
CA GLY H 350 -1.24 14.67 55.74
C GLY H 350 -1.61 15.09 54.36
N MET H 351 -2.31 14.20 53.67
CA MET H 351 -2.69 14.46 52.25
C MET H 351 -4.09 15.06 52.20
N ASP H 352 -4.20 16.28 52.77
CA ASP H 352 -5.45 17.02 52.68
C ASP H 352 -5.14 18.51 52.74
N ASP H 353 -6.16 19.29 52.38
CA ASP H 353 -6.03 20.76 52.26
C ASP H 353 -6.70 21.46 53.44
N THR H 354 -6.51 20.98 54.64
CA THR H 354 -7.16 21.53 55.87
C THR H 354 -6.26 22.56 56.55
N ASP H 355 -5.32 23.15 55.84
CA ASP H 355 -4.52 24.33 56.31
C ASP H 355 -3.66 23.84 57.47
N TYR H 356 -2.87 22.80 57.22
CA TYR H 356 -1.90 22.34 58.23
C TYR H 356 -0.73 21.70 57.49
N THR H 357 0.47 21.96 57.98
N THR H 357 0.47 21.98 57.96
CA THR H 357 1.72 21.32 57.51
CA THR H 357 1.70 21.29 57.53
C THR H 357 2.46 20.84 58.75
C THR H 357 2.43 20.82 58.78
N ASN H 358 2.92 19.59 58.74
CA ASN H 358 3.60 18.99 59.90
C ASN H 358 5.11 19.06 59.72
N TYR H 359 5.59 19.92 58.84
CA TYR H 359 7.02 20.26 58.81
C TYR H 359 7.42 20.70 60.20
N PRO H 360 8.53 20.22 60.74
CA PRO H 360 9.56 19.46 60.04
C PRO H 360 9.41 17.97 59.72
N LEU H 361 8.34 17.30 60.14
CA LEU H 361 8.16 15.85 59.81
C LEU H 361 7.86 15.67 58.33
N GLY H 362 7.02 16.52 57.77
CA GLY H 362 6.62 16.41 56.37
C GLY H 362 6.94 17.64 55.57
N ALA H 363 6.20 17.87 54.49
CA ALA H 363 6.40 18.98 53.53
C ALA H 363 6.23 20.32 54.25
N LYS H 364 7.00 21.32 53.85
CA LYS H 364 6.83 22.71 54.36
C LYS H 364 5.55 23.33 53.81
N VAL H 365 5.14 22.95 52.61
CA VAL H 365 3.98 23.52 51.88
C VAL H 365 3.12 22.36 51.42
N TYR H 366 1.81 22.57 51.41
CA TYR H 366 0.91 21.58 50.82
C TYR H 366 0.32 22.18 49.56
N ASN H 367 0.71 21.61 48.41
CA ASN H 367 0.20 22.07 47.12
C ASN H 367 0.21 20.94 46.10
N ASP H 368 -0.26 21.23 44.91
CA ASP H 368 -0.36 20.18 43.89
C ASP H 368 1.00 19.51 43.69
N GLU H 369 2.12 20.22 43.74
CA GLU H 369 3.48 19.60 43.59
C GLU H 369 3.72 18.59 44.73
N THR H 370 3.28 18.88 45.98
CA THR H 370 3.48 17.97 47.10
C THR H 370 2.81 16.65 46.68
N ILE H 371 1.59 16.71 46.21
CA ILE H 371 0.77 15.51 45.90
C ILE H 371 1.39 14.81 44.69
N GLU H 372 1.89 15.54 43.72
CA GLU H 372 2.36 15.00 42.44
C GLU H 372 3.55 14.07 42.70
N GLN H 373 4.40 14.32 43.72
CA GLN H 373 5.56 13.43 43.98
C GLN H 373 5.06 12.01 44.25
N PHE H 374 3.95 11.86 44.93
CA PHE H 374 3.39 10.53 45.28
C PHE H 374 2.57 10.05 44.09
N ALA H 375 1.85 10.93 43.40
CA ALA H 375 1.01 10.52 42.26
C ALA H 375 1.88 9.89 41.20
N GLN H 376 3.11 10.38 40.98
CA GLN H 376 3.96 9.87 39.88
C GLN H 376 4.35 8.44 40.22
N VAL H 377 4.63 8.12 41.48
CA VAL H 377 5.08 6.72 41.78
C VAL H 377 3.86 5.83 41.91
N TYR H 378 2.69 6.29 42.36
CA TYR H 378 1.47 5.47 42.39
C TYR H 378 1.03 5.11 40.95
N ARG H 379 1.33 5.94 39.96
CA ARG H 379 0.95 5.68 38.55
C ARG H 379 1.69 4.42 38.06
N LEU H 380 2.82 4.08 38.65
CA LEU H 380 3.57 2.87 38.21
C LEU H 380 2.89 1.61 38.68
N VAL H 381 2.23 1.66 39.81
CA VAL H 381 1.69 0.49 40.49
C VAL H 381 0.20 0.34 40.22
N ASN H 382 -0.61 1.40 40.26
CA ASN H 382 -2.08 1.31 40.04
C ASN H 382 -2.38 0.39 38.85
N PRO H 383 -1.76 0.54 37.65
CA PRO H 383 -2.24 -0.18 36.46
C PRO H 383 -2.01 -1.70 36.62
N MET H 384 -1.13 -2.12 37.53
CA MET H 384 -0.82 -3.57 37.72
C MET H 384 -1.12 -3.95 39.19
N MET H 385 -1.99 -3.23 39.93
CA MET H 385 -2.05 -3.43 41.41
C MET H 385 -2.34 -4.89 41.78
N ARG H 386 -3.35 -5.48 41.16
CA ARG H 386 -3.72 -6.85 41.55
C ARG H 386 -2.65 -7.82 41.08
N GLU H 387 -2.05 -7.61 39.93
CA GLU H 387 -1.04 -8.58 39.41
C GLU H 387 0.20 -8.52 40.28
N TRP H 388 0.62 -7.31 40.63
CA TRP H 388 1.79 -7.11 41.52
C TRP H 388 1.47 -7.80 42.88
N ALA H 389 0.30 -7.52 43.43
CA ALA H 389 -0.07 -8.03 44.78
C ALA H 389 0.02 -9.57 44.78
N ARG H 390 -0.45 -10.19 43.70
N ARG H 390 -0.48 -10.21 43.73
CA ARG H 390 -0.43 -11.67 43.55
CA ARG H 390 -0.41 -11.70 43.60
C ARG H 390 1.03 -12.14 43.45
C ARG H 390 1.09 -12.10 43.52
N LEU H 391 1.87 -11.46 42.65
CA LEU H 391 3.30 -11.84 42.48
C LEU H 391 4.09 -11.67 43.81
N SER H 392 3.84 -10.61 44.55
N SER H 392 3.68 -10.69 44.63
CA SER H 392 4.57 -10.40 45.81
CA SER H 392 4.40 -10.22 45.85
C SER H 392 4.34 -11.57 46.78
C SER H 392 3.92 -11.01 47.07
N TYR H 393 3.08 -12.03 46.84
CA TYR H 393 2.68 -13.05 47.85
C TYR H 393 3.17 -14.46 47.46
N GLN H 394 2.98 -14.85 46.20
CA GLN H 394 3.17 -16.27 45.73
C GLN H 394 4.54 -16.44 45.09
N GLY H 395 5.21 -15.32 44.83
CA GLY H 395 6.29 -15.26 43.87
C GLY H 395 7.47 -14.50 44.42
N GLN H 396 8.31 -14.05 43.48
CA GLN H 396 9.55 -13.34 43.79
C GLN H 396 9.43 -11.94 43.23
N VAL H 397 9.63 -11.00 44.13
CA VAL H 397 9.72 -9.57 43.77
C VAL H 397 10.96 -8.91 44.41
N TRP H 398 11.24 -7.72 43.88
CA TRP H 398 12.37 -6.88 44.29
C TRP H 398 11.94 -5.43 44.15
N GLY H 399 12.54 -4.61 44.99
CA GLY H 399 12.29 -3.18 44.84
C GLY H 399 13.40 -2.36 45.47
N VAL H 400 13.85 -1.31 44.78
CA VAL H 400 14.96 -0.47 45.27
C VAL H 400 14.56 1.01 45.14
N ALA H 401 15.16 1.82 46.03
CA ALA H 401 15.13 3.28 45.89
C ALA H 401 16.56 3.81 45.71
N GLU H 402 16.64 5.03 45.20
CA GLU H 402 17.93 5.77 45.01
C GLU H 402 18.62 5.94 46.36
N PRO H 403 19.85 5.39 46.53
CA PRO H 403 20.37 5.18 47.88
C PRO H 403 21.22 6.32 48.44
N LEU H 404 21.41 7.39 47.66
CA LEU H 404 22.02 8.59 48.24
C LEU H 404 20.90 9.60 48.42
N ASP H 405 20.90 10.20 49.59
CA ASP H 405 20.00 11.35 49.80
C ASP H 405 20.53 12.53 48.96
N SER H 406 19.69 13.52 48.75
CA SER H 406 20.03 14.75 48.04
C SER H 406 21.24 15.40 48.70
N THR H 407 22.16 15.89 47.88
CA THR H 407 23.37 16.64 48.29
C THR H 407 22.93 17.76 49.23
N THR H 408 23.54 17.84 50.42
CA THR H 408 23.36 18.94 51.41
C THR H 408 24.15 20.19 50.98
N GLU H 409 23.93 21.31 51.68
CA GLU H 409 24.75 22.55 51.55
C GLU H 409 26.21 22.18 51.89
N THR H 410 26.48 21.46 52.98
CA THR H 410 27.86 21.05 53.38
C THR H 410 28.55 20.40 52.15
N GLN H 411 27.83 19.50 51.49
CA GLN H 411 28.31 18.74 50.30
C GLN H 411 28.54 19.68 49.08
N LYS H 412 27.68 20.70 48.83
CA LYS H 412 27.88 21.66 47.70
C LYS H 412 29.10 22.54 48.05
N ILE H 413 29.07 23.24 49.18
CA ILE H 413 30.26 23.91 49.80
C ILE H 413 31.25 22.78 50.11
N GLU H 421 41.04 16.80 40.96
CA GLU H 421 41.38 15.36 41.11
C GLU H 421 40.56 14.76 42.26
N GLU H 422 40.39 15.53 43.34
CA GLU H 422 39.53 15.14 44.50
C GLU H 422 38.05 15.11 44.07
N LYS H 423 37.63 16.11 43.28
CA LYS H 423 36.25 16.21 42.73
C LYS H 423 35.97 14.93 41.94
N GLU H 424 36.90 14.57 41.05
CA GLU H 424 36.79 13.42 40.12
C GLU H 424 36.60 12.10 40.90
N GLN H 425 37.26 11.97 42.05
CA GLN H 425 37.21 10.73 42.87
C GLN H 425 35.84 10.65 43.55
N HIS H 426 35.35 11.80 44.00
CA HIS H 426 34.03 11.93 44.63
C HIS H 426 32.99 11.44 43.61
N LYS H 427 33.10 11.90 42.35
CA LYS H 427 32.16 11.53 41.26
C LYS H 427 32.19 10.00 41.07
N LYS H 428 33.37 9.37 41.14
CA LYS H 428 33.51 7.89 41.04
C LYS H 428 32.79 7.20 42.22
N ASP H 429 33.00 7.68 43.44
CA ASP H 429 32.40 7.07 44.64
C ASP H 429 30.86 7.17 44.56
N ARG H 430 30.34 8.35 44.17
CA ARG H 430 28.88 8.60 44.05
C ARG H 430 28.39 7.63 42.97
N ALA H 431 29.09 7.45 41.86
CA ALA H 431 28.55 6.61 40.79
C ALA H 431 28.40 5.18 41.30
N SER H 432 29.44 4.68 42.00
N SER H 432 29.39 4.68 42.04
CA SER H 432 29.45 3.36 42.64
CA SER H 432 29.39 3.32 42.64
C SER H 432 28.25 3.23 43.62
C SER H 432 28.28 3.18 43.69
N ALA H 433 28.08 4.20 44.53
CA ALA H 433 26.97 4.20 45.53
C ALA H 433 25.60 4.23 44.83
N LEU H 434 25.53 4.83 43.63
CA LEU H 434 24.28 4.95 42.84
C LEU H 434 24.11 3.78 41.87
N THR H 435 24.75 2.66 42.17
CA THR H 435 24.69 1.46 41.30
C THR H 435 24.33 0.28 42.21
N GLN H 436 23.14 -0.26 42.05
CA GLN H 436 22.60 -1.37 42.90
C GLN H 436 22.51 -2.66 42.06
N GLN H 437 22.96 -3.78 42.62
N GLN H 437 22.78 -3.79 42.71
CA GLN H 437 22.83 -5.08 41.96
CA GLN H 437 22.89 -5.10 42.05
C GLN H 437 21.66 -5.80 42.62
C GLN H 437 21.80 -5.99 42.67
N LEU H 438 20.96 -6.60 41.84
CA LEU H 438 19.87 -7.51 42.29
C LEU H 438 20.08 -8.89 41.67
N ASP H 439 20.07 -9.92 42.50
CA ASP H 439 20.21 -11.33 42.06
C ASP H 439 18.83 -11.88 41.73
N LEU H 440 18.52 -12.05 40.45
CA LEU H 440 17.17 -12.48 40.02
C LEU H 440 17.21 -13.95 39.62
N GLY H 441 18.18 -14.72 40.09
CA GLY H 441 18.24 -16.17 39.78
C GLY H 441 19.24 -16.44 38.66
N LEU H 442 18.79 -16.69 37.42
CA LEU H 442 19.71 -16.88 36.26
C LEU H 442 20.22 -15.53 35.73
N TRP H 443 19.54 -14.43 36.12
CA TRP H 443 19.81 -13.07 35.64
C TRP H 443 19.98 -12.15 36.84
N ASP H 444 20.81 -11.12 36.66
CA ASP H 444 20.94 -10.04 37.65
C ASP H 444 20.51 -8.74 36.96
N ALA H 445 20.01 -7.80 37.76
CA ALA H 445 19.70 -6.44 37.28
C ALA H 445 20.66 -5.48 37.96
N GLU H 446 21.11 -4.50 37.21
CA GLU H 446 21.87 -3.35 37.71
C GLU H 446 20.98 -2.14 37.59
N VAL H 447 20.73 -1.47 38.73
CA VAL H 447 19.89 -0.25 38.74
C VAL H 447 20.83 0.93 39.02
N THR H 448 20.79 1.93 38.16
CA THR H 448 21.59 3.19 38.28
C THR H 448 20.66 4.39 38.20
N TYR H 449 21.11 5.50 38.78
CA TYR H 449 20.24 6.69 38.94
C TYR H 449 20.93 7.95 38.39
N GLY H 450 20.19 8.71 37.58
CA GLY H 450 20.59 10.06 37.11
C GLY H 450 21.61 10.00 36.03
N ARG H 451 21.15 9.58 34.88
CA ARG H 451 22.03 9.45 33.71
C ARG H 451 21.19 9.57 32.48
N PRO H 452 21.79 9.95 31.33
CA PRO H 452 21.02 10.06 30.11
C PRO H 452 20.43 8.73 29.67
N MET H 453 19.51 8.80 28.73
CA MET H 453 18.78 7.60 28.24
C MET H 453 19.58 6.91 27.15
N PHE H 454 20.72 7.50 26.80
CA PHE H 454 21.56 7.03 25.66
C PHE H 454 23.00 7.04 26.12
N TRP H 455 23.77 6.04 25.68
CA TRP H 455 25.20 5.90 25.99
C TRP H 455 25.41 5.52 27.49
N VAL H 456 26.67 5.58 27.95
CA VAL H 456 27.10 4.95 29.24
C VAL H 456 27.76 5.98 30.17
N THR H 457 27.54 7.29 29.99
CA THR H 457 28.00 8.30 30.99
C THR H 457 27.65 7.75 32.37
N PRO H 458 28.56 7.74 33.35
CA PRO H 458 28.21 7.24 34.69
C PRO H 458 27.09 8.02 35.40
N PRO H 459 26.36 7.37 36.31
CA PRO H 459 25.25 7.96 37.06
C PRO H 459 25.78 9.02 38.04
N GLU H 460 25.02 10.10 38.19
CA GLU H 460 25.31 11.26 39.07
C GLU H 460 24.17 11.48 40.03
N GLY H 461 23.09 10.70 39.94
CA GLY H 461 21.92 10.85 40.80
C GLY H 461 20.96 11.90 40.28
N ASN H 462 19.72 11.76 40.72
CA ASN H 462 18.65 12.71 40.47
C ASN H 462 18.74 13.82 41.51
N THR H 463 18.43 15.03 41.07
N THR H 463 18.30 14.99 41.12
CA THR H 463 18.28 16.20 41.99
CA THR H 463 18.28 16.16 42.04
C THR H 463 16.82 16.62 42.00
C THR H 463 16.86 16.71 42.05
N PRO H 464 16.06 16.48 43.10
CA PRO H 464 16.47 15.74 44.29
C PRO H 464 16.49 14.19 44.10
N ALA H 465 17.08 13.48 45.03
CA ALA H 465 17.05 12.01 45.00
C ALA H 465 15.59 11.56 44.87
N ALA H 466 15.26 10.62 43.99
CA ALA H 466 13.81 10.34 43.74
C ALA H 466 13.61 9.00 43.04
N GLY H 467 14.68 8.36 42.55
CA GLY H 467 14.43 7.19 41.65
C GLY H 467 14.19 5.89 42.37
N GLY H 468 13.71 4.90 41.61
CA GLY H 468 13.57 3.56 42.15
C GLY H 468 13.11 2.59 41.05
N ALA H 469 12.94 1.33 41.43
CA ALA H 469 12.60 0.29 40.43
C ALA H 469 11.86 -0.84 41.15
N LEU H 470 10.94 -1.47 40.40
CA LEU H 470 10.29 -2.74 40.84
C LEU H 470 10.56 -3.82 39.80
N ILE H 471 10.73 -5.06 40.31
CA ILE H 471 10.90 -6.19 39.39
C ILE H 471 10.13 -7.34 40.02
N ALA H 472 9.37 -8.08 39.20
CA ALA H 472 8.78 -9.36 39.61
C ALA H 472 9.22 -10.44 38.62
N GLN H 473 9.49 -11.64 39.17
CA GLN H 473 9.83 -12.76 38.29
C GLN H 473 8.54 -13.43 37.80
N LEU H 474 8.48 -13.57 36.49
CA LEU H 474 7.37 -14.28 35.82
C LEU H 474 7.78 -15.71 35.49
N ASP H 475 9.04 -15.93 35.15
CA ASP H 475 9.56 -17.29 34.77
C ASP H 475 11.08 -17.24 34.89
N ASP H 476 11.78 -18.35 34.66
CA ASP H 476 13.24 -18.42 34.80
C ASP H 476 13.88 -17.23 34.10
N ASN H 477 13.37 -16.86 32.94
CA ASN H 477 14.07 -15.92 32.03
C ASN H 477 13.25 -14.67 31.79
N GLU H 478 12.19 -14.47 32.54
CA GLU H 478 11.23 -13.37 32.19
C GLU H 478 10.82 -12.60 33.46
N TYR H 479 10.82 -11.30 33.33
CA TYR H 479 10.57 -10.38 34.48
C TYR H 479 9.60 -9.29 34.06
N LEU H 480 8.82 -8.84 35.04
CA LEU H 480 7.96 -7.64 34.93
C LEU H 480 8.79 -6.53 35.59
N VAL H 481 8.95 -5.41 34.89
CA VAL H 481 9.85 -4.29 35.31
C VAL H 481 9.10 -2.97 35.16
N THR H 482 9.17 -2.14 36.20
CA THR H 482 8.80 -0.73 36.00
C THR H 482 9.73 0.06 36.90
N ALA H 483 10.13 1.24 36.45
CA ALA H 483 11.05 2.04 37.27
C ALA H 483 10.83 3.52 37.00
N TYR H 484 11.62 4.32 37.67
CA TYR H 484 11.32 5.75 37.81
C TYR H 484 12.66 6.46 37.96
N LYS H 485 12.93 7.40 37.05
CA LYS H 485 14.19 8.19 37.08
C LYS H 485 15.37 7.28 37.32
N ALA H 486 15.49 6.23 36.51
CA ALA H 486 16.48 5.19 36.72
C ALA H 486 16.70 4.43 35.41
N ARG H 487 17.82 3.76 35.40
CA ARG H 487 18.18 2.79 34.35
C ARG H 487 18.21 1.41 35.00
N VAL H 488 17.62 0.44 34.31
CA VAL H 488 17.68 -0.99 34.73
C VAL H 488 18.38 -1.79 33.61
N GLU H 489 19.43 -2.50 33.92
CA GLU H 489 20.16 -3.30 32.92
C GLU H 489 20.22 -4.75 33.40
N PHE H 490 20.03 -5.71 32.52
CA PHE H 490 20.12 -7.16 32.87
C PHE H 490 21.44 -7.73 32.37
N LYS H 491 21.90 -8.76 33.07
CA LYS H 491 23.11 -9.52 32.72
C LYS H 491 22.97 -10.90 33.33
N PRO H 492 23.74 -11.88 32.81
CA PRO H 492 23.71 -13.19 33.42
C PRO H 492 24.16 -13.12 34.89
N SER H 493 23.56 -13.96 35.72
CA SER H 493 23.88 -14.04 37.17
C SER H 493 25.17 -14.82 37.38
N GLN H 494 25.42 -15.81 36.52
CA GLN H 494 26.55 -16.77 36.63
C GLN H 494 27.33 -16.69 35.31
N GLU H 495 28.63 -17.06 35.29
CA GLU H 495 29.47 -17.15 34.06
C GLU H 495 28.78 -18.15 33.11
N LEU H 496 28.64 -17.80 31.85
CA LEU H 496 28.02 -18.65 30.80
C LEU H 496 29.16 -19.42 30.15
N ALA H 497 29.10 -20.74 30.13
CA ALA H 497 30.22 -21.61 29.68
C ALA H 497 30.33 -21.46 28.16
N GLY H 498 30.94 -20.35 27.71
CA GLY H 498 31.13 -20.07 26.27
C GLY H 498 29.90 -19.48 25.56
N LYS H 499 28.74 -19.43 26.23
CA LYS H 499 27.50 -18.84 25.63
C LYS H 499 27.59 -17.31 25.62
N LYS H 500 26.80 -16.67 24.79
N LYS H 500 26.81 -16.66 24.78
CA LYS H 500 26.54 -15.22 24.83
CA LYS H 500 26.56 -15.19 24.82
C LYS H 500 25.10 -14.98 25.31
C LYS H 500 25.18 -14.96 25.44
N PHE H 501 24.75 -13.74 25.55
CA PHE H 501 23.38 -13.45 26.03
C PHE H 501 22.93 -12.17 25.35
N MET H 502 21.62 -12.08 25.31
CA MET H 502 20.97 -10.82 24.91
C MET H 502 19.59 -10.74 25.54
N ILE H 503 19.00 -9.53 25.48
CA ILE H 503 17.54 -9.42 25.62
C ILE H 503 16.91 -10.19 24.41
N GLU H 504 15.99 -11.09 24.71
CA GLU H 504 15.15 -11.69 23.67
C GLU H 504 14.05 -10.75 23.23
N ARG H 505 13.30 -10.19 24.19
CA ARG H 505 12.18 -9.29 23.86
C ARG H 505 11.80 -8.46 25.07
N VAL H 506 11.64 -7.15 24.84
CA VAL H 506 10.98 -6.31 25.86
C VAL H 506 9.64 -5.81 25.28
N GLU H 507 8.56 -6.03 26.01
CA GLU H 507 7.22 -5.56 25.62
C GLU H 507 6.79 -4.52 26.65
N GLU H 508 6.30 -3.38 26.16
CA GLU H 508 5.55 -2.49 27.04
C GLU H 508 4.06 -2.81 26.91
N GLY H 509 3.34 -2.77 28.01
CA GLY H 509 1.93 -3.09 27.94
C GLY H 509 1.19 -2.93 29.25
N ARG H 510 0.08 -3.65 29.40
CA ARG H 510 -0.78 -3.52 30.56
C ARG H 510 -1.58 -4.78 30.79
N PHE H 511 -2.16 -4.86 31.95
CA PHE H 511 -3.03 -6.00 32.27
C PHE H 511 -4.47 -5.60 32.11
N GLU H 512 -5.23 -6.44 31.43
CA GLU H 512 -6.69 -6.23 31.26
C GLU H 512 -7.37 -7.52 31.70
N LYS H 513 -8.14 -7.46 32.78
CA LYS H 513 -8.82 -8.65 33.36
C LYS H 513 -7.75 -9.75 33.53
N GLY H 514 -6.58 -9.40 34.09
CA GLY H 514 -5.48 -10.34 34.40
C GLY H 514 -4.68 -10.83 33.20
N LYS H 515 -5.03 -10.39 31.98
CA LYS H 515 -4.37 -10.82 30.71
C LYS H 515 -3.42 -9.70 30.25
N TRP H 516 -2.19 -10.06 29.92
CA TRP H 516 -1.22 -9.11 29.35
C TRP H 516 -1.69 -8.66 27.96
N VAL H 517 -1.68 -7.36 27.77
CA VAL H 517 -1.93 -6.72 26.47
C VAL H 517 -0.66 -5.98 26.07
N MET H 518 -0.03 -6.40 24.98
N MET H 518 -0.03 -6.39 24.97
CA MET H 518 1.16 -5.68 24.45
CA MET H 518 1.17 -5.71 24.40
C MET H 518 0.69 -4.39 23.78
C MET H 518 0.74 -4.42 23.71
N GLU H 519 1.42 -3.31 24.04
CA GLU H 519 1.30 -2.02 23.31
C GLU H 519 2.40 -1.88 22.29
N ARG H 520 3.64 -2.15 22.65
CA ARG H 520 4.79 -1.97 21.73
C ARG H 520 5.94 -2.84 22.22
N VAL H 521 6.89 -3.04 21.34
CA VAL H 521 8.17 -3.66 21.68
C VAL H 521 9.19 -2.57 21.86
N TRP H 522 9.88 -2.58 22.98
CA TRP H 522 11.08 -1.72 23.12
C TRP H 522 12.25 -2.42 22.45
N ASN H 523 12.99 -1.74 21.61
CA ASN H 523 14.16 -2.32 20.92
C ASN H 523 15.10 -1.19 20.50
N GLY H 524 16.19 -1.47 19.83
CA GLY H 524 17.11 -0.43 19.33
C GLY H 524 17.56 0.45 20.47
N ASP H 525 17.46 1.75 20.25
CA ASP H 525 17.89 2.72 21.26
C ASP H 525 17.28 2.41 22.61
N GLN H 526 16.01 1.97 22.67
CA GLN H 526 15.31 1.77 23.94
C GLN H 526 15.86 0.60 24.74
N THR H 527 16.65 -0.31 24.11
CA THR H 527 17.21 -1.46 24.88
C THR H 527 18.74 -1.57 24.76
N ASP H 528 19.40 -0.72 24.00
CA ASP H 528 20.86 -0.69 23.78
C ASP H 528 21.60 -0.32 25.07
N TRP H 529 20.99 0.58 25.86
CA TRP H 529 21.68 1.29 26.97
C TRP H 529 20.90 1.00 28.25
N GLY H 530 20.54 -0.27 28.47
CA GLY H 530 19.61 -0.65 29.53
C GLY H 530 18.18 -0.13 29.25
N LEU H 531 17.34 -0.19 30.28
CA LEU H 531 15.92 0.20 30.20
C LEU H 531 15.80 1.51 30.98
N ASN H 532 15.65 2.62 30.24
CA ASN H 532 15.68 3.97 30.87
C ASN H 532 14.25 4.47 31.14
N PHE H 533 14.04 4.98 32.36
CA PHE H 533 12.74 5.43 32.85
C PHE H 533 12.92 6.88 33.32
N THR H 534 11.91 7.66 33.01
CA THR H 534 11.83 9.07 33.43
C THR H 534 10.81 9.16 34.55
N ASP H 535 9.97 10.16 34.47
CA ASP H 535 8.85 10.29 35.43
CA ASP H 535 8.83 10.34 35.41
C ASP H 535 7.54 9.67 34.90
N ARG H 536 7.53 9.15 33.67
CA ARG H 536 6.27 8.63 33.09
C ARG H 536 6.18 7.13 33.34
N PRO H 537 4.97 6.57 33.45
CA PRO H 537 4.81 5.14 33.73
C PRO H 537 4.97 4.30 32.46
N HIS H 538 5.78 3.26 32.59
CA HIS H 538 5.87 2.17 31.60
C HIS H 538 6.02 0.85 32.36
N LEU H 539 5.19 -0.11 32.03
CA LEU H 539 5.24 -1.50 32.57
C LEU H 539 5.78 -2.45 31.49
N LEU H 540 6.92 -3.06 31.76
CA LEU H 540 7.61 -3.88 30.74
C LEU H 540 7.59 -5.36 31.15
N ARG H 541 7.50 -6.23 30.15
CA ARG H 541 7.83 -7.65 30.34
C ARG H 541 9.16 -7.83 29.60
N VAL H 542 10.16 -8.33 30.32
CA VAL H 542 11.56 -8.46 29.85
C VAL H 542 11.91 -9.92 29.79
N LYS H 543 12.16 -10.42 28.57
CA LYS H 543 12.63 -11.83 28.42
C LYS H 543 14.11 -11.82 28.00
N MET H 544 14.95 -12.55 28.74
CA MET H 544 16.40 -12.65 28.52
C MET H 544 16.67 -14.01 27.88
N ALA H 545 17.76 -14.12 27.13
CA ALA H 545 18.20 -15.41 26.56
C ALA H 545 19.73 -15.51 26.58
N SER H 546 20.22 -16.68 26.93
CA SER H 546 21.58 -17.08 26.58
C SER H 546 21.53 -17.94 25.31
N TYR H 547 22.58 -17.89 24.50
CA TYR H 547 22.59 -18.55 23.19
C TYR H 547 24.00 -19.02 22.90
N SER H 548 24.08 -20.15 22.18
CA SER H 548 25.37 -20.76 21.81
C SER H 548 25.94 -20.05 20.58
N VAL H 549 27.27 -19.86 20.53
CA VAL H 549 28.01 -19.40 19.32
C VAL H 549 29.06 -20.45 18.92
N GLN H 550 28.99 -21.68 19.46
CA GLN H 550 29.98 -22.77 19.22
C GLN H 550 30.04 -23.04 17.70
#